data_8WET
#
_entry.id   8WET
#
_cell.length_a   1.00
_cell.length_b   1.00
_cell.length_c   1.00
_cell.angle_alpha   90.00
_cell.angle_beta   90.00
_cell.angle_gamma   90.00
#
_symmetry.space_group_name_H-M   'P 1'
#
loop_
_entity.id
_entity.type
_entity.pdbx_description
1 polymer TdpB
2 polymer TdpA
#
loop_
_entity_poly.entity_id
_entity_poly.type
_entity_poly.pdbx_seq_one_letter_code
_entity_poly.pdbx_strand_id
1 'polypeptide(L)'
;MPYAGEGSNPLGLKDFLDDLRLDHYQDLLRELDELYQKLKQERQVPLHGDGEAYPLLTLTVDGGEGRAFEELPLLSFGLV
RVAAVGVKGFRLPSIAHLLPGYEVLRDPKGYLEGLLERSEESPAADALKTFFRATGISLEDLGEYYTKDLRAFMGIFRDV
LEWAYLVWGVEKVLQESYKDYLFIKDGRLAQLGVRESFRSKLQNYFARKHLLLAGVTKRSRLLAEGLTSLVMARLFAEAR
GTFVLQVPQELMEKAYRYERQWNADLEGAFVMGRRYVARLLEDTFRPQEGVAIFDLPPYLGEEDAVKVARSLRAHRSVLY
GGSVGTVVEAHGRASVARSIPRRMEEEILARFRKAFGEDLAKKLTEWLRLADRED
;
G,H
2 'polypeptide(L)'
;MAESPIGVVVSSRRNGPWAELTLVLTPQELDQGKRLLLGELVRVSSGGKDYVGMVLDGYYEPVGRSDPTYTLALAHINQV
DLEKEDPWARKEVNFYHHRIVLLGRVVQGGLFAPSTRLLPPVVEARVYRMTEEELQRLLAAEVRTSGSVKAEGKRRYAFG
HLAYGLEEGGEYPEVVKEVDPALFVGRRTANFGKTGFGKSNENKVILTLLAHAFPRVGMLILDQNAEYLLQTEATTSPGL
AQAFKALGIRGRIRFYTAREEAWARRLKEHLGTEWREYVEVLPLKVDFYHFPELAVALAYQRRRLQGAEPPQYLENAFYN
LEDWKHIPDRMAYVYGALRKAGLTPRKGLKIKYKNENYDISEEKSWGNLQEAMENNSQRGDNKGGARELYSRAKVFSFLR
AFHAPGKEANFLETIKEDLLGEKTEGEGKVVILDLPSLGEAADFFTLRLMDLLFDRAVELYGKRQANFLVVLEEAHNFLE
DKAGIFYRVAKEGRKYGIGMLYSTQSPASIPMEILSQTENFLVKHLSSEEDVKVLKRAKAPFAFVADFLLSEPIIGYSYV
YFEPYQPFVVPLRVKLLEHVLKSLDS
;
A,D,E,F,B,C
#
# COMPACT_ATOMS: atom_id res chain seq x y z
N ASP A 15 28.90 -47.58 32.38
CA ASP A 15 27.91 -47.62 33.44
C ASP A 15 26.61 -46.95 33.02
N PHE A 16 26.63 -46.33 31.84
CA PHE A 16 25.46 -45.65 31.29
C PHE A 16 24.49 -46.70 30.78
N LEU A 17 23.63 -47.19 31.69
CA LEU A 17 22.55 -48.13 31.42
C LEU A 17 23.05 -49.52 31.04
N ASP A 18 24.35 -49.71 30.89
CA ASP A 18 24.89 -51.00 30.48
C ASP A 18 24.74 -52.02 31.61
N ASP A 19 25.05 -53.28 31.27
CA ASP A 19 24.95 -54.40 32.20
C ASP A 19 23.53 -54.56 32.73
N LEU A 20 22.59 -54.75 31.79
CA LEU A 20 21.19 -54.91 32.17
C LEU A 20 20.99 -56.19 32.98
N ARG A 21 21.47 -57.32 32.46
CA ARG A 21 21.45 -58.60 33.18
C ARG A 21 20.05 -58.97 33.64
N LEU A 22 19.07 -58.77 32.75
CA LEU A 22 17.69 -59.11 33.09
C LEU A 22 17.54 -60.61 33.26
N ASP A 23 16.78 -60.99 34.29
CA ASP A 23 16.54 -62.40 34.60
C ASP A 23 15.29 -62.88 33.89
N HIS A 24 14.79 -64.06 34.30
CA HIS A 24 13.62 -64.66 33.68
C HIS A 24 12.38 -63.78 33.84
N TYR A 25 11.84 -63.31 32.71
CA TYR A 25 10.58 -62.58 32.70
C TYR A 25 9.54 -63.22 31.78
N GLN A 26 9.89 -64.30 31.08
CA GLN A 26 8.89 -65.05 30.32
C GLN A 26 7.85 -65.65 31.25
N ASP A 27 8.29 -66.17 32.40
CA ASP A 27 7.36 -66.72 33.37
C ASP A 27 6.39 -65.65 33.87
N LEU A 28 6.87 -64.41 33.98
CA LEU A 28 5.99 -63.31 34.38
C LEU A 28 4.88 -63.09 33.37
N LEU A 29 5.22 -63.19 32.08
CA LEU A 29 4.19 -63.10 31.04
C LEU A 29 3.32 -64.34 30.99
N ARG A 30 3.80 -65.47 31.51
CA ARG A 30 2.99 -66.69 31.48
C ARG A 30 1.74 -66.54 32.35
N GLU A 31 1.87 -65.96 33.54
CA GLU A 31 0.70 -65.69 34.36
C GLU A 31 -0.24 -64.70 33.67
N LEU A 32 0.32 -63.67 33.05
CA LEU A 32 -0.50 -62.69 32.35
C LEU A 32 -1.31 -63.34 31.24
N ASP A 33 -0.72 -64.31 30.53
CA ASP A 33 -1.46 -65.01 29.48
C ASP A 33 -2.61 -65.82 30.06
N GLU A 34 -2.34 -66.60 31.12
CA GLU A 34 -3.36 -67.46 31.68
C GLU A 34 -4.41 -66.69 32.47
N LEU A 35 -4.04 -65.55 33.05
CA LEU A 35 -5.02 -64.73 33.75
C LEU A 35 -6.03 -64.13 32.78
N TYR A 36 -5.60 -63.82 31.55
CA TYR A 36 -6.54 -63.36 30.54
C TYR A 36 -7.50 -64.46 30.12
N GLN A 37 -7.03 -65.71 30.09
CA GLN A 37 -7.89 -66.82 29.74
C GLN A 37 -9.02 -66.99 30.77
N LYS A 38 -8.71 -66.75 32.04
CA LYS A 38 -9.73 -66.85 33.08
C LYS A 38 -10.83 -65.82 32.87
N LEU A 39 -10.46 -64.60 32.49
CA LEU A 39 -11.46 -63.57 32.23
C LEU A 39 -12.34 -63.94 31.03
N LYS A 40 -11.73 -64.51 29.99
CA LYS A 40 -12.50 -64.94 28.84
C LYS A 40 -13.45 -66.07 29.18
N GLN A 41 -13.09 -66.91 30.16
CA GLN A 41 -13.99 -67.97 30.59
C GLN A 41 -15.23 -67.42 31.27
N GLU A 42 -15.07 -66.34 32.04
CA GLU A 42 -16.19 -65.76 32.77
C GLU A 42 -17.26 -65.25 31.81
N ARG A 43 -18.51 -65.59 32.09
CA ARG A 43 -19.61 -65.18 31.24
C ARG A 43 -19.83 -63.67 31.33
N GLN A 44 -20.26 -63.09 30.22
CA GLN A 44 -20.56 -61.66 30.14
C GLN A 44 -22.06 -61.51 29.92
N VAL A 45 -22.71 -60.72 30.77
CA VAL A 45 -24.13 -60.44 30.64
C VAL A 45 -24.31 -59.23 29.75
N PRO A 46 -24.96 -59.36 28.61
CA PRO A 46 -25.11 -58.21 27.70
C PRO A 46 -25.96 -57.12 28.32
N LEU A 47 -25.58 -55.87 28.07
CA LEU A 47 -26.27 -54.71 28.60
C LEU A 47 -27.17 -54.13 27.51
N HIS A 48 -28.34 -54.73 27.36
CA HIS A 48 -29.32 -54.20 26.42
C HIS A 48 -30.02 -52.99 27.03
N GLY A 49 -30.71 -52.23 26.17
CA GLY A 49 -31.38 -51.02 26.61
C GLY A 49 -32.73 -51.22 27.26
N ASP A 50 -33.24 -52.45 27.29
CA ASP A 50 -34.55 -52.74 27.87
C ASP A 50 -34.39 -53.41 29.22
N GLY A 51 -35.07 -52.88 30.23
CA GLY A 51 -35.02 -53.43 31.56
C GLY A 51 -35.40 -52.39 32.58
N GLU A 52 -35.46 -52.84 33.84
CA GLU A 52 -35.79 -51.96 34.94
C GLU A 52 -34.51 -51.42 35.58
N ALA A 53 -34.64 -50.26 36.22
CA ALA A 53 -33.49 -49.58 36.81
C ALA A 53 -33.95 -48.78 38.02
N TYR A 54 -32.98 -48.38 38.84
CA TYR A 54 -33.28 -47.63 40.06
C TYR A 54 -32.87 -46.17 39.92
N PRO A 55 -33.63 -45.25 40.51
CA PRO A 55 -33.18 -43.86 40.59
C PRO A 55 -31.91 -43.76 41.44
N LEU A 56 -31.08 -42.78 41.09
CA LEU A 56 -29.77 -42.63 41.71
C LEU A 56 -29.79 -41.53 42.76
N LEU A 57 -28.93 -41.69 43.77
CA LEU A 57 -28.68 -40.68 44.79
C LEU A 57 -27.18 -40.73 45.08
N THR A 58 -26.42 -39.88 44.39
CA THR A 58 -24.97 -39.96 44.43
C THR A 58 -24.42 -39.20 45.63
N LEU A 59 -23.54 -39.86 46.37
CA LEU A 59 -22.86 -39.27 47.52
C LEU A 59 -21.47 -38.81 47.10
N THR A 60 -21.09 -37.60 47.54
CA THR A 60 -19.80 -37.04 47.18
C THR A 60 -19.41 -35.99 48.20
N VAL A 61 -18.16 -36.02 48.66
CA VAL A 61 -17.65 -34.96 49.52
C VAL A 61 -16.79 -34.00 48.71
N ASP A 62 -15.65 -34.47 48.20
CA ASP A 62 -14.73 -33.68 47.37
C ASP A 62 -14.22 -32.43 48.09
N GLY A 63 -13.19 -31.81 47.52
CA GLY A 63 -12.70 -30.53 48.01
C GLY A 63 -12.24 -30.49 49.46
N GLY A 64 -12.34 -31.62 50.15
CA GLY A 64 -11.89 -31.66 51.54
C GLY A 64 -10.40 -31.52 51.68
N GLU A 65 -9.63 -32.22 50.83
CA GLU A 65 -8.18 -32.15 50.90
C GLU A 65 -7.68 -30.76 50.52
N GLY A 66 -8.15 -30.25 49.39
CA GLY A 66 -7.81 -28.89 48.98
C GLY A 66 -6.31 -28.72 48.80
N ARG A 67 -5.78 -27.68 49.45
CA ARG A 67 -4.37 -27.30 49.31
C ARG A 67 -3.52 -27.77 50.49
N ALA A 68 -4.02 -28.74 51.27
CA ALA A 68 -3.33 -29.26 52.47
C ALA A 68 -3.15 -28.08 53.43
N PHE A 69 -1.97 -27.90 54.02
CA PHE A 69 -1.74 -26.80 54.94
C PHE A 69 -0.69 -25.80 54.48
N GLU A 70 0.17 -26.16 53.53
CA GLU A 70 1.23 -25.26 53.10
C GLU A 70 0.70 -24.04 52.37
N GLU A 71 -0.50 -24.12 51.80
CA GLU A 71 -1.17 -22.96 51.23
C GLU A 71 -2.33 -22.46 52.07
N LEU A 72 -2.94 -23.31 52.88
CA LEU A 72 -4.00 -22.89 53.78
C LEU A 72 -3.41 -22.10 54.94
N PRO A 73 -4.22 -21.28 55.61
CA PRO A 73 -3.72 -20.51 56.76
C PRO A 73 -3.25 -21.36 57.93
N LEU A 74 -3.49 -22.68 57.90
CA LEU A 74 -3.14 -23.65 58.94
C LEU A 74 -3.99 -23.46 60.19
N LEU A 75 -4.82 -22.43 60.25
CA LEU A 75 -5.72 -22.17 61.36
C LEU A 75 -7.14 -22.07 60.83
N SER A 76 -8.07 -22.78 61.48
CA SER A 76 -9.47 -22.84 61.05
C SER A 76 -9.57 -23.27 59.59
N PHE A 77 -8.85 -24.34 59.25
CA PHE A 77 -8.76 -24.83 57.88
C PHE A 77 -10.04 -25.57 57.51
N GLY A 78 -11.07 -24.80 57.20
CA GLY A 78 -12.36 -25.37 56.86
C GLY A 78 -12.50 -25.73 55.40
N LEU A 79 -12.28 -27.00 55.07
CA LEU A 79 -12.44 -27.49 53.71
C LEU A 79 -13.36 -28.69 53.59
N VAL A 80 -13.70 -29.35 54.70
CA VAL A 80 -14.60 -30.50 54.64
C VAL A 80 -16.00 -30.02 54.25
N ARG A 81 -16.54 -30.60 53.18
CA ARG A 81 -17.84 -30.19 52.67
C ARG A 81 -18.43 -31.38 51.91
N VAL A 82 -19.39 -32.07 52.54
CA VAL A 82 -19.99 -33.28 51.98
C VAL A 82 -21.42 -32.96 51.59
N ALA A 83 -21.81 -33.38 50.39
CA ALA A 83 -23.13 -33.10 49.84
C ALA A 83 -23.62 -34.32 49.09
N ALA A 84 -24.76 -34.17 48.42
CA ALA A 84 -25.34 -35.24 47.62
C ALA A 84 -26.26 -34.62 46.57
N VAL A 85 -26.57 -35.39 45.54
CA VAL A 85 -27.46 -34.95 44.47
C VAL A 85 -28.45 -36.05 44.17
N GLY A 86 -29.61 -35.68 43.63
CA GLY A 86 -30.63 -36.65 43.30
C GLY A 86 -31.47 -36.27 42.10
N VAL A 87 -31.51 -37.17 41.11
CA VAL A 87 -32.33 -37.03 39.91
C VAL A 87 -32.11 -35.67 39.27
N LYS A 88 -33.06 -34.75 39.46
CA LYS A 88 -32.98 -33.41 38.89
C LYS A 88 -33.45 -32.37 39.90
N GLY A 89 -33.00 -32.51 41.15
CA GLY A 89 -33.38 -31.57 42.18
C GLY A 89 -33.81 -32.21 43.48
N PHE A 90 -33.60 -33.52 43.61
CA PHE A 90 -33.89 -34.25 44.84
C PHE A 90 -32.71 -34.23 45.80
N ARG A 91 -31.77 -33.31 45.63
CA ARG A 91 -30.58 -33.28 46.48
C ARG A 91 -30.93 -32.88 47.90
N LEU A 92 -30.19 -33.44 48.85
CA LEU A 92 -30.32 -33.15 50.26
C LEU A 92 -29.44 -31.97 50.65
N PRO A 93 -29.74 -31.30 51.76
CA PRO A 93 -28.89 -30.18 52.20
C PRO A 93 -27.45 -30.62 52.44
N SER A 94 -26.52 -29.75 52.06
CA SER A 94 -25.10 -30.07 52.17
C SER A 94 -24.59 -29.76 53.57
N ILE A 95 -23.54 -30.49 53.96
CA ILE A 95 -22.86 -30.29 55.23
C ILE A 95 -21.50 -29.66 54.95
N ALA A 96 -21.24 -28.53 55.59
CA ALA A 96 -20.02 -27.74 55.39
C ALA A 96 -19.34 -27.49 56.73
N HIS A 97 -19.13 -28.57 57.48
CA HIS A 97 -18.62 -28.53 58.85
C HIS A 97 -17.49 -27.52 59.02
N LEU A 98 -17.64 -26.66 60.03
CA LEU A 98 -16.58 -25.74 60.41
C LEU A 98 -15.40 -26.52 60.98
N LEU A 99 -14.26 -26.48 60.30
CA LEU A 99 -13.10 -27.23 60.72
C LEU A 99 -12.19 -26.31 61.51
N PRO A 100 -11.98 -26.57 62.81
CA PRO A 100 -11.26 -25.60 63.64
C PRO A 100 -9.77 -25.59 63.41
N GLY A 101 -9.05 -24.79 64.22
CA GLY A 101 -7.62 -24.65 64.07
C GLY A 101 -6.83 -25.78 64.69
N TYR A 102 -5.51 -25.64 64.62
CA TYR A 102 -4.62 -26.66 65.17
C TYR A 102 -4.55 -26.61 66.68
N GLU A 103 -4.79 -25.44 67.29
CA GLU A 103 -4.64 -25.30 68.73
C GLU A 103 -5.62 -26.18 69.48
N VAL A 104 -6.87 -26.24 69.02
CA VAL A 104 -7.87 -27.11 69.65
C VAL A 104 -7.75 -28.55 69.22
N LEU A 105 -6.95 -28.84 68.20
CA LEU A 105 -6.75 -30.21 67.72
C LEU A 105 -5.53 -30.88 68.34
N ARG A 106 -4.84 -30.21 69.26
CA ARG A 106 -3.71 -30.83 69.94
C ARG A 106 -4.12 -31.99 70.84
N ASP A 107 -5.42 -32.11 71.13
CA ASP A 107 -5.98 -33.30 71.78
C ASP A 107 -7.01 -33.86 70.81
N PRO A 108 -6.60 -34.75 69.90
CA PRO A 108 -7.53 -35.23 68.86
C PRO A 108 -8.78 -35.89 69.43
N LYS A 109 -8.65 -36.62 70.52
CA LYS A 109 -9.83 -37.17 71.19
C LYS A 109 -10.62 -36.09 71.90
N GLY A 110 -9.94 -35.04 72.37
CA GLY A 110 -10.62 -34.02 73.15
C GLY A 110 -11.66 -33.25 72.35
N TYR A 111 -11.32 -32.85 71.12
CA TYR A 111 -12.26 -32.06 70.33
C TYR A 111 -13.48 -32.88 69.92
N LEU A 112 -13.28 -34.15 69.54
CA LEU A 112 -14.39 -34.96 69.09
C LEU A 112 -15.39 -35.17 70.23
N GLU A 113 -14.89 -35.41 71.44
CA GLU A 113 -15.78 -35.56 72.60
C GLU A 113 -16.50 -34.25 72.90
N GLY A 114 -15.82 -33.11 72.71
CA GLY A 114 -16.45 -31.83 72.95
C GLY A 114 -17.61 -31.53 72.02
N LEU A 115 -17.65 -32.19 70.87
CA LEU A 115 -18.76 -32.03 69.93
C LEU A 115 -19.83 -33.10 70.11
N LEU A 116 -19.41 -34.36 70.29
CA LEU A 116 -20.37 -35.44 70.49
C LEU A 116 -21.17 -35.25 71.78
N GLU A 117 -20.51 -34.85 72.86
CA GLU A 117 -21.16 -34.65 74.14
C GLU A 117 -21.74 -33.25 74.30
N ARG A 118 -21.62 -32.40 73.29
CA ARG A 118 -22.18 -31.05 73.38
C ARG A 118 -23.70 -31.11 73.41
N SER A 119 -24.29 -30.29 74.28
CA SER A 119 -25.74 -30.27 74.41
C SER A 119 -26.42 -29.75 73.15
N GLU A 120 -25.78 -28.82 72.44
CA GLU A 120 -26.30 -28.28 71.19
C GLU A 120 -25.55 -28.90 70.02
N GLU A 121 -26.30 -29.41 69.04
CA GLU A 121 -25.72 -30.12 67.90
C GLU A 121 -25.80 -29.25 66.65
N SER A 122 -24.68 -29.10 65.97
CA SER A 122 -24.62 -28.45 64.68
C SER A 122 -25.12 -29.40 63.59
N PRO A 123 -25.46 -28.88 62.41
CA PRO A 123 -25.83 -29.78 61.30
C PRO A 123 -24.79 -30.85 61.03
N ALA A 124 -23.50 -30.50 61.12
CA ALA A 124 -22.45 -31.50 61.01
C ALA A 124 -22.40 -32.38 62.26
N ALA A 125 -22.56 -31.77 63.43
CA ALA A 125 -22.55 -32.55 64.67
C ALA A 125 -23.77 -33.48 64.74
N ASP A 126 -24.91 -33.03 64.23
CA ASP A 126 -26.10 -33.88 64.21
C ASP A 126 -25.87 -35.12 63.37
N ALA A 127 -25.24 -34.97 62.20
CA ALA A 127 -24.97 -36.11 61.33
C ALA A 127 -24.02 -37.09 61.99
N LEU A 128 -22.95 -36.59 62.61
CA LEU A 128 -22.02 -37.46 63.30
C LEU A 128 -22.68 -38.16 64.48
N LYS A 129 -23.48 -37.41 65.25
CA LYS A 129 -24.23 -38.03 66.34
C LYS A 129 -25.24 -39.04 65.82
N THR A 130 -25.92 -38.72 64.71
CA THR A 130 -26.89 -39.64 64.14
C THR A 130 -26.23 -40.95 63.71
N PHE A 131 -25.06 -40.85 63.08
CA PHE A 131 -24.36 -42.06 62.65
C PHE A 131 -23.89 -42.89 63.84
N PHE A 132 -23.61 -42.25 64.97
CA PHE A 132 -23.05 -42.98 66.11
C PHE A 132 -24.09 -43.90 66.74
N ARG A 133 -25.29 -43.40 66.99
CA ARG A 133 -26.30 -44.22 67.67
C ARG A 133 -27.16 -45.02 66.68
N ALA A 134 -27.05 -44.78 65.39
CA ALA A 134 -27.77 -45.59 64.41
C ALA A 134 -27.18 -46.99 64.31
N THR A 135 -25.85 -47.09 64.37
CA THR A 135 -25.17 -48.38 64.25
C THR A 135 -24.23 -48.64 65.42
N GLY A 136 -24.36 -47.89 66.51
CA GLY A 136 -23.56 -48.13 67.70
C GLY A 136 -22.07 -47.96 67.52
N ILE A 137 -21.66 -46.87 66.86
CA ILE A 137 -20.24 -46.62 66.63
C ILE A 137 -19.66 -45.96 67.87
N SER A 138 -18.62 -46.57 68.43
CA SER A 138 -17.92 -46.04 69.59
C SER A 138 -16.52 -45.59 69.19
N LEU A 139 -15.95 -44.71 70.02
CA LEU A 139 -14.62 -44.17 69.74
C LEU A 139 -13.54 -45.23 69.76
N GLU A 140 -13.75 -46.34 70.46
CA GLU A 140 -12.78 -47.43 70.45
C GLU A 140 -12.71 -48.12 69.10
N ASP A 141 -13.73 -47.95 68.25
CA ASP A 141 -13.77 -48.58 66.93
C ASP A 141 -13.04 -47.78 65.87
N LEU A 142 -12.61 -46.55 66.17
CA LEU A 142 -11.96 -45.71 65.18
C LEU A 142 -10.46 -45.94 65.09
N GLY A 143 -9.90 -46.86 65.88
CA GLY A 143 -8.47 -47.10 65.83
C GLY A 143 -7.69 -45.93 66.40
N GLU A 144 -6.48 -45.74 65.86
CA GLU A 144 -5.61 -44.67 66.31
C GLU A 144 -5.00 -43.87 65.15
N TYR A 145 -5.46 -44.09 63.92
CA TYR A 145 -4.92 -43.36 62.79
C TYR A 145 -5.25 -41.87 62.88
N TYR A 146 -6.45 -41.53 63.35
CA TYR A 146 -6.80 -40.13 63.51
C TYR A 146 -5.96 -39.46 64.58
N THR A 147 -5.47 -40.21 65.56
CA THR A 147 -4.58 -39.69 66.59
C THR A 147 -3.11 -39.87 66.24
N LYS A 148 -2.80 -40.37 65.05
CA LYS A 148 -1.40 -40.57 64.67
C LYS A 148 -0.68 -39.25 64.46
N ASP A 149 -1.14 -38.45 63.49
CA ASP A 149 -0.55 -37.15 63.21
C ASP A 149 -1.67 -36.19 62.79
N LEU A 150 -1.27 -35.04 62.23
CA LEU A 150 -2.24 -33.98 61.93
C LEU A 150 -3.03 -34.29 60.65
N ARG A 151 -2.36 -34.38 59.49
CA ARG A 151 -3.03 -34.79 58.27
C ARG A 151 -3.61 -36.19 58.34
N ALA A 152 -3.10 -37.04 59.25
CA ALA A 152 -3.74 -38.34 59.41
C ALA A 152 -5.13 -38.21 60.04
N PHE A 153 -5.32 -37.20 60.89
CA PHE A 153 -6.63 -36.98 61.49
C PHE A 153 -7.66 -36.63 60.42
N MET A 154 -7.29 -35.78 59.46
CA MET A 154 -8.20 -35.41 58.39
C MET A 154 -8.36 -36.52 57.35
N GLY A 155 -7.49 -37.53 57.37
CA GLY A 155 -7.64 -38.62 56.42
C GLY A 155 -8.89 -39.43 56.63
N ILE A 156 -9.21 -39.73 57.88
CA ILE A 156 -10.39 -40.54 58.21
C ILE A 156 -11.51 -39.74 58.85
N PHE A 157 -11.29 -38.46 59.17
CA PHE A 157 -12.40 -37.61 59.56
C PHE A 157 -13.36 -37.40 58.40
N ARG A 158 -12.82 -37.26 57.19
CA ARG A 158 -13.67 -37.17 56.00
C ARG A 158 -14.43 -38.47 55.77
N ASP A 159 -13.80 -39.61 56.06
CA ASP A 159 -14.44 -40.90 55.82
C ASP A 159 -15.67 -41.07 56.70
N VAL A 160 -15.54 -40.81 58.00
CA VAL A 160 -16.68 -40.95 58.90
C VAL A 160 -17.74 -39.91 58.58
N LEU A 161 -17.31 -38.70 58.18
CA LEU A 161 -18.28 -37.70 57.74
C LEU A 161 -19.01 -38.14 56.49
N GLU A 162 -18.29 -38.76 55.54
CA GLU A 162 -18.94 -39.31 54.36
C GLU A 162 -19.91 -40.44 54.73
N TRP A 163 -19.49 -41.32 55.63
CA TRP A 163 -20.39 -42.38 56.10
C TRP A 163 -21.58 -41.80 56.86
N ALA A 164 -21.35 -40.77 57.67
CA ALA A 164 -22.44 -40.17 58.42
C ALA A 164 -23.47 -39.53 57.51
N TYR A 165 -23.01 -38.85 56.45
CA TYR A 165 -23.93 -38.20 55.52
C TYR A 165 -24.88 -39.19 54.89
N LEU A 166 -24.42 -40.41 54.61
CA LEU A 166 -25.29 -41.44 54.07
C LEU A 166 -26.27 -41.96 55.12
N VAL A 167 -25.77 -42.21 56.34
CA VAL A 167 -26.63 -42.76 57.39
C VAL A 167 -27.63 -41.71 57.86
N TRP A 168 -27.17 -40.46 58.02
CA TRP A 168 -28.05 -39.41 58.53
C TRP A 168 -29.24 -39.17 57.60
N GLY A 169 -28.99 -39.15 56.28
CA GLY A 169 -30.09 -38.93 55.34
C GLY A 169 -31.11 -40.05 55.35
N VAL A 170 -30.64 -41.29 55.54
CA VAL A 170 -31.56 -42.44 55.52
C VAL A 170 -32.48 -42.40 56.74
N GLU A 171 -31.92 -42.15 57.93
CA GLU A 171 -32.67 -42.26 59.17
C GLU A 171 -33.34 -40.96 59.59
N LYS A 172 -33.03 -39.84 58.96
CA LYS A 172 -33.59 -38.55 59.38
C LYS A 172 -34.28 -37.79 58.26
N VAL A 173 -33.80 -37.89 57.03
CA VAL A 173 -34.32 -37.05 55.94
C VAL A 173 -35.26 -37.86 55.05
N LEU A 174 -34.97 -39.15 54.88
CA LEU A 174 -35.69 -39.97 53.91
C LEU A 174 -36.61 -41.00 54.56
N GLN A 175 -36.29 -41.47 55.76
CA GLN A 175 -37.15 -42.37 56.55
C GLN A 175 -37.38 -43.66 55.78
N GLU A 176 -38.62 -44.10 55.58
CA GLU A 176 -38.93 -45.46 55.14
C GLU A 176 -38.73 -45.67 53.64
N SER A 177 -38.68 -44.60 52.85
CA SER A 177 -38.77 -44.71 51.40
C SER A 177 -37.49 -45.20 50.73
N TYR A 178 -36.57 -45.82 51.48
CA TYR A 178 -35.31 -46.28 50.90
C TYR A 178 -35.46 -47.62 50.20
N LYS A 179 -36.48 -47.75 49.35
CA LYS A 179 -36.69 -48.96 48.57
C LYS A 179 -36.65 -48.70 47.07
N ASP A 180 -36.52 -47.44 46.64
CA ASP A 180 -36.47 -47.10 45.22
C ASP A 180 -35.39 -46.07 44.94
N TYR A 181 -34.29 -46.13 45.68
CA TYR A 181 -33.18 -45.18 45.49
C TYR A 181 -31.87 -45.95 45.62
N LEU A 182 -31.19 -46.13 44.49
CA LEU A 182 -29.86 -46.72 44.50
C LEU A 182 -28.85 -45.69 45.00
N PHE A 183 -28.00 -46.12 45.92
CA PHE A 183 -27.01 -45.24 46.52
C PHE A 183 -25.66 -45.44 45.84
N ILE A 184 -25.05 -44.34 45.40
CA ILE A 184 -23.77 -44.37 44.70
C ILE A 184 -22.76 -43.63 45.55
N LYS A 185 -21.65 -44.29 45.87
CA LYS A 185 -20.58 -43.71 46.66
C LYS A 185 -19.35 -43.52 45.79
N ASP A 186 -18.84 -42.30 45.75
CA ASP A 186 -17.66 -41.97 44.93
C ASP A 186 -16.43 -42.48 45.65
N GLY A 187 -16.10 -43.74 45.41
CA GLY A 187 -14.90 -44.32 45.99
C GLY A 187 -15.09 -45.80 46.25
N ARG A 188 -14.04 -46.40 46.79
CA ARG A 188 -14.06 -47.82 47.13
C ARG A 188 -14.88 -48.06 48.39
N LEU A 189 -15.59 -49.18 48.42
CA LEU A 189 -16.36 -49.54 49.61
C LEU A 189 -15.44 -49.81 50.80
N ALA A 190 -14.30 -50.45 50.54
CA ALA A 190 -13.40 -50.84 51.63
C ALA A 190 -12.93 -49.62 52.40
N GLN A 191 -12.87 -49.77 53.73
CA GLN A 191 -12.44 -48.71 54.63
C GLN A 191 -11.11 -49.10 55.27
N LEU A 192 -10.23 -48.11 55.41
CA LEU A 192 -8.96 -48.29 56.10
C LEU A 192 -9.07 -47.70 57.51
N GLY A 193 -8.24 -48.22 58.42
CA GLY A 193 -8.33 -47.84 59.81
C GLY A 193 -9.61 -48.33 60.47
N VAL A 194 -9.99 -49.58 60.21
CA VAL A 194 -11.25 -50.13 60.71
C VAL A 194 -11.12 -50.65 62.14
N ARG A 195 -10.01 -51.33 62.45
CA ARG A 195 -9.84 -52.05 63.71
C ARG A 195 -10.87 -53.19 63.80
N GLU A 196 -11.23 -53.72 62.64
CA GLU A 196 -12.06 -54.93 62.52
C GLU A 196 -13.46 -54.74 63.11
N SER A 197 -13.80 -53.52 63.50
CA SER A 197 -15.09 -53.22 64.11
C SER A 197 -15.88 -52.15 63.36
N PHE A 198 -15.20 -51.21 62.73
CA PHE A 198 -15.90 -50.19 61.94
C PHE A 198 -16.64 -50.82 60.77
N ARG A 199 -16.01 -51.78 60.10
CA ARG A 199 -16.64 -52.43 58.96
C ARG A 199 -17.56 -53.56 59.37
N SER A 200 -17.34 -54.17 60.54
CA SER A 200 -18.25 -55.19 61.04
C SER A 200 -19.62 -54.60 61.37
N LYS A 201 -19.63 -53.43 62.00
CA LYS A 201 -20.89 -52.76 62.31
C LYS A 201 -21.53 -52.16 61.06
N LEU A 202 -20.71 -51.84 60.04
CA LEU A 202 -21.27 -51.32 58.80
C LEU A 202 -21.94 -52.43 57.99
N GLN A 203 -21.35 -53.63 57.98
CA GLN A 203 -21.85 -54.70 57.13
C GLN A 203 -23.22 -55.17 57.59
N ASN A 204 -23.37 -55.46 58.89
CA ASN A 204 -24.65 -55.99 59.37
C ASN A 204 -25.72 -54.92 59.42
N TYR A 205 -25.33 -53.65 59.64
CA TYR A 205 -26.30 -52.56 59.59
C TYR A 205 -26.88 -52.42 58.19
N PHE A 206 -26.05 -52.54 57.16
CA PHE A 206 -26.56 -52.50 55.79
C PHE A 206 -27.32 -53.77 55.44
N ALA A 207 -26.84 -54.92 55.91
CA ALA A 207 -27.49 -56.19 55.60
C ALA A 207 -28.88 -56.25 56.24
N ARG A 208 -29.02 -55.74 57.47
CA ARG A 208 -30.31 -55.78 58.14
C ARG A 208 -31.34 -54.92 57.40
N LYS A 209 -30.93 -53.75 56.92
CA LYS A 209 -31.83 -52.85 56.21
C LYS A 209 -31.94 -53.19 54.73
N HIS A 210 -31.14 -54.13 54.22
CA HIS A 210 -31.15 -54.51 52.80
C HIS A 210 -30.94 -53.29 51.90
N LEU A 211 -29.93 -52.49 52.25
CA LEU A 211 -29.64 -51.28 51.49
C LEU A 211 -29.07 -51.62 50.12
N LEU A 212 -29.09 -50.64 49.23
CA LEU A 212 -28.63 -50.78 47.86
C LEU A 212 -27.38 -49.92 47.60
N LEU A 213 -26.45 -49.93 48.55
CA LEU A 213 -25.23 -49.14 48.44
C LEU A 213 -24.29 -49.82 47.45
N ALA A 214 -24.08 -49.20 46.29
CA ALA A 214 -23.18 -49.69 45.26
C ALA A 214 -22.21 -48.57 44.89
N GLY A 215 -21.12 -48.47 45.64
CA GLY A 215 -20.15 -47.41 45.41
C GLY A 215 -19.29 -47.66 44.19
N VAL A 216 -19.31 -46.71 43.25
CA VAL A 216 -18.59 -46.83 41.99
C VAL A 216 -17.28 -46.06 42.08
N THR A 217 -16.27 -46.54 41.36
CA THR A 217 -15.03 -45.81 41.19
C THR A 217 -14.76 -45.44 39.74
N LYS A 218 -15.52 -45.98 38.78
CA LYS A 218 -15.47 -45.58 37.38
C LYS A 218 -14.09 -45.82 36.77
N ARG A 219 -13.14 -44.94 37.08
CA ARG A 219 -11.81 -44.98 36.45
C ARG A 219 -10.74 -45.60 37.34
N SER A 220 -10.98 -45.70 38.65
CA SER A 220 -9.97 -46.14 39.60
C SER A 220 -8.71 -45.30 39.46
N ARG A 221 -7.58 -45.94 39.18
CA ARG A 221 -6.32 -45.23 38.96
C ARG A 221 -5.42 -46.10 38.09
N LEU A 222 -4.28 -45.54 37.71
CA LEU A 222 -3.35 -46.26 36.85
C LEU A 222 -2.81 -47.51 37.55
N LEU A 223 -2.28 -47.34 38.76
CA LEU A 223 -1.77 -48.45 39.55
C LEU A 223 -2.38 -48.45 40.95
N ALA A 224 -3.69 -48.19 41.03
CA ALA A 224 -4.38 -48.37 42.31
C ALA A 224 -4.34 -49.82 42.74
N GLU A 225 -4.36 -50.74 41.78
CA GLU A 225 -4.27 -52.16 42.04
C GLU A 225 -2.83 -52.62 41.78
N GLY A 226 -2.59 -53.93 41.85
CA GLY A 226 -1.27 -54.45 41.59
C GLY A 226 -1.09 -54.81 40.13
N LEU A 227 -0.97 -56.10 39.83
CA LEU A 227 -0.93 -56.56 38.45
C LEU A 227 -2.31 -56.66 37.82
N THR A 228 -3.37 -56.50 38.63
CA THR A 228 -4.72 -56.60 38.09
C THR A 228 -5.03 -55.46 37.12
N SER A 229 -4.47 -54.27 37.35
CA SER A 229 -4.73 -53.15 36.46
C SER A 229 -4.24 -53.41 35.05
N LEU A 230 -3.14 -54.17 34.91
CA LEU A 230 -2.65 -54.51 33.57
C LEU A 230 -3.64 -55.43 32.85
N VAL A 231 -4.05 -56.52 33.51
CA VAL A 231 -4.94 -57.48 32.88
C VAL A 231 -6.32 -56.87 32.65
N MET A 232 -6.80 -56.08 33.61
CA MET A 232 -8.10 -55.42 33.44
C MET A 232 -8.09 -54.48 32.24
N ALA A 233 -6.97 -53.79 32.02
CA ALA A 233 -6.90 -52.83 30.92
C ALA A 233 -7.07 -53.49 29.57
N ARG A 234 -6.40 -54.64 29.36
CA ARG A 234 -6.43 -55.29 28.07
C ARG A 234 -7.67 -56.13 27.83
N LEU A 235 -8.37 -56.54 28.89
CA LEU A 235 -9.67 -57.16 28.71
C LEU A 235 -10.66 -56.17 28.10
N PHE A 236 -10.63 -54.92 28.56
CA PHE A 236 -11.61 -53.93 28.13
C PHE A 236 -11.45 -53.57 26.65
N ALA A 237 -10.20 -53.36 26.21
CA ALA A 237 -9.98 -52.87 24.86
C ALA A 237 -10.33 -53.93 23.80
N GLU A 238 -9.83 -55.16 23.98
CA GLU A 238 -10.11 -56.21 23.02
C GLU A 238 -11.58 -56.62 23.02
N ALA A 239 -12.32 -56.27 24.07
CA ALA A 239 -13.74 -56.59 24.13
C ALA A 239 -14.53 -55.60 23.27
N ARG A 240 -15.79 -55.97 22.99
CA ARG A 240 -16.66 -55.19 22.14
C ARG A 240 -18.01 -55.02 22.82
N GLY A 241 -18.65 -53.88 22.54
CA GLY A 241 -19.99 -53.63 23.05
C GLY A 241 -20.01 -53.37 24.55
N THR A 242 -21.21 -53.55 25.12
CA THR A 242 -21.45 -53.33 26.54
C THR A 242 -21.78 -54.66 27.20
N PHE A 243 -21.26 -54.84 28.43
CA PHE A 243 -21.44 -56.10 29.14
C PHE A 243 -21.27 -55.84 30.64
N VAL A 244 -21.64 -56.84 31.43
CA VAL A 244 -21.40 -56.84 32.87
C VAL A 244 -20.53 -58.05 33.19
N LEU A 245 -19.39 -57.81 33.82
CA LEU A 245 -18.45 -58.87 34.16
C LEU A 245 -18.16 -58.83 35.65
N GLN A 246 -18.26 -59.98 36.31
CA GLN A 246 -17.83 -60.12 37.69
C GLN A 246 -16.36 -60.51 37.69
N VAL A 247 -15.54 -59.71 38.36
CA VAL A 247 -14.10 -60.00 38.41
C VAL A 247 -13.87 -61.31 39.17
N PRO A 248 -13.21 -62.29 38.59
CA PRO A 248 -12.92 -63.53 39.32
C PRO A 248 -12.03 -63.25 40.53
N GLN A 249 -12.19 -64.07 41.55
CA GLN A 249 -11.50 -63.84 42.82
C GLN A 249 -9.98 -63.88 42.66
N GLU A 250 -9.49 -64.64 41.67
CA GLU A 250 -8.05 -64.78 41.51
C GLU A 250 -7.37 -63.44 41.21
N LEU A 251 -7.99 -62.64 40.33
CA LEU A 251 -7.46 -61.29 40.10
C LEU A 251 -7.54 -60.45 41.36
N MET A 252 -8.66 -60.53 42.08
CA MET A 252 -8.81 -59.76 43.31
C MET A 252 -7.87 -60.26 44.39
N GLU A 253 -7.71 -61.58 44.53
CA GLU A 253 -6.88 -62.12 45.59
C GLU A 253 -5.43 -61.67 45.45
N LYS A 254 -4.91 -61.63 44.22
CA LYS A 254 -3.54 -61.18 44.02
C LYS A 254 -3.37 -59.72 44.43
N ALA A 255 -4.29 -58.85 44.00
CA ALA A 255 -4.15 -57.42 44.25
C ALA A 255 -4.27 -57.08 45.74
N TYR A 256 -5.15 -57.77 46.46
CA TYR A 256 -5.40 -57.46 47.86
C TYR A 256 -4.15 -57.64 48.71
N ARG A 257 -3.42 -58.73 48.50
CA ARG A 257 -2.22 -58.99 49.29
C ARG A 257 -1.03 -58.15 48.82
N TYR A 258 -1.09 -57.62 47.60
CA TYR A 258 0.03 -56.86 47.03
C TYR A 258 0.07 -55.44 47.55
N GLU A 259 -1.09 -54.79 47.70
CA GLU A 259 -1.12 -53.36 48.00
C GLU A 259 -0.37 -53.04 49.29
N ARG A 260 -0.09 -54.03 50.13
CA ARG A 260 0.78 -53.82 51.28
C ARG A 260 2.23 -53.58 50.85
N GLN A 261 2.69 -54.28 49.82
CA GLN A 261 4.08 -54.20 49.39
C GLN A 261 4.29 -53.31 48.16
N TRP A 262 3.23 -52.70 47.65
CA TRP A 262 3.30 -51.65 46.65
C TRP A 262 2.65 -50.34 47.09
N ASN A 263 1.47 -50.36 47.67
CA ASN A 263 0.81 -49.11 48.01
C ASN A 263 1.20 -48.66 49.42
N ALA A 264 0.51 -47.64 49.92
CA ALA A 264 0.85 -47.04 51.21
C ALA A 264 0.32 -47.93 52.32
N ASP A 265 0.25 -47.40 53.54
CA ASP A 265 -0.21 -48.18 54.69
C ASP A 265 -1.69 -48.45 54.52
N LEU A 266 -1.99 -49.47 53.72
CA LEU A 266 -3.34 -49.79 53.27
C LEU A 266 -3.91 -51.01 54.01
N GLU A 267 -3.69 -51.08 55.33
CA GLU A 267 -4.18 -52.22 56.11
C GLU A 267 -5.70 -52.27 56.04
N GLY A 268 -6.21 -53.21 55.25
CA GLY A 268 -7.63 -53.31 54.96
C GLY A 268 -7.93 -52.73 53.60
N ALA A 269 -8.02 -53.58 52.58
CA ALA A 269 -8.25 -53.12 51.22
C ALA A 269 -9.24 -53.97 50.45
N PHE A 270 -9.57 -55.18 50.90
CA PHE A 270 -10.51 -56.01 50.16
C PHE A 270 -11.91 -55.41 50.22
N VAL A 271 -12.60 -55.45 49.08
CA VAL A 271 -13.93 -54.86 48.99
C VAL A 271 -14.91 -55.70 49.81
N MET A 272 -15.84 -55.01 50.48
CA MET A 272 -16.84 -55.67 51.31
C MET A 272 -17.92 -56.27 50.41
N GLY A 273 -17.55 -57.35 49.73
CA GLY A 273 -18.46 -58.03 48.84
C GLY A 273 -17.81 -58.49 47.54
N ARG A 274 -18.38 -58.07 46.41
CA ARG A 274 -17.91 -58.50 45.10
C ARG A 274 -17.67 -57.28 44.23
N ARG A 275 -16.79 -57.45 43.24
CA ARG A 275 -16.45 -56.39 42.29
C ARG A 275 -17.02 -56.73 40.91
N TYR A 276 -17.61 -55.72 40.26
CA TYR A 276 -18.15 -55.86 38.92
C TYR A 276 -17.60 -54.76 38.04
N VAL A 277 -17.35 -55.10 36.78
CA VAL A 277 -16.88 -54.13 35.79
C VAL A 277 -17.84 -54.13 34.62
N ALA A 278 -17.94 -52.97 33.96
CA ALA A 278 -18.86 -52.83 32.84
C ALA A 278 -18.34 -51.74 31.91
N ARG A 279 -18.81 -51.79 30.67
CA ARG A 279 -18.48 -50.78 29.65
C ARG A 279 -19.77 -50.05 29.28
N LEU A 280 -19.70 -48.72 29.28
CA LEU A 280 -20.87 -47.89 29.01
C LEU A 280 -20.92 -47.35 27.58
N LEU A 281 -19.80 -47.33 26.87
CA LEU A 281 -19.74 -46.83 25.51
C LEU A 281 -19.20 -47.90 24.58
N GLU A 282 -19.83 -48.04 23.41
CA GLU A 282 -19.37 -49.02 22.43
C GLU A 282 -18.09 -48.55 21.75
N ASP A 283 -18.03 -47.28 21.37
CA ASP A 283 -16.86 -46.69 20.75
C ASP A 283 -16.24 -45.67 21.70
N THR A 284 -14.91 -45.70 21.84
CA THR A 284 -14.24 -44.97 22.90
C THR A 284 -13.04 -44.14 22.46
N PHE A 285 -12.50 -44.34 21.25
CA PHE A 285 -11.31 -43.65 20.77
C PHE A 285 -10.05 -44.05 21.54
N ARG A 286 -10.20 -44.85 22.59
CA ARG A 286 -9.09 -45.17 23.48
C ARG A 286 -9.37 -46.52 24.14
N PRO A 287 -8.33 -47.28 24.47
CA PRO A 287 -8.56 -48.65 24.97
C PRO A 287 -9.35 -48.72 26.26
N GLN A 288 -9.19 -47.77 27.17
CA GLN A 288 -9.69 -47.91 28.53
C GLN A 288 -10.83 -46.94 28.83
N GLU A 289 -11.33 -46.23 27.84
CA GLU A 289 -12.45 -45.32 28.07
C GLU A 289 -13.77 -46.07 28.17
N GLY A 290 -14.71 -45.48 28.89
CA GLY A 290 -16.05 -46.01 28.98
C GLY A 290 -16.26 -47.12 29.99
N VAL A 291 -15.25 -47.45 30.78
CA VAL A 291 -15.34 -48.56 31.72
C VAL A 291 -15.78 -48.03 33.08
N ALA A 292 -16.52 -48.86 33.81
CA ALA A 292 -16.98 -48.51 35.15
C ALA A 292 -16.73 -49.70 36.08
N ILE A 293 -16.13 -49.43 37.23
CA ILE A 293 -15.85 -50.44 38.24
C ILE A 293 -16.65 -50.08 39.49
N PHE A 294 -17.48 -51.00 39.95
CA PHE A 294 -18.30 -50.79 41.13
C PHE A 294 -18.34 -52.06 41.97
N ASP A 295 -18.50 -51.88 43.27
CA ASP A 295 -18.53 -52.98 44.23
C ASP A 295 -19.89 -53.04 44.91
N LEU A 296 -20.29 -54.25 45.27
CA LEU A 296 -21.58 -54.51 45.90
C LEU A 296 -21.39 -55.25 47.21
N PRO A 297 -22.32 -55.08 48.16
CA PRO A 297 -22.26 -55.84 49.41
C PRO A 297 -22.41 -57.33 49.15
N PRO A 298 -21.94 -58.17 50.07
CA PRO A 298 -21.97 -59.62 49.82
C PRO A 298 -23.35 -60.21 49.67
N TYR A 299 -24.40 -59.53 50.14
CA TYR A 299 -25.75 -60.07 50.10
C TYR A 299 -26.50 -59.70 48.82
N LEU A 300 -25.79 -59.38 47.74
CA LEU A 300 -26.40 -59.05 46.46
C LEU A 300 -25.88 -60.01 45.40
N GLY A 301 -26.81 -60.53 44.58
CA GLY A 301 -26.49 -61.54 43.60
C GLY A 301 -26.26 -60.97 42.21
N GLU A 302 -26.36 -61.85 41.21
CA GLU A 302 -26.09 -61.45 39.84
C GLU A 302 -27.20 -60.55 39.30
N GLU A 303 -28.47 -60.90 39.58
CA GLU A 303 -29.58 -60.09 39.08
C GLU A 303 -29.57 -58.70 39.70
N ASP A 304 -29.20 -58.59 40.97
CA ASP A 304 -29.07 -57.27 41.60
C ASP A 304 -27.96 -56.48 40.92
N ALA A 305 -26.82 -57.12 40.63
CA ALA A 305 -25.72 -56.43 39.98
C ALA A 305 -26.10 -55.98 38.57
N VAL A 306 -26.82 -56.83 37.83
CA VAL A 306 -27.22 -56.48 36.47
C VAL A 306 -28.15 -55.28 36.48
N LYS A 307 -29.13 -55.27 37.39
CA LYS A 307 -30.06 -54.15 37.47
C LYS A 307 -29.34 -52.87 37.90
N VAL A 308 -28.34 -53.00 38.77
CA VAL A 308 -27.55 -51.83 39.16
C VAL A 308 -26.75 -51.31 37.98
N ALA A 309 -26.14 -52.21 37.19
CA ALA A 309 -25.36 -51.79 36.04
C ALA A 309 -26.24 -51.12 34.99
N ARG A 310 -27.46 -51.62 34.79
CA ARG A 310 -28.39 -50.98 33.87
C ARG A 310 -28.77 -49.59 34.36
N SER A 311 -28.85 -49.40 35.69
CA SER A 311 -29.17 -48.09 36.23
C SER A 311 -28.06 -47.09 35.95
N LEU A 312 -26.80 -47.52 36.04
CA LEU A 312 -25.69 -46.63 35.73
C LEU A 312 -25.66 -46.27 34.25
N ARG A 313 -25.97 -47.23 33.38
CA ARG A 313 -25.94 -46.96 31.94
C ARG A 313 -27.00 -45.94 31.54
N ALA A 314 -28.15 -45.95 32.21
CA ALA A 314 -29.19 -44.96 31.93
C ALA A 314 -28.76 -43.55 32.32
N HIS A 315 -27.77 -43.41 33.19
CA HIS A 315 -27.26 -42.12 33.61
C HIS A 315 -25.88 -41.82 33.02
N ARG A 316 -25.43 -42.62 32.05
CA ARG A 316 -24.07 -42.46 31.54
C ARG A 316 -23.91 -41.13 30.81
N SER A 317 -22.68 -40.64 30.79
CA SER A 317 -22.34 -39.38 30.14
C SER A 317 -21.00 -39.54 29.44
N VAL A 318 -20.73 -38.62 28.52
CA VAL A 318 -19.45 -38.56 27.82
C VAL A 318 -18.81 -37.21 28.18
N LEU A 319 -18.00 -37.21 29.23
CA LEU A 319 -17.37 -35.98 29.70
C LEU A 319 -15.86 -36.08 29.80
N TYR A 320 -15.35 -37.08 30.52
CA TYR A 320 -13.91 -37.32 30.60
C TYR A 320 -13.52 -38.63 29.95
N GLY A 321 -14.11 -39.74 30.41
CA GLY A 321 -13.87 -41.05 29.81
C GLY A 321 -15.11 -41.91 29.84
N GLY A 322 -16.28 -41.28 29.77
CA GLY A 322 -17.52 -42.01 29.94
C GLY A 322 -17.84 -42.25 31.41
N SER A 323 -18.03 -41.16 32.17
CA SER A 323 -18.27 -41.24 33.60
C SER A 323 -19.74 -41.58 33.86
N VAL A 324 -20.15 -41.50 35.13
CA VAL A 324 -21.51 -41.86 35.53
C VAL A 324 -22.46 -40.67 35.47
N GLY A 325 -21.95 -39.47 35.25
CA GLY A 325 -22.81 -38.32 35.08
C GLY A 325 -23.25 -37.67 36.38
N THR A 326 -24.03 -38.40 37.18
CA THR A 326 -24.42 -37.89 38.49
C THR A 326 -23.22 -37.74 39.43
N VAL A 327 -22.14 -38.46 39.17
CA VAL A 327 -20.95 -38.33 40.01
C VAL A 327 -20.29 -36.96 39.79
N VAL A 328 -20.13 -36.55 38.53
CA VAL A 328 -19.52 -35.26 38.25
C VAL A 328 -20.46 -34.12 38.58
N GLU A 329 -21.78 -34.34 38.45
CA GLU A 329 -22.74 -33.33 38.86
C GLU A 329 -22.70 -33.11 40.36
N ALA A 330 -22.55 -34.18 41.14
CA ALA A 330 -22.41 -34.05 42.58
C ALA A 330 -21.12 -33.33 42.96
N HIS A 331 -20.08 -33.47 42.14
CA HIS A 331 -18.83 -32.76 42.40
C HIS A 331 -19.02 -31.27 42.36
N GLY A 332 -19.77 -30.77 41.37
CA GLY A 332 -20.00 -29.34 41.26
C GLY A 332 -20.81 -28.75 42.41
N ARG A 333 -21.58 -29.58 43.11
CA ARG A 333 -22.35 -29.14 44.25
C ARG A 333 -21.62 -29.31 45.58
N ALA A 334 -20.41 -29.88 45.56
CA ALA A 334 -19.70 -30.16 46.81
C ALA A 334 -18.21 -29.84 46.75
N SER A 335 -17.72 -29.26 45.65
CA SER A 335 -16.29 -28.97 45.54
C SER A 335 -16.05 -27.48 45.42
N VAL A 336 -16.73 -26.69 46.25
CA VAL A 336 -16.61 -25.22 46.19
C VAL A 336 -15.42 -24.86 47.07
N ALA A 337 -14.23 -24.96 46.47
CA ALA A 337 -13.01 -24.49 47.12
C ALA A 337 -12.39 -23.32 46.37
N ARG A 338 -12.03 -23.51 45.09
CA ARG A 338 -11.41 -22.46 44.29
C ARG A 338 -10.28 -21.77 45.04
N SER A 339 -10.44 -20.48 45.30
CA SER A 339 -9.43 -19.70 46.04
C SER A 339 -9.84 -19.56 47.51
N ILE A 340 -9.84 -20.69 48.21
CA ILE A 340 -10.09 -20.68 49.65
C ILE A 340 -9.02 -19.89 50.42
N PRO A 341 -7.72 -20.10 50.21
CA PRO A 341 -6.73 -19.41 51.07
C PRO A 341 -6.84 -17.89 51.02
N ARG A 342 -7.13 -17.31 49.86
CA ARG A 342 -7.32 -15.86 49.79
C ARG A 342 -8.62 -15.44 50.48
N ARG A 343 -9.69 -16.21 50.29
CA ARG A 343 -10.97 -15.86 50.89
C ARG A 343 -10.93 -15.97 52.41
N MET A 344 -10.33 -17.05 52.92
CA MET A 344 -10.32 -17.25 54.37
C MET A 344 -9.37 -16.29 55.07
N GLU A 345 -8.22 -16.01 54.45
CA GLU A 345 -7.24 -15.13 55.10
C GLU A 345 -7.80 -13.73 55.32
N GLU A 346 -8.48 -13.18 54.30
CA GLU A 346 -9.07 -11.85 54.46
C GLU A 346 -10.17 -11.88 55.52
N GLU A 347 -10.99 -12.94 55.53
CA GLU A 347 -12.04 -13.04 56.53
C GLU A 347 -11.47 -13.25 57.92
N ILE A 348 -10.40 -14.05 58.04
CA ILE A 348 -9.81 -14.31 59.35
C ILE A 348 -9.26 -13.02 59.95
N LEU A 349 -8.54 -12.24 59.15
CA LEU A 349 -8.04 -10.95 59.62
C LEU A 349 -9.19 -9.99 59.94
N ALA A 350 -10.29 -10.09 59.19
CA ALA A 350 -11.45 -9.23 59.48
C ALA A 350 -12.00 -9.50 60.86
N ARG A 351 -12.14 -10.78 61.24
CA ARG A 351 -12.63 -11.11 62.57
C ARG A 351 -11.62 -10.74 63.64
N PHE A 352 -10.33 -10.97 63.39
CA PHE A 352 -9.32 -10.66 64.38
C PHE A 352 -9.16 -9.15 64.57
N ARG A 353 -9.42 -8.37 63.53
CA ARG A 353 -9.37 -6.91 63.67
C ARG A 353 -10.55 -6.39 64.46
N LYS A 354 -11.75 -6.88 64.18
CA LYS A 354 -12.95 -6.41 64.87
C LYS A 354 -13.07 -6.99 66.27
N ALA A 355 -12.32 -8.03 66.59
CA ALA A 355 -12.32 -8.62 67.92
C ALA A 355 -11.39 -7.82 68.83
N PHE A 356 -11.05 -8.40 69.99
CA PHE A 356 -10.17 -7.77 70.96
C PHE A 356 -8.84 -7.36 70.34
N GLY A 357 -8.16 -6.41 70.97
CA GLY A 357 -6.88 -5.93 70.47
C GLY A 357 -6.99 -4.75 69.54
N GLU A 358 -7.54 -4.98 68.34
CA GLU A 358 -7.74 -4.00 67.28
C GLU A 358 -6.42 -3.51 66.68
N ASP A 359 -5.28 -3.95 67.20
CA ASP A 359 -3.98 -3.66 66.63
C ASP A 359 -3.09 -4.88 66.54
N LEU A 360 -3.47 -6.00 67.16
CA LEU A 360 -2.72 -7.24 67.00
C LEU A 360 -2.86 -7.79 65.58
N ALA A 361 -3.96 -7.45 64.90
CA ALA A 361 -4.13 -7.86 63.51
C ALA A 361 -3.08 -7.22 62.62
N LYS A 362 -2.76 -5.94 62.87
CA LYS A 362 -1.72 -5.28 62.09
C LYS A 362 -0.37 -5.98 62.28
N LYS A 363 -0.07 -6.41 63.50
CA LYS A 363 1.13 -7.20 63.73
C LYS A 363 1.06 -8.54 63.01
N LEU A 364 -0.12 -9.17 63.00
CA LEU A 364 -0.26 -10.47 62.37
C LEU A 364 -0.03 -10.39 60.87
N THR A 365 -0.49 -9.32 60.23
CA THR A 365 -0.22 -9.14 58.80
C THR A 365 1.26 -8.91 58.54
N GLU A 366 1.96 -8.26 59.47
CA GLU A 366 3.37 -7.95 59.26
C GLU A 366 4.21 -9.21 59.10
N TRP A 367 3.80 -10.29 59.75
CA TRP A 367 4.56 -11.54 59.69
C TRP A 367 4.07 -12.48 58.60
N LEU A 368 2.76 -12.50 58.32
CA LEU A 368 2.25 -13.33 57.23
C LEU A 368 2.76 -12.84 55.88
N ARG A 369 2.76 -11.53 55.66
CA ARG A 369 3.28 -10.98 54.42
C ARG A 369 4.78 -11.24 54.25
N LEU A 370 5.49 -11.45 55.36
CA LEU A 370 6.93 -11.63 55.29
C LEU A 370 7.29 -12.96 54.63
N ALA A 371 6.65 -14.03 55.05
CA ALA A 371 6.87 -15.35 54.47
C ALA A 371 5.73 -16.27 54.87
N ASP A 372 5.49 -17.28 54.04
CA ASP A 372 4.47 -18.30 54.30
C ASP A 372 3.10 -17.68 54.54
N GLU B 3 12.18 -48.62 -2.79
CA GLU B 3 10.76 -48.71 -3.09
C GLU B 3 9.93 -48.41 -1.84
N SER B 4 10.61 -48.28 -0.71
CA SER B 4 9.97 -47.96 0.56
C SER B 4 9.62 -46.47 0.61
N PRO B 5 8.63 -46.10 1.44
CA PRO B 5 8.32 -44.68 1.60
C PRO B 5 9.52 -43.91 2.15
N ILE B 6 9.62 -42.64 1.74
CA ILE B 6 10.78 -41.84 2.11
C ILE B 6 10.74 -41.48 3.58
N GLY B 7 9.70 -40.75 4.00
CA GLY B 7 9.55 -40.34 5.39
C GLY B 7 8.19 -40.74 5.91
N VAL B 8 7.63 -39.87 6.76
CA VAL B 8 6.30 -40.06 7.32
C VAL B 8 5.54 -38.75 7.21
N VAL B 9 4.30 -38.83 6.72
CA VAL B 9 3.45 -37.66 6.57
C VAL B 9 2.75 -37.37 7.89
N VAL B 10 2.89 -36.14 8.39
CA VAL B 10 2.36 -35.79 9.69
C VAL B 10 1.24 -34.76 9.61
N SER B 11 1.07 -34.06 8.50
CA SER B 11 0.01 -33.07 8.37
C SER B 11 -0.26 -32.80 6.91
N SER B 12 -1.46 -32.26 6.64
CA SER B 12 -1.84 -31.86 5.30
C SER B 12 -2.94 -30.82 5.41
N ARG B 13 -3.07 -30.00 4.38
CA ARG B 13 -4.04 -28.91 4.35
C ARG B 13 -4.08 -28.35 2.94
N ARG B 14 -4.94 -27.35 2.75
CA ARG B 14 -4.99 -26.58 1.52
C ARG B 14 -4.49 -25.17 1.79
N ASN B 15 -3.49 -24.73 1.04
CA ASN B 15 -2.88 -23.41 1.20
C ASN B 15 -3.28 -22.59 -0.03
N GLY B 16 -4.42 -21.92 0.05
CA GLY B 16 -4.93 -21.14 -1.04
C GLY B 16 -5.51 -22.02 -2.13
N PRO B 17 -4.95 -21.93 -3.33
CA PRO B 17 -5.40 -22.78 -4.44
C PRO B 17 -4.68 -24.12 -4.56
N TRP B 18 -3.81 -24.47 -3.62
CA TRP B 18 -3.01 -25.67 -3.71
C TRP B 18 -3.11 -26.46 -2.41
N ALA B 19 -2.99 -27.78 -2.54
CA ALA B 19 -3.00 -28.68 -1.40
C ALA B 19 -1.56 -29.05 -1.05
N GLU B 20 -1.21 -28.96 0.23
CA GLU B 20 0.14 -29.22 0.69
C GLU B 20 0.14 -30.21 1.84
N LEU B 21 1.26 -30.89 2.01
CA LEU B 21 1.44 -31.84 3.10
C LEU B 21 2.84 -31.70 3.68
N THR B 22 2.98 -32.10 4.94
CA THR B 22 4.23 -32.00 5.67
C THR B 22 4.83 -33.39 5.86
N LEU B 23 6.14 -33.50 5.66
CA LEU B 23 6.85 -34.76 5.76
C LEU B 23 8.02 -34.61 6.72
N VAL B 24 8.28 -35.67 7.49
CA VAL B 24 9.34 -35.68 8.49
C VAL B 24 10.32 -36.79 8.13
N LEU B 25 11.61 -36.47 8.13
CA LEU B 25 12.67 -37.44 7.91
C LEU B 25 13.22 -37.90 9.25
N THR B 26 13.20 -39.20 9.49
CA THR B 26 13.59 -39.76 10.77
C THR B 26 15.10 -39.94 10.85
N PRO B 27 15.65 -40.12 12.07
CA PRO B 27 17.11 -40.33 12.18
C PRO B 27 17.64 -41.51 11.38
N GLN B 28 16.86 -42.60 11.29
CA GLN B 28 17.32 -43.77 10.55
C GLN B 28 17.50 -43.51 9.06
N GLU B 29 16.94 -42.41 8.55
CA GLU B 29 17.04 -42.07 7.14
C GLU B 29 18.08 -41.00 6.84
N LEU B 30 18.29 -40.06 7.76
CA LEU B 30 19.36 -39.09 7.59
C LEU B 30 20.74 -39.71 7.78
N ASP B 31 20.82 -40.84 8.48
CA ASP B 31 22.09 -41.56 8.58
C ASP B 31 22.42 -42.31 7.31
N GLN B 32 21.41 -42.70 6.53
CA GLN B 32 21.60 -43.41 5.28
C GLN B 32 21.78 -42.47 4.08
N GLY B 33 21.78 -41.16 4.31
CA GLY B 33 22.00 -40.22 3.23
C GLY B 33 20.80 -39.95 2.35
N LYS B 34 19.60 -40.23 2.82
CA LYS B 34 18.39 -39.98 2.05
C LYS B 34 17.96 -38.53 2.23
N ARG B 35 18.03 -37.74 1.16
CA ARG B 35 17.64 -36.34 1.20
C ARG B 35 16.73 -36.03 0.03
N LEU B 36 15.96 -34.96 0.17
CA LEU B 36 15.11 -34.43 -0.90
C LEU B 36 15.60 -33.06 -1.30
N LEU B 37 15.84 -32.87 -2.60
CA LEU B 37 16.20 -31.56 -3.11
C LEU B 37 14.97 -30.71 -3.31
N LEU B 38 15.15 -29.39 -3.23
CA LEU B 38 14.04 -28.48 -3.45
C LEU B 38 13.75 -28.33 -4.93
N GLY B 39 12.48 -28.33 -5.28
CA GLY B 39 12.06 -28.39 -6.67
C GLY B 39 11.97 -29.79 -7.23
N GLU B 40 12.32 -30.81 -6.45
CA GLU B 40 12.28 -32.18 -6.91
C GLU B 40 10.85 -32.68 -7.00
N LEU B 41 10.59 -33.54 -7.98
CA LEU B 41 9.29 -34.16 -8.17
C LEU B 41 9.26 -35.53 -7.52
N VAL B 42 8.25 -35.78 -6.69
CA VAL B 42 8.09 -37.02 -5.97
C VAL B 42 6.69 -37.57 -6.26
N ARG B 43 6.47 -38.81 -5.82
CA ARG B 43 5.19 -39.49 -5.99
C ARG B 43 4.48 -39.60 -4.65
N VAL B 44 3.19 -39.26 -4.63
CA VAL B 44 2.37 -39.31 -3.43
C VAL B 44 1.23 -40.31 -3.68
N SER B 45 1.08 -41.27 -2.77
CA SER B 45 0.05 -42.28 -2.86
C SER B 45 -0.95 -42.09 -1.73
N SER B 46 -2.24 -42.15 -2.06
CA SER B 46 -3.29 -41.99 -1.06
C SER B 46 -4.55 -42.67 -1.57
N GLY B 47 -4.91 -43.79 -0.96
CA GLY B 47 -6.13 -44.49 -1.32
C GLY B 47 -6.14 -45.07 -2.72
N GLY B 48 -5.01 -45.59 -3.19
CA GLY B 48 -4.95 -46.19 -4.50
C GLY B 48 -4.75 -45.22 -5.64
N LYS B 49 -4.49 -43.95 -5.36
CA LYS B 49 -4.27 -42.94 -6.39
C LYS B 49 -2.85 -42.41 -6.28
N ASP B 50 -2.24 -42.13 -7.43
CA ASP B 50 -0.89 -41.60 -7.50
C ASP B 50 -0.95 -40.12 -7.86
N TYR B 51 -0.28 -39.29 -7.08
CA TYR B 51 -0.23 -37.85 -7.29
C TYR B 51 1.18 -37.42 -7.65
N VAL B 52 1.28 -36.20 -8.18
CA VAL B 52 2.55 -35.58 -8.52
C VAL B 52 2.82 -34.48 -7.50
N GLY B 53 3.97 -34.54 -6.84
CA GLY B 53 4.30 -33.57 -5.81
C GLY B 53 5.65 -32.93 -6.08
N MET B 54 5.81 -31.73 -5.52
CA MET B 54 7.03 -30.95 -5.66
C MET B 54 7.47 -30.45 -4.28
N VAL B 55 8.77 -30.50 -4.04
CA VAL B 55 9.33 -30.04 -2.77
C VAL B 55 9.54 -28.53 -2.84
N LEU B 56 8.97 -27.80 -1.89
CA LEU B 56 9.07 -26.35 -1.83
C LEU B 56 9.94 -25.85 -0.70
N ASP B 57 9.76 -26.36 0.51
CA ASP B 57 10.40 -25.79 1.68
C ASP B 57 10.98 -26.89 2.54
N GLY B 58 11.98 -26.53 3.33
CA GLY B 58 12.59 -27.42 4.30
C GLY B 58 13.07 -26.65 5.50
N TYR B 59 12.78 -27.16 6.70
CA TYR B 59 13.09 -26.45 7.92
C TYR B 59 13.27 -27.44 9.06
N TYR B 60 13.92 -26.98 10.12
CA TYR B 60 14.18 -27.79 11.30
C TYR B 60 13.20 -27.39 12.40
N GLU B 61 12.47 -28.36 12.93
CA GLU B 61 11.50 -28.15 13.98
C GLU B 61 11.63 -29.28 14.99
N PRO B 62 11.55 -28.98 16.28
CA PRO B 62 11.62 -30.05 17.28
C PRO B 62 10.46 -31.03 17.16
N VAL B 63 10.74 -32.30 17.46
CA VAL B 63 9.75 -33.36 17.42
C VAL B 63 9.55 -33.87 18.84
N GLY B 64 8.31 -33.85 19.30
CA GLY B 64 8.02 -34.27 20.66
C GLY B 64 8.41 -33.22 21.68
N ARG B 65 8.54 -33.68 22.92
CA ARG B 65 8.89 -32.80 24.05
C ARG B 65 10.40 -32.88 24.24
N SER B 66 11.11 -31.95 23.63
CA SER B 66 12.57 -31.93 23.69
C SER B 66 13.06 -30.50 23.48
N ASP B 67 14.32 -30.27 23.89
CA ASP B 67 14.98 -28.98 23.76
C ASP B 67 16.25 -29.19 22.94
N PRO B 68 16.18 -29.14 21.61
CA PRO B 68 17.37 -29.42 20.79
C PRO B 68 18.54 -28.49 21.08
N THR B 69 18.29 -27.20 21.34
CA THR B 69 19.38 -26.27 21.58
C THR B 69 20.13 -26.61 22.87
N TYR B 70 19.40 -26.93 23.94
CA TYR B 70 20.05 -27.29 25.19
C TYR B 70 20.82 -28.60 25.07
N THR B 71 20.23 -29.58 24.38
CA THR B 71 20.88 -30.89 24.23
C THR B 71 22.18 -30.75 23.44
N LEU B 72 22.15 -30.01 22.34
CA LEU B 72 23.33 -29.90 21.49
C LEU B 72 24.40 -29.01 22.10
N ALA B 73 24.01 -27.93 22.76
CA ALA B 73 24.98 -27.00 23.32
C ALA B 73 25.71 -27.60 24.50
N LEU B 74 25.00 -28.33 25.36
CA LEU B 74 25.64 -28.92 26.53
C LEU B 74 26.56 -30.07 26.15
N ALA B 75 26.22 -30.82 25.09
CA ALA B 75 27.13 -31.83 24.59
C ALA B 75 28.42 -31.21 24.09
N HIS B 76 28.32 -30.06 23.40
CA HIS B 76 29.50 -29.38 22.91
C HIS B 76 30.40 -28.93 24.05
N ILE B 77 29.80 -28.47 25.15
CA ILE B 77 30.59 -27.98 26.29
C ILE B 77 31.43 -29.09 26.90
N ASN B 78 30.84 -30.28 27.07
CA ASN B 78 31.51 -31.40 27.71
C ASN B 78 32.01 -32.43 26.72
N GLN B 79 32.23 -32.02 25.47
CA GLN B 79 32.63 -32.90 24.36
C GLN B 79 31.53 -33.89 24.02
N VAL B 80 31.37 -34.94 24.85
CA VAL B 80 30.31 -35.93 24.74
C VAL B 80 29.94 -36.22 23.29
N ASP B 81 30.87 -36.82 22.54
CA ASP B 81 30.65 -37.13 21.13
C ASP B 81 29.32 -37.86 20.94
N LEU B 82 28.39 -37.21 20.22
CA LEU B 82 27.01 -37.67 20.14
C LEU B 82 26.87 -39.00 19.40
N GLU B 83 27.54 -39.13 18.25
CA GLU B 83 27.37 -40.30 17.40
C GLU B 83 27.88 -41.57 18.08
N LYS B 84 28.86 -41.44 18.97
CA LYS B 84 29.48 -42.61 19.57
C LYS B 84 29.18 -42.75 21.06
N GLU B 85 29.47 -41.71 21.84
CA GLU B 85 29.38 -41.83 23.29
C GLU B 85 27.93 -41.85 23.76
N ASP B 86 27.07 -41.02 23.16
CA ASP B 86 25.67 -40.90 23.56
C ASP B 86 24.79 -41.01 22.32
N PRO B 87 24.69 -42.20 21.71
CA PRO B 87 23.82 -42.34 20.54
C PRO B 87 22.35 -42.13 20.84
N TRP B 88 21.92 -42.34 22.09
CA TRP B 88 20.50 -42.21 22.41
C TRP B 88 20.04 -40.76 22.27
N ALA B 89 20.84 -39.80 22.72
CA ALA B 89 20.47 -38.40 22.60
C ALA B 89 20.52 -37.92 21.15
N ARG B 90 21.27 -38.60 20.29
CA ARG B 90 21.32 -38.24 18.87
C ARG B 90 20.06 -38.66 18.13
N LYS B 91 19.31 -39.63 18.66
CA LYS B 91 18.10 -40.12 18.00
C LYS B 91 16.89 -39.23 18.23
N GLU B 92 16.95 -38.34 19.22
CA GLU B 92 15.80 -37.50 19.57
C GLU B 92 15.90 -36.10 19.00
N VAL B 93 16.95 -35.78 18.24
CA VAL B 93 17.13 -34.45 17.66
C VAL B 93 17.44 -34.49 16.18
N ASN B 94 17.58 -35.67 15.58
CA ASN B 94 17.97 -35.79 14.17
C ASN B 94 16.72 -35.96 13.30
N PHE B 95 16.00 -34.85 13.14
CA PHE B 95 14.80 -34.81 12.32
C PHE B 95 14.89 -33.65 11.34
N TYR B 96 14.04 -33.70 10.31
CA TYR B 96 13.94 -32.59 9.37
C TYR B 96 12.55 -32.60 8.76
N HIS B 97 12.03 -31.39 8.50
CA HIS B 97 10.68 -31.19 8.00
C HIS B 97 10.72 -30.68 6.56
N HIS B 98 9.73 -31.10 5.78
CA HIS B 98 9.62 -30.69 4.39
C HIS B 98 8.17 -30.35 4.07
N ARG B 99 7.98 -29.50 3.06
CA ARG B 99 6.67 -29.16 2.54
C ARG B 99 6.57 -29.58 1.08
N ILE B 100 5.45 -30.19 0.72
CA ILE B 100 5.23 -30.75 -0.61
C ILE B 100 3.86 -30.31 -1.10
N VAL B 101 3.81 -29.74 -2.30
CA VAL B 101 2.55 -29.32 -2.92
C VAL B 101 2.07 -30.46 -3.81
N LEU B 102 0.75 -30.56 -3.95
CA LEU B 102 0.13 -31.54 -4.86
C LEU B 102 -0.23 -30.83 -6.16
N LEU B 103 0.47 -31.18 -7.23
CA LEU B 103 0.27 -30.52 -8.52
C LEU B 103 -0.88 -31.14 -9.32
N GLY B 104 -0.99 -32.46 -9.30
CA GLY B 104 -2.06 -33.11 -10.04
C GLY B 104 -1.79 -34.59 -10.16
N ARG B 105 -2.52 -35.23 -11.07
CA ARG B 105 -2.39 -36.65 -11.34
C ARG B 105 -2.31 -36.88 -12.85
N VAL B 106 -1.72 -38.02 -13.21
CA VAL B 106 -1.74 -38.51 -14.59
C VAL B 106 -2.76 -39.65 -14.64
N VAL B 107 -3.86 -39.44 -15.35
CA VAL B 107 -4.97 -40.38 -15.38
C VAL B 107 -5.23 -40.81 -16.82
N GLN B 108 -6.02 -41.86 -16.96
CA GLN B 108 -6.41 -42.42 -18.25
C GLN B 108 -5.19 -42.83 -19.06
N GLY B 109 -4.99 -42.21 -20.22
CA GLY B 109 -3.90 -42.56 -21.09
C GLY B 109 -2.87 -41.47 -21.27
N GLY B 110 -2.53 -40.77 -20.19
CA GLY B 110 -1.60 -39.67 -20.23
C GLY B 110 -2.21 -38.32 -19.97
N LEU B 111 -3.50 -38.26 -19.65
CA LEU B 111 -4.15 -37.00 -19.33
C LEU B 111 -3.70 -36.51 -17.96
N PHE B 112 -3.47 -35.20 -17.85
CA PHE B 112 -3.10 -34.57 -16.59
C PHE B 112 -4.31 -33.90 -15.98
N ALA B 113 -4.70 -34.35 -14.80
CA ALA B 113 -5.78 -33.70 -14.05
C ALA B 113 -5.17 -32.75 -13.04
N PRO B 114 -5.36 -31.44 -13.17
CA PRO B 114 -4.65 -30.50 -12.30
C PRO B 114 -5.22 -30.45 -10.89
N SER B 115 -4.32 -30.27 -9.94
CA SER B 115 -4.65 -30.09 -8.51
C SER B 115 -5.49 -31.29 -8.05
N THR B 116 -6.34 -31.07 -7.04
CA THR B 116 -7.21 -32.10 -6.52
C THR B 116 -8.28 -31.45 -5.65
N ARG B 117 -9.43 -32.12 -5.56
CA ARG B 117 -10.48 -31.73 -4.64
C ARG B 117 -10.53 -32.59 -3.39
N LEU B 118 -9.81 -33.72 -3.39
CA LEU B 118 -9.70 -34.60 -2.24
C LEU B 118 -8.42 -34.30 -1.49
N LEU B 119 -8.54 -34.08 -0.18
CA LEU B 119 -7.37 -33.83 0.65
C LEU B 119 -7.06 -35.07 1.48
N PRO B 120 -5.84 -35.59 1.40
CA PRO B 120 -5.56 -36.92 1.95
C PRO B 120 -5.43 -36.88 3.47
N PRO B 121 -5.97 -37.87 4.17
CA PRO B 121 -5.67 -38.02 5.59
C PRO B 121 -4.23 -38.43 5.82
N VAL B 122 -3.72 -38.09 7.01
CA VAL B 122 -2.29 -38.26 7.28
C VAL B 122 -1.91 -39.74 7.33
N VAL B 123 -2.79 -40.61 7.83
CA VAL B 123 -2.44 -42.02 8.00
C VAL B 123 -2.40 -42.80 6.69
N GLU B 124 -2.86 -42.22 5.58
CA GLU B 124 -2.92 -42.92 4.31
C GLU B 124 -1.87 -42.47 3.31
N ALA B 125 -1.31 -41.28 3.47
CA ALA B 125 -0.40 -40.73 2.47
C ALA B 125 1.00 -41.28 2.63
N ARG B 126 1.61 -41.65 1.51
CA ARG B 126 3.02 -42.04 1.45
C ARG B 126 3.70 -41.28 0.32
N VAL B 127 4.99 -41.00 0.50
CA VAL B 127 5.79 -40.28 -0.47
C VAL B 127 6.91 -41.19 -0.94
N TYR B 128 7.08 -41.29 -2.26
CA TYR B 128 8.07 -42.16 -2.86
C TYR B 128 8.97 -41.38 -3.79
N ARG B 129 10.21 -41.85 -3.93
CA ARG B 129 11.15 -41.26 -4.87
C ARG B 129 10.88 -41.82 -6.27
N MET B 130 10.76 -40.92 -7.24
CA MET B 130 10.33 -41.34 -8.58
C MET B 130 11.43 -42.07 -9.32
N THR B 131 11.01 -43.04 -10.13
CA THR B 131 11.90 -43.81 -10.99
C THR B 131 12.06 -43.10 -12.34
N GLU B 132 13.14 -43.45 -13.05
CA GLU B 132 13.40 -42.85 -14.36
C GLU B 132 12.26 -43.15 -15.33
N GLU B 133 11.70 -44.36 -15.27
CA GLU B 133 10.58 -44.70 -16.14
C GLU B 133 9.36 -43.85 -15.83
N GLU B 134 9.09 -43.62 -14.54
CA GLU B 134 7.94 -42.78 -14.17
C GLU B 134 8.18 -41.33 -14.54
N LEU B 135 9.42 -40.85 -14.45
CA LEU B 135 9.72 -39.47 -14.81
C LEU B 135 9.56 -39.25 -16.31
N GLN B 136 9.93 -40.24 -17.12
CA GLN B 136 9.76 -40.11 -18.56
C GLN B 136 8.29 -40.01 -18.94
N ARG B 137 7.43 -40.80 -18.28
CA ARG B 137 6.01 -40.74 -18.56
C ARG B 137 5.38 -39.47 -18.00
N LEU B 138 5.98 -38.89 -16.95
CA LEU B 138 5.43 -37.67 -16.38
C LEU B 138 5.67 -36.48 -17.31
N LEU B 139 6.87 -36.36 -17.87
CA LEU B 139 7.18 -35.25 -18.76
C LEU B 139 6.42 -35.34 -20.08
N ALA B 140 5.88 -36.50 -20.41
CA ALA B 140 5.08 -36.68 -21.62
C ALA B 140 3.60 -36.47 -21.39
N ALA B 141 3.18 -36.20 -20.16
CA ALA B 141 1.77 -35.96 -19.88
C ALA B 141 1.34 -34.61 -20.43
N GLU B 142 0.05 -34.49 -20.71
CA GLU B 142 -0.47 -33.29 -21.36
C GLU B 142 -1.94 -33.13 -20.99
N VAL B 143 -2.45 -31.93 -21.21
CA VAL B 143 -3.85 -31.61 -20.94
C VAL B 143 -4.65 -31.79 -22.22
N ARG B 144 -5.62 -32.71 -22.19
CA ARG B 144 -6.61 -32.85 -23.24
C ARG B 144 -7.98 -32.88 -22.60
N THR B 145 -9.03 -32.86 -23.44
CA THR B 145 -10.34 -32.44 -22.95
C THR B 145 -10.91 -33.32 -21.85
N SER B 146 -11.36 -34.53 -22.19
CA SER B 146 -11.77 -35.55 -21.23
C SER B 146 -12.19 -36.81 -21.97
N GLY B 147 -11.95 -37.98 -21.38
CA GLY B 147 -12.41 -39.23 -21.92
C GLY B 147 -12.13 -39.46 -23.40
N SER B 148 -11.18 -38.70 -23.94
CA SER B 148 -10.83 -38.77 -25.35
C SER B 148 -9.56 -39.59 -25.53
N VAL B 149 -9.11 -39.70 -26.78
CA VAL B 149 -7.93 -40.48 -27.12
C VAL B 149 -6.81 -39.52 -27.50
N LYS B 150 -5.58 -39.96 -27.27
CA LYS B 150 -4.42 -39.14 -27.56
C LYS B 150 -4.22 -39.02 -29.07
N ALA B 151 -3.42 -38.03 -29.47
CA ALA B 151 -3.24 -37.74 -30.89
C ALA B 151 -2.39 -38.80 -31.57
N GLU B 152 -1.15 -38.98 -31.12
CA GLU B 152 -0.17 -39.89 -31.72
C GLU B 152 0.21 -39.44 -33.12
N GLY B 153 1.40 -39.79 -33.58
CA GLY B 153 1.84 -39.32 -34.88
C GLY B 153 3.25 -38.82 -34.97
N LYS B 154 3.39 -37.51 -35.23
CA LYS B 154 4.67 -36.92 -35.67
C LYS B 154 5.81 -37.28 -34.74
N ARG B 155 7.00 -37.38 -35.32
CA ARG B 155 8.22 -37.72 -34.60
C ARG B 155 8.59 -36.62 -33.61
N ARG B 156 9.25 -37.01 -32.52
CA ARG B 156 9.69 -36.09 -31.49
C ARG B 156 11.21 -36.14 -31.36
N TYR B 157 11.79 -35.06 -30.85
CA TYR B 157 13.23 -34.92 -30.72
C TYR B 157 13.58 -34.53 -29.29
N ALA B 158 14.77 -34.92 -28.86
CA ALA B 158 15.23 -34.62 -27.51
C ALA B 158 15.78 -33.20 -27.44
N PHE B 159 15.18 -32.37 -26.59
CA PHE B 159 15.59 -30.99 -26.41
C PHE B 159 16.56 -30.80 -25.25
N GLY B 160 16.37 -31.56 -24.17
CA GLY B 160 17.24 -31.49 -23.02
C GLY B 160 16.82 -32.54 -22.02
N HIS B 161 17.58 -32.62 -20.93
CA HIS B 161 17.31 -33.62 -19.90
C HIS B 161 17.07 -32.94 -18.56
N LEU B 162 16.32 -33.62 -17.70
CA LEU B 162 15.90 -33.06 -16.43
C LEU B 162 17.09 -32.84 -15.49
N ALA B 163 17.06 -31.73 -14.76
CA ALA B 163 18.09 -31.42 -13.79
C ALA B 163 17.47 -30.58 -12.68
N TYR B 164 18.09 -30.64 -11.51
CA TYR B 164 17.58 -29.93 -10.34
C TYR B 164 18.61 -28.94 -9.81
N GLY B 165 19.23 -28.19 -10.72
CA GLY B 165 20.26 -27.24 -10.33
C GLY B 165 21.64 -27.69 -10.75
N LEU B 166 22.65 -27.33 -9.96
CA LEU B 166 24.01 -27.81 -10.17
C LEU B 166 24.42 -28.83 -9.12
N GLU B 167 23.47 -29.34 -8.35
CA GLU B 167 23.77 -30.29 -7.29
C GLU B 167 24.12 -31.65 -7.86
N GLU B 168 25.08 -32.32 -7.21
CA GLU B 168 25.40 -33.70 -7.58
C GLU B 168 24.25 -34.62 -7.18
N GLY B 169 23.90 -35.53 -8.08
CA GLY B 169 22.76 -36.40 -7.89
C GLY B 169 21.43 -35.81 -8.26
N GLY B 170 21.38 -34.57 -8.72
CA GLY B 170 20.15 -33.95 -9.16
C GLY B 170 20.05 -33.87 -10.68
N GLU B 171 20.87 -34.65 -11.37
CA GLU B 171 20.92 -34.64 -12.83
C GLU B 171 20.50 -36.00 -13.35
N TYR B 172 19.64 -36.00 -14.36
CA TYR B 172 19.10 -37.23 -14.96
C TYR B 172 19.35 -37.20 -16.46
N PRO B 173 20.49 -37.71 -16.91
CA PRO B 173 20.79 -37.69 -18.36
C PRO B 173 19.80 -38.46 -19.20
N GLU B 174 19.19 -39.52 -18.66
CA GLU B 174 18.30 -40.37 -19.43
C GLU B 174 16.84 -39.93 -19.39
N VAL B 175 16.51 -38.93 -18.59
CA VAL B 175 15.15 -38.40 -18.53
C VAL B 175 15.14 -37.14 -19.39
N VAL B 176 14.82 -37.32 -20.67
CA VAL B 176 14.84 -36.23 -21.62
C VAL B 176 13.41 -35.73 -21.85
N LYS B 177 13.29 -34.51 -22.37
CA LYS B 177 12.01 -33.94 -22.75
C LYS B 177 11.91 -33.96 -24.27
N GLU B 178 10.99 -34.77 -24.79
CA GLU B 178 10.76 -34.82 -26.22
C GLU B 178 9.93 -33.62 -26.66
N VAL B 179 10.36 -32.97 -27.73
CA VAL B 179 9.73 -31.75 -28.22
C VAL B 179 9.33 -31.97 -29.67
N ASP B 180 8.05 -31.75 -29.97
CA ASP B 180 7.59 -31.76 -31.35
C ASP B 180 7.90 -30.42 -31.99
N PRO B 181 8.70 -30.38 -33.07
CA PRO B 181 9.10 -29.08 -33.63
C PRO B 181 7.95 -28.26 -34.18
N ALA B 182 6.73 -28.83 -34.28
CA ALA B 182 5.57 -28.06 -34.70
C ALA B 182 5.18 -27.00 -33.68
N LEU B 183 5.70 -27.06 -32.46
CA LEU B 183 5.43 -26.03 -31.46
C LEU B 183 6.03 -24.69 -31.85
N PHE B 184 6.98 -24.66 -32.78
CA PHE B 184 7.66 -23.43 -33.17
C PHE B 184 7.18 -22.87 -34.51
N VAL B 185 6.32 -23.57 -35.22
CA VAL B 185 5.87 -23.16 -36.55
C VAL B 185 4.59 -22.34 -36.39
N GLY B 186 4.64 -21.08 -36.84
CA GLY B 186 3.48 -20.21 -36.77
C GLY B 186 3.17 -19.65 -35.41
N ARG B 187 4.08 -19.78 -34.45
CA ARG B 187 3.86 -19.36 -33.08
C ARG B 187 5.00 -18.47 -32.62
N ARG B 188 4.84 -17.88 -31.43
CA ARG B 188 5.80 -16.94 -30.88
C ARG B 188 6.61 -17.60 -29.79
N THR B 189 7.93 -17.42 -29.84
CA THR B 189 8.86 -17.98 -28.87
C THR B 189 9.70 -16.87 -28.26
N ALA B 190 9.83 -16.89 -26.94
CA ALA B 190 10.60 -15.89 -26.21
C ALA B 190 11.82 -16.54 -25.56
N ASN B 191 12.96 -15.86 -25.65
CA ASN B 191 14.22 -16.34 -25.09
C ASN B 191 14.75 -15.27 -24.15
N PHE B 192 14.53 -15.45 -22.85
CA PHE B 192 14.94 -14.50 -21.84
C PHE B 192 16.17 -15.01 -21.10
N GLY B 193 16.88 -14.09 -20.47
CA GLY B 193 18.05 -14.40 -19.68
C GLY B 193 19.19 -13.45 -19.95
N LYS B 194 20.15 -13.40 -19.04
CA LYS B 194 21.28 -12.52 -19.15
C LYS B 194 22.24 -12.99 -20.25
N THR B 195 23.11 -12.08 -20.68
CA THR B 195 24.02 -12.37 -21.77
C THR B 195 25.10 -13.36 -21.34
N GLY B 196 25.36 -14.34 -22.20
CA GLY B 196 26.42 -15.29 -21.95
C GLY B 196 26.04 -16.50 -21.12
N PHE B 197 24.75 -16.81 -21.01
CA PHE B 197 24.28 -17.94 -20.22
C PHE B 197 23.68 -19.06 -21.08
N GLY B 198 23.94 -19.04 -22.38
CA GLY B 198 23.53 -20.13 -23.25
C GLY B 198 22.34 -19.83 -24.14
N LYS B 199 22.17 -18.55 -24.50
CA LYS B 199 21.05 -18.18 -25.36
C LYS B 199 21.27 -18.66 -26.79
N SER B 200 22.48 -18.46 -27.33
CA SER B 200 22.72 -18.77 -28.73
C SER B 200 22.75 -20.27 -28.99
N ASN B 201 23.18 -21.06 -28.00
CA ASN B 201 23.24 -22.51 -28.19
C ASN B 201 21.85 -23.10 -28.38
N GLU B 202 20.87 -22.63 -27.59
CA GLU B 202 19.52 -23.16 -27.69
C GLU B 202 18.71 -22.51 -28.80
N ASN B 203 19.18 -21.39 -29.36
CA ASN B 203 18.53 -20.83 -30.54
C ASN B 203 18.90 -21.61 -31.80
N LYS B 204 20.15 -22.07 -31.88
CA LYS B 204 20.58 -22.87 -33.02
C LYS B 204 20.06 -24.30 -32.94
N VAL B 205 19.84 -24.81 -31.73
CA VAL B 205 19.25 -26.14 -31.59
C VAL B 205 17.82 -26.15 -32.11
N ILE B 206 17.06 -25.09 -31.81
CA ILE B 206 15.68 -24.99 -32.29
C ILE B 206 15.66 -24.93 -33.82
N LEU B 207 16.53 -24.10 -34.40
CA LEU B 207 16.53 -23.94 -35.85
C LEU B 207 16.98 -25.21 -36.55
N THR B 208 17.96 -25.93 -35.98
CA THR B 208 18.40 -27.18 -36.58
C THR B 208 17.29 -28.24 -36.53
N LEU B 209 16.55 -28.29 -35.43
CA LEU B 209 15.44 -29.23 -35.34
C LEU B 209 14.34 -28.89 -36.35
N LEU B 210 14.06 -27.60 -36.53
CA LEU B 210 13.04 -27.19 -37.49
C LEU B 210 13.43 -27.55 -38.91
N ALA B 211 14.70 -27.35 -39.27
CA ALA B 211 15.14 -27.65 -40.63
C ALA B 211 15.03 -29.15 -40.93
N HIS B 212 15.37 -30.00 -39.96
CA HIS B 212 15.30 -31.44 -40.18
C HIS B 212 13.86 -31.93 -40.23
N ALA B 213 13.01 -31.45 -39.30
CA ALA B 213 11.65 -31.94 -39.23
C ALA B 213 10.80 -31.42 -40.38
N PHE B 214 10.90 -30.12 -40.68
CA PHE B 214 10.08 -29.48 -41.70
C PHE B 214 10.99 -28.87 -42.77
N PRO B 215 11.25 -29.58 -43.86
CA PRO B 215 12.05 -29.01 -44.95
C PRO B 215 11.29 -28.06 -45.86
N ARG B 216 10.04 -27.76 -45.55
CA ARG B 216 9.19 -26.90 -46.39
C ARG B 216 8.92 -25.56 -45.72
N VAL B 217 9.50 -25.31 -44.56
CA VAL B 217 9.33 -24.05 -43.83
C VAL B 217 10.62 -23.27 -43.92
N GLY B 218 10.53 -22.01 -44.37
CA GLY B 218 11.69 -21.15 -44.49
C GLY B 218 11.98 -20.38 -43.21
N MET B 219 13.05 -19.61 -43.25
CA MET B 219 13.47 -18.79 -42.12
C MET B 219 13.98 -17.45 -42.62
N LEU B 220 13.83 -16.42 -41.78
CA LEU B 220 14.38 -15.10 -42.03
C LEU B 220 15.14 -14.69 -40.78
N ILE B 221 16.45 -14.84 -40.80
CA ILE B 221 17.31 -14.61 -39.64
C ILE B 221 17.95 -13.24 -39.78
N LEU B 222 17.67 -12.35 -38.84
CA LEU B 222 18.25 -11.01 -38.81
C LEU B 222 19.43 -11.06 -37.86
N ASP B 223 20.60 -11.40 -38.39
CA ASP B 223 21.78 -11.68 -37.58
C ASP B 223 22.50 -10.36 -37.28
N GLN B 224 22.28 -9.84 -36.07
CA GLN B 224 22.93 -8.62 -35.63
C GLN B 224 24.32 -8.87 -35.05
N ASN B 225 24.57 -10.07 -34.52
CA ASN B 225 25.84 -10.40 -33.90
C ASN B 225 26.71 -11.29 -34.76
N ALA B 226 26.22 -11.72 -35.93
CA ALA B 226 26.96 -12.60 -36.84
C ALA B 226 27.41 -13.87 -36.13
N GLU B 227 26.41 -14.65 -35.67
CA GLU B 227 26.66 -15.84 -34.86
C GLU B 227 25.82 -17.02 -35.31
N TYR B 228 25.36 -17.05 -36.55
CA TYR B 228 24.47 -18.11 -36.99
C TYR B 228 24.99 -18.90 -38.19
N LEU B 229 25.63 -18.25 -39.15
CA LEU B 229 26.13 -18.97 -40.31
C LEU B 229 27.38 -19.77 -39.96
N LEU B 230 28.45 -19.07 -39.59
CA LEU B 230 29.65 -19.69 -39.04
C LEU B 230 29.84 -19.16 -37.63
N GLN B 231 30.05 -20.07 -36.69
CA GLN B 231 30.10 -19.66 -35.29
C GLN B 231 31.27 -20.31 -34.56
N THR B 232 32.35 -20.63 -35.28
CA THR B 232 33.54 -21.12 -34.59
C THR B 232 34.03 -20.09 -33.58
N GLU B 233 34.31 -18.87 -34.05
CA GLU B 233 34.52 -17.71 -33.17
C GLU B 233 35.54 -18.02 -32.08
N ALA B 234 36.57 -18.79 -32.45
CA ALA B 234 37.62 -19.27 -31.55
C ALA B 234 37.09 -20.28 -30.55
N THR B 235 35.77 -20.50 -30.54
CA THR B 235 35.14 -21.55 -29.76
C THR B 235 34.96 -22.79 -30.66
N THR B 236 34.17 -23.75 -30.19
CA THR B 236 33.93 -24.97 -30.95
C THR B 236 32.47 -25.17 -31.35
N SER B 237 31.58 -24.27 -30.97
CA SER B 237 30.16 -24.45 -31.30
C SER B 237 29.91 -24.14 -32.77
N PRO B 238 29.41 -25.10 -33.54
CA PRO B 238 29.18 -24.84 -34.97
C PRO B 238 27.99 -23.93 -35.21
N GLY B 239 28.00 -23.29 -36.38
CA GLY B 239 26.88 -22.49 -36.84
C GLY B 239 25.90 -23.31 -37.65
N LEU B 240 24.97 -22.60 -38.29
CA LEU B 240 23.95 -23.28 -39.10
C LEU B 240 24.53 -23.84 -40.38
N ALA B 241 25.54 -23.18 -40.96
CA ALA B 241 26.16 -23.70 -42.17
C ALA B 241 26.93 -24.98 -41.89
N GLN B 242 27.59 -25.06 -40.74
CA GLN B 242 28.31 -26.29 -40.39
C GLN B 242 27.33 -27.40 -40.00
N ALA B 243 26.25 -27.04 -39.31
CA ALA B 243 25.24 -28.03 -38.96
C ALA B 243 24.55 -28.59 -40.20
N PHE B 244 24.25 -27.73 -41.17
CA PHE B 244 23.60 -28.19 -42.39
C PHE B 244 24.50 -29.14 -43.18
N LYS B 245 25.80 -28.84 -43.23
CA LYS B 245 26.73 -29.73 -43.93
C LYS B 245 26.78 -31.11 -43.28
N ALA B 246 26.81 -31.15 -41.94
CA ALA B 246 26.83 -32.42 -41.24
C ALA B 246 25.56 -33.22 -41.48
N LEU B 247 24.41 -32.55 -41.49
CA LEU B 247 23.14 -33.23 -41.74
C LEU B 247 22.94 -33.60 -43.20
N GLY B 248 23.78 -33.10 -44.10
CA GLY B 248 23.63 -33.41 -45.51
C GLY B 248 22.62 -32.56 -46.25
N ILE B 249 22.29 -31.38 -45.72
CA ILE B 249 21.31 -30.49 -46.35
C ILE B 249 22.05 -29.57 -47.31
N ARG B 250 21.63 -29.58 -48.58
CA ARG B 250 22.31 -28.85 -49.63
C ARG B 250 21.36 -27.84 -50.27
N GLY B 251 21.88 -26.65 -50.56
CA GLY B 251 21.13 -25.64 -51.28
C GLY B 251 19.93 -25.07 -50.57
N ARG B 252 20.06 -24.78 -49.28
CA ARG B 252 18.98 -24.18 -48.52
C ARG B 252 19.34 -22.86 -47.83
N ILE B 253 20.61 -22.45 -47.88
CA ILE B 253 21.07 -21.25 -47.21
C ILE B 253 21.41 -20.21 -48.27
N ARG B 254 20.85 -19.01 -48.13
CA ARG B 254 21.17 -17.87 -48.97
C ARG B 254 21.65 -16.74 -48.07
N PHE B 255 22.95 -16.46 -48.11
CA PHE B 255 23.58 -15.52 -47.20
C PHE B 255 23.80 -14.18 -47.91
N TYR B 256 23.19 -13.13 -47.39
CA TYR B 256 23.32 -11.78 -47.95
C TYR B 256 24.28 -10.97 -47.10
N THR B 257 25.28 -10.38 -47.74
CA THR B 257 26.28 -9.60 -47.02
C THR B 257 26.94 -8.62 -47.98
N ALA B 258 27.56 -7.59 -47.40
CA ALA B 258 28.34 -6.61 -48.15
C ALA B 258 29.83 -6.88 -48.08
N ARG B 259 30.23 -8.02 -47.52
CA ARG B 259 31.64 -8.41 -47.37
C ARG B 259 31.86 -9.79 -47.97
N GLU B 260 31.42 -9.97 -49.21
CA GLU B 260 31.49 -11.28 -49.87
C GLU B 260 32.90 -11.87 -49.82
N GLU B 261 33.92 -11.05 -50.11
CA GLU B 261 35.29 -11.56 -50.15
C GLU B 261 35.73 -12.07 -48.79
N ALA B 262 35.43 -11.33 -47.72
CA ALA B 262 35.84 -11.74 -46.39
C ALA B 262 35.12 -13.01 -45.95
N TRP B 263 33.83 -13.12 -46.27
CA TRP B 263 33.06 -14.30 -45.85
C TRP B 263 33.37 -15.52 -46.69
N ALA B 264 33.66 -15.34 -47.98
CA ALA B 264 33.99 -16.49 -48.84
C ALA B 264 35.27 -17.16 -48.38
N ARG B 265 36.26 -16.37 -47.91
CA ARG B 265 37.48 -16.96 -47.37
C ARG B 265 37.19 -17.77 -46.12
N ARG B 266 36.34 -17.25 -45.24
CA ARG B 266 36.05 -17.95 -43.99
C ARG B 266 35.19 -19.18 -44.22
N LEU B 267 34.29 -19.14 -45.19
CA LEU B 267 33.51 -20.33 -45.52
C LEU B 267 34.38 -21.43 -46.11
N LYS B 268 35.43 -21.07 -46.86
CA LYS B 268 36.28 -22.07 -47.49
C LYS B 268 37.17 -22.80 -46.48
N GLU B 269 37.45 -22.19 -45.33
CA GLU B 269 38.30 -22.80 -44.32
C GLU B 269 37.51 -23.57 -43.26
N HIS B 270 36.18 -23.61 -43.36
CA HIS B 270 35.35 -24.36 -42.44
C HIS B 270 34.55 -25.46 -43.10
N LEU B 271 33.94 -25.19 -44.26
CA LEU B 271 33.17 -26.19 -44.98
C LEU B 271 33.98 -26.90 -46.07
N GLY B 272 35.20 -26.46 -46.33
CA GLY B 272 36.04 -27.13 -47.32
C GLY B 272 36.02 -26.48 -48.68
N THR B 273 36.19 -27.29 -49.73
CA THR B 273 36.23 -26.78 -51.10
C THR B 273 34.85 -26.78 -51.75
N GLU B 274 33.95 -27.65 -51.31
CA GLU B 274 32.59 -27.73 -51.84
C GLU B 274 31.61 -26.87 -51.06
N TRP B 275 32.08 -25.79 -50.42
CA TRP B 275 31.21 -24.96 -49.60
C TRP B 275 30.12 -24.27 -50.41
N ARG B 276 30.34 -24.05 -51.71
CA ARG B 276 29.32 -23.44 -52.55
C ARG B 276 28.12 -24.34 -52.75
N GLU B 277 28.22 -25.63 -52.39
CA GLU B 277 27.11 -26.56 -52.51
C GLU B 277 26.14 -26.45 -51.34
N TYR B 278 26.50 -25.74 -50.28
CA TYR B 278 25.64 -25.56 -49.11
C TYR B 278 25.24 -24.13 -48.85
N VAL B 279 26.11 -23.16 -49.15
CA VAL B 279 25.87 -21.76 -48.83
C VAL B 279 26.02 -20.93 -50.10
N GLU B 280 25.07 -20.02 -50.33
CA GLU B 280 25.11 -19.10 -51.46
C GLU B 280 25.28 -17.68 -50.93
N VAL B 281 26.29 -16.99 -51.42
CA VAL B 281 26.63 -15.64 -50.97
C VAL B 281 26.11 -14.64 -51.98
N LEU B 282 25.37 -13.63 -51.52
CA LEU B 282 24.73 -12.65 -52.37
C LEU B 282 25.03 -11.24 -51.87
N PRO B 283 25.09 -10.28 -52.78
CA PRO B 283 25.45 -8.91 -52.38
C PRO B 283 24.33 -8.19 -51.66
N LEU B 284 24.72 -7.27 -50.78
CA LEU B 284 23.79 -6.37 -50.10
C LEU B 284 23.90 -4.94 -50.60
N LYS B 285 24.61 -4.71 -51.71
CA LYS B 285 24.83 -3.39 -52.26
C LYS B 285 23.91 -3.15 -53.45
N VAL B 286 23.58 -1.89 -53.70
CA VAL B 286 22.61 -1.50 -54.72
C VAL B 286 23.24 -0.44 -55.61
N ASP B 287 23.08 -0.60 -56.92
CA ASP B 287 23.41 0.46 -57.87
C ASP B 287 22.35 1.55 -57.80
N PHE B 288 22.69 2.68 -57.18
CA PHE B 288 21.68 3.70 -56.91
C PHE B 288 21.23 4.44 -58.16
N TYR B 289 21.92 4.28 -59.28
CA TYR B 289 21.42 4.86 -60.53
C TYR B 289 20.22 4.08 -61.06
N HIS B 290 20.22 2.76 -60.88
CA HIS B 290 19.10 1.94 -61.31
C HIS B 290 17.89 2.09 -60.38
N PHE B 291 18.12 2.38 -59.11
CA PHE B 291 17.04 2.53 -58.13
C PHE B 291 17.20 3.87 -57.41
N PRO B 292 16.92 4.98 -58.10
CA PRO B 292 17.02 6.29 -57.44
C PRO B 292 15.98 6.50 -56.35
N GLU B 293 14.88 5.74 -56.36
CA GLU B 293 13.86 5.91 -55.33
C GLU B 293 14.36 5.42 -53.97
N LEU B 294 15.30 4.48 -53.95
CA LEU B 294 15.91 4.07 -52.69
C LEU B 294 16.85 5.13 -52.15
N ALA B 295 17.56 5.83 -53.04
CA ALA B 295 18.46 6.89 -52.60
C ALA B 295 17.70 8.03 -51.93
N VAL B 296 16.56 8.42 -52.50
CA VAL B 296 15.77 9.49 -51.91
C VAL B 296 15.19 9.07 -50.57
N ALA B 297 14.70 7.83 -50.46
CA ALA B 297 14.11 7.36 -49.22
C ALA B 297 15.15 7.31 -48.09
N LEU B 298 16.37 6.86 -48.39
CA LEU B 298 17.41 6.81 -47.38
C LEU B 298 17.76 8.19 -46.88
N ALA B 299 17.88 9.17 -47.79
CA ALA B 299 18.18 10.53 -47.38
C ALA B 299 16.98 11.21 -46.72
N TYR B 300 15.76 10.76 -47.02
CA TYR B 300 14.57 11.38 -46.45
C TYR B 300 14.36 10.99 -44.99
N GLN B 301 14.82 9.81 -44.59
CA GLN B 301 14.58 9.27 -43.26
C GLN B 301 15.88 9.07 -42.49
N ARG B 302 16.79 10.04 -42.59
CA ARG B 302 18.09 9.93 -41.94
C ARG B 302 17.96 10.44 -40.51
N ARG B 303 19.08 10.70 -39.83
CA ARG B 303 19.10 10.90 -38.39
C ARG B 303 18.19 12.04 -37.95
N ARG B 304 18.32 13.23 -38.55
CA ARG B 304 17.49 14.38 -38.23
C ARG B 304 17.59 14.74 -36.74
N LEU B 305 18.78 15.19 -36.36
CA LEU B 305 19.16 15.51 -34.99
C LEU B 305 18.04 16.21 -34.23
N GLN B 306 17.65 15.62 -33.09
CA GLN B 306 16.68 16.19 -32.16
C GLN B 306 15.39 16.62 -32.86
N GLY B 307 15.21 17.92 -33.04
CA GLY B 307 13.99 18.42 -33.65
C GLY B 307 13.83 17.90 -35.07
N ALA B 308 12.58 17.61 -35.43
CA ALA B 308 12.26 17.06 -36.75
C ALA B 308 12.31 18.17 -37.78
N GLU B 309 13.30 18.11 -38.68
CA GLU B 309 13.48 19.12 -39.72
C GLU B 309 13.64 18.43 -41.08
N PRO B 310 12.56 17.87 -41.62
CA PRO B 310 12.62 17.31 -42.97
C PRO B 310 12.53 18.42 -44.01
N PRO B 311 13.59 18.64 -44.78
CA PRO B 311 13.59 19.75 -45.72
C PRO B 311 12.52 19.58 -46.78
N GLN B 312 11.98 20.71 -47.25
CA GLN B 312 10.86 20.68 -48.19
C GLN B 312 11.28 20.10 -49.54
N TYR B 313 12.51 20.38 -49.98
CA TYR B 313 12.94 19.90 -51.28
C TYR B 313 13.10 18.38 -51.31
N LEU B 314 13.38 17.77 -50.16
CA LEU B 314 13.40 16.31 -50.09
C LEU B 314 12.00 15.72 -50.06
N GLU B 315 11.05 16.42 -49.45
CA GLU B 315 9.67 15.95 -49.44
C GLU B 315 9.08 15.92 -50.85
N ASN B 316 9.38 16.95 -51.65
CA ASN B 316 8.88 16.97 -53.03
C ASN B 316 9.46 15.82 -53.83
N ALA B 317 10.77 15.55 -53.67
CA ALA B 317 11.38 14.45 -54.39
C ALA B 317 10.82 13.11 -53.93
N PHE B 318 10.55 12.96 -52.65
CA PHE B 318 10.06 11.69 -52.12
C PHE B 318 8.69 11.34 -52.71
N TYR B 319 7.81 12.32 -52.84
CA TYR B 319 6.44 12.07 -53.28
C TYR B 319 6.24 12.19 -54.78
N ASN B 320 7.23 12.67 -55.53
CA ASN B 320 7.05 12.96 -56.95
C ASN B 320 8.19 12.46 -57.83
N LEU B 321 9.06 11.59 -57.32
CA LEU B 321 10.15 11.07 -58.15
C LEU B 321 9.63 10.16 -59.24
N GLU B 322 8.56 9.40 -58.98
CA GLU B 322 8.04 8.46 -59.96
C GLU B 322 7.53 9.19 -61.20
N ASP B 323 6.88 10.34 -61.01
CA ASP B 323 6.42 11.11 -62.16
C ASP B 323 7.59 11.70 -62.95
N TRP B 324 8.68 12.05 -62.27
CA TRP B 324 9.84 12.60 -62.96
C TRP B 324 10.50 11.59 -63.89
N LYS B 325 10.28 10.30 -63.66
CA LYS B 325 10.90 9.27 -64.50
C LYS B 325 10.42 9.34 -65.94
N HIS B 326 9.25 9.91 -66.19
CA HIS B 326 8.72 10.03 -67.54
C HIS B 326 9.20 11.26 -68.27
N ILE B 327 9.89 12.18 -67.60
CA ILE B 327 10.43 13.38 -68.21
C ILE B 327 11.96 13.24 -68.20
N PRO B 328 12.59 13.12 -69.37
CA PRO B 328 14.07 13.05 -69.39
C PRO B 328 14.73 14.30 -68.84
N ASP B 329 14.09 15.46 -68.97
CA ASP B 329 14.69 16.70 -68.47
C ASP B 329 14.80 16.68 -66.95
N ARG B 330 13.77 16.17 -66.26
CA ARG B 330 13.82 16.09 -64.80
C ARG B 330 14.87 15.09 -64.34
N MET B 331 14.92 13.91 -64.97
CA MET B 331 15.83 12.86 -64.52
C MET B 331 17.29 13.22 -64.69
N ALA B 332 17.60 14.18 -65.57
CA ALA B 332 18.99 14.62 -65.72
C ALA B 332 19.51 15.25 -64.44
N TYR B 333 18.63 15.90 -63.67
CA TYR B 333 19.05 16.52 -62.41
C TYR B 333 19.27 15.47 -61.32
N VAL B 334 18.42 14.45 -61.27
CA VAL B 334 18.56 13.40 -60.26
C VAL B 334 19.86 12.62 -60.49
N TYR B 335 20.13 12.25 -61.75
CA TYR B 335 21.37 11.55 -62.07
C TYR B 335 22.57 12.45 -61.86
N GLY B 336 22.43 13.74 -62.18
CA GLY B 336 23.51 14.68 -61.94
C GLY B 336 23.79 14.87 -60.46
N ALA B 337 22.74 14.87 -59.64
CA ALA B 337 22.91 15.01 -58.20
C ALA B 337 23.68 13.82 -57.62
N LEU B 338 23.38 12.61 -58.10
CA LEU B 338 24.10 11.43 -57.62
C LEU B 338 25.57 11.50 -58.00
N ARG B 339 25.87 11.92 -59.23
CA ARG B 339 27.27 12.06 -59.65
C ARG B 339 27.96 13.18 -58.88
N LYS B 340 27.24 14.28 -58.64
CA LYS B 340 27.83 15.39 -57.90
C LYS B 340 28.15 15.01 -56.46
N ALA B 341 27.37 14.09 -55.89
CA ALA B 341 27.66 13.62 -54.54
C ALA B 341 28.99 12.87 -54.49
N GLY B 342 29.27 12.05 -55.49
CA GLY B 342 30.50 11.29 -55.54
C GLY B 342 30.31 9.85 -55.94
N LEU B 343 29.06 9.46 -56.19
CA LEU B 343 28.75 8.09 -56.57
C LEU B 343 29.33 7.79 -57.95
N THR B 344 29.89 6.60 -58.10
CA THR B 344 30.53 6.20 -59.34
C THR B 344 29.53 5.50 -60.24
N PRO B 345 29.26 6.01 -61.44
CA PRO B 345 28.35 5.32 -62.35
C PRO B 345 29.07 4.26 -63.17
N ARG B 346 28.29 3.30 -63.67
CA ARG B 346 28.84 2.27 -64.53
C ARG B 346 29.22 2.85 -65.89
N LYS B 347 30.13 2.18 -66.57
CA LYS B 347 30.63 2.67 -67.84
C LYS B 347 29.52 2.66 -68.90
N GLY B 348 29.55 3.67 -69.76
CA GLY B 348 28.57 3.77 -70.84
C GLY B 348 27.26 4.42 -70.47
N LEU B 349 27.13 4.94 -69.25
CA LEU B 349 25.88 5.58 -68.85
C LEU B 349 25.71 6.90 -69.57
N LYS B 350 24.51 7.11 -70.13
CA LYS B 350 24.20 8.32 -70.87
C LYS B 350 22.86 8.87 -70.43
N ILE B 351 22.75 10.20 -70.44
CA ILE B 351 21.52 10.89 -70.10
C ILE B 351 21.11 11.77 -71.29
N LYS B 352 19.89 12.30 -71.22
CA LYS B 352 19.32 13.02 -72.34
C LYS B 352 19.00 14.47 -71.98
N TYR B 353 19.93 15.17 -71.34
CA TYR B 353 19.73 16.58 -71.06
C TYR B 353 19.62 17.35 -72.37
N LYS B 354 18.61 18.23 -72.44
CA LYS B 354 18.25 18.91 -73.68
C LYS B 354 18.06 17.90 -74.79
N ASN B 355 19.00 17.84 -75.74
CA ASN B 355 19.00 16.82 -76.77
C ASN B 355 20.42 16.33 -77.04
N GLU B 356 21.19 16.13 -75.96
CA GLU B 356 22.56 15.64 -76.07
C GLU B 356 22.74 14.43 -75.18
N ASN B 357 23.54 13.47 -75.64
CA ASN B 357 23.82 12.24 -74.91
C ASN B 357 25.18 12.37 -74.22
N TYR B 358 25.16 13.02 -73.06
CA TYR B 358 26.38 13.15 -72.27
C TYR B 358 26.73 11.82 -71.63
N ASP B 359 28.03 11.51 -71.60
CA ASP B 359 28.54 10.29 -70.99
C ASP B 359 29.07 10.65 -69.60
N ILE B 360 28.28 10.35 -68.57
CA ILE B 360 28.68 10.68 -67.21
C ILE B 360 29.91 9.91 -66.78
N SER B 361 30.03 8.66 -67.23
CA SER B 361 31.20 7.86 -66.88
C SER B 361 32.50 8.44 -67.42
N GLU B 362 32.42 9.35 -68.39
CA GLU B 362 33.59 10.00 -68.96
C GLU B 362 33.69 11.42 -68.41
N GLU B 363 34.89 11.78 -67.95
CA GLU B 363 35.06 13.04 -67.22
C GLU B 363 34.93 14.26 -68.11
N LYS B 364 35.31 14.14 -69.40
CA LYS B 364 35.24 15.29 -70.29
C LYS B 364 33.81 15.75 -70.50
N SER B 365 32.92 14.81 -70.84
CA SER B 365 31.52 15.16 -71.10
C SER B 365 30.80 15.54 -69.81
N TRP B 366 31.21 14.98 -68.68
CA TRP B 366 30.59 15.34 -67.41
C TRP B 366 30.84 16.82 -67.08
N GLY B 367 32.06 17.30 -67.33
CA GLY B 367 32.34 18.71 -67.12
C GLY B 367 31.53 19.61 -68.04
N ASN B 368 31.41 19.22 -69.31
CA ASN B 368 30.58 19.97 -70.23
C ASN B 368 29.11 19.93 -69.83
N LEU B 369 28.63 18.75 -69.42
CA LEU B 369 27.25 18.63 -68.94
C LEU B 369 27.04 19.44 -67.67
N GLN B 370 28.02 19.43 -66.77
CA GLN B 370 27.90 20.20 -65.53
C GLN B 370 27.80 21.69 -65.83
N GLU B 371 28.63 22.19 -66.75
CA GLU B 371 28.57 23.59 -67.12
C GLU B 371 27.27 23.92 -67.86
N ALA B 372 26.88 23.07 -68.82
CA ALA B 372 25.66 23.30 -69.57
C ALA B 372 24.42 23.21 -68.69
N MET B 373 24.52 22.56 -67.52
CA MET B 373 23.39 22.50 -66.61
C MET B 373 23.13 23.83 -65.92
N GLU B 374 24.11 24.73 -65.90
CA GLU B 374 23.98 26.00 -65.21
C GLU B 374 24.42 27.21 -66.01
N ASN B 375 24.99 27.04 -67.20
CA ASN B 375 25.33 28.19 -68.04
C ASN B 375 24.11 28.87 -68.63
N ASN B 376 22.93 28.26 -68.54
CA ASN B 376 21.71 28.86 -69.05
C ASN B 376 20.69 29.19 -67.98
N SER B 377 20.63 28.42 -66.90
CA SER B 377 19.63 28.64 -65.85
C SER B 377 20.21 29.47 -64.71
N GLN B 378 20.72 30.65 -65.05
CA GLN B 378 21.10 31.65 -64.05
C GLN B 378 19.97 32.65 -63.83
N ARG B 379 18.78 32.14 -63.54
CA ARG B 379 17.58 32.96 -63.47
C ARG B 379 16.90 32.98 -62.10
N GLY B 380 16.90 31.86 -61.39
CA GLY B 380 16.12 31.78 -60.17
C GLY B 380 14.64 31.96 -60.41
N ASP B 381 14.12 31.38 -61.47
CA ASP B 381 12.74 31.57 -61.91
C ASP B 381 11.96 30.30 -61.62
N ASN B 382 11.34 30.26 -60.43
CA ASN B 382 10.50 29.14 -60.00
C ASN B 382 11.29 27.82 -60.03
N LYS B 383 12.32 27.76 -59.17
CA LYS B 383 13.16 26.58 -59.09
C LYS B 383 12.32 25.36 -58.72
N GLY B 384 12.39 24.33 -59.55
CA GLY B 384 11.58 23.15 -59.37
C GLY B 384 12.17 22.18 -58.37
N GLY B 385 11.43 21.09 -58.13
CA GLY B 385 11.89 20.08 -57.20
C GLY B 385 13.13 19.36 -57.69
N ALA B 386 13.21 19.05 -58.98
CA ALA B 386 14.35 18.31 -59.51
C ALA B 386 15.62 19.16 -59.49
N ARG B 387 15.49 20.45 -59.83
CA ARG B 387 16.67 21.31 -59.88
C ARG B 387 17.24 21.56 -58.50
N GLU B 388 16.40 21.61 -57.47
CA GLU B 388 16.90 21.86 -56.13
C GLU B 388 17.72 20.68 -55.60
N LEU B 389 17.41 19.47 -56.03
CA LEU B 389 18.21 18.31 -55.65
C LEU B 389 19.64 18.43 -56.15
N TYR B 390 19.80 18.89 -57.40
CA TYR B 390 21.14 19.02 -57.96
C TYR B 390 21.98 20.03 -57.19
N SER B 391 21.36 21.14 -56.77
CA SER B 391 22.09 22.13 -55.98
C SER B 391 22.50 21.56 -54.63
N ARG B 392 21.56 20.93 -53.92
CA ARG B 392 21.85 20.30 -52.63
C ARG B 392 22.18 18.82 -52.82
N ALA B 393 23.23 18.57 -53.59
CA ALA B 393 23.66 17.21 -53.89
C ALA B 393 24.55 16.63 -52.81
N LYS B 394 24.87 17.38 -51.75
CA LYS B 394 25.69 16.87 -50.66
C LYS B 394 24.90 15.98 -49.71
N VAL B 395 23.57 15.96 -49.81
CA VAL B 395 22.76 15.11 -48.95
C VAL B 395 22.92 13.64 -49.30
N PHE B 396 23.38 13.33 -50.52
CA PHE B 396 23.53 11.95 -50.97
C PHE B 396 24.95 11.43 -50.79
N SER B 397 25.81 12.18 -50.09
CA SER B 397 27.20 11.75 -49.94
C SER B 397 27.30 10.47 -49.11
N PHE B 398 26.47 10.34 -48.07
CA PHE B 398 26.54 9.18 -47.20
C PHE B 398 26.11 7.89 -47.89
N LEU B 399 25.50 7.98 -49.07
CA LEU B 399 25.15 6.77 -49.82
C LEU B 399 26.35 6.15 -50.50
N ARG B 400 27.51 6.80 -50.47
CA ARG B 400 28.71 6.26 -51.10
C ARG B 400 29.16 4.96 -50.45
N ALA B 401 28.78 4.72 -49.19
CA ALA B 401 29.14 3.49 -48.49
C ALA B 401 28.26 2.31 -48.89
N PHE B 402 27.20 2.54 -49.68
CA PHE B 402 26.26 1.50 -50.02
C PHE B 402 26.12 1.27 -51.52
N HIS B 403 26.85 2.04 -52.34
CA HIS B 403 26.66 2.02 -53.78
C HIS B 403 27.68 1.11 -54.44
N ALA B 404 27.20 0.30 -55.38
CA ALA B 404 28.04 -0.55 -56.19
C ALA B 404 27.57 -0.47 -57.64
N PRO B 405 28.38 0.11 -58.54
CA PRO B 405 27.92 0.30 -59.92
C PRO B 405 27.61 -1.01 -60.63
N GLY B 406 26.55 -1.01 -61.43
CA GLY B 406 26.16 -2.17 -62.20
C GLY B 406 25.76 -3.37 -61.37
N LYS B 407 24.66 -3.25 -60.63
CA LYS B 407 24.15 -4.36 -59.83
C LYS B 407 22.80 -4.86 -60.35
N GLU B 408 21.79 -3.98 -60.41
CA GLU B 408 20.44 -4.35 -60.87
C GLU B 408 19.93 -5.58 -60.13
N ALA B 409 20.07 -5.56 -58.80
CA ALA B 409 19.71 -6.69 -57.96
C ALA B 409 18.48 -6.40 -57.11
N ASN B 410 18.51 -5.36 -56.29
CA ASN B 410 17.42 -5.02 -55.38
C ASN B 410 17.06 -6.22 -54.51
N PHE B 411 18.02 -6.57 -53.64
CA PHE B 411 17.89 -7.74 -52.77
C PHE B 411 16.57 -7.78 -52.01
N LEU B 412 15.89 -6.64 -51.86
CA LEU B 412 14.58 -6.65 -51.23
C LEU B 412 13.58 -7.47 -52.04
N GLU B 413 13.61 -7.34 -53.36
CA GLU B 413 12.74 -8.14 -54.22
C GLU B 413 13.24 -9.58 -54.33
N THR B 414 14.55 -9.79 -54.21
CA THR B 414 15.09 -11.15 -54.30
C THR B 414 14.73 -11.96 -53.06
N ILE B 415 14.76 -11.34 -51.88
CA ILE B 415 14.42 -12.05 -50.65
C ILE B 415 12.93 -12.40 -50.63
N LYS B 416 12.09 -11.51 -51.14
CA LYS B 416 10.65 -11.78 -51.18
C LYS B 416 10.34 -12.99 -52.05
N GLU B 417 11.02 -13.10 -53.19
CA GLU B 417 10.81 -14.27 -54.05
C GLU B 417 11.31 -15.55 -53.39
N ASP B 418 12.37 -15.45 -52.58
CA ASP B 418 12.90 -16.63 -51.89
C ASP B 418 11.89 -17.20 -50.91
N LEU B 419 11.18 -16.33 -50.18
CA LEU B 419 10.32 -16.76 -49.09
C LEU B 419 8.87 -16.96 -49.53
N LEU B 420 8.36 -16.11 -50.42
CA LEU B 420 6.95 -16.15 -50.80
C LEU B 420 6.76 -16.20 -52.31
N GLY B 421 7.78 -16.63 -53.06
CA GLY B 421 7.66 -16.66 -54.50
C GLY B 421 6.71 -17.73 -54.99
N GLU B 422 6.19 -17.51 -56.20
CA GLU B 422 5.24 -18.46 -56.79
C GLU B 422 5.93 -19.77 -57.15
N LYS B 423 7.08 -19.69 -57.83
CA LYS B 423 7.78 -20.91 -58.22
C LYS B 423 8.45 -21.59 -57.03
N THR B 424 8.77 -20.83 -55.99
CA THR B 424 9.31 -21.39 -54.76
C THR B 424 8.21 -21.73 -53.76
N GLU B 425 7.21 -22.49 -54.22
CA GLU B 425 6.09 -22.90 -53.38
C GLU B 425 6.57 -24.03 -52.48
N GLY B 426 7.14 -23.66 -51.34
CA GLY B 426 7.68 -24.64 -50.43
C GLY B 426 9.17 -24.82 -50.55
N GLU B 427 9.65 -26.06 -50.34
CA GLU B 427 11.03 -26.49 -50.51
C GLU B 427 11.99 -25.79 -49.55
N GLY B 428 11.47 -24.89 -48.72
CA GLY B 428 12.27 -24.25 -47.69
C GLY B 428 13.30 -23.27 -48.22
N LYS B 429 13.65 -22.27 -47.41
CA LYS B 429 14.72 -21.34 -47.75
C LYS B 429 15.14 -20.61 -46.49
N VAL B 430 16.39 -20.82 -46.07
CA VAL B 430 16.94 -20.17 -44.89
C VAL B 430 17.72 -18.95 -45.36
N VAL B 431 17.17 -17.76 -45.12
CA VAL B 431 17.77 -16.50 -45.54
C VAL B 431 18.44 -15.87 -44.32
N ILE B 432 19.74 -15.60 -44.42
CA ILE B 432 20.52 -15.01 -43.35
C ILE B 432 21.08 -13.68 -43.83
N LEU B 433 20.84 -12.61 -43.07
CA LEU B 433 21.29 -11.28 -43.40
C LEU B 433 22.43 -10.87 -42.48
N ASP B 434 23.48 -10.30 -43.06
CA ASP B 434 24.61 -9.76 -42.28
C ASP B 434 24.29 -8.30 -42.00
N LEU B 435 23.53 -8.07 -40.92
CA LEU B 435 23.11 -6.71 -40.59
C LEU B 435 24.27 -5.75 -40.31
N PRO B 436 25.32 -6.11 -39.57
CA PRO B 436 26.40 -5.14 -39.32
C PRO B 436 27.06 -4.62 -40.58
N SER B 437 27.05 -5.38 -41.68
CA SER B 437 27.65 -4.93 -42.91
C SER B 437 26.88 -3.79 -43.57
N LEU B 438 25.67 -3.50 -43.11
CA LEU B 438 24.84 -2.44 -43.67
C LEU B 438 24.99 -1.12 -42.94
N GLY B 439 25.90 -1.03 -41.96
CA GLY B 439 26.18 0.23 -41.31
C GLY B 439 24.94 0.85 -40.69
N GLU B 440 24.68 2.11 -41.02
CA GLU B 440 23.54 2.84 -40.50
C GLU B 440 22.28 2.65 -41.33
N ALA B 441 22.35 1.91 -42.43
CA ALA B 441 21.18 1.63 -43.26
C ALA B 441 20.50 0.32 -42.89
N ALA B 442 20.99 -0.39 -41.88
CA ALA B 442 20.40 -1.66 -41.50
C ALA B 442 18.97 -1.48 -40.99
N ASP B 443 18.74 -0.43 -40.19
CA ASP B 443 17.40 -0.20 -39.66
C ASP B 443 16.41 0.16 -40.76
N PHE B 444 16.86 0.91 -41.78
CA PHE B 444 15.99 1.27 -42.89
C PHE B 444 15.59 0.03 -43.69
N PHE B 445 16.55 -0.82 -44.01
CA PHE B 445 16.27 -1.96 -44.87
C PHE B 445 15.51 -3.07 -44.16
N THR B 446 15.77 -3.25 -42.86
CA THR B 446 15.04 -4.27 -42.11
C THR B 446 13.56 -3.94 -41.99
N LEU B 447 13.24 -2.66 -41.75
CA LEU B 447 11.84 -2.27 -41.63
C LEU B 447 11.15 -2.27 -42.98
N ARG B 448 11.86 -1.89 -44.03
CA ARG B 448 11.27 -1.92 -45.37
C ARG B 448 11.04 -3.36 -45.84
N LEU B 449 11.96 -4.26 -45.51
CA LEU B 449 11.79 -5.67 -45.88
C LEU B 449 10.61 -6.29 -45.15
N MET B 450 10.45 -6.00 -43.86
CA MET B 450 9.35 -6.58 -43.10
C MET B 450 8.00 -6.10 -43.63
N ASP B 451 7.89 -4.82 -43.97
CA ASP B 451 6.65 -4.32 -44.57
C ASP B 451 6.39 -4.98 -45.92
N LEU B 452 7.46 -5.20 -46.70
CA LEU B 452 7.30 -5.84 -48.00
C LEU B 452 6.79 -7.27 -47.87
N LEU B 453 7.31 -8.01 -46.90
CA LEU B 453 6.91 -9.41 -46.72
C LEU B 453 5.54 -9.54 -46.08
N PHE B 454 5.13 -8.57 -45.25
CA PHE B 454 3.83 -8.67 -44.59
C PHE B 454 2.70 -8.37 -45.56
N ASP B 455 2.90 -7.45 -46.50
CA ASP B 455 1.87 -7.14 -47.48
C ASP B 455 1.62 -8.31 -48.41
N ARG B 456 2.67 -9.03 -48.79
CA ARG B 456 2.51 -10.19 -49.66
C ARG B 456 1.79 -11.32 -48.95
N ALA B 457 2.06 -11.50 -47.65
CA ALA B 457 1.42 -12.58 -46.91
C ALA B 457 -0.09 -12.39 -46.81
N VAL B 458 -0.55 -11.13 -46.78
CA VAL B 458 -1.98 -10.88 -46.78
C VAL B 458 -2.58 -11.24 -48.13
N GLU B 459 -1.85 -10.95 -49.22
CA GLU B 459 -2.35 -11.27 -50.55
C GLU B 459 -2.55 -12.76 -50.74
N LEU B 460 -1.78 -13.59 -50.04
CA LEU B 460 -1.88 -15.03 -50.16
C LEU B 460 -2.94 -15.63 -49.25
N TYR B 461 -3.62 -14.83 -48.45
CA TYR B 461 -4.66 -15.34 -47.57
C TYR B 461 -5.76 -16.00 -48.38
N GLY B 462 -6.18 -17.19 -47.94
CA GLY B 462 -7.17 -17.97 -48.65
C GLY B 462 -6.61 -18.90 -49.71
N LYS B 463 -5.36 -18.69 -50.12
CA LYS B 463 -4.69 -19.55 -51.09
C LYS B 463 -3.64 -20.44 -50.43
N ARG B 464 -2.72 -19.84 -49.68
CA ARG B 464 -1.66 -20.59 -48.99
C ARG B 464 -1.16 -19.74 -47.83
N GLN B 465 -0.42 -20.39 -46.94
CA GLN B 465 0.17 -19.72 -45.79
C GLN B 465 1.62 -19.33 -46.10
N ALA B 466 2.10 -18.33 -45.36
CA ALA B 466 3.44 -17.80 -45.59
C ALA B 466 4.51 -18.86 -45.31
N ASN B 467 4.41 -19.52 -44.16
CA ASN B 467 5.27 -20.65 -43.79
C ASN B 467 6.74 -20.24 -43.74
N PHE B 468 7.04 -19.27 -42.88
CA PHE B 468 8.42 -18.94 -42.57
C PHE B 468 8.49 -18.32 -41.18
N LEU B 469 9.69 -18.31 -40.61
CA LEU B 469 9.93 -17.86 -39.24
C LEU B 469 10.84 -16.64 -39.26
N VAL B 470 10.59 -15.72 -38.33
CA VAL B 470 11.39 -14.51 -38.18
C VAL B 470 12.18 -14.62 -36.90
N VAL B 471 13.50 -14.47 -37.00
CA VAL B 471 14.40 -14.54 -35.86
C VAL B 471 14.91 -13.13 -35.59
N LEU B 472 14.60 -12.61 -34.40
CA LEU B 472 14.88 -11.23 -34.05
C LEU B 472 15.66 -11.18 -32.75
N GLU B 473 16.81 -10.51 -32.76
CA GLU B 473 17.62 -10.30 -31.57
C GLU B 473 17.42 -8.88 -31.04
N GLU B 474 17.53 -8.73 -29.73
CA GLU B 474 17.29 -7.47 -29.04
C GLU B 474 15.90 -6.94 -29.40
N ALA B 475 14.90 -7.79 -29.17
CA ALA B 475 13.53 -7.52 -29.62
C ALA B 475 12.92 -6.31 -28.94
N HIS B 476 13.44 -5.89 -27.78
CA HIS B 476 12.86 -4.74 -27.08
C HIS B 476 13.01 -3.44 -27.88
N ASN B 477 13.97 -3.38 -28.80
CA ASN B 477 14.10 -2.19 -29.64
C ASN B 477 12.95 -2.08 -30.64
N PHE B 478 12.51 -3.21 -31.20
CA PHE B 478 11.54 -3.21 -32.27
C PHE B 478 10.11 -3.41 -31.81
N LEU B 479 9.89 -3.94 -30.62
CA LEU B 479 8.55 -4.24 -30.13
C LEU B 479 7.98 -3.14 -29.24
N GLU B 480 8.70 -2.04 -29.04
CA GLU B 480 8.23 -1.01 -28.12
C GLU B 480 7.10 -0.16 -28.71
N ASP B 481 7.11 0.08 -30.02
CA ASP B 481 6.13 0.95 -30.65
C ASP B 481 4.96 0.13 -31.15
N LYS B 482 3.74 0.56 -30.80
CA LYS B 482 2.54 -0.16 -31.20
C LYS B 482 2.31 -0.09 -32.70
N ALA B 483 2.76 0.98 -33.35
CA ALA B 483 2.56 1.16 -34.78
C ALA B 483 3.71 0.59 -35.61
N GLY B 484 4.73 0.02 -34.98
CA GLY B 484 5.82 -0.57 -35.73
C GLY B 484 5.40 -1.85 -36.43
N ILE B 485 6.17 -2.19 -37.47
CA ILE B 485 5.83 -3.37 -38.26
C ILE B 485 6.06 -4.65 -37.47
N PHE B 486 7.15 -4.69 -36.68
CA PHE B 486 7.44 -5.90 -35.91
C PHE B 486 6.41 -6.13 -34.81
N TYR B 487 5.85 -5.05 -34.26
CA TYR B 487 4.75 -5.21 -33.31
C TYR B 487 3.51 -5.78 -33.98
N ARG B 488 3.21 -5.33 -35.20
CA ARG B 488 2.06 -5.87 -35.92
C ARG B 488 2.29 -7.31 -36.35
N VAL B 489 3.52 -7.65 -36.72
CA VAL B 489 3.83 -9.03 -37.10
C VAL B 489 3.65 -9.96 -35.92
N ALA B 490 4.13 -9.55 -34.74
CA ALA B 490 3.96 -10.38 -33.55
C ALA B 490 2.49 -10.51 -33.18
N LYS B 491 1.73 -9.43 -33.27
CA LYS B 491 0.34 -9.45 -32.82
C LYS B 491 -0.56 -10.20 -33.79
N GLU B 492 -0.38 -9.98 -35.10
CA GLU B 492 -1.31 -10.50 -36.09
C GLU B 492 -0.66 -11.48 -37.08
N GLY B 493 0.55 -11.94 -36.80
CA GLY B 493 1.24 -12.83 -37.73
C GLY B 493 0.72 -14.25 -37.73
N ARG B 494 0.06 -14.68 -36.65
CA ARG B 494 -0.45 -16.04 -36.59
C ARG B 494 -1.58 -16.29 -37.59
N LYS B 495 -2.26 -15.23 -38.04
CA LYS B 495 -3.34 -15.39 -38.99
C LYS B 495 -2.85 -15.77 -40.38
N TYR B 496 -1.59 -15.46 -40.70
CA TYR B 496 -1.03 -15.72 -42.03
C TYR B 496 0.11 -16.72 -42.00
N GLY B 497 0.34 -17.39 -40.87
CA GLY B 497 1.37 -18.40 -40.80
C GLY B 497 2.79 -17.87 -40.67
N ILE B 498 2.99 -16.78 -39.93
CA ILE B 498 4.30 -16.21 -39.68
C ILE B 498 4.60 -16.33 -38.20
N GLY B 499 5.69 -17.02 -37.87
CA GLY B 499 6.12 -17.16 -36.49
C GLY B 499 7.27 -16.22 -36.18
N MET B 500 7.49 -16.00 -34.88
CA MET B 500 8.55 -15.12 -34.43
C MET B 500 9.28 -15.75 -33.26
N LEU B 501 10.60 -15.85 -33.38
CA LEU B 501 11.48 -16.26 -32.29
C LEU B 501 12.32 -15.04 -31.92
N TYR B 502 11.93 -14.36 -30.85
CA TYR B 502 12.55 -13.10 -30.45
C TYR B 502 13.26 -13.29 -29.11
N SER B 503 14.49 -12.78 -29.02
CA SER B 503 15.30 -12.89 -27.83
C SER B 503 15.57 -11.52 -27.23
N THR B 504 15.53 -11.45 -25.91
CA THR B 504 15.89 -10.24 -25.19
C THR B 504 16.37 -10.63 -23.81
N GLN B 505 17.10 -9.72 -23.17
CA GLN B 505 17.66 -9.97 -21.84
C GLN B 505 16.74 -9.49 -20.73
N SER B 506 15.97 -8.43 -20.96
CA SER B 506 15.06 -7.92 -19.95
C SER B 506 13.62 -8.20 -20.36
N PRO B 507 12.94 -9.14 -19.72
CA PRO B 507 11.51 -9.36 -20.04
C PRO B 507 10.62 -8.16 -19.73
N ALA B 508 11.06 -7.25 -18.86
CA ALA B 508 10.27 -6.10 -18.46
C ALA B 508 10.22 -5.01 -19.53
N SER B 509 11.04 -5.13 -20.58
CA SER B 509 11.03 -4.15 -21.67
C SER B 509 10.05 -4.52 -22.77
N ILE B 510 9.41 -5.68 -22.70
CA ILE B 510 8.44 -6.13 -23.69
C ILE B 510 7.05 -5.70 -23.22
N PRO B 511 6.21 -5.14 -24.08
CA PRO B 511 4.85 -4.79 -23.66
C PRO B 511 4.08 -6.02 -23.20
N MET B 512 3.18 -5.82 -22.24
CA MET B 512 2.43 -6.93 -21.68
C MET B 512 1.46 -7.54 -22.68
N GLU B 513 1.03 -6.76 -23.68
CA GLU B 513 0.18 -7.31 -24.73
C GLU B 513 0.93 -8.35 -25.55
N ILE B 514 2.19 -8.08 -25.86
CA ILE B 514 3.00 -9.05 -26.60
C ILE B 514 3.32 -10.26 -25.72
N LEU B 515 3.64 -10.02 -24.44
CA LEU B 515 4.03 -11.11 -23.56
C LEU B 515 2.87 -12.08 -23.32
N SER B 516 1.65 -11.55 -23.15
CA SER B 516 0.50 -12.41 -22.89
C SER B 516 0.06 -13.20 -24.11
N GLN B 517 0.61 -12.91 -25.30
CA GLN B 517 0.28 -13.64 -26.51
C GLN B 517 1.34 -14.67 -26.88
N THR B 518 2.51 -14.64 -26.23
CA THR B 518 3.55 -15.62 -26.51
C THR B 518 3.16 -16.99 -26.00
N GLU B 519 3.56 -18.02 -26.73
CA GLU B 519 3.22 -19.40 -26.39
C GLU B 519 4.38 -20.13 -25.71
N ASN B 520 5.58 -20.06 -26.28
CA ASN B 520 6.73 -20.80 -25.78
C ASN B 520 7.65 -19.87 -25.00
N PHE B 521 8.09 -20.31 -23.83
CA PHE B 521 8.97 -19.54 -22.96
C PHE B 521 10.20 -20.37 -22.63
N LEU B 522 11.38 -19.77 -22.80
CA LEU B 522 12.65 -20.40 -22.44
C LEU B 522 13.43 -19.37 -21.62
N VAL B 523 13.42 -19.51 -20.30
CA VAL B 523 13.92 -18.49 -19.39
C VAL B 523 15.20 -18.97 -18.74
N LYS B 524 16.23 -18.13 -18.76
CA LYS B 524 17.48 -18.35 -18.08
C LYS B 524 17.60 -17.38 -16.90
N HIS B 525 18.78 -17.34 -16.29
CA HIS B 525 19.00 -16.57 -15.07
C HIS B 525 18.63 -15.10 -15.27
N LEU B 526 17.83 -14.57 -14.34
CA LEU B 526 17.47 -13.16 -14.30
C LEU B 526 17.79 -12.62 -12.91
N SER B 527 18.55 -11.52 -12.86
CA SER B 527 19.04 -10.98 -11.60
C SER B 527 18.26 -9.76 -11.13
N SER B 528 17.15 -9.43 -11.78
CA SER B 528 16.38 -8.24 -11.45
C SER B 528 15.01 -8.61 -10.91
N GLU B 529 14.56 -7.87 -9.89
CA GLU B 529 13.29 -8.17 -9.25
C GLU B 529 12.12 -7.96 -10.21
N GLU B 530 12.14 -6.85 -10.96
CA GLU B 530 11.01 -6.54 -11.84
C GLU B 530 11.01 -7.40 -13.10
N ASP B 531 12.14 -7.99 -13.46
CA ASP B 531 12.15 -8.93 -14.58
C ASP B 531 11.40 -10.21 -14.21
N VAL B 532 11.64 -10.74 -13.01
CA VAL B 532 10.92 -11.92 -12.56
C VAL B 532 9.47 -11.59 -12.26
N LYS B 533 9.22 -10.39 -11.71
CA LYS B 533 7.85 -10.01 -11.35
C LYS B 533 6.96 -9.91 -12.59
N VAL B 534 7.48 -9.34 -13.67
CA VAL B 534 6.71 -9.26 -14.91
C VAL B 534 6.47 -10.65 -15.49
N LEU B 535 7.45 -11.55 -15.34
CA LEU B 535 7.29 -12.92 -15.81
C LEU B 535 6.15 -13.63 -15.08
N LYS B 536 6.06 -13.45 -13.77
CA LYS B 536 5.00 -14.10 -13.00
C LYS B 536 3.63 -13.53 -13.36
N ARG B 537 3.56 -12.23 -13.68
CA ARG B 537 2.29 -11.62 -14.01
C ARG B 537 1.70 -12.22 -15.28
N ALA B 538 2.53 -12.42 -16.31
CA ALA B 538 2.03 -12.94 -17.58
C ALA B 538 1.64 -14.42 -17.45
N LYS B 539 2.50 -15.22 -16.84
CA LYS B 539 2.29 -16.67 -16.73
C LYS B 539 2.35 -17.07 -15.26
N ALA B 540 1.23 -17.53 -14.73
CA ALA B 540 1.18 -17.97 -13.33
C ALA B 540 2.11 -19.13 -13.00
N PRO B 541 2.25 -20.18 -13.82
CA PRO B 541 3.09 -21.32 -13.42
C PRO B 541 4.55 -20.97 -13.16
N PHE B 542 5.02 -19.83 -13.63
CA PHE B 542 6.40 -19.42 -13.39
C PHE B 542 6.64 -18.92 -11.97
N ALA B 543 5.61 -18.91 -11.12
CA ALA B 543 5.77 -18.49 -9.74
C ALA B 543 6.38 -19.56 -8.85
N PHE B 544 6.47 -20.81 -9.32
CA PHE B 544 7.08 -21.88 -8.57
C PHE B 544 8.60 -21.91 -8.70
N VAL B 545 9.17 -21.12 -9.63
CA VAL B 545 10.60 -21.15 -9.89
C VAL B 545 11.15 -19.73 -9.85
N ALA B 546 10.36 -18.80 -9.30
CA ALA B 546 10.78 -17.40 -9.28
C ALA B 546 12.00 -17.19 -8.38
N ASP B 547 12.03 -17.85 -7.22
CA ASP B 547 13.14 -17.67 -6.31
C ASP B 547 14.41 -18.33 -6.83
N PHE B 548 14.28 -19.44 -7.57
CA PHE B 548 15.45 -20.11 -8.13
C PHE B 548 16.14 -19.24 -9.16
N LEU B 549 15.38 -18.52 -9.98
CA LEU B 549 15.96 -17.72 -11.05
C LEU B 549 16.80 -16.59 -10.50
N LEU B 550 16.37 -15.97 -9.39
CA LEU B 550 17.05 -14.79 -8.87
C LEU B 550 18.41 -15.13 -8.26
N SER B 551 18.57 -16.33 -7.69
CA SER B 551 19.72 -16.64 -6.88
C SER B 551 20.73 -17.59 -7.53
N GLU B 552 20.40 -18.20 -8.66
CA GLU B 552 21.25 -19.23 -9.26
C GLU B 552 21.64 -18.85 -10.69
N PRO B 553 22.79 -18.19 -10.88
CA PRO B 553 23.37 -17.99 -12.22
C PRO B 553 24.10 -19.23 -12.74
N ILE B 554 23.34 -20.16 -13.32
CA ILE B 554 23.89 -21.39 -13.89
C ILE B 554 23.86 -21.29 -15.40
N ILE B 555 25.00 -21.59 -16.03
CA ILE B 555 25.13 -21.48 -17.48
C ILE B 555 24.60 -22.75 -18.12
N GLY B 556 23.70 -22.59 -19.10
CA GLY B 556 23.09 -23.71 -19.78
C GLY B 556 21.83 -24.24 -19.13
N TYR B 557 21.40 -23.65 -18.01
CA TYR B 557 20.22 -24.08 -17.30
C TYR B 557 19.04 -23.21 -17.71
N SER B 558 17.95 -23.84 -18.13
CA SER B 558 16.80 -23.11 -18.66
C SER B 558 15.51 -23.73 -18.15
N TYR B 559 14.50 -22.89 -18.01
CA TYR B 559 13.14 -23.32 -17.65
C TYR B 559 12.25 -23.14 -18.86
N VAL B 560 11.59 -24.21 -19.29
CA VAL B 560 10.80 -24.20 -20.50
C VAL B 560 9.32 -24.36 -20.16
N TYR B 561 8.47 -23.76 -20.99
CA TYR B 561 7.03 -23.83 -20.82
C TYR B 561 6.39 -23.58 -22.17
N PHE B 562 5.71 -24.59 -22.71
CA PHE B 562 5.06 -24.51 -24.02
C PHE B 562 3.55 -24.50 -23.82
N GLU B 563 2.93 -23.36 -24.10
CA GLU B 563 1.48 -23.23 -23.97
C GLU B 563 0.78 -24.00 -25.08
N PRO B 564 -0.50 -24.36 -24.87
CA PRO B 564 -1.34 -24.13 -23.70
C PRO B 564 -1.61 -25.37 -22.85
N TYR B 565 -1.00 -26.51 -23.15
CA TYR B 565 -1.34 -27.77 -22.48
C TYR B 565 -0.21 -28.36 -21.67
N GLN B 566 0.85 -27.61 -21.42
CA GLN B 566 1.91 -28.10 -20.53
C GLN B 566 1.51 -27.90 -19.08
N PRO B 567 1.50 -28.95 -18.26
CA PRO B 567 1.05 -28.81 -16.87
C PRO B 567 1.88 -27.84 -16.03
N PHE B 568 3.19 -28.07 -15.95
CA PHE B 568 4.06 -27.28 -15.08
C PHE B 568 5.37 -26.98 -15.79
N VAL B 569 6.06 -25.96 -15.27
CA VAL B 569 7.34 -25.55 -15.84
C VAL B 569 8.41 -26.56 -15.47
N VAL B 570 9.19 -26.99 -16.44
CA VAL B 570 10.17 -28.06 -16.29
C VAL B 570 11.57 -27.46 -16.40
N PRO B 571 12.47 -27.71 -15.45
CA PRO B 571 13.86 -27.25 -15.59
C PRO B 571 14.68 -28.23 -16.43
N LEU B 572 15.43 -27.69 -17.39
CA LEU B 572 16.18 -28.50 -18.33
C LEU B 572 17.61 -28.01 -18.45
N ARG B 573 18.51 -28.93 -18.76
CA ARG B 573 19.85 -28.62 -19.26
C ARG B 573 19.84 -28.88 -20.75
N VAL B 574 19.81 -27.80 -21.53
CA VAL B 574 19.62 -27.92 -22.98
C VAL B 574 20.83 -28.62 -23.59
N LYS B 575 20.57 -29.52 -24.55
CA LYS B 575 21.64 -30.25 -25.22
C LYS B 575 22.46 -29.31 -26.09
N LEU B 576 23.76 -29.61 -26.18
CA LEU B 576 24.63 -28.85 -27.06
C LEU B 576 24.41 -29.24 -28.51
N LEU B 577 24.76 -28.33 -29.41
CA LEU B 577 24.58 -28.58 -30.84
C LEU B 577 25.47 -29.71 -31.33
N GLU B 578 26.65 -29.88 -30.72
CA GLU B 578 27.53 -30.97 -31.12
C GLU B 578 26.89 -32.33 -30.89
N HIS B 579 26.22 -32.50 -29.74
CA HIS B 579 25.59 -33.78 -29.44
C HIS B 579 24.31 -34.00 -30.22
N VAL B 580 23.57 -32.93 -30.54
CA VAL B 580 22.36 -33.06 -31.33
C VAL B 580 22.68 -33.57 -32.73
N LEU B 581 23.75 -33.04 -33.33
CA LEU B 581 24.15 -33.49 -34.67
C LEU B 581 24.53 -34.96 -34.66
N LYS B 582 25.26 -35.40 -33.63
CA LYS B 582 25.63 -36.81 -33.53
C LYS B 582 24.43 -37.72 -33.30
N SER B 583 23.35 -37.19 -32.73
CA SER B 583 22.14 -37.99 -32.56
C SER B 583 21.35 -38.10 -33.86
N LEU B 584 21.37 -37.06 -34.69
CA LEU B 584 20.56 -37.02 -35.90
C LEU B 584 21.24 -37.67 -37.11
N ASP B 585 22.50 -38.07 -37.00
CA ASP B 585 23.18 -38.67 -38.14
C ASP B 585 22.90 -40.17 -38.27
N SER B 586 22.16 -40.76 -37.33
CA SER B 586 21.83 -42.18 -37.39
C SER B 586 20.69 -42.42 -38.38
N ASP C 15 -23.13 -24.57 54.95
CA ASP C 15 -22.92 -24.04 53.60
C ASP C 15 -21.77 -23.04 53.59
N PHE C 16 -22.12 -21.76 53.72
CA PHE C 16 -21.14 -20.69 53.76
C PHE C 16 -20.53 -20.55 55.14
N LEU C 17 -19.90 -19.41 55.42
CA LEU C 17 -19.15 -19.16 56.65
C LEU C 17 -19.87 -19.71 57.88
N ASP C 18 -21.07 -19.20 58.16
CA ASP C 18 -21.97 -19.74 59.17
C ASP C 18 -21.30 -19.86 60.54
N ASP C 19 -20.88 -18.71 61.07
CA ASP C 19 -20.38 -18.59 62.44
C ASP C 19 -19.19 -19.52 62.67
N LEU C 20 -18.09 -19.19 62.00
CA LEU C 20 -16.87 -20.01 62.07
C LEU C 20 -16.40 -20.19 63.51
N ARG C 21 -16.64 -19.21 64.38
CA ARG C 21 -16.38 -19.29 65.81
C ARG C 21 -14.90 -19.30 66.15
N LEU C 22 -14.53 -18.64 67.25
CA LEU C 22 -13.16 -18.63 67.73
C LEU C 22 -13.17 -18.79 69.25
N ASP C 23 -12.07 -19.31 69.79
CA ASP C 23 -11.92 -19.46 71.23
C ASP C 23 -10.83 -18.56 71.79
N HIS C 24 -9.59 -18.72 71.33
CA HIS C 24 -8.50 -17.83 71.72
C HIS C 24 -7.30 -17.99 70.80
N TYR C 25 -6.88 -16.91 70.15
CA TYR C 25 -5.68 -16.89 69.34
C TYR C 25 -4.63 -15.91 69.86
N GLN C 26 -4.89 -15.22 70.96
CA GLN C 26 -3.92 -14.29 71.51
C GLN C 26 -2.69 -15.00 72.08
N ASP C 27 -2.83 -16.27 72.46
CA ASP C 27 -1.69 -17.01 73.00
C ASP C 27 -0.67 -17.33 71.92
N LEU C 28 -1.12 -17.57 70.69
CA LEU C 28 -0.22 -18.04 69.64
C LEU C 28 0.83 -16.98 69.29
N LEU C 29 0.38 -15.75 69.01
CA LEU C 29 1.34 -14.69 68.69
C LEU C 29 2.06 -14.18 69.93
N ARG C 30 1.50 -14.40 71.13
CA ARG C 30 2.23 -14.09 72.35
C ARG C 30 3.48 -14.96 72.46
N GLU C 31 3.36 -16.26 72.15
CA GLU C 31 4.53 -17.10 72.06
C GLU C 31 5.43 -16.66 70.90
N LEU C 32 4.84 -16.44 69.71
CA LEU C 32 5.63 -16.09 68.54
C LEU C 32 6.42 -14.80 68.75
N ASP C 33 5.88 -13.88 69.56
CA ASP C 33 6.60 -12.65 69.85
C ASP C 33 7.88 -12.92 70.63
N GLU C 34 7.84 -13.83 71.61
CA GLU C 34 9.00 -14.05 72.47
C GLU C 34 9.99 -15.04 71.90
N LEU C 35 9.59 -15.88 70.93
CA LEU C 35 10.57 -16.65 70.18
C LEU C 35 11.51 -15.74 69.41
N TYR C 36 10.98 -14.69 68.78
CA TYR C 36 11.83 -13.76 68.06
C TYR C 36 12.78 -13.02 68.99
N GLN C 37 12.30 -12.66 70.18
CA GLN C 37 13.16 -11.97 71.14
C GLN C 37 14.31 -12.85 71.59
N LYS C 38 14.05 -14.16 71.79
CA LYS C 38 15.13 -15.07 72.16
C LYS C 38 16.17 -15.19 71.05
N LEU C 39 15.74 -15.14 69.79
CA LEU C 39 16.70 -15.17 68.69
C LEU C 39 17.59 -13.94 68.71
N LYS C 40 17.04 -12.78 69.06
CA LYS C 40 17.83 -11.56 69.16
C LYS C 40 18.84 -11.61 70.29
N GLN C 41 18.65 -12.52 71.26
CA GLN C 41 19.57 -12.61 72.39
C GLN C 41 20.98 -13.01 71.94
N GLU C 42 21.07 -13.99 71.03
CA GLU C 42 22.37 -14.44 70.57
C GLU C 42 23.00 -13.41 69.63
N ARG C 43 24.31 -13.25 69.74
CA ARG C 43 25.02 -12.31 68.89
C ARG C 43 25.12 -12.85 67.47
N GLN C 44 24.94 -11.95 66.50
CA GLN C 44 25.03 -12.30 65.08
C GLN C 44 26.47 -12.13 64.64
N VAL C 45 27.23 -13.23 64.68
CA VAL C 45 28.62 -13.21 64.22
C VAL C 45 28.61 -13.03 62.71
N PRO C 46 29.21 -11.96 62.19
CA PRO C 46 29.14 -11.70 60.75
C PRO C 46 30.17 -12.52 59.98
N LEU C 47 29.86 -12.75 58.71
CA LEU C 47 30.79 -13.40 57.79
C LEU C 47 31.83 -12.36 57.38
N HIS C 48 32.91 -12.31 58.15
CA HIS C 48 33.99 -11.38 57.86
C HIS C 48 34.62 -11.68 56.50
N GLY C 49 34.98 -10.63 55.78
CA GLY C 49 35.59 -10.81 54.47
C GLY C 49 36.92 -11.52 54.53
N ASP C 50 37.69 -11.29 55.60
CA ASP C 50 38.97 -11.93 55.78
C ASP C 50 38.82 -13.20 56.60
N GLY C 51 39.73 -14.14 56.37
CA GLY C 51 39.73 -15.40 57.08
C GLY C 51 40.33 -16.50 56.22
N GLU C 52 40.14 -17.73 56.69
CA GLU C 52 40.64 -18.92 56.01
C GLU C 52 39.48 -19.87 55.71
N ALA C 53 39.54 -20.51 54.56
CA ALA C 53 38.48 -21.42 54.13
C ALA C 53 39.08 -22.72 53.60
N TYR C 54 38.36 -23.85 53.85
CA TYR C 54 38.77 -25.15 53.33
C TYR C 54 38.22 -25.36 51.92
N PRO C 55 38.91 -26.17 51.12
CA PRO C 55 38.30 -26.64 49.87
C PRO C 55 37.11 -27.55 50.16
N LEU C 56 36.16 -27.56 49.23
CA LEU C 56 34.91 -28.28 49.41
C LEU C 56 34.86 -29.54 48.55
N LEU C 57 34.14 -30.53 49.04
CA LEU C 57 33.87 -31.77 48.32
C LEU C 57 32.40 -32.12 48.54
N THR C 58 31.60 -31.95 47.49
CA THR C 58 30.15 -32.04 47.59
C THR C 58 29.66 -33.41 47.12
N LEU C 59 28.70 -33.97 47.85
CA LEU C 59 28.12 -35.27 47.55
C LEU C 59 26.66 -35.09 47.17
N THR C 60 26.26 -35.68 46.02
CA THR C 60 24.90 -35.58 45.55
C THR C 60 24.43 -36.93 45.00
N VAL C 61 23.12 -37.16 45.11
CA VAL C 61 22.48 -38.33 44.50
C VAL C 61 21.53 -37.84 43.42
N ASP C 62 20.53 -37.06 43.82
CA ASP C 62 19.69 -36.29 42.89
C ASP C 62 18.99 -37.21 41.88
N GLY C 63 18.04 -37.99 42.40
CA GLY C 63 17.22 -38.81 41.54
C GLY C 63 17.21 -40.29 41.87
N GLY C 64 17.48 -40.64 43.12
CA GLY C 64 17.39 -42.04 43.52
C GLY C 64 16.02 -42.62 43.27
N GLU C 65 14.97 -41.87 43.65
CA GLU C 65 13.61 -42.25 43.29
C GLU C 65 13.25 -41.75 41.90
N GLY C 66 13.59 -40.50 41.59
CA GLY C 66 13.39 -39.93 40.27
C GLY C 66 11.94 -39.95 39.80
N ARG C 67 11.65 -40.78 38.81
CA ARG C 67 10.32 -40.90 38.24
C ARG C 67 9.46 -41.94 38.96
N ALA C 68 9.82 -42.29 40.20
CA ALA C 68 9.11 -43.31 40.96
C ALA C 68 8.99 -44.61 40.16
N PHE C 69 7.81 -45.23 40.18
CA PHE C 69 7.57 -46.44 39.43
C PHE C 69 6.36 -46.34 38.51
N GLU C 70 5.56 -45.28 38.61
CA GLU C 70 4.31 -45.21 37.84
C GLU C 70 4.58 -45.04 36.35
N GLU C 71 5.45 -44.10 35.98
CA GLU C 71 5.78 -43.88 34.58
C GLU C 71 6.97 -44.70 34.10
N LEU C 72 7.76 -45.23 35.01
CA LEU C 72 8.85 -46.13 34.66
C LEU C 72 8.30 -47.49 34.27
N PRO C 73 9.11 -48.31 33.59
CA PRO C 73 8.63 -49.66 33.21
C PRO C 73 8.28 -50.55 34.38
N LEU C 74 8.50 -50.11 35.62
CA LEU C 74 8.19 -50.81 36.86
C LEU C 74 9.10 -52.02 37.08
N LEU C 75 9.96 -52.34 36.11
CA LEU C 75 10.93 -53.41 36.26
C LEU C 75 12.32 -52.87 35.95
N SER C 76 13.30 -53.31 36.74
CA SER C 76 14.68 -52.85 36.63
C SER C 76 14.76 -51.32 36.71
N PHE C 77 13.98 -50.74 37.61
CA PHE C 77 13.87 -49.29 37.74
C PHE C 77 15.10 -48.76 38.47
N GLY C 78 16.24 -48.84 37.79
CA GLY C 78 17.48 -48.36 38.34
C GLY C 78 17.72 -46.90 38.06
N LEU C 79 17.42 -46.04 39.02
CA LEU C 79 17.62 -44.60 38.88
C LEU C 79 18.65 -44.05 39.85
N VAL C 80 19.24 -44.89 40.69
CA VAL C 80 20.23 -44.41 41.65
C VAL C 80 21.49 -43.99 40.92
N ARG C 81 21.97 -42.78 41.20
CA ARG C 81 23.18 -42.24 40.59
C ARG C 81 23.83 -41.31 41.60
N VAL C 82 24.78 -41.85 42.36
CA VAL C 82 25.50 -41.10 43.38
C VAL C 82 26.84 -40.67 42.81
N ALA C 83 27.16 -39.38 42.94
CA ALA C 83 28.38 -38.82 42.38
C ALA C 83 28.92 -37.77 43.35
N ALA C 84 29.96 -37.07 42.90
CA ALA C 84 30.60 -36.04 43.72
C ALA C 84 31.35 -35.08 42.80
N VAL C 85 31.82 -33.99 43.39
CA VAL C 85 32.62 -33.00 42.67
C VAL C 85 33.63 -32.39 43.64
N GLY C 86 34.79 -32.04 43.10
CA GLY C 86 35.84 -31.43 43.90
C GLY C 86 36.49 -30.25 43.21
N VAL C 87 36.61 -29.14 43.94
CA VAL C 87 37.20 -27.90 43.43
C VAL C 87 36.50 -27.51 42.13
N LYS C 88 37.12 -27.84 41.00
CA LYS C 88 36.50 -27.60 39.69
C LYS C 88 36.51 -28.86 38.85
N GLY C 89 37.55 -29.69 38.99
CA GLY C 89 37.68 -30.89 38.21
C GLY C 89 38.26 -32.07 38.99
N PHE C 90 38.22 -31.98 40.31
CA PHE C 90 38.68 -33.06 41.18
C PHE C 90 37.57 -34.07 41.47
N ARG C 91 36.55 -34.14 40.62
CA ARG C 91 35.43 -35.03 40.86
C ARG C 91 35.85 -36.49 40.76
N LEU C 92 35.29 -37.31 41.64
CA LEU C 92 35.55 -38.74 41.66
C LEU C 92 34.60 -39.45 40.71
N PRO C 93 34.95 -40.67 40.28
CA PRO C 93 34.04 -41.42 39.40
C PRO C 93 32.69 -41.65 40.04
N SER C 94 31.64 -41.54 39.24
CA SER C 94 30.28 -41.70 39.72
C SER C 94 29.91 -43.18 39.80
N ILE C 95 28.83 -43.46 40.51
CA ILE C 95 28.32 -44.81 40.71
C ILE C 95 26.89 -44.87 40.21
N ALA C 96 26.61 -45.87 39.36
CA ALA C 96 25.29 -46.07 38.79
C ALA C 96 24.76 -47.44 39.19
N HIS C 97 24.82 -47.73 40.50
CA HIS C 97 24.55 -49.04 41.07
C HIS C 97 23.34 -49.71 40.42
N LEU C 98 23.50 -51.00 40.11
CA LEU C 98 22.44 -51.77 39.49
C LEU C 98 21.29 -51.97 40.46
N LEU C 99 20.06 -51.98 39.93
CA LEU C 99 18.86 -52.09 40.74
C LEU C 99 17.82 -52.89 39.97
N PRO C 100 17.64 -54.18 40.29
CA PRO C 100 16.69 -55.02 39.54
C PRO C 100 15.24 -54.63 39.81
N GLY C 101 14.32 -55.38 39.20
CA GLY C 101 12.91 -55.09 39.33
C GLY C 101 12.31 -55.64 40.61
N TYR C 102 10.99 -55.51 40.72
CA TYR C 102 10.28 -56.00 41.88
C TYR C 102 10.40 -57.50 42.04
N GLU C 103 10.53 -58.23 40.93
CA GLU C 103 10.51 -59.69 40.98
C GLU C 103 11.73 -60.24 41.71
N VAL C 104 12.92 -59.73 41.38
CA VAL C 104 14.14 -60.27 41.96
C VAL C 104 14.22 -59.97 43.45
N LEU C 105 13.77 -58.78 43.85
CA LEU C 105 13.79 -58.37 45.25
C LEU C 105 12.45 -58.58 45.95
N ARG C 106 11.66 -59.56 45.48
CA ARG C 106 10.42 -59.91 46.17
C ARG C 106 10.68 -60.29 47.62
N ASP C 107 11.82 -60.93 47.89
CA ASP C 107 12.32 -61.08 49.24
C ASP C 107 13.40 -60.02 49.45
N PRO C 108 13.04 -58.84 49.99
CA PRO C 108 13.99 -57.73 50.05
C PRO C 108 15.26 -58.04 50.82
N LYS C 109 15.16 -58.83 51.89
CA LYS C 109 16.36 -59.21 52.64
C LYS C 109 17.26 -60.10 51.81
N GLY C 110 16.68 -61.03 51.04
CA GLY C 110 17.48 -61.95 50.26
C GLY C 110 18.29 -61.27 49.17
N TYR C 111 17.71 -60.24 48.54
CA TYR C 111 18.42 -59.55 47.46
C TYR C 111 19.70 -58.89 47.95
N LEU C 112 19.64 -58.24 49.11
CA LEU C 112 20.82 -57.58 49.64
C LEU C 112 21.90 -58.61 50.00
N GLU C 113 21.49 -59.74 50.57
CA GLU C 113 22.46 -60.77 50.94
C GLU C 113 23.17 -61.32 49.72
N GLY C 114 22.44 -61.52 48.62
CA GLY C 114 23.05 -61.98 47.38
C GLY C 114 24.03 -61.00 46.77
N LEU C 115 23.96 -59.73 47.18
CA LEU C 115 24.91 -58.72 46.72
C LEU C 115 26.00 -58.47 47.74
N LEU C 116 25.69 -58.55 49.03
CA LEU C 116 26.69 -58.33 50.07
C LEU C 116 27.64 -59.53 50.18
N GLU C 117 27.10 -60.75 50.10
CA GLU C 117 27.88 -61.96 50.30
C GLU C 117 28.37 -62.57 48.99
N ARG C 118 28.16 -61.91 47.85
CA ARG C 118 28.65 -62.43 46.58
C ARG C 118 30.17 -62.40 46.56
N SER C 119 30.75 -63.44 45.97
CA SER C 119 32.21 -63.53 45.90
C SER C 119 32.80 -62.38 45.08
N GLU C 120 32.17 -62.03 43.97
CA GLU C 120 32.60 -60.91 43.14
C GLU C 120 31.71 -59.71 43.46
N GLU C 121 32.34 -58.61 43.89
CA GLU C 121 31.63 -57.39 44.25
C GLU C 121 31.90 -56.33 43.20
N SER C 122 30.83 -55.74 42.67
CA SER C 122 30.94 -54.62 41.76
C SER C 122 31.44 -53.40 42.53
N PRO C 123 32.02 -52.41 41.84
CA PRO C 123 32.41 -51.17 42.52
C PRO C 123 31.28 -50.55 43.32
N ALA C 124 30.04 -50.59 42.81
CA ALA C 124 28.90 -50.18 43.61
C ALA C 124 28.70 -51.10 44.80
N ALA C 125 28.82 -52.41 44.59
CA ALA C 125 28.72 -53.35 45.70
C ALA C 125 29.91 -53.25 46.63
N ASP C 126 31.10 -52.99 46.08
CA ASP C 126 32.29 -52.82 46.92
C ASP C 126 32.16 -51.61 47.82
N ALA C 127 31.56 -50.52 47.30
CA ALA C 127 31.36 -49.33 48.13
C ALA C 127 30.45 -49.63 49.31
N LEU C 128 29.38 -50.38 49.08
CA LEU C 128 28.52 -50.79 50.19
C LEU C 128 29.25 -51.79 51.10
N LYS C 129 30.03 -52.69 50.51
CA LYS C 129 30.78 -53.65 51.31
C LYS C 129 31.82 -52.95 52.18
N THR C 130 32.54 -51.98 51.60
CA THR C 130 33.53 -51.24 52.37
C THR C 130 32.88 -50.45 53.50
N PHE C 131 31.71 -49.87 53.24
CA PHE C 131 30.99 -49.16 54.28
C PHE C 131 30.62 -50.09 55.43
N PHE C 132 30.14 -51.29 55.12
CA PHE C 132 29.79 -52.25 56.16
C PHE C 132 31.02 -52.67 56.96
N ARG C 133 32.14 -52.91 56.27
CA ARG C 133 33.34 -53.35 56.96
C ARG C 133 34.05 -52.21 57.71
N ALA C 134 33.88 -50.97 57.26
CA ALA C 134 34.61 -49.87 57.88
C ALA C 134 34.04 -49.51 59.25
N THR C 135 32.71 -49.46 59.37
CA THR C 135 32.06 -49.07 60.61
C THR C 135 31.27 -50.19 61.26
N GLY C 136 31.30 -51.39 60.71
CA GLY C 136 30.63 -52.53 61.31
C GLY C 136 29.12 -52.41 61.39
N ILE C 137 28.50 -51.99 60.29
CA ILE C 137 27.04 -51.88 60.22
C ILE C 137 26.49 -53.20 59.69
N SER C 138 25.58 -53.80 60.44
CA SER C 138 24.94 -55.05 60.07
C SER C 138 23.53 -54.81 59.56
N LEU C 139 22.92 -55.87 59.02
CA LEU C 139 21.55 -55.76 58.52
C LEU C 139 20.55 -55.52 59.63
N GLU C 140 20.83 -56.02 60.84
CA GLU C 140 19.93 -55.77 61.97
C GLU C 140 19.89 -54.30 62.33
N ASP C 141 20.99 -53.58 62.13
CA ASP C 141 21.02 -52.14 62.41
C ASP C 141 20.08 -51.38 61.48
N LEU C 142 19.87 -51.86 60.25
CA LEU C 142 18.97 -51.19 59.32
C LEU C 142 17.54 -51.20 59.84
N GLY C 143 17.10 -52.31 60.42
CA GLY C 143 15.76 -52.40 60.96
C GLY C 143 14.81 -53.19 60.09
N GLU C 144 13.59 -52.68 59.92
CA GLU C 144 12.57 -53.40 59.17
C GLU C 144 11.74 -52.49 58.26
N TYR C 145 12.14 -51.24 58.04
CA TYR C 145 11.34 -50.34 57.23
C TYR C 145 11.41 -50.70 55.75
N TYR C 146 12.60 -51.02 55.25
CA TYR C 146 12.75 -51.33 53.84
C TYR C 146 12.06 -52.63 53.44
N THR C 147 11.70 -53.47 54.40
CA THR C 147 10.98 -54.69 54.11
C THR C 147 9.47 -54.49 53.99
N LYS C 148 8.96 -53.32 54.36
CA LYS C 148 7.53 -53.10 54.36
C LYS C 148 6.99 -52.92 52.93
N ASP C 149 7.70 -52.16 52.10
CA ASP C 149 7.17 -51.81 50.78
C ASP C 149 8.29 -51.58 49.80
N LEU C 150 7.93 -51.65 48.51
CA LEU C 150 8.88 -51.32 47.44
C LEU C 150 9.30 -49.85 47.52
N ARG C 151 8.33 -48.95 47.79
CA ARG C 151 8.69 -47.56 48.02
C ARG C 151 9.58 -47.41 49.23
N ALA C 152 9.28 -48.13 50.31
CA ALA C 152 10.10 -48.07 51.51
C ALA C 152 11.48 -48.67 51.28
N PHE C 153 11.59 -49.66 50.40
CA PHE C 153 12.90 -50.22 50.06
C PHE C 153 13.79 -49.16 49.41
N MET C 154 13.22 -48.34 48.54
CA MET C 154 13.99 -47.26 47.91
C MET C 154 14.23 -46.10 48.87
N GLY C 155 13.49 -46.04 49.98
CA GLY C 155 13.62 -44.90 50.88
C GLY C 155 14.99 -44.82 51.55
N ILE C 156 15.52 -45.96 51.99
CA ILE C 156 16.80 -45.97 52.69
C ILE C 156 17.95 -46.46 51.82
N PHE C 157 17.65 -47.09 50.67
CA PHE C 157 18.72 -47.50 49.77
C PHE C 157 19.44 -46.28 49.20
N ARG C 158 18.69 -45.22 48.87
CA ARG C 158 19.32 -43.98 48.45
C ARG C 158 20.18 -43.37 49.55
N ASP C 159 19.83 -43.64 50.82
CA ASP C 159 20.58 -43.07 51.93
C ASP C 159 21.87 -43.85 52.18
N VAL C 160 21.78 -45.18 52.24
CA VAL C 160 22.97 -45.98 52.54
C VAL C 160 23.97 -45.87 51.39
N LEU C 161 23.49 -45.79 50.15
CA LEU C 161 24.39 -45.57 49.03
C LEU C 161 25.10 -44.24 49.15
N GLU C 162 24.37 -43.19 49.53
CA GLU C 162 24.99 -41.91 49.80
C GLU C 162 25.93 -41.99 51.00
N TRP C 163 25.51 -42.69 52.07
CA TRP C 163 26.37 -42.86 53.23
C TRP C 163 27.60 -43.69 52.88
N ALA C 164 27.43 -44.75 52.10
CA ALA C 164 28.57 -45.57 51.69
C ALA C 164 29.52 -44.80 50.79
N TYR C 165 28.98 -44.03 49.84
CA TYR C 165 29.82 -43.28 48.92
C TYR C 165 30.70 -42.28 49.67
N LEU C 166 30.18 -41.69 50.76
CA LEU C 166 30.99 -40.80 51.57
C LEU C 166 32.17 -41.55 52.20
N VAL C 167 31.91 -42.73 52.75
CA VAL C 167 32.99 -43.54 53.31
C VAL C 167 33.89 -44.06 52.20
N TRP C 168 33.30 -44.42 51.05
CA TRP C 168 34.08 -45.00 49.95
C TRP C 168 35.18 -44.05 49.48
N GLY C 169 34.96 -42.74 49.57
CA GLY C 169 35.99 -41.80 49.19
C GLY C 169 37.00 -41.50 50.28
N VAL C 170 36.62 -41.71 51.55
CA VAL C 170 37.51 -41.38 52.66
C VAL C 170 38.68 -42.36 52.72
N GLU C 171 38.40 -43.66 52.61
CA GLU C 171 39.40 -44.69 52.89
C GLU C 171 40.00 -45.31 51.63
N LYS C 172 39.52 -44.95 50.45
CA LYS C 172 39.99 -45.58 49.22
C LYS C 172 40.58 -44.60 48.22
N VAL C 173 40.01 -43.39 48.12
CA VAL C 173 40.48 -42.42 47.14
C VAL C 173 41.31 -41.35 47.84
N LEU C 174 40.97 -41.06 49.09
CA LEU C 174 41.66 -40.04 49.87
C LEU C 174 42.73 -40.61 50.79
N GLN C 175 42.45 -41.75 51.43
CA GLN C 175 43.39 -42.40 52.35
C GLN C 175 43.81 -41.45 53.47
N GLU C 176 44.96 -40.79 53.29
CA GLU C 176 45.47 -39.87 54.30
C GLU C 176 44.90 -38.46 54.15
N SER C 177 44.32 -38.13 53.00
CA SER C 177 43.97 -36.76 52.65
C SER C 177 42.60 -36.32 53.18
N TYR C 178 42.04 -36.96 54.21
CA TYR C 178 40.77 -36.50 54.75
C TYR C 178 40.97 -35.50 55.89
N LYS C 179 41.83 -34.50 55.65
CA LYS C 179 42.15 -33.53 56.67
C LYS C 179 42.18 -32.10 56.19
N ASP C 180 42.18 -31.84 54.89
CA ASP C 180 42.22 -30.49 54.35
C ASP C 180 41.01 -30.19 53.46
N TYR C 181 39.94 -30.96 53.58
CA TYR C 181 38.73 -30.78 52.78
C TYR C 181 37.51 -30.78 53.69
N LEU C 182 36.56 -29.92 53.37
CA LEU C 182 35.28 -29.89 54.06
C LEU C 182 34.25 -30.64 53.23
N PHE C 183 33.59 -31.61 53.86
CA PHE C 183 32.62 -32.46 53.17
C PHE C 183 31.23 -31.86 53.32
N ILE C 184 30.58 -31.58 52.20
CA ILE C 184 29.25 -31.00 52.16
C ILE C 184 28.28 -32.05 51.63
N LYS C 185 27.25 -32.37 52.42
CA LYS C 185 26.24 -33.34 52.05
C LYS C 185 24.90 -32.64 51.90
N ASP C 186 24.22 -32.90 50.78
CA ASP C 186 22.89 -32.34 50.58
C ASP C 186 21.90 -32.95 51.57
N GLY C 187 21.02 -32.11 52.11
CA GLY C 187 20.04 -32.55 53.07
C GLY C 187 20.54 -32.50 54.49
N ARG C 188 19.62 -32.76 55.42
CA ARG C 188 19.93 -32.70 56.85
C ARG C 188 20.82 -33.85 57.26
N LEU C 189 21.56 -33.64 58.36
CA LEU C 189 22.39 -34.68 58.96
C LEU C 189 21.53 -35.54 59.89
N ALA C 190 20.56 -36.22 59.28
CA ALA C 190 19.66 -37.09 60.00
C ALA C 190 19.25 -38.25 59.10
N GLN C 191 18.89 -39.37 59.74
CA GLN C 191 18.46 -40.55 59.02
C GLN C 191 17.23 -41.14 59.70
N LEU C 192 16.21 -41.45 58.92
CA LEU C 192 14.97 -42.02 59.43
C LEU C 192 14.75 -43.40 58.83
N GLY C 193 14.12 -44.27 59.62
CA GLY C 193 13.84 -45.63 59.19
C GLY C 193 14.85 -46.67 59.63
N VAL C 194 15.77 -46.32 60.53
CA VAL C 194 16.79 -47.25 61.01
C VAL C 194 16.81 -47.20 62.54
N ARG C 195 17.40 -48.24 63.12
CA ARG C 195 17.49 -48.33 64.58
C ARG C 195 18.49 -47.30 65.10
N GLU C 196 18.50 -47.15 66.43
CA GLU C 196 19.45 -46.26 67.08
C GLU C 196 20.89 -46.74 66.93
N SER C 197 21.10 -48.04 66.66
CA SER C 197 22.44 -48.55 66.47
C SER C 197 23.10 -47.93 65.25
N PHE C 198 22.34 -47.75 64.16
CA PHE C 198 22.89 -47.14 62.96
C PHE C 198 23.33 -45.71 63.22
N ARG C 199 22.53 -44.95 63.96
CA ARG C 199 22.89 -43.56 64.26
C ARG C 199 24.05 -43.49 65.24
N SER C 200 24.01 -44.31 66.29
CA SER C 200 25.07 -44.27 67.30
C SER C 200 26.42 -44.72 66.73
N LYS C 201 26.42 -45.83 65.98
CA LYS C 201 27.67 -46.33 65.42
C LYS C 201 28.28 -45.34 64.42
N LEU C 202 27.44 -44.75 63.58
CA LEU C 202 27.93 -43.78 62.60
C LEU C 202 28.46 -42.53 63.27
N GLN C 203 27.81 -42.07 64.34
CA GLN C 203 28.21 -40.84 64.99
C GLN C 203 29.61 -40.95 65.59
N ASN C 204 29.87 -42.02 66.34
CA ASN C 204 31.17 -42.18 66.98
C ASN C 204 32.27 -42.49 65.97
N TYR C 205 31.92 -43.08 64.82
CA TYR C 205 32.91 -43.34 63.79
C TYR C 205 33.51 -42.06 63.24
N PHE C 206 32.67 -41.04 63.03
CA PHE C 206 33.18 -39.74 62.57
C PHE C 206 34.03 -39.07 63.64
N ALA C 207 33.62 -39.19 64.91
CA ALA C 207 34.38 -38.56 65.98
C ALA C 207 35.78 -39.14 66.09
N ARG C 208 35.92 -40.45 65.86
CA ARG C 208 37.24 -41.07 65.89
C ARG C 208 38.15 -40.50 64.81
N LYS C 209 37.61 -40.31 63.60
CA LYS C 209 38.38 -39.76 62.51
C LYS C 209 38.36 -38.23 62.46
N HIS C 210 37.53 -37.59 63.29
CA HIS C 210 37.40 -36.14 63.31
C HIS C 210 37.11 -35.58 61.92
N LEU C 211 36.21 -36.25 61.21
CA LEU C 211 35.86 -35.83 59.86
C LEU C 211 35.08 -34.52 59.89
N LEU C 212 35.40 -33.63 58.95
CA LEU C 212 34.67 -32.39 58.78
C LEU C 212 33.48 -32.64 57.86
N LEU C 213 32.29 -32.29 58.34
CA LEU C 213 31.07 -32.60 57.59
C LEU C 213 30.01 -31.55 57.94
N ALA C 214 29.17 -31.25 56.96
CA ALA C 214 28.10 -30.27 57.13
C ALA C 214 26.93 -30.64 56.23
N GLY C 215 25.76 -30.83 56.84
CA GLY C 215 24.57 -31.16 56.09
C GLY C 215 23.80 -29.94 55.62
N VAL C 216 24.33 -29.24 54.61
CA VAL C 216 23.69 -28.05 54.09
C VAL C 216 22.36 -28.43 53.46
N THR C 217 21.29 -27.73 53.84
CA THR C 217 19.96 -28.01 53.34
C THR C 217 19.42 -26.88 52.47
N LYS C 218 19.32 -25.66 53.01
CA LYS C 218 18.81 -24.49 52.31
C LYS C 218 17.35 -24.70 51.89
N ARG C 219 16.76 -25.82 52.29
CA ARG C 219 15.41 -26.20 51.85
C ARG C 219 14.40 -25.47 52.72
N SER C 220 13.73 -24.46 52.16
CA SER C 220 12.73 -23.68 52.87
C SER C 220 11.35 -24.34 52.68
N ARG C 221 11.26 -25.58 53.12
CA ARG C 221 10.01 -26.32 53.07
C ARG C 221 9.13 -25.94 54.25
N LEU C 222 7.81 -25.99 54.01
CA LEU C 222 6.86 -25.64 55.06
C LEU C 222 6.38 -26.84 55.85
N LEU C 223 6.37 -28.02 55.24
CA LEU C 223 5.99 -29.25 55.94
C LEU C 223 6.94 -29.52 57.09
N ALA C 224 8.21 -29.78 56.77
CA ALA C 224 9.24 -29.81 57.80
C ALA C 224 9.57 -28.38 58.23
N GLU C 225 10.05 -28.24 59.46
CA GLU C 225 10.42 -26.94 60.02
C GLU C 225 9.20 -26.00 60.01
N GLY C 226 8.25 -26.33 60.87
CA GLY C 226 6.95 -25.68 60.86
C GLY C 226 6.95 -24.38 61.63
N LEU C 227 6.20 -24.31 62.74
CA LEU C 227 6.08 -23.07 63.50
C LEU C 227 7.43 -22.43 63.81
N THR C 228 8.53 -23.20 63.75
CA THR C 228 9.86 -22.59 63.87
C THR C 228 10.14 -21.66 62.70
N SER C 229 9.73 -22.06 61.49
CA SER C 229 9.98 -21.23 60.31
C SER C 229 9.25 -19.89 60.39
N LEU C 230 8.12 -19.85 61.09
CA LEU C 230 7.39 -18.59 61.26
C LEU C 230 8.16 -17.61 62.14
N VAL C 231 9.20 -18.05 62.83
CA VAL C 231 10.03 -17.18 63.65
C VAL C 231 11.37 -16.98 62.96
N MET C 232 11.84 -18.03 62.26
CA MET C 232 13.10 -17.91 61.53
C MET C 232 13.01 -16.86 60.44
N ALA C 233 11.86 -16.78 59.75
CA ALA C 233 11.70 -15.82 58.67
C ALA C 233 11.78 -14.38 59.18
N ARG C 234 11.34 -14.14 60.41
CA ARG C 234 11.35 -12.78 60.94
C ARG C 234 12.76 -12.25 61.08
N LEU C 235 13.67 -13.05 61.63
CA LEU C 235 15.05 -12.59 61.81
C LEU C 235 15.75 -12.42 60.47
N PHE C 236 15.54 -13.35 59.54
CA PHE C 236 16.27 -13.31 58.27
C PHE C 236 15.94 -12.04 57.49
N ALA C 237 14.66 -11.67 57.45
CA ALA C 237 14.27 -10.47 56.70
C ALA C 237 14.69 -9.19 57.39
N GLU C 238 14.49 -9.11 58.72
CA GLU C 238 14.81 -7.88 59.43
C GLU C 238 16.32 -7.64 59.51
N ALA C 239 17.11 -8.70 59.52
CA ALA C 239 18.55 -8.56 59.69
C ALA C 239 19.18 -7.93 58.45
N ARG C 240 20.46 -7.56 58.58
CA ARG C 240 21.21 -6.90 57.53
C ARG C 240 22.56 -7.57 57.36
N GLY C 241 23.10 -7.50 56.15
CA GLY C 241 24.43 -8.02 55.88
C GLY C 241 24.49 -9.53 55.93
N THR C 242 25.71 -10.03 56.09
CA THR C 242 26.00 -11.45 56.17
C THR C 242 26.39 -11.81 57.60
N PHE C 243 25.77 -12.87 58.12
CA PHE C 243 26.02 -13.29 59.50
C PHE C 243 25.89 -14.81 59.59
N VAL C 244 26.44 -15.36 60.66
CA VAL C 244 26.24 -16.75 61.04
C VAL C 244 25.69 -16.79 62.45
N LEU C 245 24.63 -17.57 62.65
CA LEU C 245 23.93 -17.61 63.93
C LEU C 245 23.73 -19.05 64.37
N GLN C 246 23.96 -19.29 65.66
CA GLN C 246 23.70 -20.59 66.27
C GLN C 246 22.29 -20.58 66.83
N VAL C 247 21.40 -21.37 66.24
CA VAL C 247 20.02 -21.40 66.69
C VAL C 247 19.96 -21.99 68.09
N PRO C 248 19.26 -21.37 69.03
CA PRO C 248 19.15 -21.95 70.37
C PRO C 248 18.44 -23.30 70.33
N GLN C 249 18.85 -24.19 71.24
CA GLN C 249 18.30 -25.53 71.27
C GLN C 249 16.81 -25.56 71.59
N GLU C 250 16.28 -24.48 72.17
CA GLU C 250 14.86 -24.44 72.49
C GLU C 250 14.01 -24.50 71.22
N LEU C 251 14.41 -23.79 70.17
CA LEU C 251 13.67 -23.83 68.92
C LEU C 251 13.70 -25.23 68.30
N MET C 252 14.85 -25.89 68.33
CA MET C 252 14.93 -27.25 67.82
C MET C 252 14.10 -28.21 68.66
N GLU C 253 14.04 -27.99 69.98
CA GLU C 253 13.20 -28.82 70.83
C GLU C 253 11.74 -28.72 70.41
N LYS C 254 11.28 -27.50 70.10
CA LYS C 254 9.95 -27.34 69.53
C LYS C 254 9.86 -28.00 68.16
N ALA C 255 10.88 -27.81 67.32
CA ALA C 255 10.82 -28.30 65.95
C ALA C 255 10.91 -29.83 65.90
N TYR C 256 11.79 -30.42 66.70
CA TYR C 256 12.00 -31.87 66.63
C TYR C 256 10.76 -32.63 67.09
N ARG C 257 10.22 -32.27 68.26
CA ARG C 257 9.08 -33.00 68.80
C ARG C 257 7.83 -32.81 67.94
N TYR C 258 7.59 -31.58 67.48
CA TYR C 258 6.35 -31.27 66.78
C TYR C 258 6.25 -32.01 65.45
N GLU C 259 7.36 -32.13 64.73
CA GLU C 259 7.31 -32.76 63.41
C GLU C 259 6.94 -34.24 63.47
N ARG C 260 7.00 -34.87 64.65
CA ARG C 260 6.48 -36.21 64.79
C ARG C 260 4.97 -36.25 64.57
N GLN C 261 4.27 -35.21 65.02
CA GLN C 261 2.81 -35.19 65.05
C GLN C 261 2.16 -34.54 63.84
N TRP C 262 2.92 -34.13 62.82
CA TRP C 262 2.34 -33.57 61.61
C TRP C 262 2.44 -34.53 60.43
N ASN C 263 3.64 -34.97 60.09
CA ASN C 263 3.91 -35.73 58.88
C ASN C 263 3.84 -37.24 59.19
N ALA C 264 4.35 -38.06 58.26
CA ALA C 264 4.35 -39.51 58.40
C ALA C 264 5.44 -39.96 59.36
N ASP C 265 5.79 -41.24 59.34
CA ASP C 265 6.64 -41.83 60.38
C ASP C 265 8.03 -41.23 60.26
N LEU C 266 8.18 -40.05 60.87
CA LEU C 266 9.43 -39.29 60.89
C LEU C 266 10.21 -39.48 62.19
N GLU C 267 10.18 -40.70 62.76
CA GLU C 267 10.86 -40.96 64.02
C GLU C 267 12.36 -40.76 63.86
N GLY C 268 12.88 -39.69 64.43
CA GLY C 268 14.27 -39.32 64.28
C GLY C 268 14.46 -38.16 63.34
N ALA C 269 14.54 -36.95 63.89
CA ALA C 269 14.78 -35.75 63.11
C ALA C 269 15.84 -34.84 63.70
N PHE C 270 16.26 -35.05 64.94
CA PHE C 270 17.29 -34.22 65.55
C PHE C 270 18.59 -34.34 64.78
N VAL C 271 19.25 -33.20 64.56
CA VAL C 271 20.55 -33.20 63.91
C VAL C 271 21.59 -33.76 64.86
N MET C 272 22.57 -34.48 64.32
CA MET C 272 23.67 -35.01 65.13
C MET C 272 24.66 -33.88 65.42
N GLY C 273 24.24 -32.99 66.32
CA GLY C 273 25.04 -31.84 66.67
C GLY C 273 24.22 -30.58 66.85
N ARG C 274 24.65 -29.49 66.20
CA ARG C 274 23.98 -28.21 66.32
C ARG C 274 23.64 -27.68 64.93
N ARG C 275 22.58 -26.90 64.85
CA ARG C 275 22.11 -26.32 63.60
C ARG C 275 22.51 -24.86 63.52
N TYR C 276 23.07 -24.45 62.39
CA TYR C 276 23.52 -23.09 62.17
C TYR C 276 22.82 -22.51 60.94
N VAL C 277 22.42 -21.24 61.03
CA VAL C 277 21.85 -20.51 59.91
C VAL C 277 22.84 -19.43 59.50
N ALA C 278 22.82 -19.09 58.22
CA ALA C 278 23.77 -18.12 57.67
C ALA C 278 23.11 -17.34 56.56
N ARG C 279 23.71 -16.19 56.23
CA ARG C 279 23.24 -15.32 55.17
C ARG C 279 24.38 -15.08 54.19
N LEU C 280 24.15 -15.41 52.92
CA LEU C 280 25.20 -15.32 51.91
C LEU C 280 25.12 -14.05 51.07
N LEU C 281 23.99 -13.36 51.06
CA LEU C 281 23.79 -12.15 50.27
C LEU C 281 23.30 -11.03 51.15
N GLU C 282 23.70 -9.80 50.80
CA GLU C 282 23.26 -8.61 51.51
C GLU C 282 21.94 -8.08 50.97
N ASP C 283 21.88 -7.85 49.66
CA ASP C 283 20.65 -7.42 48.99
C ASP C 283 20.09 -8.60 48.22
N THR C 284 18.79 -8.86 48.39
CA THR C 284 18.20 -10.13 47.94
C THR C 284 16.91 -10.00 47.16
N PHE C 285 16.24 -8.84 47.16
CA PHE C 285 14.97 -8.62 46.45
C PHE C 285 13.81 -9.33 47.13
N ARG C 286 14.09 -10.16 48.13
CA ARG C 286 13.07 -10.98 48.78
C ARG C 286 13.57 -11.33 50.18
N PRO C 287 12.65 -11.62 51.11
CA PRO C 287 13.06 -11.84 52.51
C PRO C 287 13.94 -13.06 52.72
N GLN C 288 13.55 -14.21 52.20
CA GLN C 288 14.23 -15.46 52.49
C GLN C 288 15.31 -15.82 51.49
N GLU C 289 15.58 -14.96 50.51
CA GLU C 289 16.65 -15.22 49.56
C GLU C 289 18.01 -15.07 50.23
N GLY C 290 18.96 -15.90 49.79
CA GLY C 290 20.33 -15.78 50.22
C GLY C 290 20.69 -16.46 51.53
N VAL C 291 19.72 -17.09 52.20
CA VAL C 291 19.98 -17.73 53.47
C VAL C 291 20.41 -19.17 53.24
N ALA C 292 21.12 -19.73 54.21
CA ALA C 292 21.60 -21.10 54.14
C ALA C 292 21.65 -21.70 55.54
N ILE C 293 21.13 -22.91 55.69
CA ILE C 293 21.09 -23.60 56.97
C ILE C 293 21.96 -24.85 56.86
N PHE C 294 22.96 -24.95 57.74
CA PHE C 294 23.88 -26.07 57.75
C PHE C 294 24.08 -26.58 59.16
N ASP C 295 24.25 -27.88 59.28
CA ASP C 295 24.45 -28.56 60.56
C ASP C 295 25.92 -28.93 60.73
N LEU C 296 26.29 -29.26 61.96
CA LEU C 296 27.65 -29.66 62.29
C LEU C 296 27.62 -30.76 63.34
N PRO C 297 28.63 -31.63 63.34
CA PRO C 297 28.71 -32.64 64.39
C PRO C 297 28.99 -31.99 65.73
N PRO C 298 28.60 -32.63 66.85
CA PRO C 298 28.73 -31.98 68.16
C PRO C 298 30.16 -31.71 68.59
N TYR C 299 31.15 -32.39 68.01
CA TYR C 299 32.53 -32.22 68.44
C TYR C 299 33.23 -31.04 67.78
N LEU C 300 32.47 -30.11 67.19
CA LEU C 300 33.04 -28.92 66.56
C LEU C 300 32.43 -27.69 67.21
N GLY C 301 33.28 -26.73 67.56
CA GLY C 301 32.85 -25.55 68.30
C GLY C 301 32.49 -24.39 67.40
N GLU C 302 32.37 -23.21 68.03
CA GLU C 302 32.00 -22.00 67.30
C GLU C 302 33.08 -21.60 66.30
N GLU C 303 34.35 -21.76 66.68
CA GLU C 303 35.45 -21.40 65.78
C GLU C 303 35.40 -22.23 64.50
N ASP C 304 35.10 -23.52 64.62
CA ASP C 304 34.92 -24.35 63.43
C ASP C 304 33.68 -23.93 62.66
N ALA C 305 32.61 -23.53 63.37
CA ALA C 305 31.39 -23.10 62.70
C ALA C 305 31.62 -21.84 61.87
N VAL C 306 32.41 -20.90 62.40
CA VAL C 306 32.73 -19.68 61.65
C VAL C 306 33.52 -20.03 60.40
N LYS C 307 34.49 -20.93 60.53
CA LYS C 307 35.31 -21.30 59.38
C LYS C 307 34.51 -22.04 58.33
N VAL C 308 33.50 -22.82 58.75
CA VAL C 308 32.65 -23.51 57.80
C VAL C 308 31.80 -22.51 57.01
N ALA C 309 31.25 -21.50 57.69
CA ALA C 309 30.43 -20.51 57.01
C ALA C 309 31.24 -19.71 56.00
N ARG C 310 32.51 -19.43 56.33
CA ARG C 310 33.37 -18.72 55.38
C ARG C 310 33.60 -19.54 54.12
N SER C 311 33.77 -20.86 54.27
CA SER C 311 33.98 -21.72 53.10
C SER C 311 32.73 -21.74 52.22
N LEU C 312 31.55 -21.78 52.82
CA LEU C 312 30.32 -21.75 52.04
C LEU C 312 30.15 -20.41 51.32
N ARG C 313 30.48 -19.31 52.00
CA ARG C 313 30.34 -18.00 51.37
C ARG C 313 31.37 -17.79 50.27
N ALA C 314 32.56 -18.39 50.40
CA ALA C 314 33.59 -18.25 49.38
C ALA C 314 33.20 -18.96 48.09
N HIS C 315 32.22 -19.86 48.12
CA HIS C 315 31.77 -20.58 46.94
C HIS C 315 30.33 -20.24 46.57
N ARG C 316 29.79 -19.15 47.12
CA ARG C 316 28.39 -18.84 46.92
C ARG C 316 28.10 -18.44 45.47
N SER C 317 26.82 -18.51 45.11
CA SER C 317 26.38 -18.20 43.76
C SER C 317 24.98 -17.62 43.82
N VAL C 318 24.60 -16.93 42.74
CA VAL C 318 23.25 -16.39 42.58
C VAL C 318 22.63 -17.10 41.38
N LEU C 319 21.97 -18.22 41.64
CA LEU C 319 21.26 -18.97 40.59
C LEU C 319 19.77 -19.11 40.85
N TYR C 320 19.39 -19.54 42.05
CA TYR C 320 17.99 -19.75 42.37
C TYR C 320 17.51 -18.82 43.48
N GLY C 321 18.13 -18.91 44.66
CA GLY C 321 17.85 -18.00 45.75
C GLY C 321 19.11 -17.65 46.51
N GLY C 322 20.25 -17.72 45.83
CA GLY C 322 21.52 -17.58 46.50
C GLY C 322 22.01 -18.90 47.07
N SER C 323 22.15 -19.90 46.20
CA SER C 323 22.46 -21.25 46.62
C SER C 323 23.95 -21.37 46.98
N VAL C 324 24.41 -22.60 47.14
CA VAL C 324 25.79 -22.85 47.57
C VAL C 324 26.75 -22.98 46.38
N GLY C 325 26.25 -23.27 45.19
CA GLY C 325 27.11 -23.32 44.01
C GLY C 325 27.66 -24.70 43.72
N THR C 326 28.44 -25.25 44.65
CA THR C 326 28.95 -26.60 44.45
C THR C 326 27.85 -27.64 44.55
N VAL C 327 26.77 -27.33 45.28
CA VAL C 327 25.64 -28.24 45.37
C VAL C 327 24.92 -28.34 44.03
N VAL C 328 24.64 -27.19 43.41
CA VAL C 328 23.93 -27.19 42.13
C VAL C 328 24.84 -27.67 41.01
N GLU C 329 26.14 -27.41 41.10
CA GLU C 329 27.07 -27.88 40.07
C GLU C 329 27.10 -29.40 40.03
N ALA C 330 27.15 -30.05 41.19
CA ALA C 330 27.17 -31.50 41.23
C ALA C 330 25.82 -32.09 40.86
N HIS C 331 24.74 -31.33 41.04
CA HIS C 331 23.42 -31.81 40.64
C HIS C 331 23.35 -32.04 39.13
N GLY C 332 23.90 -31.10 38.35
CA GLY C 332 23.92 -31.29 36.91
C GLY C 332 24.74 -32.48 36.48
N ARG C 333 25.79 -32.82 37.23
CA ARG C 333 26.61 -33.97 36.93
C ARG C 333 26.01 -35.28 37.43
N ALA C 334 25.04 -35.22 38.34
CA ALA C 334 24.53 -36.42 38.98
C ALA C 334 23.02 -36.61 38.84
N SER C 335 22.33 -35.73 38.12
CA SER C 335 20.89 -35.87 37.95
C SER C 335 20.55 -35.99 36.47
N VAL C 336 21.31 -36.79 35.73
CA VAL C 336 21.09 -36.97 34.29
C VAL C 336 20.03 -38.07 34.17
N ALA C 337 18.77 -37.65 34.23
CA ALA C 337 17.65 -38.55 34.01
C ALA C 337 16.85 -38.19 32.77
N ARG C 338 16.34 -36.96 32.70
CA ARG C 338 15.57 -36.48 31.54
C ARG C 338 14.40 -37.42 31.26
N SER C 339 14.36 -37.98 30.06
CA SER C 339 13.31 -38.95 29.70
C SER C 339 13.90 -40.36 29.82
N ILE C 340 14.04 -40.81 31.06
CA ILE C 340 14.52 -42.17 31.30
C ILE C 340 13.58 -43.24 30.74
N PRO C 341 12.25 -43.18 30.96
CA PRO C 341 11.39 -44.30 30.51
C PRO C 341 11.54 -44.64 29.03
N ARG C 342 11.68 -43.64 28.15
CA ARG C 342 11.84 -43.95 26.73
C ARG C 342 13.11 -44.75 26.48
N ARG C 343 14.21 -44.37 27.13
CA ARG C 343 15.46 -45.09 26.97
C ARG C 343 15.36 -46.51 27.53
N MET C 344 14.68 -46.68 28.67
CA MET C 344 14.64 -47.98 29.33
C MET C 344 13.76 -48.97 28.57
N GLU C 345 12.58 -48.54 28.13
CA GLU C 345 11.65 -49.45 27.46
C GLU C 345 12.25 -49.99 26.17
N GLU C 346 12.86 -49.14 25.36
CA GLU C 346 13.42 -49.58 24.10
C GLU C 346 14.64 -50.48 24.31
N GLU C 347 15.48 -50.13 25.29
CA GLU C 347 16.68 -50.93 25.55
C GLU C 347 16.34 -52.27 26.18
N ILE C 348 15.39 -52.28 27.12
CA ILE C 348 14.99 -53.54 27.74
C ILE C 348 14.36 -54.48 26.71
N LEU C 349 13.50 -53.94 25.85
CA LEU C 349 12.91 -54.75 24.80
C LEU C 349 13.96 -55.18 23.78
N ALA C 350 15.02 -54.39 23.61
CA ALA C 350 16.08 -54.78 22.68
C ALA C 350 16.78 -56.05 23.14
N ARG C 351 17.05 -56.17 24.44
CA ARG C 351 17.66 -57.39 24.96
C ARG C 351 16.68 -58.55 24.99
N PHE C 352 15.37 -58.28 24.97
CA PHE C 352 14.38 -59.35 24.96
C PHE C 352 14.43 -60.12 23.64
N ARG C 353 14.58 -59.40 22.51
CA ARG C 353 14.59 -60.07 21.21
C ARG C 353 15.83 -60.93 21.04
N LYS C 354 17.01 -60.38 21.34
CA LYS C 354 18.25 -61.14 21.21
C LYS C 354 18.30 -62.31 22.18
N ALA C 355 17.55 -62.25 23.28
CA ALA C 355 17.45 -63.35 24.22
C ALA C 355 16.46 -64.39 23.73
N PHE C 356 16.06 -65.30 24.61
CA PHE C 356 15.08 -66.32 24.30
C PHE C 356 13.85 -65.73 23.62
N GLY C 357 13.24 -66.53 22.75
CA GLY C 357 11.99 -66.16 22.10
C GLY C 357 12.15 -65.43 20.79
N GLU C 358 12.58 -64.17 20.87
CA GLU C 358 12.76 -63.24 19.75
C GLU C 358 11.42 -62.83 19.15
N ASP C 359 10.31 -63.44 19.58
CA ASP C 359 8.97 -63.02 19.18
C ASP C 359 8.02 -62.81 20.35
N LEU C 360 8.36 -63.29 21.55
CA LEU C 360 7.55 -63.01 22.72
C LEU C 360 7.57 -61.53 23.08
N ALA C 361 8.58 -60.79 22.62
CA ALA C 361 8.59 -59.33 22.80
C ALA C 361 7.44 -58.67 22.04
N LYS C 362 7.04 -59.26 20.92
CA LYS C 362 5.87 -58.75 20.20
C LYS C 362 4.63 -58.80 21.08
N LYS C 363 4.44 -59.92 21.79
CA LYS C 363 3.39 -59.97 22.80
C LYS C 363 3.66 -58.99 23.92
N LEU C 364 4.92 -58.87 24.35
CA LEU C 364 5.28 -57.97 25.43
C LEU C 364 4.92 -56.53 25.09
N THR C 365 5.17 -56.12 23.84
CA THR C 365 4.74 -54.81 23.40
C THR C 365 3.23 -54.68 23.46
N GLU C 366 2.52 -55.74 23.06
CA GLU C 366 1.06 -55.71 23.08
C GLU C 366 0.53 -55.55 24.50
N TRP C 367 1.20 -56.12 25.51
CA TRP C 367 0.79 -55.91 26.89
C TRP C 367 0.89 -54.44 27.26
N LEU C 368 1.95 -53.77 26.80
CA LEU C 368 2.23 -52.38 27.16
C LEU C 368 1.59 -51.37 26.22
N ARG C 369 1.53 -51.67 24.92
CA ARG C 369 0.96 -50.73 23.95
C ARG C 369 -0.47 -50.36 24.31
N LEU C 370 -1.25 -51.33 24.77
CA LEU C 370 -2.66 -51.10 25.05
C LEU C 370 -2.83 -50.14 26.22
N ALA C 371 -2.08 -50.35 27.31
CA ALA C 371 -2.13 -49.48 28.47
C ALA C 371 -0.94 -49.78 29.37
N ASP C 372 -0.26 -48.72 29.81
CA ASP C 372 0.89 -48.82 30.69
C ASP C 372 1.93 -49.81 30.18
N GLU D 3 -9.80 14.56 48.10
CA GLU D 3 -8.48 14.74 47.49
C GLU D 3 -7.65 13.47 47.66
N SER D 4 -8.06 12.42 46.96
CA SER D 4 -7.41 11.12 47.02
C SER D 4 -7.14 10.63 45.60
N PRO D 5 -6.14 9.76 45.44
CA PRO D 5 -5.86 9.22 44.09
C PRO D 5 -7.06 8.48 43.54
N ILE D 6 -7.26 8.59 42.22
CA ILE D 6 -8.42 7.99 41.58
C ILE D 6 -8.31 6.47 41.56
N GLY D 7 -7.13 5.96 41.27
CA GLY D 7 -6.90 4.52 41.23
C GLY D 7 -5.48 4.19 41.60
N VAL D 8 -4.95 3.11 41.03
CA VAL D 8 -3.58 2.70 41.22
C VAL D 8 -2.93 2.52 39.85
N VAL D 9 -1.76 3.11 39.67
CA VAL D 9 -1.03 3.00 38.40
C VAL D 9 -0.30 1.67 38.38
N VAL D 10 -0.54 0.87 37.34
CA VAL D 10 0.04 -0.46 37.24
C VAL D 10 1.06 -0.59 36.12
N SER D 11 1.11 0.36 35.17
CA SER D 11 2.10 0.25 34.12
C SER D 11 2.38 1.63 33.54
N SER D 12 3.52 1.74 32.85
CA SER D 12 3.87 2.97 32.15
C SER D 12 4.87 2.63 31.05
N ARG D 13 4.80 3.39 29.96
CA ARG D 13 5.67 3.19 28.82
C ARG D 13 5.61 4.43 27.94
N ARG D 14 6.30 4.37 26.80
CA ARG D 14 6.23 5.40 25.77
C ARG D 14 5.70 4.78 24.48
N ASN D 15 4.69 5.42 23.90
CA ASN D 15 4.08 4.95 22.66
C ASN D 15 4.27 6.04 21.60
N GLY D 16 5.37 5.96 20.87
CA GLY D 16 5.70 6.95 19.88
C GLY D 16 6.28 8.20 20.49
N PRO D 17 5.72 9.35 20.17
CA PRO D 17 6.20 10.62 20.75
C PRO D 17 5.54 11.02 22.06
N TRP D 18 4.80 10.12 22.70
CA TRP D 18 4.07 10.45 23.92
C TRP D 18 4.30 9.36 24.96
N ALA D 19 4.14 9.74 26.23
CA ALA D 19 4.34 8.85 27.37
C ALA D 19 2.98 8.51 27.96
N GLU D 20 2.69 7.22 28.06
CA GLU D 20 1.40 6.75 28.53
C GLU D 20 1.56 5.88 29.76
N LEU D 21 0.49 5.80 30.55
CA LEU D 21 0.45 4.95 31.72
C LEU D 21 -0.90 4.25 31.79
N THR D 22 -0.91 3.08 32.42
CA THR D 22 -2.10 2.26 32.58
C THR D 22 -2.39 2.14 34.06
N LEU D 23 -3.63 2.49 34.44
CA LEU D 23 -4.09 2.41 35.82
C LEU D 23 -5.34 1.55 35.91
N VAL D 24 -5.65 1.10 37.13
CA VAL D 24 -6.72 0.15 37.38
C VAL D 24 -7.67 0.73 38.41
N LEU D 25 -8.97 0.68 38.12
CA LEU D 25 -10.00 1.01 39.08
C LEU D 25 -10.49 -0.27 39.77
N THR D 26 -10.45 -0.25 41.11
CA THR D 26 -10.68 -1.33 42.06
C THR D 26 -12.16 -1.48 42.39
N PRO D 27 -12.57 -2.63 42.93
CA PRO D 27 -14.00 -2.82 43.25
C PRO D 27 -14.55 -1.79 44.22
N GLN D 28 -13.75 -1.34 45.18
CA GLN D 28 -14.23 -0.36 46.15
C GLN D 28 -14.62 0.95 45.47
N GLU D 29 -13.83 1.38 44.48
CA GLU D 29 -14.06 2.65 43.82
C GLU D 29 -15.22 2.59 42.83
N LEU D 30 -15.42 1.45 42.17
CA LEU D 30 -16.53 1.33 41.23
C LEU D 30 -17.87 1.26 41.93
N ASP D 31 -17.89 0.77 43.17
CA ASP D 31 -19.15 0.68 43.91
C ASP D 31 -19.61 2.05 44.39
N GLN D 32 -18.68 2.99 44.57
CA GLN D 32 -19.02 4.34 45.00
C GLN D 32 -19.33 5.27 43.84
N GLY D 33 -19.17 4.82 42.60
CA GLY D 33 -19.49 5.63 41.44
C GLY D 33 -18.36 6.47 40.89
N LYS D 34 -17.11 6.16 41.24
CA LYS D 34 -15.97 6.89 40.70
C LYS D 34 -15.68 6.41 39.28
N ARG D 35 -15.80 7.32 38.32
CA ARG D 35 -15.62 6.99 36.91
C ARG D 35 -14.75 8.05 36.24
N LEU D 36 -14.12 7.65 35.13
CA LEU D 36 -13.30 8.53 34.32
C LEU D 36 -13.91 8.67 32.94
N LEU D 37 -14.09 9.92 32.49
CA LEU D 37 -14.61 10.19 31.17
C LEU D 37 -13.48 10.19 30.14
N LEU D 38 -13.81 9.80 28.92
CA LEU D 38 -12.83 9.79 27.84
C LEU D 38 -12.56 11.21 27.38
N GLY D 39 -11.27 11.55 27.23
CA GLY D 39 -10.87 12.90 26.91
C GLY D 39 -10.79 13.84 28.08
N GLU D 40 -11.10 13.36 29.28
CA GLU D 40 -11.05 14.22 30.47
C GLU D 40 -9.61 14.49 30.87
N LEU D 41 -9.35 15.70 31.33
CA LEU D 41 -8.03 16.10 31.79
C LEU D 41 -7.88 15.81 33.28
N VAL D 42 -6.76 15.17 33.65
CA VAL D 42 -6.49 14.77 35.02
C VAL D 42 -5.08 15.25 35.39
N ARG D 43 -4.79 15.22 36.69
CA ARG D 43 -3.48 15.59 37.21
C ARG D 43 -2.69 14.34 37.56
N VAL D 44 -1.42 14.31 37.19
CA VAL D 44 -0.54 13.18 37.49
C VAL D 44 0.60 13.68 38.36
N SER D 45 0.73 13.12 39.55
CA SER D 45 1.79 13.49 40.48
C SER D 45 2.89 12.42 40.44
N SER D 46 4.12 12.85 40.20
CA SER D 46 5.25 11.94 40.13
C SER D 46 6.52 12.70 40.51
N GLY D 47 7.22 12.21 41.53
CA GLY D 47 8.48 12.79 41.93
C GLY D 47 8.39 14.24 42.35
N GLY D 48 7.28 14.64 42.97
CA GLY D 48 7.09 16.02 43.33
C GLY D 48 6.71 16.93 42.18
N LYS D 49 6.44 16.38 41.01
CA LYS D 49 6.09 17.17 39.84
C LYS D 49 4.67 16.84 39.39
N ASP D 50 4.00 17.84 38.82
CA ASP D 50 2.62 17.71 38.34
C ASP D 50 2.60 17.72 36.82
N TYR D 51 1.92 16.75 36.24
CA TYR D 51 1.76 16.61 34.80
C TYR D 51 0.29 16.67 34.45
N VAL D 52 0.01 17.11 33.24
CA VAL D 52 -1.36 17.10 32.69
C VAL D 52 -1.54 15.80 31.92
N GLY D 53 -2.62 15.09 32.21
CA GLY D 53 -2.89 13.85 31.51
C GLY D 53 -4.27 13.82 30.88
N MET D 54 -4.44 13.03 29.84
CA MET D 54 -5.70 12.91 29.13
C MET D 54 -6.10 11.45 29.06
N VAL D 55 -7.35 11.16 29.42
CA VAL D 55 -7.87 9.80 29.38
C VAL D 55 -8.16 9.44 27.93
N LEU D 56 -7.50 8.40 27.43
CA LEU D 56 -7.57 8.02 26.02
C LEU D 56 -8.37 6.76 25.76
N ASP D 57 -8.28 5.76 26.63
CA ASP D 57 -8.90 4.48 26.36
C ASP D 57 -9.23 3.79 27.67
N GLY D 58 -10.19 2.88 27.61
CA GLY D 58 -10.52 2.05 28.76
C GLY D 58 -10.99 0.69 28.28
N TYR D 59 -10.75 -0.32 29.11
CA TYR D 59 -11.09 -1.69 28.75
C TYR D 59 -11.18 -2.55 30.01
N TYR D 60 -11.44 -3.83 29.79
CA TYR D 60 -11.60 -4.81 30.86
C TYR D 60 -10.57 -5.90 30.68
N GLU D 61 -9.82 -6.18 31.76
CA GLU D 61 -8.77 -7.19 31.74
C GLU D 61 -8.77 -7.91 33.07
N PRO D 62 -8.65 -9.24 33.06
CA PRO D 62 -8.62 -9.98 34.33
C PRO D 62 -7.41 -9.61 35.17
N VAL D 63 -7.60 -9.64 36.49
CA VAL D 63 -6.56 -9.34 37.46
C VAL D 63 -6.27 -10.60 38.26
N GLY D 64 -5.01 -11.02 38.27
CA GLY D 64 -4.65 -12.24 38.96
C GLY D 64 -5.09 -13.48 38.17
N ARG D 65 -5.11 -14.60 38.89
CA ARG D 65 -5.50 -15.88 38.29
C ARG D 65 -7.01 -16.05 38.45
N SER D 66 -7.76 -15.33 37.61
CA SER D 66 -9.20 -15.36 37.63
C SER D 66 -9.74 -15.64 36.24
N ASP D 67 -10.94 -16.20 36.18
CA ASP D 67 -11.63 -16.53 34.93
C ASP D 67 -12.99 -15.82 34.97
N PRO D 68 -13.04 -14.53 34.63
CA PRO D 68 -14.29 -13.79 34.78
C PRO D 68 -15.46 -14.37 33.99
N THR D 69 -15.20 -14.89 32.78
CA THR D 69 -16.29 -15.43 31.98
C THR D 69 -16.93 -16.63 32.65
N TYR D 70 -16.12 -17.58 33.12
CA TYR D 70 -16.65 -18.76 33.78
C TYR D 70 -17.40 -18.40 35.05
N THR D 71 -16.82 -17.52 35.87
CA THR D 71 -17.45 -17.13 37.13
C THR D 71 -18.79 -16.45 36.88
N LEU D 72 -18.83 -15.47 35.99
CA LEU D 72 -20.08 -14.77 35.71
C LEU D 72 -21.11 -15.69 35.09
N ALA D 73 -20.70 -16.55 34.16
CA ALA D 73 -21.64 -17.46 33.52
C ALA D 73 -22.25 -18.44 34.52
N LEU D 74 -21.43 -18.99 35.41
CA LEU D 74 -21.95 -19.94 36.39
C LEU D 74 -22.76 -19.26 37.48
N ALA D 75 -22.45 -18.01 37.82
CA ALA D 75 -23.31 -17.26 38.73
C ALA D 75 -24.66 -16.98 38.09
N HIS D 76 -24.66 -16.69 36.79
CA HIS D 76 -25.93 -16.42 36.09
C HIS D 76 -26.74 -17.70 35.93
N ILE D 77 -26.09 -18.83 35.67
CA ILE D 77 -26.80 -20.08 35.40
C ILE D 77 -27.58 -20.54 36.63
N ASN D 78 -26.96 -20.46 37.80
CA ASN D 78 -27.55 -20.95 39.04
C ASN D 78 -28.44 -19.91 39.71
N GLN D 79 -28.73 -18.79 39.03
CA GLN D 79 -29.60 -17.75 39.55
C GLN D 79 -29.09 -17.23 40.89
N VAL D 80 -27.84 -16.78 40.92
CA VAL D 80 -27.17 -16.33 42.13
C VAL D 80 -27.03 -14.81 42.07
N ASP D 81 -27.52 -14.14 43.10
CA ASP D 81 -27.36 -12.68 43.22
C ASP D 81 -25.97 -12.40 43.75
N LEU D 82 -25.04 -12.03 42.86
CA LEU D 82 -23.65 -11.84 43.25
C LEU D 82 -23.52 -10.70 44.26
N GLU D 83 -24.40 -9.70 44.20
CA GLU D 83 -24.28 -8.55 45.08
C GLU D 83 -24.57 -8.92 46.54
N LYS D 84 -25.60 -9.71 46.78
CA LYS D 84 -26.09 -9.96 48.13
C LYS D 84 -25.90 -11.40 48.59
N GLU D 85 -25.37 -12.28 47.77
CA GLU D 85 -25.19 -13.67 48.15
C GLU D 85 -23.73 -14.12 48.12
N ASP D 86 -22.97 -13.72 47.10
CA ASP D 86 -21.57 -14.11 46.97
C ASP D 86 -20.76 -12.84 46.69
N PRO D 87 -20.43 -12.07 47.74
CA PRO D 87 -19.73 -10.80 47.53
C PRO D 87 -18.26 -10.98 47.20
N TRP D 88 -17.66 -12.07 47.69
CA TRP D 88 -16.25 -12.33 47.40
C TRP D 88 -16.02 -12.53 45.92
N ALA D 89 -16.87 -13.33 45.27
CA ALA D 89 -16.75 -13.55 43.84
C ALA D 89 -16.96 -12.26 43.07
N ARG D 90 -17.92 -11.44 43.50
CA ARG D 90 -18.16 -10.16 42.84
C ARG D 90 -16.96 -9.24 42.94
N LYS D 91 -16.31 -9.21 44.11
CA LYS D 91 -15.14 -8.35 44.29
C LYS D 91 -13.88 -8.95 43.67
N GLU D 92 -13.91 -10.22 43.27
CA GLU D 92 -12.77 -10.81 42.58
C GLU D 92 -12.67 -10.44 41.12
N VAL D 93 -13.71 -9.85 40.52
CA VAL D 93 -13.74 -9.61 39.08
C VAL D 93 -14.12 -8.18 38.75
N ASN D 94 -14.28 -7.33 39.77
CA ASN D 94 -14.77 -5.97 39.56
C ASN D 94 -13.60 -4.99 39.46
N PHE D 95 -12.90 -5.08 38.34
CA PHE D 95 -11.76 -4.21 38.05
C PHE D 95 -11.96 -3.60 36.67
N TYR D 96 -11.30 -2.47 36.42
CA TYR D 96 -11.35 -1.87 35.09
C TYR D 96 -10.02 -1.20 34.80
N HIS D 97 -9.67 -1.07 33.51
CA HIS D 97 -8.36 -0.56 33.12
C HIS D 97 -8.51 0.70 32.28
N HIS D 98 -7.64 1.68 32.52
CA HIS D 98 -7.64 2.93 31.78
C HIS D 98 -6.23 3.31 31.36
N ARG D 99 -6.12 3.98 30.21
CA ARG D 99 -4.87 4.48 29.67
C ARG D 99 -4.88 6.00 29.67
N ILE D 100 -3.79 6.61 30.10
CA ILE D 100 -3.67 8.06 30.22
C ILE D 100 -2.37 8.51 29.56
N VAL D 101 -2.45 9.50 28.70
CA VAL D 101 -1.28 10.08 28.03
C VAL D 101 -0.88 11.35 28.75
N LEU D 102 0.42 11.62 28.83
CA LEU D 102 0.96 12.77 29.52
C LEU D 102 1.23 13.88 28.51
N LEU D 103 0.50 14.99 28.64
CA LEU D 103 0.60 16.07 27.66
C LEU D 103 1.78 17.00 27.95
N GLY D 104 2.04 17.29 29.22
CA GLY D 104 3.13 18.19 29.56
C GLY D 104 3.02 18.64 31.00
N ARG D 105 3.70 19.75 31.29
CA ARG D 105 3.75 20.33 32.62
C ARG D 105 3.52 21.83 32.56
N VAL D 106 3.04 22.38 33.67
CA VAL D 106 2.91 23.82 33.86
C VAL D 106 3.97 24.25 34.85
N VAL D 107 4.82 25.20 34.44
CA VAL D 107 5.98 25.62 35.22
C VAL D 107 6.05 27.14 35.23
N GLN D 108 6.81 27.66 36.20
CA GLN D 108 6.89 29.09 36.49
C GLN D 108 5.51 29.70 36.65
N GLY D 109 5.22 30.75 35.89
CA GLY D 109 3.97 31.47 36.01
C GLY D 109 3.01 31.23 34.86
N GLY D 110 2.91 29.98 34.42
CA GLY D 110 2.04 29.63 33.32
C GLY D 110 2.75 29.12 32.08
N LEU D 111 4.06 28.95 32.10
CA LEU D 111 4.76 28.36 30.98
C LEU D 111 4.37 26.89 30.84
N PHE D 112 4.28 26.41 29.61
CA PHE D 112 3.94 25.02 29.33
C PHE D 112 5.16 24.32 28.76
N ALA D 113 5.61 23.26 29.44
CA ALA D 113 6.67 22.42 28.93
C ALA D 113 6.06 21.17 28.33
N PRO D 114 6.17 20.95 27.02
CA PRO D 114 5.41 19.89 26.37
C PRO D 114 6.06 18.52 26.53
N SER D 115 5.19 17.52 26.65
CA SER D 115 5.56 16.10 26.73
C SER D 115 6.52 15.90 27.89
N THR D 116 7.36 14.86 27.82
CA THR D 116 8.33 14.59 28.86
C THR D 116 9.41 13.66 28.32
N ARG D 117 10.66 13.95 28.70
CA ARG D 117 11.76 13.04 28.45
C ARG D 117 12.00 12.08 29.61
N LEU D 118 11.28 12.26 30.72
CA LEU D 118 11.42 11.42 31.90
C LEU D 118 10.18 10.54 32.05
N LEU D 119 10.40 9.24 32.23
CA LEU D 119 9.33 8.28 32.37
C LEU D 119 9.19 7.85 33.82
N PRO D 120 7.98 7.90 34.38
CA PRO D 120 7.82 7.68 35.82
C PRO D 120 7.75 6.19 36.15
N PRO D 121 8.41 5.78 37.23
CA PRO D 121 8.17 4.42 37.75
C PRO D 121 6.75 4.29 38.28
N VAL D 122 6.26 3.05 38.29
CA VAL D 122 4.85 2.81 38.56
C VAL D 122 4.49 2.93 40.04
N VAL D 123 5.47 2.85 40.95
CA VAL D 123 5.16 2.88 42.37
C VAL D 123 5.01 4.28 42.93
N GLU D 124 5.42 5.31 42.17
CA GLU D 124 5.37 6.67 42.66
C GLU D 124 4.35 7.56 41.95
N ALA D 125 3.87 7.16 40.78
CA ALA D 125 2.89 7.95 40.05
C ALA D 125 1.52 7.84 40.70
N ARG D 126 0.78 8.95 40.69
CA ARG D 126 -0.57 8.99 41.22
C ARG D 126 -1.43 9.87 40.31
N VAL D 127 -2.73 9.59 40.30
CA VAL D 127 -3.68 10.26 39.41
C VAL D 127 -4.77 10.90 40.26
N TYR D 128 -5.04 12.18 40.00
CA TYR D 128 -6.05 12.95 40.73
C TYR D 128 -6.99 13.63 39.74
N ARG D 129 -8.20 13.90 40.21
CA ARG D 129 -9.17 14.67 39.44
C ARG D 129 -8.90 16.15 39.60
N MET D 130 -9.11 16.91 38.52
CA MET D 130 -8.82 18.34 38.52
C MET D 130 -10.01 19.13 39.04
N THR D 131 -9.71 20.24 39.70
CA THR D 131 -10.70 21.14 40.25
C THR D 131 -10.93 22.29 39.27
N GLU D 132 -12.06 22.98 39.43
CA GLU D 132 -12.40 24.09 38.53
C GLU D 132 -11.33 25.17 38.54
N GLU D 133 -10.76 25.46 39.71
CA GLU D 133 -9.67 26.43 39.80
C GLU D 133 -8.45 25.94 39.03
N GLU D 134 -8.11 24.66 39.18
CA GLU D 134 -6.98 24.10 38.44
C GLU D 134 -7.26 24.10 36.94
N LEU D 135 -8.49 23.80 36.54
CA LEU D 135 -8.84 23.82 35.12
C LEU D 135 -8.74 25.23 34.56
N GLN D 136 -9.20 26.22 35.31
CA GLN D 136 -9.08 27.61 34.87
C GLN D 136 -7.61 28.01 34.73
N ARG D 137 -6.77 27.60 35.67
CA ARG D 137 -5.35 27.90 35.57
C ARG D 137 -4.70 27.17 34.39
N LEU D 138 -5.16 25.96 34.08
CA LEU D 138 -4.57 25.19 33.00
C LEU D 138 -4.95 25.73 31.64
N LEU D 139 -6.21 26.17 31.47
CA LEU D 139 -6.62 26.73 30.20
C LEU D 139 -5.96 28.06 29.88
N ALA D 140 -5.34 28.71 30.88
CA ALA D 140 -4.63 29.96 30.65
C ALA D 140 -3.14 29.76 30.37
N ALA D 141 -2.64 28.54 30.45
CA ALA D 141 -1.23 28.28 30.20
C ALA D 141 -0.94 28.38 28.70
N GLU D 142 0.31 28.70 28.38
CA GLU D 142 0.74 28.85 27.00
C GLU D 142 2.24 28.61 26.93
N VAL D 143 2.80 28.81 25.74
CA VAL D 143 4.20 28.53 25.47
C VAL D 143 4.97 29.85 25.44
N ARG D 144 6.05 29.92 26.20
CA ARG D 144 6.97 31.05 26.18
C ARG D 144 8.37 30.52 26.47
N THR D 145 9.37 31.35 26.16
CA THR D 145 10.73 30.83 26.04
C THR D 145 11.28 30.23 27.33
N SER D 146 11.59 31.08 28.32
CA SER D 146 12.06 30.62 29.63
C SER D 146 12.28 31.81 30.55
N GLY D 147 12.04 31.64 31.85
CA GLY D 147 12.41 32.62 32.85
C GLY D 147 11.86 34.01 32.60
N SER D 148 10.72 34.10 31.93
CA SER D 148 10.10 35.35 31.58
C SER D 148 8.72 35.46 32.23
N VAL D 149 8.13 36.64 32.14
CA VAL D 149 6.83 36.91 32.72
C VAL D 149 5.79 36.96 31.60
N LYS D 150 4.52 36.97 32.00
CA LYS D 150 3.43 37.01 31.03
C LYS D 150 3.39 38.36 30.32
N ALA D 151 2.84 38.36 29.11
CA ALA D 151 2.80 39.55 28.28
C ALA D 151 1.51 40.34 28.40
N GLU D 152 0.41 39.70 28.81
CA GLU D 152 -0.92 40.30 28.96
C GLU D 152 -1.27 41.20 27.78
N GLY D 153 -2.02 42.27 28.02
CA GLY D 153 -2.29 43.23 26.98
C GLY D 153 -3.75 43.54 26.71
N LYS D 154 -4.21 43.20 25.51
CA LYS D 154 -5.53 43.61 25.06
C LYS D 154 -6.62 42.86 25.80
N ARG D 155 -7.83 43.42 25.76
CA ARG D 155 -8.99 42.80 26.38
C ARG D 155 -9.37 41.52 25.63
N ARG D 156 -9.97 40.59 26.37
CA ARG D 156 -10.40 39.30 25.83
C ARG D 156 -11.90 39.13 26.03
N TYR D 157 -12.51 38.34 25.15
CA TYR D 157 -13.94 38.07 25.20
C TYR D 157 -14.18 36.57 25.28
N ALA D 158 -15.14 36.16 26.10
CA ALA D 158 -15.45 34.75 26.27
C ALA D 158 -16.01 34.17 24.97
N PHE D 159 -15.58 32.96 24.63
CA PHE D 159 -16.00 32.27 23.42
C PHE D 159 -16.84 31.03 23.70
N GLY D 160 -16.52 30.30 24.77
CA GLY D 160 -17.27 29.11 25.11
C GLY D 160 -16.74 28.55 26.42
N HIS D 161 -17.32 27.42 26.82
CA HIS D 161 -16.92 26.79 28.07
C HIS D 161 -16.62 25.31 27.86
N LEU D 162 -15.77 24.77 28.73
CA LEU D 162 -15.28 23.41 28.57
C LEU D 162 -16.40 22.39 28.76
N ALA D 163 -16.41 21.38 27.90
CA ALA D 163 -17.38 20.31 27.97
C ALA D 163 -16.74 19.03 27.42
N TYR D 164 -17.21 17.90 27.92
CA TYR D 164 -16.70 16.58 27.54
C TYR D 164 -17.79 15.77 26.85
N GLY D 165 -18.54 16.40 25.97
CA GLY D 165 -19.64 15.76 25.29
C GLY D 165 -20.98 16.09 25.92
N LEU D 166 -21.95 15.23 25.62
CA LEU D 166 -23.29 15.37 26.18
C LEU D 166 -23.47 14.55 27.46
N GLU D 167 -22.42 13.91 27.95
CA GLU D 167 -22.52 13.13 29.17
C GLU D 167 -22.76 14.03 30.37
N GLU D 168 -23.57 13.55 31.32
CA GLU D 168 -23.81 14.29 32.54
C GLU D 168 -22.55 14.34 33.39
N GLY D 169 -22.31 15.50 34.01
CA GLY D 169 -21.15 15.69 34.84
C GLY D 169 -19.91 16.12 34.11
N GLY D 170 -19.93 16.17 32.78
CA GLY D 170 -18.81 16.60 31.99
C GLY D 170 -18.89 18.03 31.47
N GLU D 171 -19.79 18.85 32.01
CA GLU D 171 -19.97 20.22 31.57
C GLU D 171 -19.49 21.16 32.66
N TYR D 172 -18.67 22.14 32.28
CA TYR D 172 -18.04 23.07 33.22
C TYR D 172 -18.33 24.49 32.77
N PRO D 173 -19.51 25.03 33.11
CA PRO D 173 -19.82 26.40 32.71
C PRO D 173 -18.91 27.45 33.30
N GLU D 174 -18.26 27.17 34.43
CA GLU D 174 -17.39 28.14 35.06
C GLU D 174 -15.99 28.19 34.44
N VAL D 175 -15.63 27.20 33.65
CA VAL D 175 -14.32 27.16 32.99
C VAL D 175 -14.54 27.67 31.57
N VAL D 176 -14.37 28.97 31.39
CA VAL D 176 -14.60 29.62 30.11
C VAL D 176 -13.26 29.89 29.44
N LYS D 177 -13.27 29.90 28.12
CA LYS D 177 -12.09 30.22 27.32
C LYS D 177 -12.29 31.59 26.68
N GLU D 178 -11.37 32.51 26.96
CA GLU D 178 -11.45 33.88 26.46
C GLU D 178 -10.43 34.05 25.33
N VAL D 179 -10.88 34.62 24.23
CA VAL D 179 -10.05 34.83 23.05
C VAL D 179 -9.83 36.31 22.84
N ASP D 180 -8.68 36.64 22.25
CA ASP D 180 -8.36 38.00 21.84
C ASP D 180 -8.71 38.15 20.37
N PRO D 181 -9.55 39.11 19.98
CA PRO D 181 -9.95 39.20 18.56
C PRO D 181 -8.79 39.43 17.60
N ALA D 182 -7.64 39.90 18.09
CA ALA D 182 -6.49 40.07 17.22
C ALA D 182 -5.99 38.75 16.65
N LEU D 183 -6.42 37.62 17.21
CA LEU D 183 -6.11 36.32 16.63
C LEU D 183 -6.73 36.15 15.25
N PHE D 184 -7.75 36.95 14.90
CA PHE D 184 -8.44 36.84 13.64
C PHE D 184 -8.09 37.93 12.64
N VAL D 185 -7.18 38.84 12.99
CA VAL D 185 -6.82 39.96 12.13
C VAL D 185 -5.53 39.63 11.40
N GLY D 186 -5.59 39.60 10.07
CA GLY D 186 -4.41 39.37 9.26
C GLY D 186 -3.96 37.94 9.15
N ARG D 187 -4.70 37.00 9.74
CA ARG D 187 -4.33 35.58 9.73
C ARG D 187 -5.42 34.78 9.03
N ARG D 188 -5.24 33.46 9.02
CA ARG D 188 -6.14 32.54 8.34
C ARG D 188 -6.91 31.71 9.36
N THR D 189 -8.22 31.57 9.13
CA THR D 189 -9.09 30.79 9.99
C THR D 189 -9.88 29.81 9.15
N ALA D 190 -10.02 28.59 9.66
CA ALA D 190 -10.70 27.51 8.97
C ALA D 190 -11.87 27.01 9.80
N ASN D 191 -13.01 26.79 9.15
CA ASN D 191 -14.22 26.32 9.82
C ASN D 191 -14.66 25.01 9.16
N PHE D 192 -14.49 23.91 9.88
CA PHE D 192 -14.80 22.59 9.36
C PHE D 192 -15.97 21.98 10.11
N GLY D 193 -16.72 21.13 9.43
CA GLY D 193 -17.89 20.47 9.98
C GLY D 193 -19.01 20.45 8.96
N LYS D 194 -19.90 19.48 9.10
CA LYS D 194 -20.99 19.34 8.15
C LYS D 194 -22.07 20.38 8.42
N THR D 195 -22.95 20.55 7.44
CA THR D 195 -23.94 21.62 7.50
C THR D 195 -24.96 21.36 8.61
N GLY D 196 -25.25 22.40 9.39
CA GLY D 196 -26.26 22.33 10.42
C GLY D 196 -25.77 22.06 11.82
N PHE D 197 -24.46 22.11 12.06
CA PHE D 197 -23.91 21.77 13.36
C PHE D 197 -23.20 22.94 14.03
N GLY D 198 -23.44 24.17 13.58
CA GLY D 198 -22.99 25.36 14.27
C GLY D 198 -21.92 26.20 13.61
N LYS D 199 -21.77 26.11 12.28
CA LYS D 199 -20.78 26.94 11.61
C LYS D 199 -21.20 28.40 11.56
N SER D 200 -22.47 28.66 11.21
CA SER D 200 -22.93 30.03 11.02
C SER D 200 -22.88 30.82 12.32
N ASN D 201 -23.25 30.20 13.44
CA ASN D 201 -23.21 30.89 14.73
C ASN D 201 -21.79 31.31 15.09
N GLU D 202 -20.83 30.40 14.89
CA GLU D 202 -19.44 30.73 15.19
C GLU D 202 -18.91 31.82 14.28
N ASN D 203 -19.25 31.76 12.99
CA ASN D 203 -18.80 32.79 12.06
C ASN D 203 -19.37 34.16 12.43
N LYS D 204 -20.66 34.20 12.77
CA LYS D 204 -21.27 35.47 13.13
C LYS D 204 -20.72 36.00 14.45
N VAL D 205 -20.44 35.12 15.41
CA VAL D 205 -19.82 35.55 16.66
C VAL D 205 -18.45 36.16 16.40
N ILE D 206 -17.65 35.50 15.56
CA ILE D 206 -16.31 36.01 15.24
C ILE D 206 -16.40 37.36 14.56
N LEU D 207 -17.32 37.49 13.59
CA LEU D 207 -17.45 38.76 12.88
C LEU D 207 -17.92 39.88 13.81
N THR D 208 -18.87 39.58 14.70
CA THR D 208 -19.33 40.59 15.65
C THR D 208 -18.22 41.01 16.60
N LEU D 209 -17.45 40.05 17.10
CA LEU D 209 -16.33 40.39 17.98
C LEU D 209 -15.30 41.25 17.26
N LEU D 210 -14.98 40.91 16.01
CA LEU D 210 -14.03 41.71 15.24
C LEU D 210 -14.55 43.11 14.99
N ALA D 211 -15.83 43.24 14.67
CA ALA D 211 -16.41 44.56 14.42
C ALA D 211 -16.40 45.41 15.69
N HIS D 212 -16.70 44.80 16.83
CA HIS D 212 -16.72 45.55 18.08
C HIS D 212 -15.31 45.96 18.51
N ALA D 213 -14.37 45.02 18.46
CA ALA D 213 -13.03 45.29 18.98
C ALA D 213 -12.20 46.14 18.03
N PHE D 214 -12.33 45.94 16.72
CA PHE D 214 -11.49 46.60 15.72
C PHE D 214 -12.38 47.35 14.73
N PRO D 215 -12.68 48.63 14.99
CA PRO D 215 -13.51 49.41 14.06
C PRO D 215 -12.76 49.95 12.85
N ARG D 216 -11.52 49.53 12.61
CA ARG D 216 -10.74 50.00 11.46
C ARG D 216 -10.53 48.92 10.41
N VAL D 217 -10.92 47.69 10.68
CA VAL D 217 -10.71 46.56 9.78
C VAL D 217 -12.04 46.22 9.11
N GLY D 218 -12.04 46.22 7.78
CA GLY D 218 -13.24 45.92 7.02
C GLY D 218 -13.39 44.44 6.69
N MET D 219 -14.57 44.10 6.17
CA MET D 219 -14.88 42.73 5.81
C MET D 219 -15.46 42.68 4.40
N LEU D 220 -15.03 41.70 3.63
CA LEU D 220 -15.65 41.35 2.35
C LEU D 220 -16.23 39.95 2.51
N ILE D 221 -17.54 39.86 2.66
CA ILE D 221 -18.23 38.60 2.92
C ILE D 221 -18.85 38.13 1.61
N LEU D 222 -18.52 36.92 1.18
CA LEU D 222 -19.10 36.33 -0.02
C LEU D 222 -20.21 35.39 0.42
N ASP D 223 -21.43 35.93 0.45
CA ASP D 223 -22.59 35.22 1.00
C ASP D 223 -23.27 34.43 -0.12
N GLN D 224 -23.01 33.12 -0.15
CA GLN D 224 -23.65 32.24 -1.12
C GLN D 224 -24.99 31.70 -0.64
N ASN D 225 -25.35 31.90 0.62
CA ASN D 225 -26.57 31.36 1.18
C ASN D 225 -27.53 32.42 1.69
N ALA D 226 -27.14 33.70 1.67
CA ALA D 226 -27.95 34.80 2.18
C ALA D 226 -28.34 34.56 3.64
N GLU D 227 -27.31 34.48 4.48
CA GLU D 227 -27.50 34.18 5.90
C GLU D 227 -26.86 35.18 6.85
N TYR D 228 -25.90 35.99 6.40
CA TYR D 228 -25.13 36.83 7.30
C TYR D 228 -25.73 38.21 7.52
N LEU D 229 -26.73 38.61 6.72
CA LEU D 229 -27.31 39.93 6.88
C LEU D 229 -28.51 39.90 7.83
N LEU D 230 -29.47 39.02 7.58
CA LEU D 230 -30.68 38.90 8.39
C LEU D 230 -30.86 37.46 8.84
N GLN D 231 -31.80 37.28 9.77
CA GLN D 231 -32.04 35.95 10.32
C GLN D 231 -32.66 35.04 9.26
N THR D 232 -32.19 33.79 9.24
CA THR D 232 -32.67 32.81 8.27
C THR D 232 -34.04 32.27 8.70
N GLU D 233 -34.83 31.88 7.71
CA GLU D 233 -36.16 31.34 7.97
C GLU D 233 -36.09 30.13 8.90
N ALA D 234 -37.05 30.05 9.81
CA ALA D 234 -37.18 29.02 10.84
C ALA D 234 -36.07 29.09 11.89
N THR D 235 -35.23 30.12 11.85
CA THR D 235 -34.19 30.32 12.84
C THR D 235 -34.34 31.71 13.44
N THR D 236 -34.13 31.81 14.75
CA THR D 236 -34.18 33.08 15.45
C THR D 236 -32.80 33.68 15.68
N SER D 237 -31.76 33.09 15.09
CA SER D 237 -30.41 33.60 15.25
C SER D 237 -30.25 34.88 14.42
N PRO D 238 -29.92 36.02 15.02
CA PRO D 238 -29.85 37.27 14.26
C PRO D 238 -28.68 37.30 13.30
N GLY D 239 -28.82 38.14 12.28
CA GLY D 239 -27.76 38.39 11.34
C GLY D 239 -26.86 39.53 11.80
N LEU D 240 -25.97 39.95 10.89
CA LEU D 240 -25.03 41.01 11.23
C LEU D 240 -25.72 42.37 11.34
N ALA D 241 -26.78 42.60 10.55
CA ALA D 241 -27.49 43.88 10.64
C ALA D 241 -28.18 44.05 11.99
N GLN D 242 -28.87 43.00 12.44
CA GLN D 242 -29.54 43.05 13.74
C GLN D 242 -28.52 43.16 14.87
N ALA D 243 -27.41 42.44 14.77
CA ALA D 243 -26.37 42.53 15.78
C ALA D 243 -25.77 43.93 15.84
N PHE D 244 -25.55 44.54 14.68
CA PHE D 244 -25.00 45.90 14.64
C PHE D 244 -26.00 46.90 15.20
N LYS D 245 -27.29 46.71 14.93
CA LYS D 245 -28.31 47.57 15.53
C LYS D 245 -28.31 47.42 17.05
N ALA D 246 -28.17 46.19 17.55
CA ALA D 246 -28.15 45.96 18.99
C ALA D 246 -26.92 46.60 19.62
N LEU D 247 -25.76 46.52 18.96
CA LEU D 247 -24.53 47.06 19.51
C LEU D 247 -24.36 48.55 19.28
N GLY D 248 -25.24 49.17 18.49
CA GLY D 248 -25.14 50.59 18.25
C GLY D 248 -24.17 51.00 17.17
N ILE D 249 -23.71 50.06 16.34
CA ILE D 249 -22.80 50.38 15.24
C ILE D 249 -23.63 50.91 14.07
N ARG D 250 -23.23 52.07 13.55
CA ARG D 250 -24.02 52.79 12.56
C ARG D 250 -23.20 53.07 11.32
N GLY D 251 -23.82 52.91 10.15
CA GLY D 251 -23.21 53.31 8.89
C GLY D 251 -21.96 52.55 8.51
N ARG D 252 -21.95 51.23 8.69
CA ARG D 252 -20.80 50.41 8.34
C ARG D 252 -21.10 49.29 7.37
N ILE D 253 -22.37 48.94 7.16
CA ILE D 253 -22.75 47.84 6.29
C ILE D 253 -23.18 48.39 4.94
N ARG D 254 -22.59 47.85 3.87
CA ARG D 254 -22.96 48.20 2.50
C ARG D 254 -23.35 46.90 1.79
N PHE D 255 -24.63 46.75 1.49
CA PHE D 255 -25.18 45.51 0.96
C PHE D 255 -25.41 45.65 -0.54
N TYR D 256 -24.86 44.73 -1.31
CA TYR D 256 -24.97 44.75 -2.77
C TYR D 256 -25.87 43.61 -3.22
N THR D 257 -26.90 43.95 -4.00
CA THR D 257 -27.87 42.96 -4.43
C THR D 257 -28.54 43.43 -5.72
N ALA D 258 -29.17 42.49 -6.40
CA ALA D 258 -29.96 42.77 -7.60
C ALA D 258 -31.46 42.77 -7.33
N ARG D 259 -31.86 42.68 -6.06
CA ARG D 259 -33.25 42.62 -5.64
C ARG D 259 -33.51 43.62 -4.53
N GLU D 260 -33.10 44.87 -4.77
CA GLU D 260 -33.09 45.90 -3.73
C GLU D 260 -34.46 46.08 -3.08
N GLU D 261 -35.55 45.91 -3.84
CA GLU D 261 -36.87 46.17 -3.29
C GLU D 261 -37.25 45.15 -2.23
N ALA D 262 -37.06 43.85 -2.53
CA ALA D 262 -37.41 42.81 -1.56
C ALA D 262 -36.54 42.90 -0.31
N TRP D 263 -35.24 43.16 -0.50
CA TRP D 263 -34.35 43.27 0.65
C TRP D 263 -34.68 44.51 1.48
N ALA D 264 -35.07 45.60 0.83
CA ALA D 264 -35.50 46.78 1.58
C ALA D 264 -36.77 46.49 2.37
N ARG D 265 -37.70 45.74 1.78
CA ARG D 265 -38.91 45.35 2.50
C ARG D 265 -38.56 44.52 3.73
N ARG D 266 -37.66 43.54 3.56
CA ARG D 266 -37.25 42.70 4.68
C ARG D 266 -36.54 43.51 5.77
N LEU D 267 -35.68 44.45 5.36
CA LEU D 267 -34.99 45.28 6.33
C LEU D 267 -35.95 46.18 7.10
N LYS D 268 -36.94 46.74 6.41
CA LYS D 268 -37.96 47.52 7.11
C LYS D 268 -38.75 46.65 8.08
N GLU D 269 -39.05 45.41 7.68
CA GLU D 269 -39.78 44.50 8.56
C GLU D 269 -39.00 44.18 9.82
N HIS D 270 -37.69 43.94 9.68
CA HIS D 270 -36.89 43.47 10.81
C HIS D 270 -36.32 44.62 11.64
N LEU D 271 -35.49 45.47 11.03
CA LEU D 271 -34.83 46.53 11.79
C LEU D 271 -35.80 47.65 12.17
N GLY D 272 -36.75 47.95 11.32
CA GLY D 272 -37.73 48.98 11.60
C GLY D 272 -37.67 50.14 10.64
N THR D 273 -38.19 51.28 11.10
CA THR D 273 -38.27 52.46 10.24
C THR D 273 -36.89 53.07 9.98
N GLU D 274 -36.01 53.05 10.98
CA GLU D 274 -34.70 53.67 10.88
C GLU D 274 -33.63 52.72 10.39
N TRP D 275 -33.99 51.72 9.57
CA TRP D 275 -33.02 50.74 9.11
C TRP D 275 -31.96 51.33 8.20
N ARG D 276 -32.21 52.52 7.63
CA ARG D 276 -31.24 53.12 6.72
C ARG D 276 -30.02 53.69 7.42
N GLU D 277 -30.05 53.79 8.75
CA GLU D 277 -28.87 54.23 9.49
C GLU D 277 -27.85 53.13 9.71
N TYR D 278 -28.19 51.89 9.37
CA TYR D 278 -27.32 50.75 9.62
C TYR D 278 -26.92 50.01 8.35
N VAL D 279 -27.83 49.89 7.37
CA VAL D 279 -27.60 49.12 6.17
C VAL D 279 -27.81 50.02 4.96
N GLU D 280 -26.93 49.88 3.97
CA GLU D 280 -27.04 50.61 2.70
C GLU D 280 -27.15 49.60 1.57
N VAL D 281 -28.26 49.66 0.83
CA VAL D 281 -28.53 48.72 -0.25
C VAL D 281 -28.08 49.34 -1.57
N LEU D 282 -27.32 48.58 -2.35
CA LEU D 282 -26.69 49.11 -3.54
C LEU D 282 -26.94 48.18 -4.73
N PRO D 283 -26.98 48.74 -5.95
CA PRO D 283 -27.22 47.90 -7.13
C PRO D 283 -26.02 47.04 -7.47
N LEU D 284 -26.29 46.01 -8.26
CA LEU D 284 -25.31 45.01 -8.68
C LEU D 284 -25.29 44.88 -10.20
N LYS D 285 -25.25 46.02 -10.88
CA LYS D 285 -25.35 46.05 -12.33
C LYS D 285 -24.18 46.82 -12.93
N VAL D 286 -23.85 46.49 -14.18
CA VAL D 286 -22.72 47.07 -14.89
C VAL D 286 -23.19 47.56 -16.25
N ASP D 287 -22.76 48.76 -16.63
CA ASP D 287 -23.00 49.29 -17.97
C ASP D 287 -21.96 48.72 -18.91
N PHE D 288 -22.41 47.87 -19.84
CA PHE D 288 -21.47 47.16 -20.72
C PHE D 288 -21.01 47.97 -21.91
N TYR D 289 -21.63 49.13 -22.17
CA TYR D 289 -21.14 50.00 -23.23
C TYR D 289 -19.93 50.81 -22.81
N HIS D 290 -19.65 50.90 -21.50
CA HIS D 290 -18.48 51.59 -21.00
C HIS D 290 -17.38 50.64 -20.55
N PHE D 291 -17.70 49.38 -20.27
CA PHE D 291 -16.72 48.37 -19.89
C PHE D 291 -16.94 47.12 -20.74
N PRO D 292 -16.63 47.21 -22.05
CA PRO D 292 -16.84 46.04 -22.92
C PRO D 292 -15.95 44.85 -22.57
N GLU D 293 -14.84 45.08 -21.87
CA GLU D 293 -13.98 43.96 -21.49
C GLU D 293 -14.69 43.00 -20.55
N LEU D 294 -15.57 43.52 -19.69
CA LEU D 294 -16.34 42.64 -18.82
C LEU D 294 -17.26 41.73 -19.63
N ALA D 295 -17.93 42.29 -20.65
CA ALA D 295 -18.80 41.48 -21.50
C ALA D 295 -18.00 40.44 -22.28
N VAL D 296 -16.84 40.84 -22.82
CA VAL D 296 -16.03 39.91 -23.59
C VAL D 296 -15.54 38.78 -22.70
N ALA D 297 -15.10 39.10 -21.48
CA ALA D 297 -14.67 38.05 -20.55
C ALA D 297 -15.83 37.13 -20.18
N LEU D 298 -16.99 37.71 -19.86
CA LEU D 298 -18.16 36.89 -19.52
C LEU D 298 -18.51 35.95 -20.65
N ALA D 299 -18.36 36.40 -21.90
CA ALA D 299 -18.56 35.50 -23.03
C ALA D 299 -17.46 34.44 -23.13
N TYR D 300 -16.23 34.79 -22.75
CA TYR D 300 -15.10 33.89 -22.94
C TYR D 300 -15.00 32.79 -21.89
N GLN D 301 -15.59 32.98 -20.70
CA GLN D 301 -15.58 31.93 -19.68
C GLN D 301 -16.98 31.38 -19.44
N ARG D 302 -17.70 31.07 -20.51
CA ARG D 302 -19.00 30.44 -20.40
C ARG D 302 -18.82 28.96 -20.00
N ARG D 303 -19.90 28.19 -20.04
CA ARG D 303 -19.88 26.83 -19.49
C ARG D 303 -18.89 25.95 -20.24
N ARG D 304 -19.00 25.89 -21.57
CA ARG D 304 -18.17 25.02 -22.40
C ARG D 304 -18.33 23.55 -21.98
N LEU D 305 -19.55 23.06 -22.18
CA LEU D 305 -19.90 21.71 -21.78
C LEU D 305 -19.06 20.67 -22.51
N GLN D 306 -18.90 19.51 -21.88
CA GLN D 306 -18.17 18.36 -22.43
C GLN D 306 -16.76 18.83 -22.78
N GLY D 307 -16.23 18.45 -23.95
CA GLY D 307 -14.98 19.03 -24.41
C GLY D 307 -15.11 20.52 -24.62
N ALA D 308 -14.23 21.29 -24.01
CA ALA D 308 -14.33 22.75 -24.07
C ALA D 308 -14.26 23.22 -25.52
N GLU D 309 -15.08 24.23 -25.84
CA GLU D 309 -15.18 24.77 -27.19
C GLU D 309 -15.02 26.29 -27.12
N PRO D 310 -13.82 26.79 -26.91
CA PRO D 310 -13.59 28.24 -26.95
C PRO D 310 -13.35 28.68 -28.37
N PRO D 311 -14.23 29.53 -28.91
CA PRO D 311 -14.07 29.96 -30.31
C PRO D 311 -12.87 30.89 -30.48
N GLN D 312 -12.35 30.89 -31.71
CA GLN D 312 -11.14 31.66 -31.99
C GLN D 312 -11.40 33.16 -31.93
N TYR D 313 -12.54 33.61 -32.47
CA TYR D 313 -12.83 35.04 -32.48
C TYR D 313 -12.98 35.58 -31.05
N LEU D 314 -13.63 34.81 -30.17
CA LEU D 314 -13.72 35.23 -28.78
C LEU D 314 -12.34 35.29 -28.13
N GLU D 315 -11.46 34.34 -28.45
CA GLU D 315 -10.10 34.36 -27.92
C GLU D 315 -9.37 35.62 -28.34
N ASN D 316 -9.40 35.94 -29.64
CA ASN D 316 -8.66 37.10 -30.12
C ASN D 316 -9.26 38.40 -29.60
N ALA D 317 -10.59 38.45 -29.46
CA ALA D 317 -11.21 39.63 -28.86
C ALA D 317 -10.77 39.79 -27.40
N PHE D 318 -10.79 38.69 -26.65
CA PHE D 318 -10.39 38.73 -25.24
C PHE D 318 -8.93 39.14 -25.09
N TYR D 319 -8.09 38.80 -26.06
CA TYR D 319 -6.67 39.12 -25.96
C TYR D 319 -6.29 40.44 -26.64
N ASN D 320 -7.17 41.04 -27.43
CA ASN D 320 -6.82 42.25 -28.18
C ASN D 320 -7.84 43.38 -28.08
N LEU D 321 -8.79 43.32 -27.14
CA LEU D 321 -9.72 44.43 -26.99
C LEU D 321 -9.01 45.70 -26.57
N GLU D 322 -7.94 45.58 -25.77
CA GLU D 322 -7.20 46.77 -25.36
C GLU D 322 -6.61 47.50 -26.56
N ASP D 323 -6.06 46.75 -27.52
CA ASP D 323 -5.56 47.37 -28.74
C ASP D 323 -6.71 47.87 -29.62
N TRP D 324 -7.81 47.11 -29.71
CA TRP D 324 -8.94 47.54 -30.52
C TRP D 324 -9.57 48.82 -30.02
N LYS D 325 -9.42 49.13 -28.73
CA LYS D 325 -10.02 50.34 -28.19
C LYS D 325 -9.44 51.61 -28.81
N HIS D 326 -8.31 51.52 -29.50
CA HIS D 326 -7.67 52.67 -30.10
C HIS D 326 -7.91 52.79 -31.61
N ILE D 327 -8.73 51.92 -32.18
CA ILE D 327 -9.12 52.01 -33.58
C ILE D 327 -10.64 52.13 -33.63
N PRO D 328 -11.18 53.18 -34.25
CA PRO D 328 -12.63 53.42 -34.15
C PRO D 328 -13.51 52.33 -34.75
N ASP D 329 -13.08 51.68 -35.83
CA ASP D 329 -13.96 50.73 -36.51
C ASP D 329 -14.15 49.46 -35.68
N ARG D 330 -13.10 49.00 -34.99
CA ARG D 330 -13.25 47.83 -34.13
C ARG D 330 -14.23 48.10 -33.00
N MET D 331 -14.14 49.29 -32.38
CA MET D 331 -15.07 49.64 -31.32
C MET D 331 -16.48 49.80 -31.87
N ALA D 332 -16.60 50.30 -33.11
CA ALA D 332 -17.90 50.38 -33.75
C ALA D 332 -18.50 48.99 -33.92
N TYR D 333 -17.70 48.03 -34.36
CA TYR D 333 -18.17 46.66 -34.50
C TYR D 333 -18.60 46.07 -33.16
N VAL D 334 -17.81 46.30 -32.11
CA VAL D 334 -18.14 45.77 -30.80
C VAL D 334 -19.44 46.37 -30.26
N TYR D 335 -19.58 47.70 -30.39
CA TYR D 335 -20.82 48.35 -29.96
C TYR D 335 -22.01 47.88 -30.77
N GLY D 336 -21.82 47.66 -32.07
CA GLY D 336 -22.90 47.13 -32.88
C GLY D 336 -23.31 45.73 -32.47
N ALA D 337 -22.34 44.90 -32.13
CA ALA D 337 -22.66 43.57 -31.62
C ALA D 337 -23.43 43.64 -30.32
N LEU D 338 -23.00 44.53 -29.41
CA LEU D 338 -23.71 44.69 -28.14
C LEU D 338 -25.14 45.18 -28.36
N ARG D 339 -25.33 46.12 -29.29
CA ARG D 339 -26.66 46.63 -29.58
C ARG D 339 -27.52 45.56 -30.23
N LYS D 340 -26.95 44.76 -31.13
CA LYS D 340 -27.70 43.68 -31.78
C LYS D 340 -28.08 42.59 -30.79
N ALA D 341 -27.29 42.40 -29.74
CA ALA D 341 -27.63 41.42 -28.71
C ALA D 341 -28.94 41.81 -28.01
N GLY D 342 -29.12 43.09 -27.73
CA GLY D 342 -30.34 43.56 -27.11
C GLY D 342 -30.11 44.55 -25.98
N LEU D 343 -28.83 44.80 -25.67
CA LEU D 343 -28.48 45.72 -24.59
C LEU D 343 -28.79 47.15 -25.03
N THR D 344 -29.80 47.75 -24.41
CA THR D 344 -30.13 49.13 -24.73
C THR D 344 -29.04 50.07 -24.23
N PRO D 345 -28.67 51.08 -25.02
CA PRO D 345 -27.63 52.03 -24.59
C PRO D 345 -28.24 53.26 -23.93
N ARG D 346 -27.35 54.09 -23.40
CA ARG D 346 -27.78 55.38 -22.87
C ARG D 346 -28.10 56.34 -24.00
N LYS D 347 -28.96 57.32 -23.71
CA LYS D 347 -29.40 58.24 -24.74
C LYS D 347 -28.25 59.14 -25.19
N GLY D 348 -28.14 59.34 -26.50
CA GLY D 348 -27.13 60.20 -27.07
C GLY D 348 -25.79 59.56 -27.31
N LEU D 349 -25.67 58.24 -27.15
CA LEU D 349 -24.39 57.58 -27.39
C LEU D 349 -24.05 57.62 -28.86
N LYS D 350 -22.82 58.02 -29.19
CA LYS D 350 -22.38 58.19 -30.56
C LYS D 350 -21.09 57.42 -30.77
N ILE D 351 -20.95 56.81 -31.95
CA ILE D 351 -19.75 56.08 -32.33
C ILE D 351 -19.17 56.71 -33.59
N LYS D 352 -17.97 56.26 -33.96
CA LYS D 352 -17.21 56.90 -35.02
C LYS D 352 -16.89 55.96 -36.17
N TYR D 353 -17.89 55.21 -36.64
CA TYR D 353 -17.68 54.32 -37.78
C TYR D 353 -17.26 55.11 -39.01
N LYS D 354 -16.19 54.66 -39.66
CA LYS D 354 -15.60 55.36 -40.79
C LYS D 354 -15.33 56.82 -40.44
N ASN D 355 -16.21 57.72 -40.90
CA ASN D 355 -16.11 59.12 -40.53
C ASN D 355 -17.48 59.74 -40.28
N GLU D 356 -18.48 58.94 -39.92
CA GLU D 356 -19.82 59.43 -39.61
C GLU D 356 -20.14 59.14 -38.16
N ASN D 357 -20.98 59.99 -37.57
CA ASN D 357 -21.35 59.91 -36.16
C ASN D 357 -22.80 59.46 -36.07
N TYR D 358 -23.00 58.17 -35.86
CA TYR D 358 -24.33 57.61 -35.70
C TYR D 358 -24.73 57.57 -34.22
N ASP D 359 -26.03 57.66 -33.98
CA ASP D 359 -26.59 57.59 -32.63
C ASP D 359 -27.36 56.29 -32.50
N ILE D 360 -26.73 55.29 -31.89
CA ILE D 360 -27.34 53.96 -31.81
C ILE D 360 -28.54 53.94 -30.88
N SER D 361 -28.70 54.97 -30.04
CA SER D 361 -29.86 55.03 -29.17
C SER D 361 -31.16 55.26 -29.93
N GLU D 362 -31.09 55.75 -31.16
CA GLU D 362 -32.26 56.01 -31.98
C GLU D 362 -32.43 54.91 -33.02
N GLU D 363 -33.68 54.52 -33.26
CA GLU D 363 -33.95 53.41 -34.17
C GLU D 363 -33.46 53.71 -35.58
N LYS D 364 -33.76 54.91 -36.08
CA LYS D 364 -33.41 55.25 -37.47
C LYS D 364 -31.89 55.35 -37.65
N SER D 365 -31.21 56.03 -36.73
CA SER D 365 -29.76 56.16 -36.84
C SER D 365 -29.08 54.81 -36.65
N TRP D 366 -29.61 53.95 -35.77
CA TRP D 366 -29.07 52.61 -35.62
C TRP D 366 -29.25 51.79 -36.89
N GLY D 367 -30.42 51.92 -37.53
CA GLY D 367 -30.63 51.24 -38.80
C GLY D 367 -29.69 51.73 -39.89
N ASN D 368 -29.45 53.05 -39.94
CA ASN D 368 -28.50 53.59 -40.89
C ASN D 368 -27.09 53.07 -40.62
N LEU D 369 -26.71 52.99 -39.34
CA LEU D 369 -25.42 52.41 -38.97
C LEU D 369 -25.31 50.96 -39.43
N GLN D 370 -26.36 50.17 -39.20
CA GLN D 370 -26.32 48.77 -39.61
C GLN D 370 -26.21 48.63 -41.12
N GLU D 371 -26.97 49.45 -41.86
CA GLU D 371 -26.91 49.40 -43.32
C GLU D 371 -25.53 49.79 -43.83
N ALA D 372 -24.95 50.86 -43.27
CA ALA D 372 -23.64 51.30 -43.72
C ALA D 372 -22.54 50.30 -43.31
N MET D 373 -22.75 49.59 -42.20
CA MET D 373 -21.75 48.64 -41.72
C MET D 373 -21.79 47.34 -42.53
N GLU D 374 -22.98 46.89 -42.92
CA GLU D 374 -23.10 45.59 -43.57
C GLU D 374 -22.94 45.69 -45.09
N ASN D 375 -23.46 46.75 -45.71
CA ASN D 375 -23.49 46.81 -47.17
C ASN D 375 -22.13 47.17 -47.78
N ASN D 376 -21.32 47.98 -47.10
CA ASN D 376 -20.07 48.44 -47.71
C ASN D 376 -19.08 47.31 -47.87
N SER D 377 -18.88 46.51 -46.82
CA SER D 377 -17.88 45.44 -46.84
C SER D 377 -18.49 44.11 -47.26
N GLN D 378 -19.15 44.10 -48.42
CA GLN D 378 -19.74 42.88 -48.96
C GLN D 378 -18.74 42.14 -49.87
N ARG D 379 -17.57 41.85 -49.33
CA ARG D 379 -16.53 41.13 -50.06
C ARG D 379 -16.03 39.88 -49.35
N GLY D 380 -16.27 39.74 -48.04
CA GLY D 380 -15.79 38.57 -47.31
C GLY D 380 -14.29 38.45 -47.29
N ASP D 381 -13.58 39.57 -47.15
CA ASP D 381 -12.12 39.59 -47.14
C ASP D 381 -11.65 40.00 -45.75
N ASN D 382 -10.82 39.14 -45.15
CA ASN D 382 -10.23 39.39 -43.84
C ASN D 382 -11.31 39.64 -42.78
N LYS D 383 -12.12 38.60 -42.54
CA LYS D 383 -13.13 38.63 -41.49
C LYS D 383 -12.41 38.51 -40.16
N GLY D 384 -11.92 39.63 -39.65
CA GLY D 384 -11.15 39.66 -38.43
C GLY D 384 -11.97 39.40 -37.19
N GLY D 385 -11.40 39.72 -36.03
CA GLY D 385 -12.11 39.47 -34.79
C GLY D 385 -13.38 40.29 -34.65
N ALA D 386 -13.31 41.58 -34.98
CA ALA D 386 -14.46 42.46 -34.80
C ALA D 386 -15.62 42.08 -35.71
N ARG D 387 -15.33 41.79 -36.98
CA ARG D 387 -16.38 41.41 -37.91
C ARG D 387 -17.04 40.11 -37.50
N GLU D 388 -16.25 39.13 -37.04
CA GLU D 388 -16.83 37.85 -36.66
C GLU D 388 -17.58 37.95 -35.34
N LEU D 389 -17.15 38.86 -34.44
CA LEU D 389 -17.96 39.17 -33.28
C LEU D 389 -19.30 39.77 -33.69
N TYR D 390 -19.30 40.67 -34.66
CA TYR D 390 -20.56 41.24 -35.12
C TYR D 390 -21.45 40.16 -35.73
N SER D 391 -20.83 39.20 -36.42
CA SER D 391 -21.60 38.09 -36.99
C SER D 391 -22.22 37.21 -35.89
N ARG D 392 -21.45 36.92 -34.83
CA ARG D 392 -21.90 36.03 -33.76
C ARG D 392 -22.43 36.80 -32.55
N ALA D 393 -22.84 38.04 -32.73
CA ALA D 393 -23.34 38.90 -31.66
C ALA D 393 -24.34 38.23 -30.71
N LYS D 394 -25.02 37.17 -31.15
CA LYS D 394 -26.05 36.58 -30.29
C LYS D 394 -25.48 35.98 -29.01
N VAL D 395 -24.16 35.80 -28.91
CA VAL D 395 -23.55 35.24 -27.71
C VAL D 395 -23.64 36.18 -26.51
N PHE D 396 -24.02 37.43 -26.71
CA PHE D 396 -24.09 38.42 -25.63
C PHE D 396 -25.48 38.60 -25.06
N SER D 397 -26.43 37.71 -25.41
CA SER D 397 -27.81 37.89 -24.99
C SER D 397 -27.99 37.70 -23.48
N PHE D 398 -27.22 36.81 -22.87
CA PHE D 398 -27.40 36.50 -21.46
C PHE D 398 -26.98 37.64 -20.53
N LEU D 399 -26.33 38.67 -21.06
CA LEU D 399 -25.91 39.81 -20.25
C LEU D 399 -27.05 40.78 -19.96
N ARG D 400 -28.23 40.58 -20.55
CA ARG D 400 -29.34 41.51 -20.35
C ARG D 400 -29.83 41.54 -18.91
N ALA D 401 -29.60 40.48 -18.14
CA ALA D 401 -30.08 40.44 -16.77
C ALA D 401 -29.36 41.47 -15.89
N PHE D 402 -28.05 41.33 -15.77
CA PHE D 402 -27.24 42.24 -14.95
C PHE D 402 -26.62 43.35 -15.79
N HIS D 403 -27.51 44.09 -16.46
CA HIS D 403 -27.11 45.25 -17.25
C HIS D 403 -28.07 46.39 -16.99
N ALA D 404 -27.53 47.58 -16.74
CA ALA D 404 -28.33 48.79 -16.55
C ALA D 404 -27.80 49.85 -17.49
N PRO D 405 -28.62 50.38 -18.41
CA PRO D 405 -28.09 51.29 -19.43
C PRO D 405 -27.71 52.66 -18.88
N GLY D 406 -26.43 52.85 -18.60
CA GLY D 406 -25.84 54.14 -18.37
C GLY D 406 -25.78 54.51 -16.91
N LYS D 407 -24.67 54.19 -16.24
CA LYS D 407 -24.39 54.76 -14.93
C LYS D 407 -22.91 55.02 -14.67
N GLU D 408 -22.02 54.60 -15.57
CA GLU D 408 -20.59 54.50 -15.25
C GLU D 408 -20.38 53.84 -13.88
N ALA D 409 -21.19 52.82 -13.59
CA ALA D 409 -21.27 52.30 -12.23
C ALA D 409 -20.13 51.35 -11.91
N ASN D 410 -20.10 50.20 -12.60
CA ASN D 410 -19.07 49.17 -12.39
C ASN D 410 -18.90 48.86 -10.90
N PHE D 411 -19.96 48.26 -10.34
CA PHE D 411 -20.02 48.01 -8.90
C PHE D 411 -18.72 47.43 -8.33
N LEU D 412 -17.93 46.75 -9.16
CA LEU D 412 -16.62 46.29 -8.71
C LEU D 412 -15.74 47.46 -8.30
N GLU D 413 -15.76 48.54 -9.09
CA GLU D 413 -14.99 49.73 -8.74
C GLU D 413 -15.53 50.37 -7.46
N THR D 414 -16.86 50.35 -7.27
CA THR D 414 -17.43 50.88 -6.04
C THR D 414 -16.96 50.08 -4.83
N ILE D 415 -16.93 48.75 -4.94
CA ILE D 415 -16.45 47.92 -3.84
C ILE D 415 -14.97 48.18 -3.59
N LYS D 416 -14.19 48.33 -4.66
CA LYS D 416 -12.76 48.61 -4.51
C LYS D 416 -12.52 49.93 -3.80
N GLU D 417 -13.30 50.96 -4.14
CA GLU D 417 -13.18 52.24 -3.46
C GLU D 417 -13.67 52.16 -2.02
N ASP D 418 -14.69 51.34 -1.75
CA ASP D 418 -15.17 51.17 -0.39
C ASP D 418 -14.13 50.52 0.50
N LEU D 419 -13.43 49.50 -0.01
CA LEU D 419 -12.52 48.73 0.82
C LEU D 419 -11.09 49.27 0.83
N LEU D 420 -10.66 49.97 -0.23
CA LEU D 420 -9.29 50.43 -0.34
C LEU D 420 -9.20 51.85 -0.89
N GLY D 421 -10.18 52.69 -0.60
CA GLY D 421 -10.18 54.03 -1.11
C GLY D 421 -9.28 54.97 -0.32
N GLU D 422 -8.86 56.06 -0.98
CA GLU D 422 -8.02 57.05 -0.32
C GLU D 422 -8.79 57.77 0.78
N LYS D 423 -9.99 58.27 0.46
CA LYS D 423 -10.81 58.97 1.43
C LYS D 423 -11.63 58.02 2.30
N THR D 424 -11.60 56.72 2.01
CA THR D 424 -12.27 55.71 2.83
C THR D 424 -11.27 54.94 3.67
N GLU D 425 -10.06 55.49 3.86
CA GLU D 425 -9.07 54.83 4.69
C GLU D 425 -9.58 54.69 6.12
N GLY D 426 -9.43 53.50 6.68
CA GLY D 426 -10.08 53.22 7.94
C GLY D 426 -11.57 53.04 7.75
N GLU D 427 -12.33 53.41 8.78
CA GLU D 427 -13.78 53.44 8.78
C GLU D 427 -14.41 52.04 8.79
N GLY D 428 -13.58 51.01 8.66
CA GLY D 428 -14.00 49.63 8.76
C GLY D 428 -15.29 49.28 8.05
N LYS D 429 -15.30 49.39 6.72
CA LYS D 429 -16.51 49.19 5.94
C LYS D 429 -16.75 47.70 5.72
N VAL D 430 -17.96 47.25 6.06
CA VAL D 430 -18.34 45.85 5.94
C VAL D 430 -19.14 45.68 4.65
N VAL D 431 -18.64 44.86 3.74
CA VAL D 431 -19.24 44.66 2.42
C VAL D 431 -19.83 43.25 2.38
N ILE D 432 -21.13 43.17 2.10
CA ILE D 432 -21.83 41.89 1.97
C ILE D 432 -22.43 41.83 0.57
N LEU D 433 -22.19 40.72 -0.14
CA LEU D 433 -22.63 40.53 -1.50
C LEU D 433 -23.72 39.47 -1.55
N ASP D 434 -24.82 39.79 -2.24
CA ASP D 434 -25.91 38.83 -2.45
C ASP D 434 -25.60 38.03 -3.70
N LEU D 435 -24.72 37.05 -3.53
CA LEU D 435 -24.31 36.21 -4.66
C LEU D 435 -25.44 35.43 -5.32
N PRO D 436 -26.40 34.84 -4.61
CA PRO D 436 -27.45 34.06 -5.30
C PRO D 436 -28.24 34.86 -6.33
N SER D 437 -28.33 36.19 -6.17
CA SER D 437 -29.06 37.00 -7.14
C SER D 437 -28.32 37.17 -8.45
N LEU D 438 -27.05 36.75 -8.53
CA LEU D 438 -26.26 36.88 -9.74
C LEU D 438 -26.43 35.71 -10.70
N GLY D 439 -27.13 34.66 -10.29
CA GLY D 439 -27.36 33.53 -11.19
C GLY D 439 -26.08 32.76 -11.43
N GLU D 440 -25.81 32.48 -12.70
CA GLU D 440 -24.66 31.67 -13.11
C GLU D 440 -23.38 32.48 -13.27
N ALA D 441 -23.42 33.80 -13.09
CA ALA D 441 -22.26 34.65 -13.23
C ALA D 441 -21.61 35.00 -11.90
N ALA D 442 -22.04 34.36 -10.81
CA ALA D 442 -21.50 34.69 -9.49
C ALA D 442 -20.02 34.35 -9.38
N ASP D 443 -19.61 33.20 -9.90
CA ASP D 443 -18.21 32.79 -9.78
C ASP D 443 -17.29 33.73 -10.54
N PHE D 444 -17.67 34.11 -11.76
CA PHE D 444 -16.86 35.03 -12.56
C PHE D 444 -16.66 36.36 -11.84
N PHE D 445 -17.75 36.94 -11.35
CA PHE D 445 -17.66 38.23 -10.67
C PHE D 445 -16.86 38.11 -9.39
N THR D 446 -17.03 37.03 -8.64
CA THR D 446 -16.27 36.84 -7.42
C THR D 446 -14.77 36.77 -7.72
N LEU D 447 -14.39 35.99 -8.73
CA LEU D 447 -12.98 35.85 -9.07
C LEU D 447 -12.39 37.18 -9.55
N ARG D 448 -13.13 37.89 -10.41
CA ARG D 448 -12.63 39.17 -10.92
C ARG D 448 -12.51 40.20 -9.81
N LEU D 449 -13.49 40.26 -8.91
CA LEU D 449 -13.40 41.19 -7.79
C LEU D 449 -12.22 40.87 -6.89
N MET D 450 -11.99 39.59 -6.60
CA MET D 450 -10.85 39.22 -5.77
C MET D 450 -9.53 39.60 -6.45
N ASP D 451 -9.42 39.36 -7.76
CA ASP D 451 -8.21 39.73 -8.47
C ASP D 451 -7.99 41.24 -8.45
N LEU D 452 -9.06 42.01 -8.66
CA LEU D 452 -8.95 43.47 -8.63
C LEU D 452 -8.51 43.97 -7.26
N LEU D 453 -9.12 43.43 -6.20
CA LEU D 453 -8.77 43.84 -4.85
C LEU D 453 -7.32 43.48 -4.52
N PHE D 454 -6.89 42.28 -4.92
CA PHE D 454 -5.50 41.89 -4.65
C PHE D 454 -4.52 42.77 -5.40
N ASP D 455 -4.82 43.12 -6.65
CA ASP D 455 -3.93 43.99 -7.40
C ASP D 455 -3.86 45.37 -6.77
N ARG D 456 -5.00 45.91 -6.32
CA ARG D 456 -4.99 47.21 -5.64
C ARG D 456 -4.19 47.15 -4.35
N ALA D 457 -4.34 46.06 -3.58
CA ALA D 457 -3.58 45.93 -2.35
C ALA D 457 -2.09 45.82 -2.62
N VAL D 458 -1.70 45.09 -3.65
CA VAL D 458 -0.29 45.00 -4.03
C VAL D 458 0.24 46.36 -4.44
N GLU D 459 -0.55 47.13 -5.19
CA GLU D 459 -0.13 48.47 -5.58
C GLU D 459 0.04 49.37 -4.37
N LEU D 460 -0.83 49.23 -3.37
CA LEU D 460 -0.73 50.04 -2.16
C LEU D 460 0.43 49.63 -1.26
N TYR D 461 1.10 48.51 -1.55
CA TYR D 461 2.19 48.05 -0.70
C TYR D 461 3.33 49.07 -0.68
N GLY D 462 3.96 49.19 0.48
CA GLY D 462 5.00 50.18 0.68
C GLY D 462 4.52 51.49 1.26
N LYS D 463 3.21 51.76 1.20
CA LYS D 463 2.61 52.95 1.76
C LYS D 463 1.67 52.65 2.91
N ARG D 464 0.73 51.72 2.73
CA ARG D 464 -0.23 51.38 3.75
C ARG D 464 -0.72 49.96 3.52
N GLN D 465 -1.35 49.40 4.54
CA GLN D 465 -1.83 48.02 4.50
C GLN D 465 -3.29 47.97 4.07
N ALA D 466 -3.69 46.84 3.49
CA ALA D 466 -5.06 46.66 3.03
C ALA D 466 -6.02 46.59 4.19
N ASN D 467 -5.72 45.75 5.18
CA ASN D 467 -6.46 45.67 6.45
C ASN D 467 -7.94 45.34 6.24
N PHE D 468 -8.20 44.14 5.70
CA PHE D 468 -9.56 43.64 5.64
C PHE D 468 -9.54 42.12 5.62
N LEU D 469 -10.70 41.54 5.91
CA LEU D 469 -10.87 40.09 6.06
C LEU D 469 -11.87 39.59 5.04
N VAL D 470 -11.50 38.52 4.32
CA VAL D 470 -12.36 37.90 3.31
C VAL D 470 -13.04 36.69 3.93
N VAL D 471 -14.37 36.70 3.93
CA VAL D 471 -15.17 35.60 4.45
C VAL D 471 -15.64 34.76 3.27
N LEU D 472 -15.18 33.51 3.22
CA LEU D 472 -15.40 32.63 2.08
C LEU D 472 -16.06 31.33 2.54
N GLU D 473 -17.09 30.91 1.81
CA GLU D 473 -17.84 29.70 2.13
C GLU D 473 -17.67 28.67 1.02
N GLU D 474 -17.73 27.39 1.40
CA GLU D 474 -17.49 26.28 0.48
C GLU D 474 -16.15 26.45 -0.21
N ALA D 475 -15.11 26.64 0.59
CA ALA D 475 -13.79 27.01 0.09
C ALA D 475 -13.14 25.93 -0.77
N HIS D 476 -13.64 24.69 -0.74
CA HIS D 476 -13.02 23.65 -1.55
C HIS D 476 -13.25 23.86 -3.04
N ASN D 477 -14.22 24.70 -3.41
CA ASN D 477 -14.44 25.00 -4.82
C ASN D 477 -13.50 26.08 -5.36
N PHE D 478 -12.81 26.81 -4.48
CA PHE D 478 -11.95 27.91 -4.89
C PHE D 478 -10.49 27.71 -4.55
N LEU D 479 -10.17 27.05 -3.45
CA LEU D 479 -8.78 26.86 -3.05
C LEU D 479 -8.11 25.67 -3.72
N GLU D 480 -8.87 24.83 -4.44
CA GLU D 480 -8.27 23.69 -5.13
C GLU D 480 -7.34 24.14 -6.23
N ASP D 481 -7.73 25.14 -7.01
CA ASP D 481 -6.94 25.59 -8.15
C ASP D 481 -5.70 26.32 -7.65
N LYS D 482 -4.53 25.69 -7.82
CA LYS D 482 -3.28 26.28 -7.37
C LYS D 482 -2.85 27.47 -8.23
N ALA D 483 -3.48 27.68 -9.39
CA ALA D 483 -3.22 28.85 -10.21
C ALA D 483 -4.30 29.91 -10.07
N GLY D 484 -5.27 29.71 -9.17
CA GLY D 484 -6.33 30.67 -8.99
C GLY D 484 -5.94 31.83 -8.09
N ILE D 485 -6.82 32.84 -8.05
CA ILE D 485 -6.55 34.02 -7.25
C ILE D 485 -6.72 33.73 -5.77
N PHE D 486 -7.67 32.88 -5.40
CA PHE D 486 -7.93 32.62 -3.99
C PHE D 486 -6.78 31.82 -3.35
N TYR D 487 -6.17 30.91 -4.10
CA TYR D 487 -4.99 30.21 -3.60
C TYR D 487 -3.86 31.21 -3.32
N ARG D 488 -3.64 32.14 -4.25
CA ARG D 488 -2.61 33.15 -4.04
C ARG D 488 -2.92 34.03 -2.85
N VAL D 489 -4.19 34.38 -2.65
CA VAL D 489 -4.58 35.18 -1.50
C VAL D 489 -4.30 34.42 -0.21
N ALA D 490 -4.74 33.16 -0.15
CA ALA D 490 -4.52 32.35 1.05
C ALA D 490 -3.04 32.14 1.33
N LYS D 491 -2.20 32.18 0.29
CA LYS D 491 -0.78 31.95 0.49
C LYS D 491 0.01 33.23 0.79
N GLU D 492 -0.45 34.40 0.32
CA GLU D 492 0.36 35.61 0.43
C GLU D 492 -0.41 36.81 1.00
N GLY D 493 -1.54 36.59 1.67
CA GLY D 493 -2.27 37.72 2.21
C GLY D 493 -1.74 38.28 3.51
N ARG D 494 -0.88 37.54 4.21
CA ARG D 494 -0.34 38.02 5.47
C ARG D 494 0.57 39.22 5.24
N LYS D 495 1.29 39.24 4.12
CA LYS D 495 2.22 40.34 3.83
C LYS D 495 1.49 41.66 3.64
N TYR D 496 0.35 41.63 2.96
CA TYR D 496 -0.40 42.84 2.65
C TYR D 496 -1.48 43.16 3.68
N GLY D 497 -1.62 42.36 4.73
CA GLY D 497 -2.61 42.62 5.74
C GLY D 497 -4.01 42.16 5.41
N ILE D 498 -4.15 41.16 4.54
CA ILE D 498 -5.46 40.63 4.16
C ILE D 498 -5.64 39.29 4.88
N GLY D 499 -6.71 39.18 5.66
CA GLY D 499 -7.03 37.95 6.35
C GLY D 499 -8.08 37.14 5.61
N MET D 500 -8.15 35.86 5.94
CA MET D 500 -9.12 34.97 5.33
C MET D 500 -9.80 34.12 6.41
N LEU D 501 -11.11 33.94 6.27
CA LEU D 501 -11.89 33.03 7.10
C LEU D 501 -12.69 32.15 6.14
N TYR D 502 -12.26 30.90 5.98
CA TYR D 502 -12.85 30.01 4.99
C TYR D 502 -13.51 28.82 5.67
N SER D 503 -14.70 28.47 5.19
CA SER D 503 -15.50 27.41 5.77
C SER D 503 -15.79 26.33 4.74
N THR D 504 -15.68 25.07 5.16
CA THR D 504 -16.02 23.95 4.29
C THR D 504 -16.31 22.72 5.14
N GLN D 505 -17.01 21.77 4.55
CA GLN D 505 -17.25 20.47 5.19
C GLN D 505 -16.38 19.37 4.60
N SER D 506 -15.47 19.70 3.68
CA SER D 506 -14.59 18.73 3.04
C SER D 506 -13.15 19.23 3.17
N PRO D 507 -12.55 19.09 4.36
CA PRO D 507 -11.15 19.52 4.52
C PRO D 507 -10.17 18.73 3.68
N ALA D 508 -10.52 17.52 3.23
CA ALA D 508 -9.58 16.68 2.50
C ALA D 508 -9.29 17.20 1.10
N SER D 509 -10.16 18.07 0.56
CA SER D 509 -9.96 18.63 -0.77
C SER D 509 -9.19 19.93 -0.76
N ILE D 510 -8.74 20.39 0.41
CA ILE D 510 -7.93 21.60 0.52
C ILE D 510 -6.47 21.21 0.48
N PRO D 511 -5.63 21.92 -0.27
CA PRO D 511 -4.21 21.55 -0.36
C PRO D 511 -3.52 21.57 1.00
N MET D 512 -2.56 20.67 1.16
CA MET D 512 -1.88 20.50 2.44
C MET D 512 -1.09 21.74 2.84
N GLU D 513 -0.63 22.53 1.87
CA GLU D 513 0.10 23.75 2.21
C GLU D 513 -0.79 24.73 2.98
N ILE D 514 -2.01 24.94 2.50
CA ILE D 514 -2.93 25.85 3.18
C ILE D 514 -3.28 25.32 4.55
N LEU D 515 -3.55 24.01 4.65
CA LEU D 515 -3.92 23.43 5.94
C LEU D 515 -2.78 23.54 6.94
N SER D 516 -1.55 23.29 6.51
CA SER D 516 -0.42 23.32 7.43
C SER D 516 -0.03 24.74 7.81
N GLN D 517 -0.29 25.71 6.93
CA GLN D 517 0.04 27.10 7.23
C GLN D 517 -1.09 27.86 7.91
N THR D 518 -2.26 27.23 8.09
CA THR D 518 -3.38 27.89 8.75
C THR D 518 -3.09 28.04 10.25
N GLU D 519 -3.52 29.18 10.81
CA GLU D 519 -3.22 29.49 12.21
C GLU D 519 -4.32 29.00 13.16
N ASN D 520 -5.56 29.44 12.95
CA ASN D 520 -6.66 29.13 13.84
C ASN D 520 -7.51 28.01 13.25
N PHE D 521 -7.94 27.08 14.11
CA PHE D 521 -8.75 25.95 13.71
C PHE D 521 -9.95 25.82 14.63
N LEU D 522 -11.14 25.70 14.02
CA LEU D 522 -12.38 25.38 14.73
C LEU D 522 -13.01 24.21 14.00
N VAL D 523 -13.08 23.05 14.65
CA VAL D 523 -13.49 21.81 14.01
C VAL D 523 -14.74 21.28 14.69
N LYS D 524 -15.72 20.87 13.89
CA LYS D 524 -16.94 20.25 14.38
C LYS D 524 -17.06 18.84 13.79
N HIS D 525 -18.22 18.23 14.01
CA HIS D 525 -18.45 16.85 13.59
C HIS D 525 -18.26 16.70 12.08
N LEU D 526 -17.48 15.68 11.69
CA LEU D 526 -17.21 15.39 10.30
C LEU D 526 -17.58 13.94 10.02
N SER D 527 -18.43 13.73 9.01
CA SER D 527 -18.89 12.39 8.65
C SER D 527 -18.03 11.76 7.55
N SER D 528 -16.72 11.73 7.76
CA SER D 528 -15.81 11.15 6.78
C SER D 528 -14.43 10.92 7.39
N GLU D 529 -13.85 9.73 7.17
CA GLU D 529 -12.56 9.41 7.76
C GLU D 529 -11.42 10.19 7.12
N GLU D 530 -11.51 10.46 5.81
CA GLU D 530 -10.43 11.16 5.12
C GLU D 530 -10.22 12.56 5.68
N ASP D 531 -11.33 13.25 5.98
CA ASP D 531 -11.23 14.60 6.53
C ASP D 531 -10.53 14.60 7.87
N VAL D 532 -10.87 13.66 8.74
CA VAL D 532 -10.24 13.59 10.06
C VAL D 532 -8.77 13.21 9.93
N LYS D 533 -8.46 12.30 9.02
CA LYS D 533 -7.07 11.90 8.81
C LYS D 533 -6.23 13.08 8.33
N VAL D 534 -6.75 13.86 7.37
CA VAL D 534 -5.98 15.00 6.90
C VAL D 534 -5.89 16.08 7.99
N LEU D 535 -6.91 16.17 8.84
CA LEU D 535 -6.83 17.09 9.97
C LEU D 535 -5.70 16.70 10.93
N LYS D 536 -5.57 15.41 11.23
CA LYS D 536 -4.46 14.97 12.08
C LYS D 536 -3.13 15.20 11.39
N ARG D 537 -3.06 14.95 10.09
CA ARG D 537 -1.80 15.13 9.36
C ARG D 537 -1.37 16.60 9.35
N ALA D 538 -2.33 17.52 9.28
CA ALA D 538 -1.99 18.94 9.24
C ALA D 538 -1.37 19.41 10.55
N LYS D 539 -2.00 19.10 11.68
CA LYS D 539 -1.52 19.50 12.98
C LYS D 539 -1.45 18.29 13.90
N ALA D 540 -0.30 18.11 14.56
CA ALA D 540 -0.15 16.98 15.47
C ALA D 540 -1.11 16.97 16.64
N PRO D 541 -1.38 18.08 17.35
CA PRO D 541 -2.25 18.01 18.53
C PRO D 541 -3.66 17.50 18.24
N PHE D 542 -4.09 17.51 16.98
CA PHE D 542 -5.40 16.98 16.62
C PHE D 542 -5.44 15.46 16.56
N ALA D 543 -4.37 14.78 17.00
CA ALA D 543 -4.34 13.33 16.96
C ALA D 543 -5.19 12.68 18.04
N PHE D 544 -5.54 13.41 19.09
CA PHE D 544 -6.25 12.85 20.24
C PHE D 544 -7.76 13.02 20.16
N VAL D 545 -8.29 13.65 19.11
CA VAL D 545 -9.71 13.95 19.05
C VAL D 545 -10.31 13.43 17.75
N ALA D 546 -9.64 12.47 17.11
CA ALA D 546 -10.11 11.96 15.84
C ALA D 546 -11.39 11.15 16.01
N ASP D 547 -11.39 10.21 16.96
CA ASP D 547 -12.54 9.33 17.13
C ASP D 547 -13.77 10.08 17.61
N PHE D 548 -13.58 11.05 18.51
CA PHE D 548 -14.71 11.84 19.00
C PHE D 548 -15.38 12.60 17.87
N LEU D 549 -14.58 13.20 16.98
CA LEU D 549 -15.13 13.88 15.82
C LEU D 549 -15.82 12.89 14.89
N LEU D 550 -15.24 11.71 14.72
CA LEU D 550 -15.79 10.75 13.77
C LEU D 550 -17.12 10.16 14.23
N SER D 551 -17.34 10.05 15.54
CA SER D 551 -18.48 9.30 16.05
C SER D 551 -19.57 10.13 16.72
N GLU D 552 -19.34 11.42 16.98
CA GLU D 552 -20.27 12.22 17.78
C GLU D 552 -20.80 13.42 17.02
N PRO D 553 -22.00 13.34 16.42
CA PRO D 553 -22.68 14.51 15.85
C PRO D 553 -23.43 15.36 16.88
N ILE D 554 -22.70 16.26 17.53
CA ILE D 554 -23.26 17.18 18.53
C ILE D 554 -23.24 18.59 17.96
N ILE D 555 -24.37 19.27 18.05
CA ILE D 555 -24.53 20.61 17.49
C ILE D 555 -23.98 21.64 18.48
N GLY D 556 -23.18 22.57 17.97
CA GLY D 556 -22.64 23.63 18.78
C GLY D 556 -21.43 23.26 19.62
N TYR D 557 -20.82 22.11 19.36
CA TYR D 557 -19.70 21.59 20.13
C TYR D 557 -18.49 21.54 19.21
N SER D 558 -17.45 22.32 19.52
CA SER D 558 -16.34 22.45 18.59
C SER D 558 -15.01 22.35 19.32
N TYR D 559 -14.01 21.83 18.62
CA TYR D 559 -12.64 21.78 19.10
C TYR D 559 -11.88 22.95 18.51
N VAL D 560 -11.28 23.76 19.39
CA VAL D 560 -10.60 24.98 18.98
C VAL D 560 -9.10 24.83 19.22
N TYR D 561 -8.32 25.48 18.37
CA TYR D 561 -6.87 25.47 18.46
C TYR D 561 -6.34 26.73 17.79
N PHE D 562 -5.78 27.64 18.58
CA PHE D 562 -5.24 28.91 18.07
C PHE D 562 -3.73 28.88 18.17
N GLU D 563 -3.06 29.04 17.03
CA GLU D 563 -1.61 28.95 16.96
C GLU D 563 -0.98 30.29 17.33
N PRO D 564 0.32 30.29 17.73
CA PRO D 564 1.25 29.15 17.83
C PRO D 564 1.56 28.70 19.25
N TYR D 565 1.00 29.33 20.28
CA TYR D 565 1.39 29.05 21.65
C TYR D 565 0.30 28.35 22.45
N GLN D 566 -0.61 27.64 21.78
CA GLN D 566 -1.61 26.89 22.52
C GLN D 566 -1.11 25.47 22.79
N PRO D 567 -1.14 25.01 24.04
CA PRO D 567 -0.63 23.67 24.34
C PRO D 567 -1.36 22.55 23.60
N PHE D 568 -2.68 22.48 23.73
CA PHE D 568 -3.45 21.39 23.16
C PHE D 568 -4.78 21.90 22.65
N VAL D 569 -5.52 21.02 21.97
CA VAL D 569 -6.83 21.34 21.42
C VAL D 569 -7.86 21.37 22.54
N VAL D 570 -8.71 22.38 22.54
CA VAL D 570 -9.66 22.59 23.63
C VAL D 570 -11.07 22.31 23.12
N PRO D 571 -11.82 21.39 23.73
CA PRO D 571 -13.23 21.21 23.35
C PRO D 571 -14.12 22.19 24.08
N LEU D 572 -15.02 22.81 23.33
CA LEU D 572 -15.84 23.90 23.85
C LEU D 572 -17.29 23.77 23.41
N ARG D 573 -18.19 24.00 24.35
CA ARG D 573 -19.55 24.41 24.04
C ARG D 573 -19.54 25.90 23.79
N VAL D 574 -19.85 26.30 22.56
CA VAL D 574 -19.69 27.68 22.11
C VAL D 574 -20.91 28.49 22.49
N LYS D 575 -20.68 29.75 22.85
CA LYS D 575 -21.77 30.65 23.22
C LYS D 575 -22.61 31.02 22.00
N LEU D 576 -23.89 31.28 22.25
CA LEU D 576 -24.77 31.77 21.20
C LEU D 576 -24.58 33.26 21.01
N LEU D 577 -24.96 33.75 19.82
CA LEU D 577 -24.80 35.16 19.51
C LEU D 577 -25.65 36.04 20.42
N GLU D 578 -26.82 35.55 20.83
CA GLU D 578 -27.68 36.34 21.72
C GLU D 578 -27.00 36.57 23.07
N HIS D 579 -26.37 35.53 23.63
CA HIS D 579 -25.64 35.69 24.88
C HIS D 579 -24.46 36.64 24.73
N VAL D 580 -23.76 36.56 23.60
CA VAL D 580 -22.64 37.46 23.36
C VAL D 580 -23.12 38.90 23.30
N LEU D 581 -24.25 39.14 22.61
CA LEU D 581 -24.79 40.49 22.55
C LEU D 581 -25.22 41.00 23.92
N LYS D 582 -25.87 40.13 24.71
CA LYS D 582 -26.29 40.52 26.05
C LYS D 582 -25.10 40.79 26.95
N SER D 583 -23.97 40.13 26.71
CA SER D 583 -22.75 40.41 27.47
C SER D 583 -22.10 41.70 27.00
N LEU D 584 -22.14 41.98 25.70
CA LEU D 584 -21.45 43.15 25.17
C LEU D 584 -22.20 44.44 25.51
N ASP D 585 -23.52 44.43 25.44
CA ASP D 585 -24.27 45.66 25.71
C ASP D 585 -24.20 46.05 27.18
N SER D 586 -23.96 45.08 28.07
CA SER D 586 -23.88 45.35 29.50
C SER D 586 -22.60 46.10 29.85
N GLU E 3 -39.06 -9.48 30.02
CA GLU E 3 -38.60 -8.41 30.89
C GLU E 3 -37.29 -8.77 31.58
N SER E 4 -36.84 -10.02 31.38
CA SER E 4 -35.60 -10.51 31.94
C SER E 4 -34.42 -10.21 31.02
N PRO E 5 -33.22 -10.10 31.57
CA PRO E 5 -32.04 -9.92 30.71
C PRO E 5 -31.80 -11.13 29.84
N ILE E 6 -31.18 -10.88 28.67
CA ILE E 6 -31.01 -11.94 27.68
C ILE E 6 -29.95 -12.93 28.14
N GLY E 7 -28.73 -12.48 28.33
CA GLY E 7 -27.62 -13.33 28.71
C GLY E 7 -26.84 -12.74 29.87
N VAL E 8 -25.51 -12.81 29.75
CA VAL E 8 -24.60 -12.27 30.75
C VAL E 8 -23.47 -11.54 30.04
N VAL E 9 -23.12 -10.36 30.55
CA VAL E 9 -22.04 -9.56 29.99
C VAL E 9 -20.73 -9.96 30.67
N VAL E 10 -19.71 -10.23 29.87
CA VAL E 10 -18.45 -10.74 30.40
C VAL E 10 -17.26 -9.83 30.10
N SER E 11 -17.37 -8.90 29.15
CA SER E 11 -16.25 -8.02 28.82
C SER E 11 -16.76 -6.78 28.11
N SER E 12 -15.96 -5.73 28.15
CA SER E 12 -16.27 -4.50 27.44
C SER E 12 -14.97 -3.76 27.15
N ARG E 13 -15.01 -2.90 26.14
CA ARG E 13 -13.84 -2.13 25.73
C ARG E 13 -14.31 -1.02 24.80
N ARG E 14 -13.35 -0.24 24.31
CA ARG E 14 -13.56 0.70 23.23
C ARG E 14 -12.74 0.26 22.02
N ASN E 15 -13.41 0.08 20.89
CA ASN E 15 -12.79 -0.36 19.65
C ASN E 15 -12.85 0.82 18.67
N GLY E 16 -11.85 1.68 18.73
CA GLY E 16 -11.82 2.88 17.92
C GLY E 16 -12.72 3.96 18.48
N PRO E 17 -13.66 4.45 17.67
CA PRO E 17 -14.61 5.46 18.14
C PRO E 17 -15.89 4.92 18.76
N TRP E 18 -15.97 3.62 19.04
CA TRP E 18 -17.20 3.00 19.50
C TRP E 18 -16.95 2.13 20.71
N ALA E 19 -17.81 2.23 21.72
CA ALA E 19 -17.77 1.32 22.85
C ALA E 19 -18.47 0.02 22.50
N GLU E 20 -17.89 -1.10 22.91
CA GLU E 20 -18.42 -2.42 22.61
C GLU E 20 -18.38 -3.29 23.85
N LEU E 21 -19.27 -4.28 23.88
CA LEU E 21 -19.31 -5.26 24.95
C LEU E 21 -19.59 -6.64 24.37
N THR E 22 -19.22 -7.65 25.14
CA THR E 22 -19.39 -9.05 24.77
C THR E 22 -20.46 -9.69 25.65
N LEU E 23 -21.41 -10.35 25.00
CA LEU E 23 -22.51 -11.02 25.69
C LEU E 23 -22.40 -12.53 25.47
N VAL E 24 -22.77 -13.31 26.47
CA VAL E 24 -22.71 -14.77 26.40
C VAL E 24 -24.10 -15.33 26.64
N LEU E 25 -24.53 -16.23 25.77
CA LEU E 25 -25.76 -16.98 25.92
C LEU E 25 -25.43 -18.37 26.45
N THR E 26 -26.06 -18.73 27.56
CA THR E 26 -25.86 -19.93 28.37
C THR E 26 -26.73 -21.07 27.88
N PRO E 27 -26.42 -22.32 28.24
CA PRO E 27 -27.24 -23.45 27.78
C PRO E 27 -28.70 -23.35 28.18
N GLN E 28 -29.00 -22.79 29.35
CA GLN E 28 -30.38 -22.72 29.81
C GLN E 28 -31.21 -21.76 28.95
N GLU E 29 -30.59 -20.68 28.47
CA GLU E 29 -31.30 -19.73 27.62
C GLU E 29 -31.47 -20.23 26.20
N LEU E 30 -30.48 -20.95 25.66
CA LEU E 30 -30.55 -21.40 24.28
C LEU E 30 -31.64 -22.45 24.08
N ASP E 31 -31.88 -23.29 25.09
CA ASP E 31 -32.89 -24.33 24.96
C ASP E 31 -34.31 -23.76 24.94
N GLN E 32 -34.51 -22.55 25.46
CA GLN E 32 -35.80 -21.88 25.35
C GLN E 32 -36.03 -21.23 24.00
N GLY E 33 -35.02 -21.22 23.12
CA GLY E 33 -35.15 -20.60 21.83
C GLY E 33 -34.72 -19.15 21.75
N LYS E 34 -34.01 -18.65 22.75
CA LYS E 34 -33.59 -17.26 22.76
C LYS E 34 -32.35 -17.08 21.89
N ARG E 35 -32.48 -16.29 20.82
CA ARG E 35 -31.37 -15.98 19.93
C ARG E 35 -31.34 -14.48 19.69
N LEU E 36 -30.18 -14.00 19.25
CA LEU E 36 -30.00 -12.61 18.86
C LEU E 36 -29.69 -12.56 17.38
N LEU E 37 -30.48 -11.79 16.62
CA LEU E 37 -30.24 -11.62 15.21
C LEU E 37 -29.16 -10.57 14.98
N LEU E 38 -28.54 -10.62 13.80
CA LEU E 38 -27.48 -9.69 13.46
C LEU E 38 -28.07 -8.39 12.93
N GLY E 39 -27.61 -7.27 13.47
CA GLY E 39 -28.20 -5.98 13.20
C GLY E 39 -29.38 -5.64 14.06
N GLU E 40 -29.76 -6.52 14.99
CA GLU E 40 -30.88 -6.28 15.87
C GLU E 40 -30.56 -5.18 16.88
N LEU E 41 -31.59 -4.43 17.27
CA LEU E 41 -31.45 -3.37 18.25
C LEU E 41 -31.89 -3.86 19.62
N VAL E 42 -31.05 -3.61 20.63
CA VAL E 42 -31.29 -4.07 21.99
C VAL E 42 -31.06 -2.91 22.95
N ARG E 43 -31.55 -3.09 24.18
CA ARG E 43 -31.37 -2.10 25.23
C ARG E 43 -30.25 -2.54 26.16
N VAL E 44 -29.40 -1.60 26.55
CA VAL E 44 -28.31 -1.86 27.48
C VAL E 44 -28.52 -0.99 28.71
N SER E 45 -28.57 -1.61 29.88
CA SER E 45 -28.78 -0.92 31.14
C SER E 45 -27.47 -0.90 31.92
N SER E 46 -27.00 0.29 32.28
CA SER E 46 -25.77 0.43 33.03
C SER E 46 -25.84 1.69 33.89
N GLY E 47 -25.59 1.54 35.18
CA GLY E 47 -25.60 2.68 36.08
C GLY E 47 -26.93 3.41 36.14
N GLY E 48 -28.03 2.70 35.95
CA GLY E 48 -29.34 3.34 35.90
C GLY E 48 -29.63 4.07 34.62
N LYS E 49 -28.79 3.92 33.59
CA LYS E 49 -28.94 4.63 32.34
C LYS E 49 -29.08 3.65 31.19
N ASP E 50 -29.87 4.03 30.19
CA ASP E 50 -30.22 3.16 29.08
C ASP E 50 -29.52 3.59 27.81
N TYR E 51 -29.00 2.62 27.07
CA TYR E 51 -28.30 2.83 25.82
C TYR E 51 -28.91 1.94 24.74
N VAL E 52 -28.77 2.37 23.49
CA VAL E 52 -29.20 1.59 22.33
C VAL E 52 -27.98 0.85 21.79
N GLY E 53 -28.12 -0.47 21.61
CA GLY E 53 -27.03 -1.27 21.09
C GLY E 53 -27.48 -2.07 19.88
N MET E 54 -26.48 -2.47 19.08
CA MET E 54 -26.72 -3.24 17.87
C MET E 54 -25.79 -4.44 17.85
N VAL E 55 -26.31 -5.59 17.41
CA VAL E 55 -25.53 -6.82 17.35
C VAL E 55 -24.71 -6.83 16.06
N LEU E 56 -23.40 -7.03 16.20
CA LEU E 56 -22.49 -7.05 15.06
C LEU E 56 -21.96 -8.44 14.74
N ASP E 57 -21.38 -9.14 15.71
CA ASP E 57 -20.70 -10.39 15.47
C ASP E 57 -21.21 -11.46 16.42
N GLY E 58 -21.12 -12.71 15.97
CA GLY E 58 -21.44 -13.86 16.79
C GLY E 58 -20.49 -15.01 16.50
N TYR E 59 -20.09 -15.73 17.55
CA TYR E 59 -19.14 -16.82 17.37
C TYR E 59 -19.30 -17.81 18.51
N TYR E 60 -18.53 -18.89 18.45
CA TYR E 60 -18.53 -19.95 19.45
C TYR E 60 -17.15 -20.03 20.09
N GLU E 61 -17.12 -20.05 21.41
CA GLU E 61 -15.87 -20.12 22.17
C GLU E 61 -16.11 -20.97 23.41
N PRO E 62 -15.18 -21.86 23.73
CA PRO E 62 -15.32 -22.67 24.95
C PRO E 62 -15.32 -21.80 26.20
N VAL E 63 -16.12 -22.20 27.18
CA VAL E 63 -16.24 -21.50 28.45
C VAL E 63 -15.66 -22.40 29.54
N GLY E 64 -14.68 -21.90 30.26
CA GLY E 64 -14.00 -22.70 31.26
C GLY E 64 -12.94 -23.59 30.65
N ARG E 65 -12.63 -24.66 31.38
CA ARG E 65 -11.63 -25.65 30.95
C ARG E 65 -12.38 -26.86 30.41
N SER E 66 -12.59 -26.88 29.09
CA SER E 66 -13.35 -27.94 28.46
C SER E 66 -12.82 -28.16 27.05
N ASP E 67 -13.16 -29.33 26.49
CA ASP E 67 -12.76 -29.72 25.14
C ASP E 67 -14.02 -30.03 24.35
N PRO E 68 -14.64 -29.03 23.73
CA PRO E 68 -15.89 -29.29 22.99
C PRO E 68 -15.71 -30.27 21.84
N THR E 69 -14.57 -30.25 21.15
CA THR E 69 -14.40 -31.09 19.98
C THR E 69 -14.36 -32.56 20.35
N TYR E 70 -13.55 -32.92 21.35
CA TYR E 70 -13.45 -34.32 21.76
C TYR E 70 -14.77 -34.82 22.32
N THR E 71 -15.44 -34.01 23.15
CA THR E 71 -16.71 -34.41 23.73
C THR E 71 -17.76 -34.63 22.66
N LEU E 72 -17.85 -33.71 21.70
CA LEU E 72 -18.83 -33.84 20.63
C LEU E 72 -18.53 -35.03 19.72
N ALA E 73 -17.25 -35.27 19.42
CA ALA E 73 -16.90 -36.42 18.60
C ALA E 73 -17.23 -37.73 19.31
N LEU E 74 -16.94 -37.81 20.61
CA LEU E 74 -17.27 -39.01 21.38
C LEU E 74 -18.77 -39.22 21.45
N ALA E 75 -19.54 -38.14 21.64
CA ALA E 75 -20.99 -38.26 21.67
C ALA E 75 -21.57 -38.52 20.28
N HIS E 76 -20.79 -38.29 19.23
CA HIS E 76 -21.24 -38.56 17.87
C HIS E 76 -20.98 -40.00 17.43
N ILE E 77 -19.80 -40.54 17.73
CA ILE E 77 -19.49 -41.91 17.31
C ILE E 77 -20.45 -42.89 17.96
N ASN E 78 -20.83 -42.65 19.20
CA ASN E 78 -21.98 -43.31 19.79
C ASN E 78 -23.26 -42.58 19.39
N GLN E 79 -24.33 -43.34 19.19
CA GLN E 79 -25.61 -42.75 18.80
C GLN E 79 -26.24 -42.08 20.03
N VAL E 80 -25.61 -41.00 20.46
CA VAL E 80 -26.05 -40.22 21.61
C VAL E 80 -26.77 -39.00 21.09
N ASP E 81 -28.07 -38.93 21.36
CA ASP E 81 -28.89 -37.76 20.98
C ASP E 81 -28.79 -36.76 22.11
N LEU E 82 -28.05 -35.68 21.88
CA LEU E 82 -27.84 -34.68 22.93
C LEU E 82 -29.10 -33.89 23.26
N GLU E 83 -30.17 -34.05 22.48
CA GLU E 83 -31.44 -33.45 22.84
C GLU E 83 -31.88 -33.94 24.22
N LYS E 84 -32.14 -35.24 24.35
CA LYS E 84 -32.33 -35.87 25.66
C LYS E 84 -31.62 -37.23 25.71
N GLU E 85 -30.31 -37.21 25.99
CA GLU E 85 -29.65 -38.39 26.53
C GLU E 85 -28.65 -38.02 27.61
N ASP E 86 -28.02 -36.86 27.47
CA ASP E 86 -26.86 -36.49 28.28
C ASP E 86 -26.96 -35.02 28.66
N PRO E 87 -27.75 -34.69 29.67
CA PRO E 87 -27.87 -33.28 30.09
C PRO E 87 -26.55 -32.68 30.55
N TRP E 88 -25.68 -33.47 31.18
CA TRP E 88 -24.45 -32.91 31.74
C TRP E 88 -23.47 -32.47 30.66
N ALA E 89 -23.38 -33.22 29.56
CA ALA E 89 -22.48 -32.83 28.48
C ALA E 89 -23.02 -31.64 27.71
N ARG E 90 -24.35 -31.55 27.58
CA ARG E 90 -24.95 -30.43 26.87
C ARG E 90 -24.82 -29.13 27.65
N LYS E 91 -24.68 -29.22 28.97
CA LYS E 91 -24.69 -28.03 29.82
C LYS E 91 -23.34 -27.35 29.95
N GLU E 92 -22.29 -27.85 29.30
CA GLU E 92 -21.01 -27.16 29.31
C GLU E 92 -20.53 -26.74 27.93
N VAL E 93 -21.19 -27.17 26.86
CA VAL E 93 -20.76 -26.84 25.51
C VAL E 93 -21.74 -25.92 24.79
N ASN E 94 -22.91 -25.66 25.36
CA ASN E 94 -23.94 -24.86 24.69
C ASN E 94 -23.86 -23.41 25.13
N PHE E 95 -22.78 -22.75 24.71
CA PHE E 95 -22.58 -21.33 24.96
C PHE E 95 -22.36 -20.63 23.62
N TYR E 96 -22.73 -19.35 23.56
CA TYR E 96 -22.49 -18.60 22.33
C TYR E 96 -22.13 -17.16 22.69
N HIS E 97 -21.28 -16.54 21.87
CA HIS E 97 -20.77 -15.21 22.15
C HIS E 97 -21.25 -14.24 21.09
N HIS E 98 -21.60 -13.02 21.53
CA HIS E 98 -22.05 -11.95 20.66
C HIS E 98 -21.33 -10.66 21.01
N ARG E 99 -21.17 -9.79 20.02
CA ARG E 99 -20.56 -8.47 20.21
C ARG E 99 -21.61 -7.40 19.94
N ILE E 100 -21.68 -6.41 20.84
CA ILE E 100 -22.69 -5.37 20.76
C ILE E 100 -22.01 -4.01 20.87
N VAL E 101 -22.30 -3.12 19.92
CA VAL E 101 -21.79 -1.76 19.93
C VAL E 101 -22.82 -0.85 20.59
N LEU E 102 -22.35 0.22 21.23
CA LEU E 102 -23.22 1.20 21.85
C LEU E 102 -23.37 2.38 20.90
N LEU E 103 -24.53 2.46 20.23
CA LEU E 103 -24.75 3.52 19.26
C LEU E 103 -24.97 4.87 19.92
N GLY E 104 -25.55 4.88 21.11
CA GLY E 104 -25.86 6.12 21.79
C GLY E 104 -27.01 5.90 22.76
N ARG E 105 -27.76 6.97 22.99
CA ARG E 105 -28.86 6.91 23.95
C ARG E 105 -29.88 7.99 23.64
N VAL E 106 -31.07 7.84 24.24
CA VAL E 106 -32.15 8.79 24.09
C VAL E 106 -32.33 9.53 25.41
N VAL E 107 -32.32 10.86 25.36
CA VAL E 107 -32.39 11.71 26.52
C VAL E 107 -33.41 12.82 26.29
N GLN E 108 -33.83 13.45 27.39
CA GLN E 108 -34.74 14.59 27.39
C GLN E 108 -36.06 14.17 26.74
N GLY E 109 -36.50 14.82 25.67
CA GLY E 109 -37.78 14.50 25.07
C GLY E 109 -37.66 13.90 23.68
N GLY E 110 -36.71 13.01 23.50
CA GLY E 110 -36.44 12.42 22.21
C GLY E 110 -35.12 12.82 21.59
N LEU E 111 -34.28 13.56 22.31
CA LEU E 111 -32.96 13.90 21.80
C LEU E 111 -32.07 12.66 21.78
N PHE E 112 -31.18 12.59 20.80
CA PHE E 112 -30.26 11.46 20.68
C PHE E 112 -28.86 11.94 21.05
N ALA E 113 -28.33 11.39 22.14
CA ALA E 113 -26.94 11.61 22.49
C ALA E 113 -26.08 10.53 21.86
N PRO E 114 -25.17 10.86 20.95
CA PRO E 114 -24.46 9.81 20.20
C PRO E 114 -23.26 9.27 20.95
N SER E 115 -23.02 7.98 20.78
CA SER E 115 -21.87 7.26 21.37
C SER E 115 -21.92 7.44 22.89
N THR E 116 -20.75 7.36 23.53
CA THR E 116 -20.67 7.55 24.98
C THR E 116 -19.23 7.84 25.37
N ARG E 117 -19.07 8.56 26.47
CA ARG E 117 -17.77 8.76 27.09
C ARG E 117 -17.57 7.86 28.31
N LEU E 118 -18.64 7.26 28.83
CA LEU E 118 -18.57 6.35 29.96
C LEU E 118 -18.65 4.91 29.46
N LEU E 119 -17.68 4.10 29.87
CA LEU E 119 -17.67 2.70 29.46
C LEU E 119 -18.17 1.84 30.60
N PRO E 120 -19.12 0.94 30.35
CA PRO E 120 -19.84 0.28 31.45
C PRO E 120 -19.00 -0.83 32.07
N PRO E 121 -19.03 -0.96 33.39
CA PRO E 121 -18.45 -2.14 34.03
C PRO E 121 -19.25 -3.40 33.72
N VAL E 122 -18.58 -4.54 33.78
CA VAL E 122 -19.19 -5.78 33.30
C VAL E 122 -20.20 -6.34 34.29
N VAL E 123 -20.00 -6.12 35.59
CA VAL E 123 -20.85 -6.79 36.56
C VAL E 123 -22.22 -6.13 36.65
N GLU E 124 -22.33 -4.84 36.31
CA GLU E 124 -23.58 -4.12 36.44
C GLU E 124 -24.35 -4.01 35.13
N ALA E 125 -23.70 -4.16 33.98
CA ALA E 125 -24.36 -4.00 32.70
C ALA E 125 -25.32 -5.16 32.43
N ARG E 126 -26.47 -4.83 31.85
CA ARG E 126 -27.47 -5.82 31.47
C ARG E 126 -27.95 -5.53 30.06
N VAL E 127 -28.44 -6.57 29.38
CA VAL E 127 -28.94 -6.46 28.01
C VAL E 127 -30.37 -6.99 27.97
N TYR E 128 -31.25 -6.21 27.35
CA TYR E 128 -32.67 -6.54 27.26
C TYR E 128 -33.14 -6.47 25.82
N ARG E 129 -34.14 -7.29 25.50
CA ARG E 129 -34.79 -7.24 24.20
C ARG E 129 -35.73 -6.05 24.13
N MET E 130 -35.66 -5.30 23.04
CA MET E 130 -36.46 -4.09 22.89
C MET E 130 -37.88 -4.44 22.48
N THR E 131 -38.84 -3.75 23.10
CA THR E 131 -40.25 -3.98 22.84
C THR E 131 -40.76 -3.09 21.72
N GLU E 132 -42.01 -3.29 21.32
CA GLU E 132 -42.58 -2.54 20.20
C GLU E 132 -42.67 -1.05 20.51
N GLU E 133 -43.13 -0.69 21.70
CA GLU E 133 -43.24 0.72 22.06
C GLU E 133 -41.86 1.37 22.13
N GLU E 134 -40.88 0.68 22.70
CA GLU E 134 -39.52 1.22 22.76
C GLU E 134 -38.94 1.40 21.37
N LEU E 135 -39.17 0.44 20.48
CA LEU E 135 -38.68 0.59 19.10
C LEU E 135 -39.38 1.76 18.40
N GLN E 136 -40.68 1.92 18.62
CA GLN E 136 -41.40 3.03 18.01
C GLN E 136 -40.86 4.37 18.50
N ARG E 137 -40.58 4.47 19.80
CA ARG E 137 -40.00 5.71 20.33
C ARG E 137 -38.58 5.93 19.84
N LEU E 138 -37.81 4.85 19.68
CA LEU E 138 -36.43 4.97 19.24
C LEU E 138 -36.36 5.43 17.78
N LEU E 139 -37.25 4.94 16.93
CA LEU E 139 -37.25 5.34 15.54
C LEU E 139 -37.65 6.80 15.35
N ALA E 140 -38.22 7.44 16.37
CA ALA E 140 -38.57 8.85 16.32
C ALA E 140 -37.50 9.76 16.94
N ALA E 141 -36.42 9.18 17.47
CA ALA E 141 -35.37 9.99 18.08
C ALA E 141 -34.62 10.79 17.01
N GLU E 142 -34.18 11.97 17.39
CA GLU E 142 -33.56 12.89 16.44
C GLU E 142 -32.55 13.76 17.18
N VAL E 143 -31.67 14.39 16.40
CA VAL E 143 -30.60 15.22 16.95
C VAL E 143 -31.05 16.68 16.95
N ARG E 144 -31.08 17.28 18.14
CA ARG E 144 -31.24 18.71 18.30
C ARG E 144 -30.20 19.21 19.29
N THR E 145 -30.11 20.53 19.43
CA THR E 145 -28.91 21.13 20.01
C THR E 145 -28.66 20.71 21.46
N SER E 146 -29.46 21.24 22.40
CA SER E 146 -29.41 20.84 23.79
C SER E 146 -30.47 21.60 24.58
N GLY E 147 -31.05 20.97 25.60
CA GLY E 147 -31.95 21.67 26.50
C GLY E 147 -33.12 22.35 25.83
N SER E 148 -33.52 21.89 24.65
CA SER E 148 -34.61 22.48 23.90
C SER E 148 -35.76 21.48 23.79
N VAL E 149 -36.89 21.97 23.31
CA VAL E 149 -38.09 21.15 23.16
C VAL E 149 -38.26 20.78 21.70
N LYS E 150 -38.98 19.70 21.46
CA LYS E 150 -39.25 19.25 20.10
C LYS E 150 -40.15 20.25 19.39
N ALA E 151 -39.88 20.46 18.09
CA ALA E 151 -40.61 21.47 17.34
C ALA E 151 -42.08 21.09 17.16
N GLU E 152 -42.36 19.81 16.90
CA GLU E 152 -43.70 19.34 16.57
C GLU E 152 -44.21 20.00 15.28
N GLY E 153 -45.42 19.68 14.85
CA GLY E 153 -45.95 20.33 13.67
C GLY E 153 -46.63 19.44 12.66
N LYS E 154 -46.06 19.38 11.46
CA LYS E 154 -46.73 18.78 10.31
C LYS E 154 -46.99 17.30 10.52
N ARG E 155 -48.01 16.79 9.84
CA ARG E 155 -48.37 15.39 9.91
C ARG E 155 -47.29 14.50 9.30
N ARG E 156 -47.18 13.28 9.81
CA ARG E 156 -46.22 12.30 9.32
C ARG E 156 -46.96 11.12 8.71
N TYR E 157 -46.33 10.47 7.74
CA TYR E 157 -46.92 9.35 7.03
C TYR E 157 -46.03 8.12 7.19
N ALA E 158 -46.64 6.95 7.29
CA ALA E 158 -45.87 5.72 7.41
C ALA E 158 -45.20 5.39 6.09
N PHE E 159 -43.88 5.17 6.13
CA PHE E 159 -43.11 4.88 4.92
C PHE E 159 -42.80 3.40 4.76
N GLY E 160 -42.46 2.71 5.85
CA GLY E 160 -42.18 1.29 5.82
C GLY E 160 -42.00 0.81 7.24
N HIS E 161 -41.85 -0.51 7.38
CA HIS E 161 -41.75 -1.10 8.70
C HIS E 161 -40.43 -1.84 8.88
N LEU E 162 -40.02 -1.97 10.14
CA LEU E 162 -38.72 -2.52 10.48
C LEU E 162 -38.63 -3.99 10.11
N ALA E 163 -37.47 -4.39 9.60
CA ALA E 163 -37.21 -5.78 9.25
C ALA E 163 -35.72 -6.05 9.35
N TYR E 164 -35.37 -7.31 9.61
CA TYR E 164 -33.99 -7.75 9.74
C TYR E 164 -33.67 -8.82 8.71
N GLY E 165 -34.08 -8.61 7.47
CA GLY E 165 -33.88 -9.57 6.42
C GLY E 165 -35.11 -10.40 6.14
N LEU E 166 -34.94 -11.68 5.81
CA LEU E 166 -36.04 -12.60 5.59
C LEU E 166 -36.17 -13.62 6.72
N GLU E 167 -35.59 -13.32 7.88
CA GLU E 167 -35.63 -14.24 9.01
C GLU E 167 -36.97 -14.17 9.71
N GLU E 168 -37.50 -15.32 10.10
CA GLU E 168 -38.72 -15.36 10.89
C GLU E 168 -38.47 -14.78 12.27
N GLY E 169 -39.39 -13.94 12.73
CA GLY E 169 -39.23 -13.23 13.97
C GLY E 169 -38.42 -11.96 13.88
N GLY E 170 -37.90 -11.62 12.70
CA GLY E 170 -37.19 -10.38 12.48
C GLY E 170 -38.00 -9.30 11.80
N GLU E 171 -39.31 -9.49 11.67
CA GLU E 171 -40.20 -8.54 11.01
C GLU E 171 -41.15 -7.93 12.03
N TYR E 172 -41.27 -6.61 12.02
CA TYR E 172 -42.10 -5.86 12.97
C TYR E 172 -43.05 -4.96 12.19
N PRO E 173 -44.17 -5.50 11.72
CA PRO E 173 -45.12 -4.67 10.97
C PRO E 173 -45.67 -3.50 11.77
N GLU E 174 -45.74 -3.62 13.10
CA GLU E 174 -46.28 -2.54 13.92
C GLU E 174 -45.29 -1.43 14.17
N VAL E 175 -44.01 -1.66 13.90
CA VAL E 175 -42.97 -0.65 14.09
C VAL E 175 -42.70 -0.04 12.72
N VAL E 176 -43.42 1.03 12.42
CA VAL E 176 -43.30 1.71 11.13
C VAL E 176 -42.51 2.99 11.32
N LYS E 177 -41.93 3.47 10.23
CA LYS E 177 -41.14 4.69 10.23
C LYS E 177 -42.00 5.84 9.73
N GLU E 178 -42.27 6.80 10.61
CA GLU E 178 -43.03 7.98 10.23
C GLU E 178 -42.11 8.99 9.56
N VAL E 179 -42.53 9.48 8.41
CA VAL E 179 -41.73 10.39 7.59
C VAL E 179 -42.55 11.64 7.32
N ASP E 180 -41.92 12.80 7.52
CA ASP E 180 -42.52 14.06 7.12
C ASP E 180 -42.18 14.33 5.65
N PRO E 181 -43.16 14.49 4.77
CA PRO E 181 -42.85 14.69 3.34
C PRO E 181 -42.07 15.96 3.06
N ALA E 182 -41.93 16.86 4.03
CA ALA E 182 -41.11 18.05 3.83
C ALA E 182 -39.64 17.71 3.65
N LEU E 183 -39.23 16.49 3.99
CA LEU E 183 -37.86 16.04 3.76
C LEU E 183 -37.52 15.92 2.28
N PHE E 184 -38.52 15.93 1.40
CA PHE E 184 -38.30 15.80 -0.05
C PHE E 184 -38.47 17.10 -0.81
N VAL E 185 -38.99 18.15 -0.18
CA VAL E 185 -39.24 19.42 -0.85
C VAL E 185 -37.98 20.28 -0.75
N GLY E 186 -37.42 20.63 -1.90
CA GLY E 186 -36.26 21.49 -1.95
C GLY E 186 -34.93 20.81 -1.67
N ARG E 187 -34.91 19.51 -1.47
CA ARG E 187 -33.70 18.76 -1.15
C ARG E 187 -33.39 17.77 -2.28
N ARG E 188 -32.32 17.01 -2.09
CA ARG E 188 -31.86 16.04 -3.07
C ARG E 188 -31.99 14.63 -2.52
N THR E 189 -32.56 13.74 -3.32
CA THR E 189 -32.77 12.34 -2.95
C THR E 189 -32.12 11.44 -4.00
N ALA E 190 -31.43 10.41 -3.53
CA ALA E 190 -30.76 9.45 -4.38
C ALA E 190 -31.36 8.07 -4.16
N ASN E 191 -31.69 7.38 -5.26
CA ASN E 191 -32.24 6.03 -5.20
C ASN E 191 -31.22 5.08 -5.81
N PHE E 192 -30.61 4.24 -4.98
CA PHE E 192 -29.57 3.32 -5.41
C PHE E 192 -30.04 1.88 -5.27
N GLY E 193 -29.45 1.01 -6.08
CA GLY E 193 -29.80 -0.40 -6.06
C GLY E 193 -29.85 -1.02 -7.44
N LYS E 194 -29.86 -2.34 -7.51
CA LYS E 194 -29.90 -3.03 -8.79
C LYS E 194 -31.31 -3.00 -9.36
N THR E 195 -31.40 -3.30 -10.65
CA THR E 195 -32.68 -3.24 -11.35
C THR E 195 -33.60 -4.37 -10.91
N GLY E 196 -34.87 -4.04 -10.67
CA GLY E 196 -35.84 -5.03 -10.27
C GLY E 196 -35.91 -5.34 -8.80
N PHE E 197 -35.44 -4.44 -7.94
CA PHE E 197 -35.45 -4.66 -6.50
C PHE E 197 -36.30 -3.65 -5.74
N GLY E 198 -37.14 -2.88 -6.42
CA GLY E 198 -38.11 -2.03 -5.78
C GLY E 198 -37.91 -0.53 -5.92
N LYS E 199 -37.20 -0.06 -6.94
CA LYS E 199 -36.98 1.37 -7.11
C LYS E 199 -38.27 2.10 -7.45
N SER E 200 -39.01 1.61 -8.44
CA SER E 200 -40.17 2.34 -8.94
C SER E 200 -41.27 2.42 -7.90
N ASN E 201 -41.45 1.36 -7.10
CA ASN E 201 -42.50 1.35 -6.09
C ASN E 201 -42.27 2.46 -5.07
N GLU E 202 -41.05 2.57 -4.55
CA GLU E 202 -40.80 3.60 -3.55
C GLU E 202 -40.73 5.00 -4.16
N ASN E 203 -40.31 5.10 -5.43
CA ASN E 203 -40.39 6.40 -6.10
C ASN E 203 -41.84 6.87 -6.20
N LYS E 204 -42.74 5.97 -6.60
CA LYS E 204 -44.15 6.32 -6.69
C LYS E 204 -44.75 6.61 -5.32
N VAL E 205 -44.32 5.87 -4.29
CA VAL E 205 -44.79 6.14 -2.94
C VAL E 205 -44.38 7.54 -2.50
N ILE E 206 -43.13 7.92 -2.76
CA ILE E 206 -42.66 9.25 -2.40
C ILE E 206 -43.46 10.31 -3.14
N LEU E 207 -43.68 10.11 -4.45
CA LEU E 207 -44.41 11.10 -5.23
C LEU E 207 -45.86 11.22 -4.75
N THR E 208 -46.50 10.10 -4.43
CA THR E 208 -47.88 10.14 -3.95
C THR E 208 -47.97 10.83 -2.60
N LEU E 209 -47.03 10.54 -1.69
CA LEU E 209 -47.03 11.22 -0.40
C LEU E 209 -46.81 12.71 -0.56
N LEU E 210 -45.90 13.10 -1.46
CA LEU E 210 -45.67 14.53 -1.71
C LEU E 210 -46.91 15.20 -2.28
N ALA E 211 -47.60 14.53 -3.21
CA ALA E 211 -48.81 15.12 -3.79
C ALA E 211 -49.90 15.26 -2.76
N HIS E 212 -50.07 14.27 -1.88
CA HIS E 212 -51.12 14.34 -0.88
C HIS E 212 -50.81 15.40 0.19
N ALA E 213 -49.56 15.44 0.66
CA ALA E 213 -49.22 16.33 1.77
C ALA E 213 -49.09 17.78 1.34
N PHE E 214 -48.53 18.03 0.15
CA PHE E 214 -48.23 19.38 -0.33
C PHE E 214 -48.90 19.62 -1.67
N PRO E 215 -50.13 20.12 -1.67
CA PRO E 215 -50.84 20.36 -2.94
C PRO E 215 -50.40 21.60 -3.69
N ARG E 216 -49.31 22.26 -3.28
CA ARG E 216 -48.82 23.45 -3.97
C ARG E 216 -47.41 23.27 -4.53
N VAL E 217 -46.88 22.05 -4.52
CA VAL E 217 -45.55 21.76 -5.03
C VAL E 217 -45.70 20.95 -6.31
N GLY E 218 -45.06 21.41 -7.39
CA GLY E 218 -45.16 20.77 -8.67
C GLY E 218 -44.04 19.79 -8.93
N MET E 219 -44.25 18.93 -9.92
CA MET E 219 -43.26 17.92 -10.29
C MET E 219 -43.02 17.96 -11.80
N LEU E 220 -41.78 17.69 -12.17
CA LEU E 220 -41.38 17.50 -13.56
C LEU E 220 -40.69 16.14 -13.62
N ILE E 221 -41.42 15.12 -14.09
CA ILE E 221 -40.94 13.75 -14.13
C ILE E 221 -40.47 13.45 -15.55
N LEU E 222 -39.19 13.14 -15.70
CA LEU E 222 -38.65 12.78 -17.02
C LEU E 222 -38.74 11.27 -17.15
N ASP E 223 -39.85 10.81 -17.74
CA ASP E 223 -40.19 9.39 -17.78
C ASP E 223 -39.52 8.75 -18.99
N GLN E 224 -38.47 7.97 -18.74
CA GLN E 224 -37.77 7.27 -19.81
C GLN E 224 -38.28 5.85 -20.01
N ASN E 225 -38.68 5.17 -18.93
CA ASN E 225 -39.17 3.81 -19.03
C ASN E 225 -40.69 3.72 -19.13
N ALA E 226 -41.39 4.85 -19.09
CA ALA E 226 -42.85 4.90 -19.18
C ALA E 226 -43.50 4.03 -18.10
N GLU E 227 -43.20 4.36 -16.84
CA GLU E 227 -43.63 3.56 -15.70
C GLU E 227 -44.23 4.41 -14.60
N TYR E 228 -44.79 5.57 -14.92
CA TYR E 228 -45.29 6.47 -13.90
C TYR E 228 -46.74 6.90 -14.10
N LEU E 229 -47.24 6.98 -15.33
CA LEU E 229 -48.61 7.41 -15.54
C LEU E 229 -49.60 6.26 -15.33
N LEU E 230 -49.52 5.24 -16.19
CA LEU E 230 -50.35 4.05 -16.08
C LEU E 230 -49.38 2.87 -16.04
N GLN E 231 -48.89 2.56 -14.84
CA GLN E 231 -47.87 1.54 -14.68
C GLN E 231 -48.50 0.19 -14.37
N THR E 232 -49.81 0.04 -14.61
CA THR E 232 -50.43 -1.27 -14.50
C THR E 232 -49.68 -2.29 -15.33
N GLU E 233 -49.47 -1.98 -16.62
CA GLU E 233 -48.42 -2.61 -17.43
C GLU E 233 -48.49 -4.14 -17.37
N ALA E 234 -49.71 -4.68 -17.38
CA ALA E 234 -50.04 -6.09 -17.22
C ALA E 234 -49.76 -6.61 -15.81
N THR E 235 -49.24 -5.79 -14.91
CA THR E 235 -49.03 -6.15 -13.52
C THR E 235 -50.13 -5.51 -12.68
N THR E 236 -50.00 -5.63 -11.36
CA THR E 236 -50.99 -5.11 -10.42
C THR E 236 -50.58 -3.80 -9.76
N SER E 237 -49.39 -3.28 -10.04
CA SER E 237 -48.93 -2.07 -9.37
C SER E 237 -49.47 -0.83 -10.08
N PRO E 238 -50.20 0.03 -9.40
CA PRO E 238 -50.80 1.20 -10.08
C PRO E 238 -49.76 2.27 -10.38
N GLY E 239 -50.17 3.22 -11.22
CA GLY E 239 -49.38 4.38 -11.53
C GLY E 239 -49.86 5.62 -10.79
N LEU E 240 -49.34 6.77 -11.23
CA LEU E 240 -49.69 8.02 -10.57
C LEU E 240 -51.11 8.45 -10.91
N ALA E 241 -51.57 8.19 -12.14
CA ALA E 241 -52.93 8.55 -12.51
C ALA E 241 -53.95 7.77 -11.71
N GLN E 242 -53.74 6.46 -11.56
CA GLN E 242 -54.66 5.64 -10.78
C GLN E 242 -54.62 6.02 -9.30
N ALA E 243 -53.42 6.33 -8.78
CA ALA E 243 -53.32 6.77 -7.38
C ALA E 243 -54.07 8.08 -7.17
N PHE E 244 -53.92 9.02 -8.11
CA PHE E 244 -54.63 10.29 -8.00
C PHE E 244 -56.14 10.09 -8.08
N LYS E 245 -56.60 9.20 -8.97
CA LYS E 245 -58.02 8.90 -9.05
C LYS E 245 -58.53 8.29 -7.76
N ALA E 246 -57.75 7.39 -7.16
CA ALA E 246 -58.15 6.79 -5.88
C ALA E 246 -58.21 7.83 -4.77
N LEU E 247 -57.24 8.74 -4.73
CA LEU E 247 -57.20 9.77 -3.69
C LEU E 247 -58.15 10.93 -3.95
N GLY E 248 -58.73 11.02 -5.15
CA GLY E 248 -59.62 12.12 -5.45
C GLY E 248 -58.95 13.40 -5.86
N ILE E 249 -57.74 13.34 -6.39
CA ILE E 249 -57.02 14.52 -6.84
C ILE E 249 -57.36 14.77 -8.30
N ARG E 250 -57.91 15.95 -8.59
CA ARG E 250 -58.47 16.24 -9.91
C ARG E 250 -57.72 17.41 -10.55
N GLY E 251 -57.47 17.29 -11.85
CA GLY E 251 -56.91 18.37 -12.63
C GLY E 251 -55.52 18.82 -12.25
N ARG E 252 -54.62 17.85 -12.03
CA ARG E 252 -53.24 18.16 -11.66
C ARG E 252 -52.20 17.53 -12.54
N ILE E 253 -52.54 16.53 -13.36
CA ILE E 253 -51.57 15.83 -14.19
C ILE E 253 -51.68 16.35 -15.62
N ARG E 254 -50.55 16.78 -16.19
CA ARG E 254 -50.47 17.17 -17.58
C ARG E 254 -49.46 16.26 -18.26
N PHE E 255 -49.93 15.46 -19.21
CA PHE E 255 -49.12 14.42 -19.84
C PHE E 255 -48.84 14.80 -21.28
N TYR E 256 -47.55 14.96 -21.61
CA TYR E 256 -47.12 15.34 -22.96
C TYR E 256 -46.59 14.10 -23.66
N THR E 257 -47.13 13.81 -24.85
CA THR E 257 -46.72 12.63 -25.60
C THR E 257 -46.96 12.87 -27.09
N ALA E 258 -46.27 12.07 -27.90
CA ALA E 258 -46.45 12.06 -29.34
C ALA E 258 -47.29 10.88 -29.81
N ARG E 259 -47.96 10.19 -28.89
CA ARG E 259 -48.78 9.01 -29.16
C ARG E 259 -50.13 9.15 -28.47
N GLU E 260 -50.79 10.29 -28.69
CA GLU E 260 -51.97 10.65 -27.92
C GLU E 260 -53.07 9.60 -28.01
N GLU E 261 -53.24 8.95 -29.16
CA GLU E 261 -54.38 8.05 -29.32
C GLU E 261 -54.21 6.77 -28.51
N ALA E 262 -53.01 6.17 -28.54
CA ALA E 262 -52.78 4.96 -27.75
C ALA E 262 -52.86 5.23 -26.25
N TRP E 263 -52.29 6.34 -25.81
CA TRP E 263 -52.36 6.68 -24.39
C TRP E 263 -53.78 7.01 -23.97
N ALA E 264 -54.55 7.64 -24.86
CA ALA E 264 -55.96 7.90 -24.57
C ALA E 264 -56.72 6.58 -24.44
N ARG E 265 -56.42 5.61 -25.31
CA ARG E 265 -57.07 4.31 -25.22
C ARG E 265 -56.75 3.63 -23.88
N ARG E 266 -55.47 3.66 -23.49
CA ARG E 266 -55.09 3.06 -22.21
C ARG E 266 -55.74 3.77 -21.03
N LEU E 267 -55.79 5.10 -21.08
CA LEU E 267 -56.42 5.86 -20.00
C LEU E 267 -57.91 5.55 -19.92
N LYS E 268 -58.57 5.41 -21.06
CA LYS E 268 -59.98 5.05 -21.05
C LYS E 268 -60.19 3.66 -20.48
N GLU E 269 -59.33 2.71 -20.83
CA GLU E 269 -59.53 1.34 -20.35
C GLU E 269 -59.14 1.17 -18.89
N HIS E 270 -58.32 2.06 -18.33
CA HIS E 270 -57.92 1.95 -16.92
C HIS E 270 -58.74 2.87 -16.01
N LEU E 271 -58.69 4.18 -16.25
CA LEU E 271 -59.36 5.11 -15.36
C LEU E 271 -60.86 5.19 -15.59
N GLY E 272 -61.34 4.70 -16.73
CA GLY E 272 -62.76 4.74 -17.03
C GLY E 272 -63.12 5.87 -17.97
N THR E 273 -64.44 6.12 -18.05
CA THR E 273 -64.95 7.14 -18.97
C THR E 273 -64.62 8.55 -18.48
N GLU E 274 -64.41 8.72 -17.17
CA GLU E 274 -64.15 10.03 -16.57
C GLU E 274 -62.66 10.33 -16.45
N TRP E 275 -61.83 9.75 -17.33
CA TRP E 275 -60.39 9.93 -17.21
C TRP E 275 -59.94 11.34 -17.58
N ARG E 276 -60.76 12.09 -18.33
CA ARG E 276 -60.37 13.45 -18.71
C ARG E 276 -60.41 14.41 -17.53
N GLU E 277 -61.05 14.03 -16.43
CA GLU E 277 -61.07 14.88 -15.24
C GLU E 277 -59.84 14.72 -14.37
N TYR E 278 -58.93 13.80 -14.72
CA TYR E 278 -57.73 13.54 -13.95
C TYR E 278 -56.45 13.77 -14.74
N VAL E 279 -56.42 13.40 -16.02
CA VAL E 279 -55.22 13.48 -16.84
C VAL E 279 -55.54 14.31 -18.08
N GLU E 280 -54.64 15.24 -18.42
CA GLU E 280 -54.74 16.04 -19.62
C GLU E 280 -53.61 15.65 -20.56
N VAL E 281 -53.96 15.24 -21.78
CA VAL E 281 -53.00 14.75 -22.76
C VAL E 281 -52.70 15.88 -23.75
N LEU E 282 -51.43 16.19 -23.92
CA LEU E 282 -51.00 17.31 -24.76
C LEU E 282 -49.92 16.85 -25.72
N PRO E 283 -49.81 17.50 -26.88
CA PRO E 283 -48.88 17.04 -27.90
C PRO E 283 -47.44 17.46 -27.64
N LEU E 284 -46.51 16.60 -28.07
CA LEU E 284 -45.09 16.90 -28.08
C LEU E 284 -44.59 17.30 -29.46
N LYS E 285 -45.50 17.50 -30.42
CA LYS E 285 -45.14 17.85 -31.78
C LYS E 285 -45.21 19.36 -31.98
N VAL E 286 -44.42 19.85 -32.92
CA VAL E 286 -44.35 21.27 -33.22
C VAL E 286 -44.46 21.48 -34.74
N ASP E 287 -44.88 22.68 -35.11
CA ASP E 287 -44.97 23.09 -36.50
C ASP E 287 -43.71 23.88 -36.83
N PHE E 288 -42.78 23.24 -37.55
CA PHE E 288 -41.48 23.85 -37.79
C PHE E 288 -41.55 25.06 -38.70
N TYR E 289 -42.66 25.25 -39.41
CA TYR E 289 -42.84 26.49 -40.17
C TYR E 289 -43.08 27.67 -39.26
N HIS E 290 -43.70 27.43 -38.10
CA HIS E 290 -43.89 28.49 -37.11
C HIS E 290 -42.60 28.75 -36.32
N PHE E 291 -41.78 27.73 -36.10
CA PHE E 291 -40.56 27.84 -35.30
C PHE E 291 -39.38 27.31 -36.11
N PRO E 292 -38.93 28.04 -37.12
CA PRO E 292 -37.73 27.61 -37.85
C PRO E 292 -36.47 27.57 -37.01
N GLU E 293 -36.42 28.34 -35.92
CA GLU E 293 -35.24 28.33 -35.05
C GLU E 293 -35.09 26.98 -34.37
N LEU E 294 -36.20 26.33 -34.02
CA LEU E 294 -36.12 25.00 -33.45
C LEU E 294 -35.55 24.01 -34.46
N ALA E 295 -35.97 24.11 -35.71
CA ALA E 295 -35.44 23.23 -36.75
C ALA E 295 -33.95 23.46 -36.96
N VAL E 296 -33.51 24.71 -37.01
CA VAL E 296 -32.10 25.00 -37.20
C VAL E 296 -31.29 24.51 -36.03
N ALA E 297 -31.79 24.69 -34.80
CA ALA E 297 -31.08 24.21 -33.62
C ALA E 297 -30.98 22.70 -33.61
N LEU E 298 -32.07 22.01 -33.97
CA LEU E 298 -32.05 20.54 -34.02
C LEU E 298 -31.05 20.04 -35.05
N ALA E 299 -31.03 20.66 -36.24
CA ALA E 299 -30.08 20.23 -37.26
C ALA E 299 -28.66 20.54 -36.86
N TYR E 300 -28.43 21.69 -36.22
CA TYR E 300 -27.08 22.13 -35.85
C TYR E 300 -26.47 21.27 -34.75
N GLN E 301 -27.28 20.60 -33.95
CA GLN E 301 -26.77 19.80 -32.84
C GLN E 301 -27.13 18.34 -33.02
N ARG E 302 -26.94 17.82 -34.23
CA ARG E 302 -27.26 16.43 -34.53
C ARG E 302 -26.06 15.55 -34.19
N ARG E 303 -26.05 14.31 -34.69
CA ARG E 303 -25.10 13.31 -34.24
C ARG E 303 -23.66 13.69 -34.57
N ARG E 304 -23.40 14.17 -35.79
CA ARG E 304 -22.06 14.63 -36.20
C ARG E 304 -21.01 13.55 -35.95
N LEU E 305 -21.12 12.49 -36.75
CA LEU E 305 -20.34 11.26 -36.60
C LEU E 305 -18.90 11.52 -36.19
N GLN E 306 -18.50 10.92 -35.07
CA GLN E 306 -17.15 11.02 -34.52
C GLN E 306 -16.67 12.46 -34.42
N GLY E 307 -15.77 12.85 -35.32
CA GLY E 307 -15.22 14.19 -35.31
C GLY E 307 -16.27 15.28 -35.42
N ALA E 308 -16.19 16.28 -34.54
CA ALA E 308 -17.16 17.36 -34.52
C ALA E 308 -16.99 18.21 -35.78
N GLU E 309 -17.92 18.07 -36.71
CA GLU E 309 -17.88 18.80 -37.99
C GLU E 309 -19.24 19.45 -38.25
N PRO E 310 -19.56 20.53 -37.53
CA PRO E 310 -20.76 21.29 -37.87
C PRO E 310 -20.49 22.19 -39.06
N PRO E 311 -21.22 21.98 -40.16
CA PRO E 311 -20.94 22.76 -41.38
C PRO E 311 -21.20 24.25 -41.19
N GLN E 312 -20.48 25.06 -41.97
CA GLN E 312 -20.48 26.50 -41.77
C GLN E 312 -21.85 27.12 -42.06
N TYR E 313 -22.56 26.62 -43.07
CA TYR E 313 -23.84 27.21 -43.42
C TYR E 313 -24.86 27.02 -42.30
N LEU E 314 -24.85 25.85 -41.65
CA LEU E 314 -25.75 25.63 -40.51
C LEU E 314 -25.42 26.59 -39.37
N GLU E 315 -24.13 26.81 -39.10
CA GLU E 315 -23.75 27.75 -38.06
C GLU E 315 -24.20 29.16 -38.38
N ASN E 316 -24.04 29.58 -39.65
CA ASN E 316 -24.48 30.90 -40.06
C ASN E 316 -25.99 31.06 -39.91
N ALA E 317 -26.75 30.04 -40.32
CA ALA E 317 -28.20 30.09 -40.14
C ALA E 317 -28.57 30.15 -38.67
N PHE E 318 -27.90 29.35 -37.84
CA PHE E 318 -28.17 29.32 -36.41
C PHE E 318 -27.93 30.68 -35.78
N TYR E 319 -26.88 31.37 -36.21
CA TYR E 319 -26.52 32.65 -35.62
C TYR E 319 -27.24 33.84 -36.25
N ASN E 320 -27.88 33.68 -37.41
CA ASN E 320 -28.48 34.83 -38.08
C ASN E 320 -29.95 34.63 -38.50
N LEU E 321 -30.62 33.57 -38.05
CA LEU E 321 -32.02 33.39 -38.43
C LEU E 321 -32.90 34.49 -37.86
N GLU E 322 -32.63 34.93 -36.63
CA GLU E 322 -33.44 36.00 -36.04
C GLU E 322 -33.28 37.30 -36.82
N ASP E 323 -32.11 37.54 -37.39
CA ASP E 323 -31.92 38.72 -38.23
C ASP E 323 -32.55 38.53 -39.60
N TRP E 324 -32.52 37.31 -40.13
CA TRP E 324 -33.15 37.03 -41.42
C TRP E 324 -34.67 37.15 -41.34
N LYS E 325 -35.24 36.96 -40.14
CA LYS E 325 -36.69 36.89 -40.01
C LYS E 325 -37.37 38.20 -40.40
N HIS E 326 -36.63 39.31 -40.48
CA HIS E 326 -37.19 40.58 -40.89
C HIS E 326 -37.13 40.81 -42.39
N ILE E 327 -36.50 39.92 -43.14
CA ILE E 327 -36.33 40.05 -44.58
C ILE E 327 -37.17 38.98 -45.26
N PRO E 328 -38.14 39.35 -46.09
CA PRO E 328 -39.01 38.33 -46.71
C PRO E 328 -38.27 37.32 -47.59
N ASP E 329 -37.20 37.74 -48.27
CA ASP E 329 -36.56 36.84 -49.23
C ASP E 329 -35.79 35.72 -48.53
N ARG E 330 -35.06 36.05 -47.47
CA ARG E 330 -34.32 35.02 -46.74
C ARG E 330 -35.28 34.04 -46.07
N MET E 331 -36.38 34.54 -45.52
CA MET E 331 -37.39 33.64 -44.97
C MET E 331 -38.05 32.81 -46.04
N ALA E 332 -38.21 33.36 -47.25
CA ALA E 332 -38.71 32.56 -48.36
C ALA E 332 -37.76 31.43 -48.69
N TYR E 333 -36.46 31.71 -48.67
CA TYR E 333 -35.47 30.64 -48.88
C TYR E 333 -35.54 29.58 -47.78
N VAL E 334 -35.71 30.01 -46.53
CA VAL E 334 -35.78 29.07 -45.42
C VAL E 334 -37.01 28.18 -45.55
N TYR E 335 -38.16 28.78 -45.87
CA TYR E 335 -39.38 28.00 -46.05
C TYR E 335 -39.28 27.08 -47.25
N GLY E 336 -38.62 27.53 -48.32
CA GLY E 336 -38.39 26.65 -49.45
C GLY E 336 -37.52 25.46 -49.11
N ALA E 337 -36.50 25.68 -48.28
CA ALA E 337 -35.67 24.56 -47.81
C ALA E 337 -36.50 23.59 -46.97
N LEU E 338 -37.34 24.12 -46.09
CA LEU E 338 -38.20 23.26 -45.27
C LEU E 338 -39.14 22.44 -46.14
N ARG E 339 -39.72 23.06 -47.16
CA ARG E 339 -40.63 22.34 -48.05
C ARG E 339 -39.89 21.30 -48.89
N LYS E 340 -38.68 21.64 -49.33
CA LYS E 340 -37.87 20.70 -50.12
C LYS E 340 -37.41 19.52 -49.29
N ALA E 341 -37.24 19.72 -47.97
CA ALA E 341 -36.87 18.61 -47.11
C ALA E 341 -37.96 17.54 -47.09
N GLY E 342 -39.22 17.95 -47.07
CA GLY E 342 -40.32 17.01 -47.10
C GLY E 342 -41.43 17.35 -46.13
N LEU E 343 -41.24 18.40 -45.35
CA LEU E 343 -42.23 18.79 -44.36
C LEU E 343 -43.49 19.32 -45.05
N THR E 344 -44.65 18.91 -44.54
CA THR E 344 -45.92 19.28 -45.13
C THR E 344 -46.43 20.56 -44.49
N PRO E 345 -46.56 21.66 -45.24
CA PRO E 345 -47.08 22.90 -44.67
C PRO E 345 -48.58 22.85 -44.47
N ARG E 346 -49.08 23.82 -43.71
CA ARG E 346 -50.50 23.93 -43.47
C ARG E 346 -51.21 24.50 -44.70
N LYS E 347 -52.54 24.43 -44.69
CA LYS E 347 -53.33 24.92 -45.80
C LYS E 347 -53.27 26.43 -45.90
N GLY E 348 -53.11 26.93 -47.12
CA GLY E 348 -53.13 28.36 -47.35
C GLY E 348 -51.92 29.13 -46.87
N LEU E 349 -50.77 28.46 -46.72
CA LEU E 349 -49.56 29.15 -46.32
C LEU E 349 -49.03 29.97 -47.49
N LYS E 350 -48.68 31.22 -47.21
CA LYS E 350 -48.27 32.17 -48.24
C LYS E 350 -46.81 32.55 -48.09
N ILE E 351 -46.14 32.75 -49.22
CA ILE E 351 -44.75 33.19 -49.28
C ILE E 351 -44.68 34.43 -50.15
N LYS E 352 -43.89 35.41 -49.73
CA LYS E 352 -43.84 36.69 -50.43
C LYS E 352 -42.48 36.91 -51.08
N TYR E 353 -41.95 35.89 -51.74
CA TYR E 353 -40.72 36.05 -52.51
C TYR E 353 -40.90 37.10 -53.59
N LYS E 354 -39.88 37.95 -53.76
CA LYS E 354 -39.93 39.07 -54.69
C LYS E 354 -41.14 39.97 -54.38
N ASN E 355 -42.13 39.95 -55.25
CA ASN E 355 -43.37 40.71 -55.04
C ASN E 355 -44.58 39.87 -55.43
N GLU E 356 -44.55 38.58 -55.11
CA GLU E 356 -45.62 37.65 -55.45
C GLU E 356 -46.00 36.85 -54.22
N ASN E 357 -47.26 36.43 -54.17
CA ASN E 357 -47.80 35.67 -53.05
C ASN E 357 -47.97 34.22 -53.51
N TYR E 358 -46.91 33.42 -53.33
CA TYR E 358 -46.96 32.01 -53.65
C TYR E 358 -47.75 31.25 -52.59
N ASP E 359 -48.14 30.02 -52.94
CA ASP E 359 -48.90 29.14 -52.04
C ASP E 359 -48.29 27.75 -52.16
N ILE E 360 -47.31 27.46 -51.29
CA ILE E 360 -46.61 26.18 -51.37
C ILE E 360 -47.47 25.00 -50.96
N SER E 361 -48.67 25.25 -50.43
CA SER E 361 -49.60 24.16 -50.17
C SER E 361 -50.14 23.54 -51.46
N GLU E 362 -49.97 24.22 -52.59
CA GLU E 362 -50.35 23.70 -53.90
C GLU E 362 -49.08 23.39 -54.68
N GLU E 363 -49.00 22.18 -55.23
CA GLU E 363 -47.73 21.69 -55.76
C GLU E 363 -47.35 22.34 -57.08
N LYS E 364 -48.32 22.75 -57.89
CA LYS E 364 -48.01 23.57 -59.06
C LYS E 364 -47.39 24.91 -58.65
N SER E 365 -47.97 25.55 -57.63
CA SER E 365 -47.41 26.81 -57.14
C SER E 365 -46.02 26.58 -56.52
N TRP E 366 -45.83 25.44 -55.86
CA TRP E 366 -44.51 25.11 -55.32
C TRP E 366 -43.49 24.94 -56.43
N GLY E 367 -43.88 24.28 -57.52
CA GLY E 367 -42.97 24.15 -58.65
C GLY E 367 -42.65 25.49 -59.30
N ASN E 368 -43.65 26.36 -59.42
CA ASN E 368 -43.40 27.69 -59.95
C ASN E 368 -42.45 28.48 -59.06
N LEU E 369 -42.64 28.39 -57.74
CA LEU E 369 -41.75 29.07 -56.81
C LEU E 369 -40.33 28.50 -56.89
N GLN E 370 -40.20 27.18 -57.04
CA GLN E 370 -38.89 26.59 -57.18
C GLN E 370 -38.19 27.06 -58.44
N GLU E 371 -38.92 27.14 -59.55
CA GLU E 371 -38.34 27.65 -60.79
C GLU E 371 -37.92 29.11 -60.63
N ALA E 372 -38.76 29.92 -59.96
CA ALA E 372 -38.41 31.31 -59.74
C ALA E 372 -37.18 31.46 -58.85
N MET E 373 -37.06 30.62 -57.83
CA MET E 373 -35.88 30.64 -56.97
C MET E 373 -34.64 30.11 -57.68
N GLU E 374 -34.82 29.32 -58.73
CA GLU E 374 -33.66 28.81 -59.47
C GLU E 374 -33.17 29.83 -60.49
N ASN E 375 -34.07 30.38 -61.30
CA ASN E 375 -33.64 31.23 -62.41
C ASN E 375 -33.31 32.65 -61.99
N ASN E 376 -33.66 33.07 -60.77
CA ASN E 376 -33.39 34.44 -60.34
C ASN E 376 -31.90 34.70 -60.21
N SER E 377 -31.17 33.80 -59.57
CA SER E 377 -29.74 33.96 -59.35
C SER E 377 -29.00 32.67 -59.67
N GLN E 378 -29.35 32.05 -60.81
CA GLN E 378 -28.63 30.87 -61.26
C GLN E 378 -27.20 31.19 -61.67
N ARG E 379 -26.90 32.48 -61.92
CA ARG E 379 -25.55 32.87 -62.32
C ARG E 379 -24.54 32.61 -61.21
N GLY E 380 -24.93 32.84 -59.96
CA GLY E 380 -24.03 32.63 -58.85
C GLY E 380 -23.62 33.91 -58.16
N ASP E 381 -24.53 34.87 -58.06
CA ASP E 381 -24.23 36.14 -57.41
C ASP E 381 -24.15 35.96 -55.91
N ASN E 382 -23.06 35.33 -55.44
CA ASN E 382 -22.78 35.06 -54.04
C ASN E 382 -23.72 33.98 -53.49
N LYS E 383 -23.18 33.10 -52.64
CA LYS E 383 -23.96 32.05 -51.99
C LYS E 383 -23.84 32.24 -50.49
N GLY E 384 -24.75 33.03 -49.93
CA GLY E 384 -24.76 33.32 -48.51
C GLY E 384 -25.41 32.21 -47.71
N GLY E 385 -25.85 32.57 -46.50
CA GLY E 385 -26.47 31.59 -45.64
C GLY E 385 -27.77 31.05 -46.18
N ALA E 386 -28.64 31.93 -46.68
CA ALA E 386 -29.97 31.49 -47.10
C ALA E 386 -29.90 30.58 -48.32
N ARG E 387 -29.10 30.96 -49.32
CA ARG E 387 -29.01 30.15 -50.54
C ARG E 387 -28.40 28.79 -50.24
N GLU E 388 -27.33 28.76 -49.43
CA GLU E 388 -26.71 27.48 -49.07
C GLU E 388 -27.66 26.62 -48.26
N LEU E 389 -28.42 27.23 -47.35
CA LEU E 389 -29.41 26.48 -46.58
C LEU E 389 -30.47 25.88 -47.49
N TYR E 390 -30.94 26.65 -48.47
CA TYR E 390 -31.94 26.15 -49.40
C TYR E 390 -31.38 25.01 -50.25
N SER E 391 -30.11 25.13 -50.66
CA SER E 391 -29.51 24.10 -51.50
C SER E 391 -29.44 22.75 -50.78
N ARG E 392 -28.96 22.76 -49.54
CA ARG E 392 -28.79 21.53 -48.78
C ARG E 392 -29.98 21.32 -47.84
N ALA E 393 -31.14 21.11 -48.44
CA ALA E 393 -32.37 20.92 -47.67
C ALA E 393 -32.46 19.55 -47.02
N LYS E 394 -31.78 18.54 -47.56
CA LYS E 394 -31.89 17.18 -47.04
C LYS E 394 -31.49 17.08 -45.58
N VAL E 395 -30.67 18.02 -45.09
CA VAL E 395 -30.26 18.01 -43.68
C VAL E 395 -31.46 18.11 -42.75
N PHE E 396 -32.59 18.64 -43.23
CA PHE E 396 -33.78 18.77 -42.41
C PHE E 396 -34.73 17.59 -42.54
N SER E 397 -34.39 16.59 -43.38
CA SER E 397 -35.31 15.48 -43.63
C SER E 397 -35.63 14.72 -42.35
N PHE E 398 -34.65 14.54 -41.47
CA PHE E 398 -34.86 13.81 -40.23
C PHE E 398 -35.87 14.50 -39.32
N LEU E 399 -36.18 15.77 -39.59
CA LEU E 399 -37.21 16.46 -38.80
C LEU E 399 -38.62 15.98 -39.12
N ARG E 400 -38.79 15.13 -40.14
CA ARG E 400 -40.13 14.66 -40.48
C ARG E 400 -40.78 13.87 -39.36
N ALA E 401 -40.00 13.31 -38.44
CA ALA E 401 -40.53 12.49 -37.36
C ALA E 401 -41.09 13.31 -36.20
N PHE E 402 -40.87 14.62 -36.17
CA PHE E 402 -41.32 15.46 -35.08
C PHE E 402 -42.23 16.60 -35.54
N HIS E 403 -42.63 16.60 -36.81
CA HIS E 403 -43.35 17.73 -37.40
C HIS E 403 -44.83 17.41 -37.49
N ALA E 404 -45.65 18.43 -37.21
CA ALA E 404 -47.10 18.33 -37.33
C ALA E 404 -47.65 19.68 -37.79
N PRO E 405 -48.17 19.77 -39.01
CA PRO E 405 -48.64 21.06 -39.53
C PRO E 405 -49.79 21.62 -38.70
N GLY E 406 -49.79 22.94 -38.54
CA GLY E 406 -50.83 23.63 -37.81
C GLY E 406 -50.93 23.24 -36.35
N LYS E 407 -49.89 23.55 -35.57
CA LYS E 407 -49.88 23.28 -34.15
C LYS E 407 -49.85 24.55 -33.31
N GLU E 408 -48.85 25.40 -33.49
CA GLU E 408 -48.66 26.61 -32.71
C GLU E 408 -48.80 26.33 -31.21
N ALA E 409 -47.93 25.45 -30.72
CA ALA E 409 -47.96 25.02 -29.33
C ALA E 409 -46.71 25.45 -28.57
N ASN E 410 -45.52 25.07 -29.04
CA ASN E 410 -44.27 25.32 -28.34
C ASN E 410 -44.36 24.85 -26.89
N PHE E 411 -44.48 23.52 -26.75
CA PHE E 411 -44.73 22.91 -25.45
C PHE E 411 -43.70 23.30 -24.40
N LEU E 412 -42.54 23.79 -24.80
CA LEU E 412 -41.57 24.29 -23.81
C LEU E 412 -42.14 25.47 -23.05
N GLU E 413 -42.71 26.44 -23.77
CA GLU E 413 -43.32 27.59 -23.11
C GLU E 413 -44.54 27.19 -22.31
N THR E 414 -45.30 26.20 -22.79
CA THR E 414 -46.45 25.71 -22.04
C THR E 414 -46.03 25.10 -20.72
N ILE E 415 -44.97 24.29 -20.73
CA ILE E 415 -44.49 23.68 -19.49
C ILE E 415 -43.93 24.75 -18.56
N LYS E 416 -43.23 25.75 -19.10
CA LYS E 416 -42.73 26.83 -18.26
C LYS E 416 -43.87 27.59 -17.60
N GLU E 417 -44.94 27.84 -18.35
CA GLU E 417 -46.11 28.51 -17.77
C GLU E 417 -46.78 27.63 -16.72
N ASP E 418 -46.83 26.31 -16.97
CA ASP E 418 -47.43 25.39 -16.02
C ASP E 418 -46.68 25.37 -14.70
N LEU E 419 -45.34 25.37 -14.76
CA LEU E 419 -44.54 25.19 -13.56
C LEU E 419 -44.26 26.52 -12.84
N LEU E 420 -43.84 27.55 -13.58
CA LEU E 420 -43.42 28.82 -12.99
C LEU E 420 -44.22 29.97 -13.58
N GLY E 421 -45.52 29.78 -13.78
CA GLY E 421 -46.33 30.82 -14.35
C GLY E 421 -46.83 31.81 -13.30
N GLU E 422 -47.03 33.05 -13.74
CA GLU E 422 -47.54 34.09 -12.85
C GLU E 422 -48.95 33.78 -12.38
N LYS E 423 -49.82 33.34 -13.29
CA LYS E 423 -51.18 32.99 -12.92
C LYS E 423 -51.22 31.74 -12.05
N THR E 424 -50.46 30.71 -12.43
CA THR E 424 -50.43 29.46 -11.69
C THR E 424 -49.30 29.48 -10.65
N GLU E 425 -49.41 30.44 -9.73
CA GLU E 425 -48.43 30.59 -8.66
C GLU E 425 -48.78 29.60 -7.55
N GLY E 426 -48.39 28.35 -7.76
CA GLY E 426 -48.69 27.29 -6.81
C GLY E 426 -49.69 26.29 -7.35
N GLU E 427 -50.65 25.90 -6.49
CA GLU E 427 -51.81 25.06 -6.79
C GLU E 427 -51.41 23.70 -7.35
N GLY E 428 -50.12 23.42 -7.44
CA GLY E 428 -49.64 22.12 -7.87
C GLY E 428 -49.78 21.89 -9.36
N LYS E 429 -48.80 21.19 -9.94
CA LYS E 429 -48.88 20.82 -11.35
C LYS E 429 -47.89 19.69 -11.60
N VAL E 430 -48.40 18.50 -11.87
CA VAL E 430 -47.57 17.33 -12.14
C VAL E 430 -47.42 17.21 -13.64
N VAL E 431 -46.22 17.50 -14.15
CA VAL E 431 -45.91 17.44 -15.57
C VAL E 431 -45.13 16.16 -15.82
N ILE E 432 -45.65 15.31 -16.70
CA ILE E 432 -45.02 14.04 -17.05
C ILE E 432 -44.72 14.06 -18.54
N LEU E 433 -43.47 13.75 -18.89
CA LEU E 433 -43.00 13.81 -20.26
C LEU E 433 -42.74 12.40 -20.77
N ASP E 434 -43.33 12.07 -21.92
CA ASP E 434 -43.11 10.79 -22.58
C ASP E 434 -41.87 10.92 -23.48
N LEU E 435 -40.71 10.76 -22.85
CA LEU E 435 -39.45 10.94 -23.56
C LEU E 435 -39.25 9.98 -24.74
N PRO E 436 -39.53 8.67 -24.64
CA PRO E 436 -39.28 7.79 -25.79
C PRO E 436 -39.99 8.22 -27.06
N SER E 437 -41.19 8.81 -26.95
CA SER E 437 -41.93 9.25 -28.12
C SER E 437 -41.20 10.35 -28.90
N LEU E 438 -40.21 11.00 -28.29
CA LEU E 438 -39.42 12.01 -28.99
C LEU E 438 -38.21 11.41 -29.70
N GLY E 439 -38.04 10.10 -29.65
CA GLY E 439 -36.99 9.45 -30.42
C GLY E 439 -35.62 10.00 -30.10
N GLU E 440 -34.89 10.37 -31.14
CA GLU E 440 -33.53 10.89 -30.98
C GLU E 440 -33.51 12.35 -30.55
N ALA E 441 -34.65 13.05 -30.64
CA ALA E 441 -34.65 14.47 -30.27
C ALA E 441 -34.80 14.70 -28.78
N ALA E 442 -35.25 13.69 -28.03
CA ALA E 442 -35.67 13.90 -26.65
C ALA E 442 -34.59 14.58 -25.83
N ASP E 443 -33.38 14.03 -25.86
CA ASP E 443 -32.28 14.60 -25.07
C ASP E 443 -32.16 16.09 -25.34
N PHE E 444 -32.09 16.47 -26.62
CA PHE E 444 -32.04 17.87 -26.99
C PHE E 444 -33.10 18.66 -26.23
N PHE E 445 -34.37 18.31 -26.47
CA PHE E 445 -35.45 19.06 -25.86
C PHE E 445 -35.27 19.09 -24.35
N THR E 446 -34.96 17.94 -23.76
CA THR E 446 -34.83 17.87 -22.31
C THR E 446 -33.84 18.92 -21.83
N LEU E 447 -32.64 18.93 -22.41
CA LEU E 447 -31.64 19.89 -21.98
C LEU E 447 -32.17 21.30 -22.13
N ARG E 448 -32.72 21.61 -23.31
CA ARG E 448 -33.24 22.94 -23.54
C ARG E 448 -34.26 23.30 -22.46
N LEU E 449 -35.21 22.40 -22.20
CA LEU E 449 -36.25 22.69 -21.23
C LEU E 449 -35.62 23.06 -19.89
N MET E 450 -34.66 22.25 -19.45
CA MET E 450 -34.06 22.49 -18.14
C MET E 450 -33.46 23.89 -18.10
N ASP E 451 -32.68 24.24 -19.13
CA ASP E 451 -32.07 25.57 -19.19
C ASP E 451 -33.14 26.63 -18.98
N LEU E 452 -34.21 26.54 -19.76
CA LEU E 452 -35.28 27.54 -19.68
C LEU E 452 -35.76 27.65 -18.24
N LEU E 453 -36.12 26.53 -17.63
CA LEU E 453 -36.66 26.57 -16.29
C LEU E 453 -35.69 27.23 -15.33
N PHE E 454 -34.41 26.86 -15.42
CA PHE E 454 -33.45 27.40 -14.48
C PHE E 454 -33.40 28.91 -14.58
N ASP E 455 -33.42 29.44 -15.80
CA ASP E 455 -33.36 30.89 -15.96
C ASP E 455 -34.53 31.55 -15.25
N ARG E 456 -35.73 31.00 -15.43
CA ARG E 456 -36.89 31.58 -14.77
C ARG E 456 -36.74 31.51 -13.26
N ALA E 457 -36.16 30.41 -12.76
CA ALA E 457 -35.96 30.27 -11.32
C ALA E 457 -35.03 31.34 -10.78
N VAL E 458 -34.13 31.87 -11.61
CA VAL E 458 -33.27 32.94 -11.14
C VAL E 458 -33.99 34.27 -11.17
N GLU E 459 -34.96 34.44 -12.08
CA GLU E 459 -35.69 35.70 -12.15
C GLU E 459 -36.62 35.87 -10.96
N LEU E 460 -37.10 34.77 -10.39
CA LEU E 460 -38.03 34.82 -9.27
C LEU E 460 -37.34 34.90 -7.91
N TYR E 461 -36.01 34.89 -7.88
CA TYR E 461 -35.30 34.98 -6.61
C TYR E 461 -35.60 36.31 -5.93
N GLY E 462 -35.87 36.24 -4.62
CA GLY E 462 -36.24 37.41 -3.85
C GLY E 462 -37.72 37.67 -3.78
N LYS E 463 -38.52 37.07 -4.66
CA LYS E 463 -39.96 37.23 -4.68
C LYS E 463 -40.70 35.95 -4.30
N ARG E 464 -40.40 34.84 -4.97
CA ARG E 464 -40.99 33.56 -4.64
C ARG E 464 -40.05 32.46 -5.08
N GLN E 465 -40.18 31.29 -4.45
CA GLN E 465 -39.36 30.15 -4.76
C GLN E 465 -39.92 29.38 -5.95
N ALA E 466 -39.04 28.70 -6.67
CA ALA E 466 -39.48 27.91 -7.82
C ALA E 466 -40.44 26.81 -7.39
N ASN E 467 -40.11 26.09 -6.32
CA ASN E 467 -41.03 25.21 -5.62
C ASN E 467 -41.53 24.07 -6.53
N PHE E 468 -40.59 23.31 -7.07
CA PHE E 468 -40.94 22.10 -7.81
C PHE E 468 -39.78 21.12 -7.73
N LEU E 469 -40.08 19.87 -8.10
CA LEU E 469 -39.17 18.75 -7.94
C LEU E 469 -38.95 18.06 -9.28
N VAL E 470 -37.69 17.84 -9.64
CA VAL E 470 -37.32 17.19 -10.89
C VAL E 470 -37.04 15.72 -10.59
N VAL E 471 -37.74 14.84 -11.28
CA VAL E 471 -37.58 13.39 -11.12
C VAL E 471 -36.80 12.86 -12.32
N LEU E 472 -35.62 12.31 -12.04
CA LEU E 472 -34.64 11.95 -13.07
C LEU E 472 -34.26 10.48 -12.92
N GLU E 473 -34.27 9.76 -14.04
CA GLU E 473 -33.90 8.35 -14.10
C GLU E 473 -32.62 8.18 -14.89
N GLU E 474 -31.80 7.20 -14.48
CA GLU E 474 -30.49 6.98 -15.05
C GLU E 474 -29.65 8.26 -15.00
N ALA E 475 -29.51 8.78 -13.78
CA ALA E 475 -28.94 10.09 -13.57
C ALA E 475 -27.46 10.17 -13.93
N HIS E 476 -26.76 9.04 -13.99
CA HIS E 476 -25.32 9.08 -14.26
C HIS E 476 -25.01 9.59 -15.67
N ASN E 477 -26.00 9.57 -16.58
CA ASN E 477 -25.78 10.09 -17.93
C ASN E 477 -25.86 11.61 -17.98
N PHE E 478 -26.46 12.25 -16.97
CA PHE E 478 -26.59 13.70 -16.94
C PHE E 478 -25.71 14.39 -15.90
N LEU E 479 -25.28 13.67 -14.87
CA LEU E 479 -24.51 14.26 -13.78
C LEU E 479 -23.00 14.10 -13.99
N GLU E 480 -22.56 13.46 -15.07
CA GLU E 480 -21.13 13.24 -15.26
C GLU E 480 -20.39 14.53 -15.57
N ASP E 481 -20.96 15.38 -16.44
CA ASP E 481 -20.30 16.60 -16.84
C ASP E 481 -20.51 17.69 -15.80
N LYS E 482 -19.43 18.38 -15.44
CA LYS E 482 -19.51 19.44 -14.44
C LYS E 482 -20.19 20.69 -14.99
N ALA E 483 -20.20 20.87 -16.30
CA ALA E 483 -20.82 22.03 -16.92
C ALA E 483 -22.25 21.77 -17.39
N GLY E 484 -22.77 20.56 -17.17
CA GLY E 484 -24.12 20.25 -17.59
C GLY E 484 -25.16 21.00 -16.79
N ILE E 485 -26.36 21.10 -17.37
CA ILE E 485 -27.44 21.84 -16.71
C ILE E 485 -27.94 21.09 -15.48
N PHE E 486 -28.03 19.75 -15.58
CA PHE E 486 -28.49 18.98 -14.43
C PHE E 486 -27.48 18.99 -13.30
N TYR E 487 -26.19 19.04 -13.62
CA TYR E 487 -25.17 19.20 -12.59
C TYR E 487 -25.36 20.52 -11.86
N ARG E 488 -25.62 21.60 -12.59
CA ARG E 488 -25.85 22.89 -11.96
C ARG E 488 -27.13 22.90 -11.15
N VAL E 489 -28.16 22.21 -11.62
CA VAL E 489 -29.41 22.12 -10.87
C VAL E 489 -29.18 21.39 -9.55
N ALA E 490 -28.43 20.29 -9.58
CA ALA E 490 -28.12 19.57 -8.36
C ALA E 490 -27.27 20.41 -7.41
N LYS E 491 -26.27 21.11 -7.95
CA LYS E 491 -25.32 21.82 -7.09
C LYS E 491 -25.92 23.08 -6.48
N GLU E 492 -26.67 23.85 -7.27
CA GLU E 492 -27.12 25.18 -6.86
C GLU E 492 -28.63 25.33 -6.81
N GLY E 493 -29.40 24.26 -7.05
CA GLY E 493 -30.84 24.38 -7.13
C GLY E 493 -31.57 24.56 -5.82
N ARG E 494 -30.90 24.33 -4.68
CA ARG E 494 -31.56 24.49 -3.39
C ARG E 494 -31.79 25.96 -3.06
N LYS E 495 -30.93 26.85 -3.54
CA LYS E 495 -31.07 28.27 -3.25
C LYS E 495 -32.31 28.87 -3.92
N TYR E 496 -32.82 28.24 -4.98
CA TYR E 496 -34.01 28.72 -5.66
C TYR E 496 -35.22 27.82 -5.42
N GLY E 497 -35.10 26.82 -4.56
CA GLY E 497 -36.24 26.00 -4.20
C GLY E 497 -36.57 24.89 -5.18
N ILE E 498 -35.59 24.38 -5.91
CA ILE E 498 -35.79 23.28 -6.84
C ILE E 498 -35.22 22.01 -6.22
N GLY E 499 -36.08 20.99 -6.05
CA GLY E 499 -35.65 19.71 -5.54
C GLY E 499 -35.34 18.74 -6.65
N MET E 500 -34.58 17.70 -6.30
CA MET E 500 -34.22 16.67 -7.27
C MET E 500 -34.33 15.29 -6.63
N LEU E 501 -34.94 14.36 -7.36
CA LEU E 501 -34.99 12.96 -6.98
C LEU E 501 -34.41 12.15 -8.14
N TYR E 502 -33.20 11.63 -7.97
CA TYR E 502 -32.50 10.97 -9.05
C TYR E 502 -32.23 9.51 -8.71
N SER E 503 -32.42 8.65 -9.70
CA SER E 503 -32.27 7.20 -9.54
C SER E 503 -31.17 6.70 -10.45
N THR E 504 -30.28 5.87 -9.91
CA THR E 504 -29.24 5.22 -10.71
C THR E 504 -28.88 3.90 -10.05
N GLN E 505 -28.21 3.05 -10.83
CA GLN E 505 -27.86 1.71 -10.36
C GLN E 505 -26.47 1.64 -9.74
N SER E 506 -25.54 2.47 -10.22
CA SER E 506 -24.17 2.44 -9.73
C SER E 506 -23.84 3.74 -9.02
N PRO E 507 -23.72 3.75 -7.69
CA PRO E 507 -23.28 4.98 -7.00
C PRO E 507 -21.89 5.43 -7.39
N ALA E 508 -21.04 4.53 -7.90
CA ALA E 508 -19.69 4.90 -8.31
C ALA E 508 -19.67 5.74 -9.58
N SER E 509 -20.78 5.84 -10.28
CA SER E 509 -20.88 6.67 -11.49
C SER E 509 -21.31 8.10 -11.20
N ILE E 510 -21.56 8.43 -9.94
CA ILE E 510 -21.95 9.77 -9.53
C ILE E 510 -20.73 10.47 -8.94
N PRO E 511 -20.43 11.70 -9.32
CA PRO E 511 -19.28 12.41 -8.74
C PRO E 511 -19.45 12.60 -7.25
N MET E 512 -18.32 12.64 -6.54
CA MET E 512 -18.35 12.75 -5.09
C MET E 512 -18.91 14.08 -4.61
N GLU E 513 -18.85 15.14 -5.43
CA GLU E 513 -19.46 16.41 -5.06
C GLU E 513 -20.97 16.26 -4.92
N ILE E 514 -21.61 15.66 -5.93
CA ILE E 514 -23.06 15.45 -5.88
C ILE E 514 -23.42 14.51 -4.74
N LEU E 515 -22.61 13.46 -4.54
CA LEU E 515 -22.91 12.50 -3.47
C LEU E 515 -22.81 13.14 -2.10
N SER E 516 -21.83 14.03 -1.90
CA SER E 516 -21.71 14.74 -0.63
C SER E 516 -22.75 15.83 -0.47
N GLN E 517 -23.31 16.35 -1.57
CA GLN E 517 -24.35 17.37 -1.50
C GLN E 517 -25.74 16.78 -1.34
N THR E 518 -25.89 15.46 -1.34
CA THR E 518 -27.18 14.81 -1.23
C THR E 518 -27.56 14.61 0.23
N GLU E 519 -28.87 14.71 0.51
CA GLU E 519 -29.40 14.57 1.86
C GLU E 519 -30.00 13.20 2.14
N ASN E 520 -30.91 12.74 1.29
CA ASN E 520 -31.67 11.52 1.54
C ASN E 520 -31.08 10.36 0.75
N PHE E 521 -30.94 9.21 1.40
CA PHE E 521 -30.41 8.01 0.79
C PHE E 521 -31.38 6.85 1.02
N LEU E 522 -31.75 6.18 -0.06
CA LEU E 522 -32.53 4.94 -0.02
C LEU E 522 -31.76 3.92 -0.86
N VAL E 523 -31.11 2.97 -0.20
CA VAL E 523 -30.17 2.06 -0.84
C VAL E 523 -30.73 0.65 -0.83
N LYS E 524 -30.67 -0.01 -1.97
CA LYS E 524 -31.06 -1.41 -2.14
C LYS E 524 -29.82 -2.25 -2.42
N HIS E 525 -30.04 -3.51 -2.76
CA HIS E 525 -28.95 -4.47 -2.93
C HIS E 525 -27.94 -3.98 -3.96
N LEU E 526 -26.67 -3.97 -3.56
CA LEU E 526 -25.56 -3.63 -4.44
C LEU E 526 -24.56 -4.78 -4.40
N SER E 527 -24.13 -5.23 -5.59
CA SER E 527 -23.27 -6.40 -5.68
C SER E 527 -21.81 -6.06 -5.93
N SER E 528 -21.49 -4.84 -6.37
CA SER E 528 -20.13 -4.44 -6.66
C SER E 528 -19.47 -3.84 -5.43
N GLU E 529 -18.17 -4.13 -5.26
CA GLU E 529 -17.44 -3.60 -4.11
C GLU E 529 -17.18 -2.11 -4.24
N GLU E 530 -16.98 -1.62 -5.47
CA GLU E 530 -16.70 -0.20 -5.66
C GLU E 530 -17.89 0.67 -5.26
N ASP E 531 -19.11 0.21 -5.59
CA ASP E 531 -20.30 0.96 -5.23
C ASP E 531 -20.43 1.12 -3.71
N VAL E 532 -20.28 0.01 -2.98
CA VAL E 532 -20.41 0.06 -1.53
C VAL E 532 -19.26 0.85 -0.92
N LYS E 533 -18.05 0.73 -1.49
CA LYS E 533 -16.92 1.50 -0.99
C LYS E 533 -17.16 3.00 -1.14
N VAL E 534 -17.66 3.42 -2.30
CA VAL E 534 -17.97 4.83 -2.51
C VAL E 534 -19.08 5.29 -1.57
N LEU E 535 -20.10 4.46 -1.39
CA LEU E 535 -21.20 4.81 -0.49
C LEU E 535 -20.70 4.99 0.94
N LYS E 536 -19.81 4.11 1.40
CA LYS E 536 -19.24 4.26 2.73
C LYS E 536 -18.37 5.50 2.82
N ARG E 537 -17.61 5.80 1.77
CA ARG E 537 -16.77 6.99 1.78
C ARG E 537 -17.60 8.26 1.90
N ALA E 538 -18.72 8.32 1.17
CA ALA E 538 -19.57 9.51 1.22
C ALA E 538 -20.24 9.65 2.59
N LYS E 539 -20.86 8.58 3.08
CA LYS E 539 -21.62 8.60 4.33
C LYS E 539 -21.08 7.53 5.26
N ALA E 540 -20.47 7.95 6.37
CA ALA E 540 -19.91 7.00 7.32
C ALA E 540 -20.93 6.04 7.92
N PRO E 541 -22.13 6.45 8.35
CA PRO E 541 -23.05 5.49 9.00
C PRO E 541 -23.40 4.28 8.15
N PHE E 542 -23.07 4.26 6.86
CA PHE E 542 -23.35 3.12 6.01
C PHE E 542 -22.31 2.02 6.14
N ALA E 543 -21.27 2.21 6.96
CA ALA E 543 -20.28 1.16 7.16
C ALA E 543 -20.80 0.01 8.00
N PHE E 544 -21.93 0.20 8.70
CA PHE E 544 -22.49 -0.85 9.54
C PHE E 544 -23.35 -1.84 8.77
N VAL E 545 -23.73 -1.54 7.53
CA VAL E 545 -24.65 -2.39 6.78
C VAL E 545 -24.06 -2.74 5.42
N ALA E 546 -22.75 -2.54 5.26
CA ALA E 546 -22.11 -2.78 3.97
C ALA E 546 -22.16 -4.26 3.58
N ASP E 547 -21.87 -5.15 4.53
CA ASP E 547 -21.85 -6.57 4.23
C ASP E 547 -23.25 -7.10 3.90
N PHE E 548 -24.27 -6.61 4.60
CA PHE E 548 -25.64 -7.00 4.30
C PHE E 548 -26.02 -6.58 2.88
N LEU E 549 -25.63 -5.37 2.48
CA LEU E 549 -25.88 -4.92 1.12
C LEU E 549 -25.14 -5.81 0.11
N LEU E 550 -23.91 -6.19 0.43
CA LEU E 550 -23.12 -6.98 -0.51
C LEU E 550 -23.68 -8.39 -0.68
N SER E 551 -24.22 -8.97 0.39
CA SER E 551 -24.52 -10.40 0.39
C SER E 551 -25.98 -10.76 0.21
N GLU E 552 -26.92 -9.84 0.42
CA GLU E 552 -28.34 -10.18 0.47
C GLU E 552 -29.14 -9.50 -0.62
N PRO E 553 -29.40 -10.17 -1.75
CA PRO E 553 -30.35 -9.67 -2.76
C PRO E 553 -31.82 -9.93 -2.39
N ILE E 554 -32.37 -9.04 -1.58
CA ILE E 554 -33.77 -9.12 -1.15
C ILE E 554 -34.55 -8.03 -1.88
N ILE E 555 -35.66 -8.42 -2.49
CA ILE E 555 -36.50 -7.50 -3.24
C ILE E 555 -37.44 -6.78 -2.28
N GLY E 556 -37.41 -5.44 -2.30
CA GLY E 556 -38.25 -4.65 -1.44
C GLY E 556 -37.63 -4.27 -0.11
N TYR E 557 -36.37 -4.61 0.12
CA TYR E 557 -35.67 -4.31 1.36
C TYR E 557 -34.73 -3.14 1.11
N SER E 558 -34.90 -2.06 1.89
CA SER E 558 -34.17 -0.83 1.61
C SER E 558 -33.63 -0.23 2.90
N TYR E 559 -32.41 0.29 2.84
CA TYR E 559 -31.81 1.00 3.95
C TYR E 559 -31.98 2.50 3.73
N VAL E 560 -32.57 3.19 4.71
CA VAL E 560 -32.91 4.59 4.58
C VAL E 560 -32.06 5.41 5.54
N TYR E 561 -31.73 6.63 5.10
CA TYR E 561 -30.95 7.56 5.92
C TYR E 561 -31.26 8.98 5.44
N PHE E 562 -31.88 9.78 6.30
CA PHE E 562 -32.23 11.15 5.97
C PHE E 562 -31.35 12.10 6.78
N GLU E 563 -30.61 12.95 6.09
CA GLU E 563 -29.69 13.88 6.73
C GLU E 563 -30.43 15.13 7.21
N PRO E 564 -29.84 15.86 8.17
CA PRO E 564 -28.59 15.62 8.88
C PRO E 564 -28.77 15.18 10.33
N TYR E 565 -29.99 14.87 10.77
CA TYR E 565 -30.25 14.62 12.18
C TYR E 565 -30.72 13.21 12.47
N GLN E 566 -30.59 12.28 11.52
CA GLN E 566 -30.98 10.90 11.80
C GLN E 566 -29.82 10.17 12.46
N PRO E 567 -30.04 9.53 13.61
CA PRO E 567 -28.92 8.86 14.30
C PRO E 567 -28.23 7.79 13.47
N PHE E 568 -28.97 6.80 12.98
CA PHE E 568 -28.36 5.68 12.27
C PHE E 568 -29.22 5.27 11.07
N VAL E 569 -28.62 4.49 10.18
CA VAL E 569 -29.31 4.00 9.00
C VAL E 569 -30.32 2.93 9.42
N VAL E 570 -31.54 3.05 8.92
CA VAL E 570 -32.65 2.21 9.36
C VAL E 570 -33.04 1.26 8.24
N PRO E 571 -33.11 -0.05 8.49
CA PRO E 571 -33.58 -0.99 7.46
C PRO E 571 -35.09 -1.14 7.48
N LEU E 572 -35.69 -1.06 6.29
CA LEU E 572 -37.13 -1.05 6.13
C LEU E 572 -37.56 -2.03 5.06
N ARG E 573 -38.75 -2.59 5.25
CA ARG E 573 -39.57 -3.12 4.17
C ARG E 573 -40.58 -2.04 3.82
N VAL E 574 -40.53 -1.57 2.57
CA VAL E 574 -41.28 -0.38 2.17
C VAL E 574 -42.71 -0.76 1.83
N LYS E 575 -43.64 0.09 2.24
CA LYS E 575 -45.05 -0.16 1.96
C LYS E 575 -45.33 -0.06 0.47
N LEU E 576 -46.15 -0.98 -0.03
CA LEU E 576 -46.56 -0.94 -1.42
C LEU E 576 -47.54 0.20 -1.66
N LEU E 577 -47.66 0.61 -2.92
CA LEU E 577 -48.54 1.72 -3.26
C LEU E 577 -50.00 1.40 -2.97
N GLU E 578 -50.40 0.14 -3.13
CA GLU E 578 -51.78 -0.24 -2.85
C GLU E 578 -52.12 -0.04 -1.37
N HIS E 579 -51.22 -0.47 -0.49
CA HIS E 579 -51.46 -0.30 0.95
C HIS E 579 -51.42 1.17 1.34
N VAL E 580 -50.54 1.95 0.71
CA VAL E 580 -50.48 3.38 0.97
C VAL E 580 -51.80 4.04 0.58
N LEU E 581 -52.33 3.68 -0.59
CA LEU E 581 -53.62 4.22 -1.02
C LEU E 581 -54.74 3.81 -0.07
N LYS E 582 -54.75 2.55 0.36
CA LYS E 582 -55.78 2.10 1.28
C LYS E 582 -55.71 2.85 2.61
N SER E 583 -54.50 3.09 3.12
CA SER E 583 -54.36 3.81 4.37
C SER E 583 -54.74 5.28 4.22
N LEU E 584 -54.36 5.90 3.11
CA LEU E 584 -54.66 7.32 2.91
C LEU E 584 -56.13 7.57 2.61
N ASP E 585 -56.85 6.59 2.06
CA ASP E 585 -58.28 6.76 1.85
C ASP E 585 -59.01 6.91 3.17
N SER E 586 -58.63 6.13 4.18
CA SER E 586 -59.25 6.22 5.49
C SER E 586 -58.73 7.43 6.26
N GLU F 3 -28.64 -40.71 4.37
CA GLU F 3 -29.70 -40.32 5.29
C GLU F 3 -29.16 -40.16 6.71
N SER F 4 -27.85 -40.05 6.82
CA SER F 4 -27.18 -39.87 8.11
C SER F 4 -26.22 -38.69 8.02
N PRO F 5 -25.97 -38.01 9.14
CA PRO F 5 -25.01 -36.90 9.12
C PRO F 5 -23.62 -37.36 8.73
N ILE F 6 -22.94 -36.54 7.94
CA ILE F 6 -21.60 -36.91 7.47
C ILE F 6 -20.60 -36.86 8.62
N GLY F 7 -20.64 -35.81 9.43
CA GLY F 7 -19.73 -35.68 10.54
C GLY F 7 -20.38 -35.05 11.76
N VAL F 8 -19.58 -34.37 12.58
CA VAL F 8 -20.07 -33.66 13.75
C VAL F 8 -19.63 -32.20 13.65
N VAL F 9 -20.56 -31.29 13.88
CA VAL F 9 -20.27 -29.86 13.83
C VAL F 9 -19.66 -29.46 15.17
N VAL F 10 -18.48 -28.84 15.12
CA VAL F 10 -17.77 -28.49 16.34
C VAL F 10 -17.66 -26.98 16.55
N SER F 11 -17.86 -26.16 15.52
CA SER F 11 -17.78 -24.71 15.74
C SER F 11 -18.58 -23.99 14.68
N SER F 12 -18.87 -22.72 14.96
CA SER F 12 -19.54 -21.85 14.00
C SER F 12 -19.19 -20.40 14.31
N ARG F 13 -19.25 -19.55 13.30
CA ARG F 13 -18.97 -18.13 13.45
C ARG F 13 -19.40 -17.42 12.18
N ARG F 14 -19.23 -16.10 12.17
CA ARG F 14 -19.41 -15.28 10.98
C ARG F 14 -18.04 -14.76 10.55
N ASN F 15 -17.67 -15.05 9.31
CA ASN F 15 -16.41 -14.62 8.72
C ASN F 15 -16.72 -13.58 7.64
N GLY F 16 -16.84 -12.33 8.05
CA GLY F 16 -17.16 -11.26 7.13
C GLY F 16 -18.64 -11.19 6.84
N PRO F 17 -19.00 -11.12 5.56
CA PRO F 17 -20.41 -11.06 5.17
C PRO F 17 -21.11 -12.41 5.11
N TRP F 18 -20.45 -13.49 5.52
CA TRP F 18 -21.00 -14.83 5.43
C TRP F 18 -20.82 -15.54 6.78
N ALA F 19 -21.61 -16.57 7.00
CA ALA F 19 -21.55 -17.36 8.22
C ALA F 19 -21.05 -18.76 7.88
N GLU F 20 -19.99 -19.20 8.55
CA GLU F 20 -19.41 -20.51 8.28
C GLU F 20 -19.33 -21.32 9.57
N LEU F 21 -19.14 -22.63 9.40
CA LEU F 21 -19.05 -23.56 10.51
C LEU F 21 -17.96 -24.57 10.23
N THR F 22 -17.44 -25.16 11.29
CA THR F 22 -16.35 -26.12 11.23
C THR F 22 -16.83 -27.46 11.79
N LEU F 23 -16.63 -28.51 11.00
CA LEU F 23 -17.00 -29.86 11.38
C LEU F 23 -15.79 -30.78 11.28
N VAL F 24 -15.89 -31.94 11.93
CA VAL F 24 -14.80 -32.89 12.06
C VAL F 24 -15.25 -34.26 11.59
N LEU F 25 -14.38 -34.93 10.82
CA LEU F 25 -14.56 -36.32 10.45
C LEU F 25 -13.66 -37.17 11.34
N THR F 26 -14.27 -38.17 12.00
CA THR F 26 -13.70 -39.08 12.99
C THR F 26 -13.02 -40.27 12.32
N PRO F 27 -12.16 -40.98 13.05
CA PRO F 27 -11.50 -42.16 12.45
C PRO F 27 -12.47 -43.22 11.97
N GLN F 28 -13.59 -43.42 12.67
CA GLN F 28 -14.54 -44.45 12.25
C GLN F 28 -15.13 -44.16 10.88
N GLU F 29 -15.49 -42.91 10.62
CA GLU F 29 -16.06 -42.53 9.34
C GLU F 29 -15.01 -42.49 8.24
N LEU F 30 -13.79 -42.07 8.56
CA LEU F 30 -12.74 -42.04 7.54
C LEU F 30 -12.35 -43.44 7.08
N ASP F 31 -12.53 -44.45 7.92
CA ASP F 31 -12.26 -45.82 7.53
C ASP F 31 -13.32 -46.39 6.60
N GLN F 32 -14.50 -45.78 6.56
CA GLN F 32 -15.56 -46.19 5.64
C GLN F 32 -15.51 -45.45 4.32
N GLY F 33 -14.52 -44.59 4.10
CA GLY F 33 -14.39 -43.87 2.86
C GLY F 33 -15.22 -42.61 2.75
N LYS F 34 -15.82 -42.14 3.85
CA LYS F 34 -16.62 -40.92 3.81
C LYS F 34 -15.69 -39.72 3.66
N ARG F 35 -15.91 -38.94 2.60
CA ARG F 35 -15.06 -37.79 2.29
C ARG F 35 -15.94 -36.64 1.81
N LEU F 36 -15.36 -35.44 1.80
CA LEU F 36 -16.01 -34.26 1.29
C LEU F 36 -15.11 -33.60 0.25
N LEU F 37 -15.71 -33.17 -0.86
CA LEU F 37 -14.98 -32.52 -1.93
C LEU F 37 -15.03 -31.01 -1.78
N LEU F 38 -14.00 -30.33 -2.26
CA LEU F 38 -13.97 -28.88 -2.24
C LEU F 38 -14.92 -28.32 -3.30
N GLY F 39 -15.75 -27.38 -2.90
CA GLY F 39 -16.78 -26.85 -3.77
C GLY F 39 -18.05 -27.66 -3.81
N GLU F 40 -18.15 -28.72 -3.02
CA GLU F 40 -19.35 -29.54 -2.99
C GLU F 40 -20.47 -28.83 -2.24
N LEU F 41 -21.70 -29.05 -2.69
CA LEU F 41 -22.88 -28.49 -2.06
C LEU F 41 -23.49 -29.52 -1.13
N VAL F 42 -23.76 -29.11 0.11
CA VAL F 42 -24.29 -29.98 1.15
C VAL F 42 -25.53 -29.33 1.75
N ARG F 43 -26.28 -30.12 2.50
CA ARG F 43 -27.47 -29.66 3.18
C ARG F 43 -27.20 -29.54 4.67
N VAL F 44 -27.67 -28.46 5.28
CA VAL F 44 -27.44 -28.21 6.71
C VAL F 44 -28.78 -28.11 7.40
N SER F 45 -28.94 -28.87 8.47
CA SER F 45 -30.18 -28.86 9.26
C SER F 45 -29.92 -28.17 10.58
N SER F 46 -30.73 -27.15 10.88
CA SER F 46 -30.60 -26.41 12.13
C SER F 46 -31.93 -25.77 12.47
N GLY F 47 -32.41 -26.03 13.69
CA GLY F 47 -33.66 -25.45 14.14
C GLY F 47 -34.86 -25.81 13.29
N GLY F 48 -34.84 -27.00 12.68
CA GLY F 48 -35.91 -27.41 11.78
C GLY F 48 -35.83 -26.81 10.40
N LYS F 49 -34.78 -26.06 10.08
CA LYS F 49 -34.65 -25.39 8.79
C LYS F 49 -33.45 -25.93 8.04
N ASP F 50 -33.53 -25.90 6.71
CA ASP F 50 -32.50 -26.42 5.83
C ASP F 50 -31.78 -25.28 5.14
N TYR F 51 -30.45 -25.38 5.10
CA TYR F 51 -29.58 -24.40 4.49
C TYR F 51 -28.72 -25.08 3.43
N VAL F 52 -28.32 -24.30 2.43
CA VAL F 52 -27.37 -24.76 1.42
C VAL F 52 -25.97 -24.37 1.88
N GLY F 53 -25.09 -25.35 1.99
CA GLY F 53 -23.72 -25.07 2.37
C GLY F 53 -22.73 -25.48 1.31
N MET F 54 -21.55 -24.87 1.32
CA MET F 54 -20.51 -25.16 0.34
C MET F 54 -19.20 -25.45 1.07
N VAL F 55 -18.58 -26.59 0.76
CA VAL F 55 -17.33 -26.96 1.40
C VAL F 55 -16.22 -26.09 0.84
N LEU F 56 -15.62 -25.27 1.71
CA LEU F 56 -14.63 -24.28 1.29
C LEU F 56 -13.19 -24.71 1.57
N ASP F 57 -12.92 -25.23 2.75
CA ASP F 57 -11.55 -25.51 3.17
C ASP F 57 -11.50 -26.81 3.95
N GLY F 58 -10.34 -27.46 3.90
CA GLY F 58 -10.10 -28.66 4.69
C GLY F 58 -8.68 -28.68 5.22
N TYR F 59 -8.48 -29.19 6.43
CA TYR F 59 -7.16 -29.18 7.05
C TYR F 59 -7.09 -30.26 8.12
N TYR F 60 -5.91 -30.35 8.73
CA TYR F 60 -5.64 -31.32 9.78
C TYR F 60 -5.29 -30.58 11.07
N GLU F 61 -5.80 -31.08 12.19
CA GLU F 61 -5.58 -30.46 13.48
C GLU F 61 -5.70 -31.54 14.55
N PRO F 62 -4.81 -31.55 15.54
CA PRO F 62 -4.92 -32.55 16.61
C PRO F 62 -6.23 -32.41 17.38
N VAL F 63 -6.80 -33.55 17.74
CA VAL F 63 -8.06 -33.62 18.49
C VAL F 63 -7.78 -34.35 19.79
N GLY F 64 -8.12 -33.70 20.90
CA GLY F 64 -7.82 -34.25 22.20
C GLY F 64 -6.39 -34.01 22.61
N ARG F 65 -5.97 -34.71 23.66
CA ARG F 65 -4.61 -34.62 24.18
C ARG F 65 -3.75 -35.64 23.45
N SER F 66 -3.12 -35.21 22.36
CA SER F 66 -2.30 -36.09 21.56
C SER F 66 -1.27 -35.28 20.80
N ASP F 67 -0.18 -35.96 20.41
CA ASP F 67 0.89 -35.40 19.60
C ASP F 67 1.02 -36.25 18.34
N PRO F 68 0.30 -35.90 17.27
CA PRO F 68 0.34 -36.75 16.06
C PRO F 68 1.73 -36.91 15.48
N THR F 69 2.54 -35.85 15.48
CA THR F 69 3.88 -35.92 14.89
C THR F 69 4.75 -36.93 15.63
N TYR F 70 4.77 -36.85 16.96
CA TYR F 70 5.58 -37.77 17.76
C TYR F 70 5.10 -39.21 17.59
N THR F 71 3.79 -39.43 17.65
CA THR F 71 3.25 -40.78 17.53
C THR F 71 3.58 -41.38 16.17
N LEU F 72 3.34 -40.63 15.10
CA LEU F 72 3.63 -41.15 13.76
C LEU F 72 5.12 -41.37 13.56
N ALA F 73 5.96 -40.46 14.08
CA ALA F 73 7.39 -40.60 13.91
C ALA F 73 7.92 -41.85 14.62
N LEU F 74 7.48 -42.08 15.86
CA LEU F 74 7.93 -43.27 16.58
C LEU F 74 7.33 -44.54 15.99
N ALA F 75 6.12 -44.47 15.43
CA ALA F 75 5.58 -45.63 14.73
C ALA F 75 6.43 -45.95 13.49
N HIS F 76 6.86 -44.93 12.76
CA HIS F 76 7.66 -45.16 11.56
C HIS F 76 9.06 -45.65 11.90
N ILE F 77 9.63 -45.15 13.00
CA ILE F 77 11.00 -45.51 13.36
C ILE F 77 11.10 -47.00 13.67
N ASN F 78 10.12 -47.54 14.38
CA ASN F 78 10.13 -48.93 14.81
C ASN F 78 9.41 -49.86 13.85
N GLN F 79 9.43 -49.56 12.55
CA GLN F 79 8.66 -50.26 11.53
C GLN F 79 7.17 -50.07 11.80
N VAL F 80 6.54 -51.05 12.45
CA VAL F 80 5.15 -50.96 12.92
C VAL F 80 4.18 -50.60 11.80
N ASP F 81 3.57 -51.61 11.19
CA ASP F 81 2.46 -51.37 10.27
C ASP F 81 1.25 -50.97 11.09
N LEU F 82 0.97 -49.67 11.14
CA LEU F 82 0.00 -49.13 12.08
C LEU F 82 -1.40 -49.70 11.91
N GLU F 83 -1.75 -50.15 10.70
CA GLU F 83 -3.11 -50.61 10.45
C GLU F 83 -3.37 -51.96 11.14
N LYS F 84 -2.50 -52.94 10.90
CA LYS F 84 -2.69 -54.29 11.41
C LYS F 84 -1.92 -54.59 12.69
N GLU F 85 -1.21 -53.61 13.25
CA GLU F 85 -0.45 -53.83 14.46
C GLU F 85 -0.88 -52.95 15.63
N ASP F 86 -1.21 -51.69 15.37
CA ASP F 86 -1.59 -50.74 16.41
C ASP F 86 -2.92 -50.09 16.02
N PRO F 87 -4.03 -50.80 16.18
CA PRO F 87 -5.33 -50.20 15.83
C PRO F 87 -5.67 -48.96 16.66
N TRP F 88 -5.23 -48.90 17.91
CA TRP F 88 -5.56 -47.78 18.77
C TRP F 88 -4.70 -46.55 18.51
N ALA F 89 -3.59 -46.69 17.79
CA ALA F 89 -2.77 -45.53 17.47
C ALA F 89 -3.42 -44.68 16.39
N ARG F 90 -4.13 -45.30 15.45
CA ARG F 90 -4.81 -44.54 14.40
C ARG F 90 -6.06 -43.84 14.92
N LYS F 91 -6.73 -44.41 15.92
CA LYS F 91 -7.99 -43.85 16.41
C LYS F 91 -7.79 -42.54 17.16
N GLU F 92 -6.56 -42.15 17.48
CA GLU F 92 -6.30 -40.88 18.14
C GLU F 92 -5.70 -39.83 17.22
N VAL F 93 -5.41 -40.17 15.96
CA VAL F 93 -4.81 -39.24 15.03
C VAL F 93 -5.58 -39.09 13.73
N ASN F 94 -6.59 -39.91 13.48
CA ASN F 94 -7.29 -39.92 12.20
C ASN F 94 -8.54 -39.05 12.24
N PHE F 95 -8.32 -37.76 12.46
CA PHE F 95 -9.38 -36.75 12.41
C PHE F 95 -9.08 -35.77 11.29
N TYR F 96 -10.13 -35.23 10.67
CA TYR F 96 -9.93 -34.20 9.66
C TYR F 96 -10.96 -33.10 9.87
N HIS F 97 -10.59 -31.86 9.52
CA HIS F 97 -11.45 -30.70 9.76
C HIS F 97 -11.87 -30.09 8.44
N HIS F 98 -13.15 -29.70 8.35
CA HIS F 98 -13.70 -29.07 7.16
C HIS F 98 -14.48 -27.82 7.56
N ARG F 99 -14.46 -26.84 6.66
CA ARG F 99 -15.16 -25.57 6.83
C ARG F 99 -16.24 -25.42 5.77
N ILE F 100 -17.43 -25.03 6.19
CA ILE F 100 -18.59 -24.93 5.31
C ILE F 100 -19.24 -23.56 5.49
N VAL F 101 -19.41 -22.84 4.39
CA VAL F 101 -20.08 -21.54 4.40
C VAL F 101 -21.55 -21.76 4.07
N LEU F 102 -22.42 -20.94 4.66
CA LEU F 102 -23.86 -21.04 4.43
C LEU F 102 -24.27 -20.02 3.38
N LEU F 103 -24.87 -20.51 2.29
CA LEU F 103 -25.26 -19.65 1.18
C LEU F 103 -26.66 -19.08 1.35
N GLY F 104 -27.57 -19.86 1.93
CA GLY F 104 -28.93 -19.38 2.10
C GLY F 104 -29.88 -20.55 2.30
N ARG F 105 -31.17 -20.28 2.11
CA ARG F 105 -32.21 -21.27 2.26
C ARG F 105 -33.14 -21.24 1.06
N VAL F 106 -33.82 -22.37 0.85
CA VAL F 106 -34.88 -22.47 -0.15
C VAL F 106 -36.19 -22.55 0.62
N VAL F 107 -37.04 -21.53 0.47
CA VAL F 107 -38.28 -21.41 1.21
C VAL F 107 -39.42 -21.20 0.23
N GLN F 108 -40.64 -21.32 0.76
CA GLN F 108 -41.89 -21.14 0.00
C GLN F 108 -41.91 -22.18 -1.11
N GLY F 109 -42.08 -21.79 -2.38
CA GLY F 109 -42.13 -22.76 -3.45
C GLY F 109 -40.99 -22.62 -4.44
N GLY F 110 -39.80 -22.34 -3.92
CA GLY F 110 -38.63 -22.18 -4.76
C GLY F 110 -37.92 -20.85 -4.56
N LEU F 111 -38.43 -20.05 -3.63
CA LEU F 111 -37.79 -18.78 -3.32
C LEU F 111 -36.46 -19.02 -2.62
N PHE F 112 -35.46 -18.19 -2.93
CA PHE F 112 -34.15 -18.29 -2.31
C PHE F 112 -33.96 -17.12 -1.36
N ALA F 113 -33.70 -17.43 -0.09
CA ALA F 113 -33.37 -16.41 0.90
C ALA F 113 -31.87 -16.41 1.12
N PRO F 114 -31.17 -15.33 0.79
CA PRO F 114 -29.70 -15.36 0.80
C PRO F 114 -29.12 -15.19 2.19
N SER F 115 -28.02 -15.89 2.44
CA SER F 115 -27.22 -15.79 3.67
C SER F 115 -28.14 -16.09 4.87
N THR F 116 -27.80 -15.54 6.03
CA THR F 116 -28.60 -15.72 7.23
C THR F 116 -28.18 -14.71 8.29
N ARG F 117 -29.15 -14.24 9.06
CA ARG F 117 -28.89 -13.42 10.23
C ARG F 117 -28.89 -14.23 11.51
N LEU F 118 -29.17 -15.52 11.43
CA LEU F 118 -29.25 -16.42 12.57
C LEU F 118 -28.08 -17.39 12.53
N LEU F 119 -27.27 -17.39 13.59
CA LEU F 119 -26.12 -18.27 13.65
C LEU F 119 -26.47 -19.50 14.46
N PRO F 120 -26.13 -20.69 13.99
CA PRO F 120 -26.58 -21.92 14.65
C PRO F 120 -25.64 -22.33 15.77
N PRO F 121 -26.17 -22.71 16.93
CA PRO F 121 -25.34 -23.35 17.96
C PRO F 121 -24.86 -24.71 17.50
N VAL F 122 -23.73 -25.13 18.07
CA VAL F 122 -23.05 -26.33 17.59
C VAL F 122 -23.82 -27.61 17.88
N VAL F 123 -24.70 -27.62 18.89
CA VAL F 123 -25.36 -28.85 19.28
C VAL F 123 -26.55 -29.20 18.40
N GLU F 124 -27.10 -28.23 17.66
CA GLU F 124 -28.29 -28.47 16.86
C GLU F 124 -28.02 -28.56 15.37
N ALA F 125 -26.84 -28.19 14.90
CA ALA F 125 -26.54 -28.22 13.48
C ALA F 125 -26.10 -29.62 13.05
N ARG F 126 -26.54 -30.03 11.86
CA ARG F 126 -26.14 -31.29 11.27
C ARG F 126 -25.90 -31.07 9.77
N VAL F 127 -25.04 -31.91 9.19
CA VAL F 127 -24.64 -31.78 7.79
C VAL F 127 -24.93 -33.10 7.08
N TYR F 128 -25.58 -33.01 5.92
CA TYR F 128 -25.96 -34.15 5.12
C TYR F 128 -25.49 -33.95 3.68
N ARG F 129 -25.29 -35.07 2.99
CA ARG F 129 -25.01 -35.06 1.57
C ARG F 129 -26.29 -34.86 0.77
N MET F 130 -26.19 -34.14 -0.34
CA MET F 130 -27.34 -33.83 -1.17
C MET F 130 -27.59 -34.91 -2.21
N THR F 131 -28.84 -35.31 -2.34
CA THR F 131 -29.27 -36.30 -3.32
C THR F 131 -29.44 -35.62 -4.69
N GLU F 132 -29.52 -36.44 -5.74
CA GLU F 132 -29.67 -35.90 -7.10
C GLU F 132 -30.95 -35.08 -7.23
N GLU F 133 -32.06 -35.55 -6.66
CA GLU F 133 -33.30 -34.80 -6.73
C GLU F 133 -33.19 -33.48 -5.98
N GLU F 134 -32.53 -33.49 -4.83
CA GLU F 134 -32.34 -32.24 -4.08
C GLU F 134 -31.51 -31.25 -4.87
N LEU F 135 -30.45 -31.73 -5.54
CA LEU F 135 -29.65 -30.84 -6.38
C LEU F 135 -30.45 -30.31 -7.55
N GLN F 136 -31.28 -31.16 -8.17
CA GLN F 136 -32.11 -30.72 -9.28
C GLN F 136 -33.08 -29.62 -8.84
N ARG F 137 -33.68 -29.78 -7.66
CA ARG F 137 -34.55 -28.73 -7.14
C ARG F 137 -33.76 -27.47 -6.80
N LEU F 138 -32.55 -27.64 -6.25
CA LEU F 138 -31.77 -26.50 -5.80
C LEU F 138 -31.33 -25.62 -6.97
N LEU F 139 -30.92 -26.24 -8.08
CA LEU F 139 -30.54 -25.45 -9.25
C LEU F 139 -31.73 -24.78 -9.91
N ALA F 140 -32.96 -25.14 -9.54
CA ALA F 140 -34.15 -24.48 -10.07
C ALA F 140 -34.62 -23.32 -9.20
N ALA F 141 -34.02 -23.12 -8.03
CA ALA F 141 -34.41 -22.03 -7.15
C ALA F 141 -33.88 -20.70 -7.66
N GLU F 142 -34.63 -19.63 -7.39
CA GLU F 142 -34.25 -18.29 -7.82
C GLU F 142 -34.88 -17.27 -6.89
N VAL F 143 -34.38 -16.05 -6.97
CA VAL F 143 -34.82 -14.97 -6.08
C VAL F 143 -36.07 -14.32 -6.67
N ARG F 144 -37.15 -14.30 -5.89
CA ARG F 144 -38.36 -13.57 -6.21
C ARG F 144 -38.84 -12.85 -4.95
N THR F 145 -39.87 -12.02 -5.11
CA THR F 145 -40.17 -11.00 -4.10
C THR F 145 -40.52 -11.58 -2.74
N SER F 146 -41.72 -12.15 -2.60
CA SER F 146 -42.18 -12.80 -1.38
C SER F 146 -43.58 -13.38 -1.59
N GLY F 147 -43.87 -14.49 -0.93
CA GLY F 147 -45.21 -15.07 -0.93
C GLY F 147 -45.88 -15.17 -2.29
N SER F 148 -45.07 -15.28 -3.34
CA SER F 148 -45.55 -15.33 -4.71
C SER F 148 -45.36 -16.74 -5.26
N VAL F 149 -45.65 -16.91 -6.55
CA VAL F 149 -45.55 -18.20 -7.20
C VAL F 149 -44.50 -18.10 -8.30
N LYS F 150 -44.03 -19.27 -8.74
CA LYS F 150 -43.09 -19.32 -9.85
C LYS F 150 -43.78 -18.89 -11.14
N ALA F 151 -43.07 -18.12 -11.96
CA ALA F 151 -43.67 -17.50 -13.13
C ALA F 151 -43.75 -18.43 -14.34
N GLU F 152 -42.90 -19.46 -14.41
CA GLU F 152 -42.81 -20.41 -15.52
C GLU F 152 -42.74 -19.68 -16.87
N GLY F 153 -43.06 -20.37 -17.96
CA GLY F 153 -43.14 -19.71 -19.25
C GLY F 153 -42.42 -20.39 -20.40
N LYS F 154 -41.42 -19.70 -20.95
CA LYS F 154 -40.82 -20.12 -22.21
C LYS F 154 -40.02 -21.40 -22.07
N ARG F 155 -39.81 -22.05 -23.21
CA ARG F 155 -39.04 -23.29 -23.25
C ARG F 155 -37.56 -23.01 -22.98
N ARG F 156 -36.93 -23.92 -22.23
CA ARG F 156 -35.52 -23.83 -21.90
C ARG F 156 -34.77 -25.01 -22.50
N TYR F 157 -33.50 -24.79 -22.82
CA TYR F 157 -32.64 -25.81 -23.41
C TYR F 157 -31.47 -26.10 -22.49
N ALA F 158 -31.05 -27.36 -22.49
CA ALA F 158 -29.95 -27.77 -21.62
C ALA F 158 -28.64 -27.14 -22.07
N PHE F 159 -27.86 -26.64 -21.11
CA PHE F 159 -26.57 -26.01 -21.38
C PHE F 159 -25.39 -26.82 -20.87
N GLY F 160 -25.58 -27.62 -19.84
CA GLY F 160 -24.50 -28.40 -19.27
C GLY F 160 -24.98 -29.08 -18.00
N HIS F 161 -24.08 -29.87 -17.42
CA HIS F 161 -24.41 -30.61 -16.21
C HIS F 161 -23.39 -30.36 -15.12
N LEU F 162 -23.84 -30.54 -13.87
CA LEU F 162 -23.01 -30.21 -12.72
C LEU F 162 -21.79 -31.12 -12.62
N ALA F 163 -20.66 -30.53 -12.22
CA ALA F 163 -19.42 -31.26 -12.04
C ALA F 163 -18.55 -30.52 -11.04
N TYR F 164 -17.72 -31.26 -10.33
CA TYR F 164 -16.84 -30.72 -9.30
C TYR F 164 -15.38 -30.91 -9.68
N GLY F 165 -15.05 -30.66 -10.95
CA GLY F 165 -13.69 -30.82 -11.43
C GLY F 165 -13.53 -32.06 -12.27
N LEU F 166 -12.40 -32.76 -12.09
CA LEU F 166 -12.14 -34.02 -12.76
C LEU F 166 -12.12 -35.19 -11.79
N GLU F 167 -12.58 -34.99 -10.56
CA GLU F 167 -12.56 -36.04 -9.56
C GLU F 167 -13.63 -37.10 -9.86
N GLU F 168 -13.29 -38.36 -9.58
CA GLU F 168 -14.26 -39.44 -9.74
C GLU F 168 -15.35 -39.32 -8.67
N GLY F 169 -16.60 -39.46 -9.10
CA GLY F 169 -17.73 -39.30 -8.22
C GLY F 169 -18.22 -37.89 -8.07
N GLY F 170 -17.53 -36.90 -8.64
CA GLY F 170 -17.94 -35.52 -8.61
C GLY F 170 -18.73 -35.06 -9.82
N GLU F 171 -19.12 -35.96 -10.70
CA GLU F 171 -19.85 -35.63 -11.91
C GLU F 171 -21.29 -36.10 -11.78
N TYR F 172 -22.24 -35.25 -12.16
CA TYR F 172 -23.67 -35.53 -12.06
C TYR F 172 -24.31 -35.30 -13.42
N PRO F 173 -24.25 -36.29 -14.30
CA PRO F 173 -24.84 -36.11 -15.64
C PRO F 173 -26.34 -35.89 -15.63
N GLU F 174 -27.05 -36.29 -14.58
CA GLU F 174 -28.49 -36.12 -14.52
C GLU F 174 -28.92 -34.79 -13.92
N VAL F 175 -27.99 -34.02 -13.36
CA VAL F 175 -28.30 -32.70 -12.81
C VAL F 175 -27.86 -31.69 -13.86
N VAL F 176 -28.79 -31.33 -14.74
CA VAL F 176 -28.50 -30.44 -15.86
C VAL F 176 -29.09 -29.07 -15.56
N LYS F 177 -28.44 -28.04 -16.09
CA LYS F 177 -28.92 -26.67 -16.00
C LYS F 177 -29.51 -26.26 -17.34
N GLU F 178 -30.74 -25.76 -17.32
CA GLU F 178 -31.45 -25.37 -18.52
C GLU F 178 -31.58 -23.85 -18.56
N VAL F 179 -31.19 -23.26 -19.68
CA VAL F 179 -31.20 -21.82 -19.84
C VAL F 179 -32.27 -21.43 -20.86
N ASP F 180 -32.74 -20.20 -20.73
CA ASP F 180 -33.66 -19.59 -21.66
C ASP F 180 -32.90 -18.66 -22.61
N PRO F 181 -33.02 -18.83 -23.91
CA PRO F 181 -32.25 -17.98 -24.85
C PRO F 181 -32.57 -16.50 -24.73
N ALA F 182 -33.72 -16.13 -24.15
CA ALA F 182 -34.01 -14.73 -23.92
C ALA F 182 -33.03 -14.08 -22.96
N LEU F 183 -32.25 -14.87 -22.23
CA LEU F 183 -31.18 -14.34 -21.40
C LEU F 183 -30.06 -13.72 -22.23
N PHE F 184 -30.01 -14.01 -23.52
CA PHE F 184 -28.95 -13.50 -24.39
C PHE F 184 -29.43 -12.42 -25.36
N VAL F 185 -30.68 -12.00 -25.26
CA VAL F 185 -31.25 -11.03 -26.19
C VAL F 185 -31.29 -9.67 -25.52
N GLY F 186 -30.57 -8.71 -26.08
CA GLY F 186 -30.57 -7.34 -25.59
C GLY F 186 -29.71 -7.08 -24.38
N ARG F 187 -28.98 -8.09 -23.88
CA ARG F 187 -28.16 -7.96 -22.69
C ARG F 187 -26.69 -8.17 -23.08
N ARG F 188 -25.82 -8.06 -22.07
CA ARG F 188 -24.38 -8.17 -22.26
C ARG F 188 -23.90 -9.51 -21.71
N THR F 189 -23.08 -10.21 -22.50
CA THR F 189 -22.52 -11.48 -22.11
C THR F 189 -21.00 -11.42 -22.24
N ALA F 190 -20.30 -11.93 -21.22
CA ALA F 190 -18.85 -11.92 -21.17
C ALA F 190 -18.33 -13.35 -21.18
N ASN F 191 -17.35 -13.62 -22.05
CA ASN F 191 -16.73 -14.93 -22.16
C ASN F 191 -15.26 -14.81 -21.78
N PHE F 192 -14.91 -15.31 -20.60
CA PHE F 192 -13.56 -15.22 -20.07
C PHE F 192 -12.92 -16.61 -20.03
N GLY F 193 -11.60 -16.62 -20.12
CA GLY F 193 -10.82 -17.84 -20.16
C GLY F 193 -9.74 -17.74 -21.22
N LYS F 194 -8.68 -18.54 -21.04
CA LYS F 194 -7.58 -18.49 -21.97
C LYS F 194 -7.91 -19.30 -23.23
N THR F 195 -7.11 -19.07 -24.27
CA THR F 195 -7.38 -19.66 -25.58
C THR F 195 -7.18 -21.17 -25.53
N GLY F 196 -8.15 -21.89 -26.10
CA GLY F 196 -8.07 -23.34 -26.19
C GLY F 196 -8.77 -24.12 -25.11
N PHE F 197 -9.64 -23.49 -24.32
CA PHE F 197 -10.31 -24.16 -23.21
C PHE F 197 -11.83 -24.14 -23.33
N GLY F 198 -12.36 -23.83 -24.52
CA GLY F 198 -13.78 -24.00 -24.76
C GLY F 198 -14.58 -22.75 -25.07
N LYS F 199 -13.90 -21.68 -25.49
CA LYS F 199 -14.61 -20.45 -25.82
C LYS F 199 -15.46 -20.61 -27.08
N SER F 200 -14.87 -21.17 -28.14
CA SER F 200 -15.55 -21.25 -29.42
C SER F 200 -16.78 -22.16 -29.35
N ASN F 201 -16.66 -23.28 -28.65
CA ASN F 201 -17.80 -24.19 -28.53
C ASN F 201 -18.96 -23.53 -27.80
N GLU F 202 -18.67 -22.83 -26.69
CA GLU F 202 -19.72 -22.15 -25.95
C GLU F 202 -20.37 -21.06 -26.80
N ASN F 203 -19.56 -20.28 -27.51
CA ASN F 203 -20.11 -19.23 -28.36
C ASN F 203 -20.99 -19.80 -29.46
N LYS F 204 -20.55 -20.89 -30.09
CA LYS F 204 -21.34 -21.50 -31.15
C LYS F 204 -22.64 -22.09 -30.61
N VAL F 205 -22.60 -22.70 -29.43
CA VAL F 205 -23.81 -23.23 -28.83
C VAL F 205 -24.79 -22.10 -28.53
N ILE F 206 -24.30 -21.00 -27.98
CA ILE F 206 -25.16 -19.86 -27.66
C ILE F 206 -25.78 -19.30 -28.93
N LEU F 207 -24.98 -19.13 -29.99
CA LEU F 207 -25.48 -18.57 -31.23
C LEU F 207 -26.50 -19.50 -31.89
N THR F 208 -26.25 -20.82 -31.86
CA THR F 208 -27.20 -21.76 -32.43
C THR F 208 -28.52 -21.74 -31.69
N LEU F 209 -28.47 -21.71 -30.35
CA LEU F 209 -29.70 -21.64 -29.56
C LEU F 209 -30.45 -20.34 -29.84
N LEU F 210 -29.71 -19.23 -29.96
CA LEU F 210 -30.36 -17.95 -30.26
C LEU F 210 -31.02 -17.97 -31.63
N ALA F 211 -30.35 -18.54 -32.63
CA ALA F 211 -30.93 -18.62 -33.97
C ALA F 211 -32.16 -19.51 -33.98
N HIS F 212 -32.13 -20.64 -33.26
CA HIS F 212 -33.27 -21.55 -33.25
C HIS F 212 -34.46 -20.94 -32.51
N ALA F 213 -34.22 -20.35 -31.34
CA ALA F 213 -35.32 -19.88 -30.50
C ALA F 213 -35.92 -18.57 -31.03
N PHE F 214 -35.08 -17.66 -31.52
CA PHE F 214 -35.51 -16.32 -31.93
C PHE F 214 -35.12 -16.09 -33.39
N PRO F 215 -35.97 -16.44 -34.34
CA PRO F 215 -35.63 -16.22 -35.76
C PRO F 215 -35.68 -14.76 -36.19
N ARG F 216 -36.21 -13.87 -35.36
CA ARG F 216 -36.35 -12.46 -35.72
C ARG F 216 -35.20 -11.59 -35.22
N VAL F 217 -34.18 -12.18 -34.61
CA VAL F 217 -33.05 -11.43 -34.06
C VAL F 217 -31.83 -11.70 -34.93
N GLY F 218 -31.18 -10.62 -35.36
CA GLY F 218 -30.01 -10.76 -36.22
C GLY F 218 -28.71 -10.74 -35.45
N MET F 219 -27.62 -11.05 -36.17
CA MET F 219 -26.30 -11.12 -35.59
C MET F 219 -25.30 -10.37 -36.47
N LEU F 220 -24.31 -9.77 -35.82
CA LEU F 220 -23.15 -9.18 -36.48
C LEU F 220 -21.91 -9.76 -35.80
N ILE F 221 -21.28 -10.72 -36.46
CA ILE F 221 -20.14 -11.43 -35.88
C ILE F 221 -18.87 -10.86 -36.48
N LEU F 222 -17.96 -10.36 -35.62
CA LEU F 222 -16.69 -9.83 -36.07
C LEU F 222 -15.65 -10.95 -35.94
N ASP F 223 -15.53 -11.75 -36.99
CA ASP F 223 -14.73 -12.97 -36.96
C ASP F 223 -13.27 -12.63 -37.24
N GLN F 224 -12.49 -12.47 -36.18
CA GLN F 224 -11.07 -12.15 -36.33
C GLN F 224 -10.22 -13.38 -36.63
N ASN F 225 -10.68 -14.57 -36.28
CA ASN F 225 -9.92 -15.80 -36.48
C ASN F 225 -10.45 -16.65 -37.62
N ALA F 226 -11.53 -16.25 -38.27
CA ALA F 226 -12.16 -17.01 -39.35
C ALA F 226 -12.49 -18.43 -38.88
N GLU F 227 -13.31 -18.49 -37.82
CA GLU F 227 -13.61 -19.75 -37.15
C GLU F 227 -15.08 -20.08 -37.02
N TYR F 228 -15.99 -19.16 -37.36
CA TYR F 228 -17.40 -19.36 -37.07
C TYR F 228 -18.21 -19.91 -38.24
N LEU F 229 -17.83 -19.58 -39.48
CA LEU F 229 -18.59 -20.09 -40.63
C LEU F 229 -18.36 -21.58 -40.82
N LEU F 230 -17.12 -21.97 -41.08
CA LEU F 230 -16.72 -23.37 -41.16
C LEU F 230 -15.58 -23.58 -40.19
N GLN F 231 -15.71 -24.58 -39.32
CA GLN F 231 -14.69 -24.84 -38.30
C GLN F 231 -14.21 -26.27 -38.34
N THR F 232 -14.27 -26.92 -39.50
CA THR F 232 -13.64 -28.22 -39.65
C THR F 232 -12.14 -28.11 -39.40
N GLU F 233 -11.44 -27.38 -40.27
CA GLU F 233 -10.06 -26.93 -40.08
C GLU F 233 -9.16 -27.95 -39.38
N ALA F 234 -9.27 -29.22 -39.80
CA ALA F 234 -8.59 -30.38 -39.24
C ALA F 234 -9.11 -30.78 -37.87
N THR F 235 -10.08 -30.05 -37.31
CA THR F 235 -10.74 -30.43 -36.07
C THR F 235 -12.11 -31.02 -36.40
N THR F 236 -12.91 -31.26 -35.36
CA THR F 236 -14.20 -31.91 -35.54
C THR F 236 -15.40 -31.00 -35.24
N SER F 237 -15.18 -29.85 -34.61
CA SER F 237 -16.30 -28.99 -34.22
C SER F 237 -16.89 -28.31 -35.46
N PRO F 238 -18.18 -28.47 -35.73
CA PRO F 238 -18.77 -27.82 -36.90
C PRO F 238 -18.94 -26.32 -36.69
N GLY F 239 -19.07 -25.61 -37.80
CA GLY F 239 -19.28 -24.18 -37.79
C GLY F 239 -20.76 -23.81 -37.76
N LEU F 240 -21.02 -22.52 -37.96
CA LEU F 240 -22.39 -22.03 -37.95
C LEU F 240 -23.15 -22.46 -39.20
N ALA F 241 -22.48 -22.47 -40.35
CA ALA F 241 -23.14 -22.87 -41.59
C ALA F 241 -23.54 -24.34 -41.54
N GLN F 242 -22.66 -25.21 -41.04
CA GLN F 242 -22.98 -26.62 -40.93
C GLN F 242 -24.11 -26.86 -39.94
N ALA F 243 -24.10 -26.12 -38.82
CA ALA F 243 -25.18 -26.25 -37.85
C ALA F 243 -26.51 -25.79 -38.45
N PHE F 244 -26.49 -24.70 -39.22
CA PHE F 244 -27.71 -24.22 -39.86
C PHE F 244 -28.22 -25.24 -40.87
N LYS F 245 -27.32 -25.86 -41.64
CA LYS F 245 -27.73 -26.91 -42.56
C LYS F 245 -28.32 -28.10 -41.82
N ALA F 246 -27.74 -28.46 -40.68
CA ALA F 246 -28.26 -29.57 -39.89
C ALA F 246 -29.66 -29.25 -39.35
N LEU F 247 -29.87 -28.01 -38.91
CA LEU F 247 -31.17 -27.61 -38.37
C LEU F 247 -32.16 -27.19 -39.45
N GLY F 248 -31.76 -27.14 -40.71
CA GLY F 248 -32.67 -26.78 -41.77
C GLY F 248 -32.98 -25.31 -41.89
N ILE F 249 -32.13 -24.44 -41.34
CA ILE F 249 -32.32 -23.00 -41.45
C ILE F 249 -31.74 -22.53 -42.79
N ARG F 250 -32.60 -21.96 -43.63
CA ARG F 250 -32.24 -21.64 -45.00
C ARG F 250 -32.25 -20.13 -45.22
N GLY F 251 -31.23 -19.64 -45.94
CA GLY F 251 -31.20 -18.25 -46.37
C GLY F 251 -31.12 -17.22 -45.28
N ARG F 252 -30.23 -17.42 -44.30
CA ARG F 252 -30.05 -16.46 -43.22
C ARG F 252 -28.62 -16.01 -43.01
N ILE F 253 -27.64 -16.63 -43.68
CA ILE F 253 -26.23 -16.30 -43.49
C ILE F 253 -25.76 -15.47 -44.68
N ARG F 254 -25.13 -14.33 -44.39
CA ARG F 254 -24.56 -13.45 -45.40
C ARG F 254 -23.08 -13.29 -45.06
N PHE F 255 -22.22 -13.98 -45.80
CA PHE F 255 -20.79 -14.01 -45.54
C PHE F 255 -20.08 -13.00 -46.44
N TYR F 256 -19.34 -12.08 -45.83
CA TYR F 256 -18.60 -11.05 -46.54
C TYR F 256 -17.12 -11.37 -46.50
N THR F 257 -16.48 -11.39 -47.66
CA THR F 257 -15.06 -11.71 -47.74
C THR F 257 -14.48 -11.13 -49.02
N ALA F 258 -13.15 -11.00 -49.03
CA ALA F 258 -12.41 -10.57 -50.21
C ALA F 258 -11.80 -11.75 -50.97
N ARG F 259 -12.11 -12.98 -50.56
CA ARG F 259 -11.57 -14.20 -51.14
C ARG F 259 -12.69 -15.13 -51.56
N GLU F 260 -13.64 -14.58 -52.33
CA GLU F 260 -14.89 -15.29 -52.64
C GLU F 260 -14.64 -16.68 -53.22
N GLU F 261 -13.61 -16.83 -54.06
CA GLU F 261 -13.42 -18.10 -54.77
C GLU F 261 -12.98 -19.20 -53.82
N ALA F 262 -11.99 -18.92 -52.96
CA ALA F 262 -11.51 -19.94 -52.02
C ALA F 262 -12.60 -20.33 -51.03
N TRP F 263 -13.33 -19.36 -50.50
CA TRP F 263 -14.41 -19.66 -49.57
C TRP F 263 -15.55 -20.41 -50.25
N ALA F 264 -15.83 -20.09 -51.51
CA ALA F 264 -16.83 -20.85 -52.26
C ALA F 264 -16.39 -22.29 -52.44
N ARG F 265 -15.11 -22.51 -52.74
CA ARG F 265 -14.61 -23.87 -52.86
C ARG F 265 -14.73 -24.63 -51.54
N ARG F 266 -14.38 -23.98 -50.43
CA ARG F 266 -14.48 -24.62 -49.13
C ARG F 266 -15.94 -24.95 -48.78
N LEU F 267 -16.85 -24.02 -49.05
CA LEU F 267 -18.26 -24.25 -48.78
C LEU F 267 -18.81 -25.36 -49.65
N LYS F 268 -18.38 -25.43 -50.91
CA LYS F 268 -18.80 -26.51 -51.79
C LYS F 268 -18.32 -27.86 -51.28
N GLU F 269 -17.07 -27.93 -50.81
CA GLU F 269 -16.54 -29.20 -50.35
C GLU F 269 -17.06 -29.59 -48.97
N HIS F 270 -17.59 -28.65 -48.20
CA HIS F 270 -18.10 -28.96 -46.86
C HIS F 270 -19.60 -29.20 -46.84
N LEU F 271 -20.39 -28.26 -47.37
CA LEU F 271 -21.84 -28.37 -47.32
C LEU F 271 -22.44 -29.11 -48.51
N GLY F 272 -21.63 -29.46 -49.50
CA GLY F 272 -22.12 -30.17 -50.67
C GLY F 272 -22.44 -29.24 -51.82
N THR F 273 -23.16 -29.81 -52.80
CA THR F 273 -23.47 -29.07 -54.01
C THR F 273 -24.55 -28.01 -53.79
N GLU F 274 -25.28 -28.08 -52.68
CA GLU F 274 -26.39 -27.18 -52.41
C GLU F 274 -26.05 -26.13 -51.35
N TRP F 275 -24.78 -25.74 -51.26
CA TRP F 275 -24.36 -24.79 -50.23
C TRP F 275 -24.94 -23.40 -50.45
N ARG F 276 -25.30 -23.05 -51.68
CA ARG F 276 -25.84 -21.72 -51.96
C ARG F 276 -27.22 -21.51 -51.33
N GLU F 277 -27.87 -22.56 -50.86
CA GLU F 277 -29.16 -22.43 -50.20
C GLU F 277 -29.04 -21.94 -48.76
N TYR F 278 -27.84 -21.96 -48.19
CA TYR F 278 -27.63 -21.58 -46.80
C TYR F 278 -26.73 -20.38 -46.63
N VAL F 279 -25.71 -20.23 -47.47
CA VAL F 279 -24.70 -19.19 -47.31
C VAL F 279 -24.67 -18.34 -48.58
N GLU F 280 -24.49 -17.03 -48.41
CA GLU F 280 -24.39 -16.08 -49.51
C GLU F 280 -23.07 -15.33 -49.39
N VAL F 281 -22.14 -15.62 -50.29
CA VAL F 281 -20.83 -14.98 -50.29
C VAL F 281 -20.93 -13.63 -51.01
N LEU F 282 -20.39 -12.59 -50.39
CA LEU F 282 -20.51 -11.23 -50.89
C LEU F 282 -19.16 -10.54 -50.91
N PRO F 283 -18.97 -9.60 -51.84
CA PRO F 283 -17.67 -8.91 -51.93
C PRO F 283 -17.46 -7.92 -50.79
N LEU F 284 -16.19 -7.58 -50.59
CA LEU F 284 -15.76 -6.68 -49.52
C LEU F 284 -14.92 -5.54 -50.08
N LYS F 285 -15.42 -4.92 -51.15
CA LYS F 285 -14.69 -3.86 -51.84
C LYS F 285 -15.57 -2.62 -51.98
N VAL F 286 -14.91 -1.48 -52.15
CA VAL F 286 -15.56 -0.19 -52.21
C VAL F 286 -15.11 0.54 -53.47
N ASP F 287 -16.03 1.26 -54.11
CA ASP F 287 -15.70 2.13 -55.25
C ASP F 287 -15.37 3.51 -54.68
N PHE F 288 -14.07 3.79 -54.53
CA PHE F 288 -13.63 5.00 -53.85
C PHE F 288 -13.91 6.27 -54.64
N TYR F 289 -14.23 6.16 -55.93
CA TYR F 289 -14.55 7.35 -56.71
C TYR F 289 -15.93 7.91 -56.36
N HIS F 290 -16.80 7.10 -55.78
CA HIS F 290 -18.11 7.57 -55.34
C HIS F 290 -18.14 7.92 -53.86
N PHE F 291 -17.19 7.42 -53.08
CA PHE F 291 -17.10 7.70 -51.64
C PHE F 291 -15.68 8.12 -51.30
N PRO F 292 -15.28 9.32 -51.71
CA PRO F 292 -13.91 9.79 -51.38
C PRO F 292 -13.69 9.99 -49.90
N GLU F 293 -14.75 10.17 -49.11
CA GLU F 293 -14.59 10.35 -47.67
C GLU F 293 -13.99 9.12 -47.03
N LEU F 294 -14.34 7.93 -47.53
CA LEU F 294 -13.73 6.70 -47.03
C LEU F 294 -12.23 6.69 -47.29
N ALA F 295 -11.81 7.11 -48.48
CA ALA F 295 -10.38 7.14 -48.80
C ALA F 295 -9.65 8.15 -47.93
N VAL F 296 -10.24 9.32 -47.73
CA VAL F 296 -9.57 10.34 -46.92
C VAL F 296 -9.48 9.90 -45.46
N ALA F 297 -10.52 9.23 -44.96
CA ALA F 297 -10.47 8.72 -43.58
C ALA F 297 -9.44 7.61 -43.45
N LEU F 298 -9.33 6.74 -44.45
CA LEU F 298 -8.31 5.69 -44.43
C LEU F 298 -6.92 6.29 -44.43
N ALA F 299 -6.68 7.32 -45.25
CA ALA F 299 -5.35 7.92 -45.31
C ALA F 299 -5.04 8.72 -44.05
N TYR F 300 -6.07 9.28 -43.41
CA TYR F 300 -5.86 10.13 -42.23
C TYR F 300 -5.57 9.34 -40.97
N GLN F 301 -5.90 8.05 -40.93
CA GLN F 301 -5.79 7.28 -39.70
C GLN F 301 -4.92 6.04 -39.89
N ARG F 302 -3.75 6.22 -40.49
CA ARG F 302 -2.82 5.11 -40.70
C ARG F 302 -1.95 4.92 -39.45
N ARG F 303 -0.86 4.16 -39.60
CA ARG F 303 -0.10 3.68 -38.45
C ARG F 303 0.42 4.82 -37.59
N ARG F 304 1.11 5.80 -38.19
CA ARG F 304 1.71 6.93 -37.47
C ARG F 304 2.69 6.42 -36.40
N LEU F 305 3.77 5.84 -36.89
CA LEU F 305 4.80 5.27 -36.03
C LEU F 305 5.39 6.33 -35.08
N GLN F 306 5.63 5.92 -33.85
CA GLN F 306 6.29 6.75 -32.82
C GLN F 306 5.46 8.03 -32.66
N GLY F 307 6.10 9.19 -32.60
CA GLY F 307 5.37 10.45 -32.54
C GLY F 307 4.49 10.66 -33.74
N ALA F 308 3.18 10.61 -33.53
CA ALA F 308 2.24 10.74 -34.64
C ALA F 308 2.40 12.08 -35.34
N GLU F 309 2.42 12.05 -36.67
CA GLU F 309 2.64 13.24 -37.49
C GLU F 309 1.53 13.33 -38.52
N PRO F 310 0.31 13.66 -38.11
CA PRO F 310 -0.78 13.83 -39.07
C PRO F 310 -0.57 15.09 -39.89
N PRO F 311 -0.35 14.96 -41.20
CA PRO F 311 -0.06 16.14 -42.02
C PRO F 311 -1.24 17.09 -42.09
N GLN F 312 -0.93 18.37 -42.24
CA GLN F 312 -1.95 19.42 -42.19
C GLN F 312 -2.94 19.29 -43.34
N TYR F 313 -2.44 18.98 -44.54
CA TYR F 313 -3.33 18.89 -45.69
C TYR F 313 -4.33 17.75 -45.52
N LEU F 314 -3.88 16.62 -44.97
CA LEU F 314 -4.78 15.50 -44.71
C LEU F 314 -5.84 15.88 -43.70
N GLU F 315 -5.46 16.61 -42.64
CA GLU F 315 -6.42 17.06 -41.65
C GLU F 315 -7.46 17.99 -42.27
N ASN F 316 -7.00 18.93 -43.09
CA ASN F 316 -7.92 19.87 -43.72
C ASN F 316 -8.88 19.15 -44.66
N ALA F 317 -8.37 18.20 -45.44
CA ALA F 317 -9.24 17.43 -46.32
C ALA F 317 -10.25 16.62 -45.53
N PHE F 318 -9.80 15.96 -44.45
CA PHE F 318 -10.69 15.15 -43.63
C PHE F 318 -11.80 15.99 -43.02
N TYR F 319 -11.49 17.21 -42.60
CA TYR F 319 -12.47 18.07 -41.96
C TYR F 319 -13.29 18.91 -42.94
N ASN F 320 -12.90 19.01 -44.21
CA ASN F 320 -13.58 19.90 -45.14
C ASN F 320 -13.99 19.25 -46.45
N LEU F 321 -13.94 17.93 -46.58
CA LEU F 321 -14.35 17.30 -47.84
C LEU F 321 -15.84 17.53 -48.12
N GLU F 322 -16.67 17.57 -47.08
CA GLU F 322 -18.09 17.81 -47.29
C GLU F 322 -18.33 19.17 -47.91
N ASP F 323 -17.58 20.19 -47.47
CA ASP F 323 -17.69 21.51 -48.10
C ASP F 323 -17.07 21.50 -49.49
N TRP F 324 -15.95 20.78 -49.66
CA TRP F 324 -15.30 20.73 -50.97
C TRP F 324 -16.20 20.09 -52.02
N LYS F 325 -17.12 19.22 -51.60
CA LYS F 325 -17.93 18.48 -52.57
C LYS F 325 -18.82 19.36 -53.42
N HIS F 326 -19.03 20.62 -53.05
CA HIS F 326 -19.88 21.52 -53.81
C HIS F 326 -19.10 22.52 -54.66
N ILE F 327 -17.77 22.42 -54.69
CA ILE F 327 -16.95 23.21 -55.61
C ILE F 327 -16.28 22.23 -56.56
N PRO F 328 -16.59 22.30 -57.87
CA PRO F 328 -16.12 21.24 -58.79
C PRO F 328 -14.61 21.08 -58.86
N ASP F 329 -13.84 22.16 -58.76
CA ASP F 329 -12.40 22.05 -58.97
C ASP F 329 -11.71 21.28 -57.85
N ARG F 330 -12.17 21.46 -56.60
CA ARG F 330 -11.59 20.71 -55.49
C ARG F 330 -11.85 19.22 -55.64
N MET F 331 -13.07 18.84 -56.03
CA MET F 331 -13.35 17.44 -56.28
C MET F 331 -12.57 16.91 -57.48
N ALA F 332 -12.32 17.76 -58.47
CA ALA F 332 -11.45 17.36 -59.58
C ALA F 332 -10.04 17.07 -59.09
N TYR F 333 -9.53 17.89 -58.17
CA TYR F 333 -8.23 17.63 -57.57
C TYR F 333 -8.23 16.31 -56.80
N VAL F 334 -9.29 16.05 -56.04
CA VAL F 334 -9.37 14.81 -55.27
C VAL F 334 -9.40 13.60 -56.19
N TYR F 335 -10.21 13.66 -57.25
CA TYR F 335 -10.28 12.55 -58.20
C TYR F 335 -8.97 12.38 -58.94
N GLY F 336 -8.29 13.46 -59.26
CA GLY F 336 -6.98 13.35 -59.89
C GLY F 336 -5.95 12.73 -58.96
N ALA F 337 -6.01 13.05 -57.68
CA ALA F 337 -5.13 12.40 -56.71
C ALA F 337 -5.41 10.91 -56.64
N LEU F 338 -6.69 10.52 -56.62
CA LEU F 338 -7.03 9.11 -56.63
C LEU F 338 -6.52 8.41 -57.89
N ARG F 339 -6.66 9.08 -59.04
CA ARG F 339 -6.20 8.50 -60.30
C ARG F 339 -4.69 8.36 -60.33
N LYS F 340 -3.97 9.37 -59.84
CA LYS F 340 -2.51 9.29 -59.79
C LYS F 340 -2.04 8.24 -58.80
N ALA F 341 -2.86 7.94 -57.78
CA ALA F 341 -2.51 6.86 -56.85
C ALA F 341 -2.44 5.52 -57.58
N GLY F 342 -3.38 5.27 -58.48
CA GLY F 342 -3.38 4.02 -59.24
C GLY F 342 -4.72 3.33 -59.28
N LEU F 343 -5.76 4.01 -58.81
CA LEU F 343 -7.11 3.45 -58.77
C LEU F 343 -7.80 3.74 -60.10
N THR F 344 -8.00 2.70 -60.90
CA THR F 344 -8.66 2.88 -62.18
C THR F 344 -10.13 3.23 -61.97
N PRO F 345 -10.67 4.15 -62.76
CA PRO F 345 -12.09 4.52 -62.63
C PRO F 345 -12.98 3.72 -63.56
N ARG F 346 -14.28 3.78 -63.27
CA ARG F 346 -15.27 3.16 -64.15
C ARG F 346 -15.34 3.92 -65.46
N LYS F 347 -15.53 3.18 -66.56
CA LYS F 347 -15.58 3.79 -67.88
C LYS F 347 -16.76 4.74 -67.98
N GLY F 348 -16.51 5.92 -68.55
CA GLY F 348 -17.51 6.94 -68.69
C GLY F 348 -17.56 7.97 -67.58
N LEU F 349 -16.51 8.06 -66.77
CA LEU F 349 -16.45 9.04 -65.69
C LEU F 349 -15.86 10.35 -66.20
N LYS F 350 -16.57 11.45 -65.97
CA LYS F 350 -16.14 12.77 -66.41
C LYS F 350 -16.16 13.74 -65.23
N ILE F 351 -15.27 14.72 -65.26
CA ILE F 351 -15.15 15.72 -64.22
C ILE F 351 -15.32 17.10 -64.85
N LYS F 352 -15.42 18.11 -63.98
CA LYS F 352 -15.76 19.46 -64.42
C LYS F 352 -14.68 20.48 -64.07
N TYR F 353 -13.42 20.15 -64.33
CA TYR F 353 -12.36 21.11 -64.06
C TYR F 353 -12.48 22.31 -65.00
N LYS F 354 -12.40 23.51 -64.41
CA LYS F 354 -12.59 24.75 -65.14
C LYS F 354 -13.89 24.77 -65.92
N ASN F 355 -13.82 24.62 -67.24
CA ASN F 355 -15.01 24.71 -68.08
C ASN F 355 -15.03 23.63 -69.16
N GLU F 356 -14.53 22.43 -68.85
CA GLU F 356 -14.47 21.34 -69.82
C GLU F 356 -15.02 20.07 -69.17
N ASN F 357 -14.92 18.96 -69.91
CA ASN F 357 -15.38 17.65 -69.46
C ASN F 357 -14.27 16.65 -69.78
N TYR F 358 -13.35 16.47 -68.84
CA TYR F 358 -12.23 15.55 -69.02
C TYR F 358 -12.64 14.15 -68.59
N ASP F 359 -12.43 13.18 -69.47
CA ASP F 359 -12.78 11.78 -69.22
C ASP F 359 -11.53 11.07 -68.73
N ILE F 360 -11.41 10.94 -67.40
CA ILE F 360 -10.23 10.29 -66.83
C ILE F 360 -10.19 8.81 -67.16
N SER F 361 -11.31 8.22 -67.59
CA SER F 361 -11.31 6.82 -67.99
C SER F 361 -10.48 6.57 -69.25
N GLU F 362 -10.14 7.62 -69.99
CA GLU F 362 -9.38 7.51 -71.22
C GLU F 362 -8.01 8.16 -71.05
N GLU F 363 -7.03 7.63 -71.76
CA GLU F 363 -5.64 8.05 -71.54
C GLU F 363 -5.40 9.46 -72.04
N LYS F 364 -5.86 9.78 -73.25
CA LYS F 364 -5.61 11.09 -73.82
C LYS F 364 -6.27 12.20 -73.00
N SER F 365 -7.52 12.00 -72.61
CA SER F 365 -8.22 13.02 -71.82
C SER F 365 -7.59 13.17 -70.44
N TRP F 366 -7.16 12.05 -69.83
CA TRP F 366 -6.51 12.14 -68.53
C TRP F 366 -5.18 12.89 -68.62
N GLY F 367 -4.41 12.63 -69.68
CA GLY F 367 -3.17 13.38 -69.87
C GLY F 367 -3.42 14.85 -70.13
N ASN F 368 -4.46 15.17 -70.90
CA ASN F 368 -4.82 16.56 -71.12
C ASN F 368 -5.22 17.23 -69.81
N LEU F 369 -5.95 16.51 -68.96
CA LEU F 369 -6.30 17.06 -67.65
C LEU F 369 -5.07 17.27 -66.79
N GLN F 370 -4.11 16.35 -66.84
CA GLN F 370 -2.83 16.55 -66.14
C GLN F 370 -2.17 17.84 -66.62
N GLU F 371 -2.10 18.03 -67.93
CA GLU F 371 -1.45 19.21 -68.49
C GLU F 371 -2.18 20.49 -68.07
N ALA F 372 -3.51 20.47 -68.13
CA ALA F 372 -4.28 21.64 -67.74
C ALA F 372 -4.12 21.96 -66.26
N MET F 373 -4.06 20.94 -65.42
CA MET F 373 -3.94 21.16 -63.98
C MET F 373 -2.55 21.61 -63.59
N GLU F 374 -1.52 21.17 -64.33
CA GLU F 374 -0.14 21.48 -63.99
C GLU F 374 0.45 22.61 -64.83
N ASN F 375 -0.39 23.34 -65.57
CA ASN F 375 0.09 24.47 -66.37
C ASN F 375 -0.55 25.80 -65.98
N ASN F 376 -1.86 25.81 -65.73
CA ASN F 376 -2.54 27.07 -65.41
C ASN F 376 -2.07 27.62 -64.07
N SER F 377 -1.90 26.75 -63.07
CA SER F 377 -1.51 27.18 -61.73
C SER F 377 0.01 27.10 -61.55
N GLN F 378 0.70 27.82 -62.44
CA GLN F 378 2.16 27.92 -62.37
C GLN F 378 2.55 29.18 -61.60
N ARG F 379 2.08 29.24 -60.35
CA ARG F 379 2.33 30.40 -59.50
C ARG F 379 2.89 29.99 -58.15
N GLY F 380 2.51 28.81 -57.68
CA GLY F 380 2.94 28.36 -56.36
C GLY F 380 2.44 29.25 -55.23
N ASP F 381 1.18 29.68 -55.32
CA ASP F 381 0.59 30.58 -54.34
C ASP F 381 -0.58 29.89 -53.66
N ASN F 382 -0.60 29.95 -52.33
CA ASN F 382 -1.68 29.40 -51.52
C ASN F 382 -1.93 27.92 -51.85
N LYS F 383 -0.90 27.12 -51.58
CA LYS F 383 -0.95 25.68 -51.82
C LYS F 383 -1.86 25.05 -50.77
N GLY F 384 -3.15 25.05 -51.08
CA GLY F 384 -4.16 24.62 -50.13
C GLY F 384 -4.28 23.11 -50.03
N GLY F 385 -5.38 22.67 -49.43
CA GLY F 385 -5.57 21.26 -49.17
C GLY F 385 -5.68 20.43 -50.44
N ALA F 386 -6.47 20.91 -51.40
CA ALA F 386 -6.71 20.12 -52.61
C ALA F 386 -5.45 20.00 -53.45
N ARG F 387 -4.73 21.10 -53.67
CA ARG F 387 -3.52 21.06 -54.47
C ARG F 387 -2.44 20.24 -53.77
N GLU F 388 -2.34 20.35 -52.44
CA GLU F 388 -1.36 19.55 -51.72
C GLU F 388 -1.72 18.07 -51.76
N LEU F 389 -3.01 17.73 -51.73
CA LEU F 389 -3.42 16.34 -51.94
C LEU F 389 -3.02 15.85 -53.33
N TYR F 390 -3.24 16.69 -54.35
CA TYR F 390 -2.84 16.30 -55.70
C TYR F 390 -1.34 16.07 -55.78
N SER F 391 -0.56 16.89 -55.07
CA SER F 391 0.89 16.71 -55.07
C SER F 391 1.30 15.44 -54.33
N ARG F 392 0.69 15.17 -53.17
CA ARG F 392 1.07 14.04 -52.32
C ARG F 392 0.15 12.84 -52.49
N ALA F 393 -0.49 12.70 -53.65
CA ALA F 393 -1.36 11.58 -53.97
C ALA F 393 -0.75 10.20 -53.71
N LYS F 394 0.57 10.14 -53.50
CA LYS F 394 1.21 8.86 -53.21
C LYS F 394 0.67 8.23 -51.93
N VAL F 395 0.07 9.02 -51.04
CA VAL F 395 -0.48 8.49 -49.80
C VAL F 395 -1.68 7.58 -50.00
N PHE F 396 -2.25 7.54 -51.20
CA PHE F 396 -3.40 6.70 -51.52
C PHE F 396 -3.01 5.42 -52.23
N SER F 397 -1.72 5.10 -52.29
CA SER F 397 -1.28 3.94 -53.06
C SER F 397 -1.64 2.61 -52.38
N PHE F 398 -1.93 2.62 -51.09
CA PHE F 398 -2.26 1.40 -50.36
C PHE F 398 -3.73 1.02 -50.47
N LEU F 399 -4.54 1.80 -51.18
CA LEU F 399 -5.95 1.52 -51.36
C LEU F 399 -6.23 0.60 -52.54
N ARG F 400 -5.19 0.19 -53.28
CA ARG F 400 -5.40 -0.63 -54.47
C ARG F 400 -5.93 -2.02 -54.14
N ALA F 401 -5.74 -2.50 -52.91
CA ALA F 401 -6.15 -3.85 -52.56
C ALA F 401 -7.67 -3.97 -52.52
N PHE F 402 -8.30 -3.24 -51.63
CA PHE F 402 -9.76 -3.28 -51.46
C PHE F 402 -10.44 -2.15 -52.23
N HIS F 403 -10.29 -2.18 -53.55
CA HIS F 403 -10.96 -1.25 -54.43
C HIS F 403 -11.45 -1.99 -55.67
N ALA F 404 -12.72 -1.80 -56.01
CA ALA F 404 -13.31 -2.36 -57.22
C ALA F 404 -13.92 -1.23 -58.03
N PRO F 405 -13.46 -0.98 -59.27
CA PRO F 405 -13.91 0.21 -59.97
C PRO F 405 -15.34 0.11 -60.47
N GLY F 406 -16.26 0.70 -59.71
CA GLY F 406 -17.60 1.01 -60.14
C GLY F 406 -18.60 -0.09 -59.82
N LYS F 407 -19.28 0.00 -58.69
CA LYS F 407 -20.49 -0.79 -58.47
C LYS F 407 -21.47 0.01 -57.62
N GLU F 408 -21.03 1.16 -57.13
CA GLU F 408 -21.73 1.88 -56.06
C GLU F 408 -22.06 0.93 -54.91
N ALA F 409 -21.10 0.08 -54.56
CA ALA F 409 -21.38 -1.02 -53.64
C ALA F 409 -21.37 -0.55 -52.19
N ASN F 410 -20.20 -0.11 -51.70
CA ASN F 410 -20.05 0.36 -50.32
C ASN F 410 -20.63 -0.64 -49.33
N PHE F 411 -19.97 -1.80 -49.25
CA PHE F 411 -20.48 -2.93 -48.47
C PHE F 411 -20.93 -2.56 -47.06
N LEU F 412 -20.44 -1.44 -46.51
CA LEU F 412 -20.97 -0.96 -45.24
C LEU F 412 -22.45 -0.63 -45.35
N GLU F 413 -22.85 0.02 -46.44
CA GLU F 413 -24.26 0.31 -46.66
C GLU F 413 -25.06 -0.97 -46.88
N THR F 414 -24.45 -1.96 -47.54
CA THR F 414 -25.13 -3.24 -47.73
C THR F 414 -25.38 -3.92 -46.39
N ILE F 415 -24.40 -3.91 -45.48
CA ILE F 415 -24.60 -4.49 -44.16
C ILE F 415 -25.64 -3.71 -43.38
N LYS F 416 -25.63 -2.38 -43.50
CA LYS F 416 -26.64 -1.57 -42.83
C LYS F 416 -28.04 -1.92 -43.32
N GLU F 417 -28.21 -2.09 -44.62
CA GLU F 417 -29.51 -2.46 -45.16
C GLU F 417 -29.91 -3.88 -44.74
N ASP F 418 -28.93 -4.78 -44.65
CA ASP F 418 -29.21 -6.15 -44.21
C ASP F 418 -29.70 -6.18 -42.78
N LEU F 419 -29.07 -5.41 -41.89
CA LEU F 419 -29.37 -5.50 -40.46
C LEU F 419 -30.52 -4.60 -40.04
N LEU F 420 -30.63 -3.39 -40.58
CA LEU F 420 -31.61 -2.41 -40.12
C LEU F 420 -32.45 -1.87 -41.28
N GLY F 421 -32.58 -2.64 -42.36
CA GLY F 421 -33.33 -2.18 -43.50
C GLY F 421 -34.83 -2.24 -43.29
N GLU F 422 -35.54 -1.44 -44.07
CA GLU F 422 -37.00 -1.42 -43.98
C GLU F 422 -37.60 -2.69 -44.59
N LYS F 423 -37.09 -3.12 -45.75
CA LYS F 423 -37.58 -4.34 -46.38
C LYS F 423 -37.18 -5.56 -45.56
N THR F 424 -36.01 -5.54 -44.94
CA THR F 424 -35.48 -6.67 -44.19
C THR F 424 -35.94 -6.65 -42.73
N GLU F 425 -37.00 -5.93 -42.42
CA GLU F 425 -37.53 -5.92 -41.07
C GLU F 425 -38.02 -7.31 -40.68
N GLY F 426 -37.65 -7.74 -39.47
CA GLY F 426 -37.86 -9.12 -39.07
C GLY F 426 -36.71 -9.98 -39.56
N GLU F 427 -37.02 -11.03 -40.32
CA GLU F 427 -36.01 -11.81 -41.03
C GLU F 427 -35.00 -12.46 -40.09
N GLY F 428 -34.19 -11.65 -39.41
CA GLY F 428 -33.16 -12.17 -38.53
C GLY F 428 -31.92 -12.59 -39.29
N LYS F 429 -31.29 -11.65 -39.97
CA LYS F 429 -30.14 -11.94 -40.81
C LYS F 429 -28.88 -12.09 -39.97
N VAL F 430 -28.06 -13.09 -40.32
CA VAL F 430 -26.80 -13.35 -39.65
C VAL F 430 -25.66 -12.92 -40.59
N VAL F 431 -24.92 -11.91 -40.18
CA VAL F 431 -23.85 -11.32 -40.99
C VAL F 431 -22.51 -11.70 -40.38
N ILE F 432 -21.64 -12.31 -41.18
CA ILE F 432 -20.32 -12.73 -40.74
C ILE F 432 -19.28 -12.05 -41.63
N LEU F 433 -18.29 -11.43 -41.01
CA LEU F 433 -17.24 -10.69 -41.72
C LEU F 433 -15.93 -11.46 -41.66
N ASP F 434 -15.27 -11.59 -42.81
CA ASP F 434 -13.96 -12.23 -42.88
C ASP F 434 -12.89 -11.16 -42.69
N LEU F 435 -12.68 -10.79 -41.43
CA LEU F 435 -11.75 -9.73 -41.09
C LEU F 435 -10.31 -9.98 -41.56
N PRO F 436 -9.74 -11.18 -41.43
CA PRO F 436 -8.33 -11.34 -41.85
C PRO F 436 -8.06 -10.99 -43.31
N SER F 437 -9.06 -11.10 -44.18
CA SER F 437 -8.89 -10.72 -45.59
C SER F 437 -8.79 -9.21 -45.78
N LEU F 438 -9.10 -8.42 -44.76
CA LEU F 438 -9.02 -6.97 -44.86
C LEU F 438 -7.62 -6.43 -44.57
N GLY F 439 -6.71 -7.28 -44.11
CA GLY F 439 -5.35 -6.83 -43.86
C GLY F 439 -5.28 -5.84 -42.72
N GLU F 440 -4.60 -4.72 -42.95
CA GLU F 440 -4.37 -3.71 -41.93
C GLU F 440 -5.52 -2.72 -41.78
N ALA F 441 -6.54 -2.81 -42.63
CA ALA F 441 -7.67 -1.90 -42.57
C ALA F 441 -8.86 -2.46 -41.80
N ALA F 442 -8.67 -3.61 -41.13
CA ALA F 442 -9.80 -4.27 -40.46
C ALA F 442 -10.35 -3.42 -39.32
N ASP F 443 -9.46 -2.82 -38.52
CA ASP F 443 -9.92 -2.04 -37.37
C ASP F 443 -10.70 -0.81 -37.80
N PHE F 444 -10.21 -0.10 -38.83
CA PHE F 444 -10.91 1.09 -39.32
C PHE F 444 -12.30 0.73 -39.81
N PHE F 445 -12.41 -0.33 -40.62
CA PHE F 445 -13.70 -0.72 -41.16
C PHE F 445 -14.64 -1.19 -40.06
N THR F 446 -14.12 -1.90 -39.07
CA THR F 446 -14.96 -2.35 -37.96
C THR F 446 -15.52 -1.16 -37.18
N LEU F 447 -14.65 -0.20 -36.85
CA LEU F 447 -15.11 0.98 -36.12
C LEU F 447 -16.12 1.78 -36.93
N ARG F 448 -15.86 1.95 -38.23
CA ARG F 448 -16.79 2.70 -39.07
C ARG F 448 -18.14 2.00 -39.18
N LEU F 449 -18.13 0.68 -39.33
CA LEU F 449 -19.38 -0.07 -39.41
C LEU F 449 -20.16 0.03 -38.11
N MET F 450 -19.47 -0.06 -36.97
CA MET F 450 -20.17 0.08 -35.69
C MET F 450 -20.77 1.48 -35.54
N ASP F 451 -20.02 2.51 -35.93
CA ASP F 451 -20.54 3.88 -35.90
C ASP F 451 -21.80 4.00 -36.76
N LEU F 452 -21.74 3.48 -37.98
CA LEU F 452 -22.88 3.57 -38.89
C LEU F 452 -24.10 2.85 -38.33
N LEU F 453 -23.90 1.63 -37.82
CA LEU F 453 -25.02 0.86 -37.29
C LEU F 453 -25.63 1.52 -36.06
N PHE F 454 -24.80 2.03 -35.15
CA PHE F 454 -25.32 2.69 -33.96
C PHE F 454 -26.09 3.96 -34.33
N ASP F 455 -25.56 4.73 -35.29
CA ASP F 455 -26.25 5.94 -35.70
C ASP F 455 -27.59 5.62 -36.35
N ARG F 456 -27.64 4.58 -37.19
CA ARG F 456 -28.91 4.16 -37.77
C ARG F 456 -29.89 3.71 -36.70
N ALA F 457 -29.41 2.96 -35.71
CA ALA F 457 -30.30 2.51 -34.63
C ALA F 457 -30.84 3.68 -33.83
N VAL F 458 -30.01 4.70 -33.59
CA VAL F 458 -30.48 5.90 -32.91
C VAL F 458 -31.51 6.64 -33.77
N GLU F 459 -31.30 6.65 -35.08
CA GLU F 459 -32.29 7.24 -35.98
C GLU F 459 -33.62 6.51 -35.89
N LEU F 460 -33.59 5.19 -35.75
CA LEU F 460 -34.82 4.40 -35.72
C LEU F 460 -35.49 4.36 -34.36
N TYR F 461 -34.92 4.97 -33.33
CA TYR F 461 -35.51 4.92 -32.00
C TYR F 461 -36.87 5.62 -32.00
N GLY F 462 -37.86 4.95 -31.42
CA GLY F 462 -39.21 5.49 -31.40
C GLY F 462 -40.15 4.74 -32.32
N LYS F 463 -39.65 4.36 -33.50
CA LYS F 463 -40.43 3.60 -34.46
C LYS F 463 -40.31 2.09 -34.23
N ARG F 464 -39.09 1.59 -34.11
CA ARG F 464 -38.84 0.18 -33.91
C ARG F 464 -37.48 0.03 -33.22
N GLN F 465 -37.12 -1.21 -32.91
CA GLN F 465 -35.88 -1.52 -32.22
C GLN F 465 -34.89 -2.16 -33.19
N ALA F 466 -33.60 -2.01 -32.87
CA ALA F 466 -32.55 -2.56 -33.74
C ALA F 466 -32.61 -4.08 -33.77
N ASN F 467 -32.64 -4.71 -32.61
CA ASN F 467 -32.82 -6.17 -32.48
C ASN F 467 -31.73 -6.94 -33.21
N PHE F 468 -30.48 -6.78 -32.74
CA PHE F 468 -29.40 -7.64 -33.19
C PHE F 468 -28.32 -7.69 -32.13
N LEU F 469 -27.46 -8.71 -32.26
CA LEU F 469 -26.42 -9.02 -31.28
C LEU F 469 -25.05 -8.89 -31.94
N VAL F 470 -24.16 -8.14 -31.31
CA VAL F 470 -22.79 -7.95 -31.79
C VAL F 470 -21.89 -8.96 -31.09
N VAL F 471 -21.23 -9.81 -31.86
CA VAL F 471 -20.30 -10.81 -31.34
C VAL F 471 -18.89 -10.29 -31.56
N LEU F 472 -18.18 -10.04 -30.46
CA LEU F 472 -16.89 -9.37 -30.45
C LEU F 472 -15.84 -10.25 -29.79
N GLU F 473 -14.66 -10.30 -30.41
CA GLU F 473 -13.54 -11.09 -29.92
C GLU F 473 -12.37 -10.16 -29.59
N GLU F 474 -11.58 -10.56 -28.59
CA GLU F 474 -10.48 -9.74 -28.09
C GLU F 474 -10.98 -8.37 -27.68
N ALA F 475 -11.98 -8.35 -26.80
CA ALA F 475 -12.69 -7.13 -26.45
C ALA F 475 -11.81 -6.11 -25.74
N HIS F 476 -10.69 -6.54 -25.15
CA HIS F 476 -9.83 -5.60 -24.44
C HIS F 476 -9.17 -4.60 -25.38
N ASN F 477 -9.10 -4.89 -26.67
CA ASN F 477 -8.56 -3.94 -27.64
C ASN F 477 -9.55 -2.86 -28.04
N PHE F 478 -10.84 -3.07 -27.79
CA PHE F 478 -11.88 -2.15 -28.23
C PHE F 478 -12.62 -1.48 -27.09
N LEU F 479 -12.79 -2.13 -25.95
CA LEU F 479 -13.56 -1.57 -24.84
C LEU F 479 -12.72 -0.75 -23.87
N GLU F 480 -11.40 -0.72 -24.05
CA GLU F 480 -10.55 0.05 -23.14
C GLU F 480 -10.63 1.55 -23.40
N ASP F 481 -11.04 1.97 -24.59
CA ASP F 481 -11.12 3.38 -24.94
C ASP F 481 -12.51 3.89 -24.57
N LYS F 482 -12.56 4.78 -23.57
CA LYS F 482 -13.84 5.30 -23.09
C LYS F 482 -14.48 6.29 -24.07
N ALA F 483 -13.74 6.74 -25.08
CA ALA F 483 -14.29 7.58 -26.14
C ALA F 483 -14.61 6.80 -27.39
N GLY F 484 -14.42 5.48 -27.39
CA GLY F 484 -14.65 4.67 -28.56
C GLY F 484 -16.11 4.34 -28.77
N ILE F 485 -16.41 3.84 -29.97
CA ILE F 485 -17.78 3.48 -30.31
C ILE F 485 -18.22 2.23 -29.55
N PHE F 486 -17.33 1.25 -29.40
CA PHE F 486 -17.72 0.00 -28.76
C PHE F 486 -18.02 0.18 -27.28
N TYR F 487 -17.29 1.07 -26.61
CA TYR F 487 -17.61 1.40 -25.22
C TYR F 487 -19.01 1.99 -25.10
N ARG F 488 -19.34 2.92 -26.00
CA ARG F 488 -20.67 3.52 -25.99
C ARG F 488 -21.74 2.48 -26.29
N VAL F 489 -21.47 1.57 -27.22
CA VAL F 489 -22.43 0.52 -27.54
C VAL F 489 -22.66 -0.38 -26.33
N ALA F 490 -21.57 -0.80 -25.69
CA ALA F 490 -21.70 -1.64 -24.50
C ALA F 490 -22.49 -0.95 -23.41
N LYS F 491 -22.30 0.37 -23.26
CA LYS F 491 -23.01 1.08 -22.20
C LYS F 491 -24.49 1.31 -22.53
N GLU F 492 -24.82 1.62 -23.79
CA GLU F 492 -26.14 2.16 -24.11
C GLU F 492 -26.86 1.39 -25.22
N GLY F 493 -26.51 0.13 -25.47
CA GLY F 493 -27.22 -0.62 -26.48
C GLY F 493 -28.48 -1.29 -25.99
N ARG F 494 -28.64 -1.41 -24.68
CA ARG F 494 -29.85 -2.01 -24.13
C ARG F 494 -31.09 -1.17 -24.46
N LYS F 495 -30.93 0.15 -24.55
CA LYS F 495 -32.07 1.00 -24.85
C LYS F 495 -32.55 0.82 -26.28
N TYR F 496 -31.63 0.66 -27.23
CA TYR F 496 -31.97 0.54 -28.64
C TYR F 496 -32.13 -0.90 -29.09
N GLY F 497 -32.04 -1.86 -28.18
CA GLY F 497 -32.21 -3.26 -28.55
C GLY F 497 -31.01 -3.90 -29.17
N ILE F 498 -29.80 -3.44 -28.85
CA ILE F 498 -28.56 -4.01 -29.35
C ILE F 498 -27.91 -4.80 -28.22
N GLY F 499 -27.71 -6.09 -28.43
CA GLY F 499 -27.03 -6.93 -27.47
C GLY F 499 -25.56 -7.09 -27.82
N MET F 500 -24.77 -7.51 -26.83
CA MET F 500 -23.35 -7.72 -27.05
C MET F 500 -22.90 -9.01 -26.37
N LEU F 501 -22.11 -9.80 -27.10
CA LEU F 501 -21.43 -10.97 -26.56
C LEU F 501 -19.94 -10.78 -26.85
N TYR F 502 -19.17 -10.48 -25.82
CA TYR F 502 -17.76 -10.16 -25.98
C TYR F 502 -16.91 -11.19 -25.25
N SER F 503 -15.88 -11.67 -25.94
CA SER F 503 -14.96 -12.66 -25.40
C SER F 503 -13.58 -12.04 -25.25
N THR F 504 -12.91 -12.35 -24.14
CA THR F 504 -11.55 -11.86 -23.93
C THR F 504 -10.78 -12.83 -23.04
N GLN F 505 -9.46 -12.70 -23.10
CA GLN F 505 -8.55 -13.49 -22.28
C GLN F 505 -8.02 -12.71 -21.08
N SER F 506 -8.17 -11.39 -21.09
CA SER F 506 -7.66 -10.51 -20.02
C SER F 506 -8.83 -9.69 -19.48
N PRO F 507 -9.61 -10.25 -18.55
CA PRO F 507 -10.71 -9.48 -17.95
C PRO F 507 -10.26 -8.23 -17.22
N ALA F 508 -9.01 -8.21 -16.71
CA ALA F 508 -8.54 -7.07 -15.94
C ALA F 508 -8.38 -5.82 -16.79
N SER F 509 -8.24 -5.96 -18.11
CA SER F 509 -8.10 -4.81 -19.00
C SER F 509 -9.43 -4.13 -19.32
N ILE F 510 -10.54 -4.74 -18.94
CA ILE F 510 -11.88 -4.20 -19.22
C ILE F 510 -12.27 -3.28 -18.08
N PRO F 511 -12.84 -2.10 -18.37
CA PRO F 511 -13.18 -1.16 -17.29
C PRO F 511 -14.21 -1.74 -16.32
N MET F 512 -14.13 -1.31 -15.07
CA MET F 512 -14.99 -1.84 -14.02
C MET F 512 -16.46 -1.54 -14.27
N GLU F 513 -16.77 -0.44 -14.97
CA GLU F 513 -18.16 -0.11 -15.24
C GLU F 513 -18.82 -1.18 -16.11
N ILE F 514 -18.14 -1.55 -17.20
CA ILE F 514 -18.68 -2.59 -18.09
C ILE F 514 -18.80 -3.91 -17.35
N LEU F 515 -17.79 -4.26 -16.55
CA LEU F 515 -17.82 -5.53 -15.83
C LEU F 515 -18.96 -5.58 -14.82
N SER F 516 -19.18 -4.49 -14.09
CA SER F 516 -20.23 -4.45 -13.09
C SER F 516 -21.62 -4.32 -13.69
N GLN F 517 -21.74 -3.80 -14.91
CA GLN F 517 -23.03 -3.70 -15.57
C GLN F 517 -23.35 -4.90 -16.45
N THR F 518 -22.47 -5.90 -16.51
CA THR F 518 -22.70 -7.07 -17.35
C THR F 518 -23.62 -8.05 -16.64
N GLU F 519 -24.47 -8.73 -17.43
CA GLU F 519 -25.51 -9.61 -16.91
C GLU F 519 -25.09 -11.07 -16.87
N ASN F 520 -24.45 -11.58 -17.91
CA ASN F 520 -24.12 -13.00 -18.02
C ASN F 520 -22.61 -13.19 -17.93
N PHE F 521 -22.19 -14.19 -17.15
CA PHE F 521 -20.79 -14.52 -16.98
C PHE F 521 -20.59 -16.01 -17.21
N LEU F 522 -19.62 -16.35 -18.06
CA LEU F 522 -19.20 -17.72 -18.30
C LEU F 522 -17.68 -17.73 -18.26
N VAL F 523 -17.11 -18.13 -17.12
CA VAL F 523 -15.68 -18.00 -16.87
C VAL F 523 -15.02 -19.36 -16.94
N LYS F 524 -13.88 -19.42 -17.61
CA LYS F 524 -13.06 -20.62 -17.72
C LYS F 524 -11.71 -20.36 -17.07
N HIS F 525 -10.79 -21.31 -17.22
CA HIS F 525 -9.49 -21.22 -16.58
C HIS F 525 -8.74 -19.96 -17.02
N LEU F 526 -8.21 -19.23 -16.03
CA LEU F 526 -7.44 -18.01 -16.28
C LEU F 526 -6.07 -18.15 -15.61
N SER F 527 -5.01 -17.94 -16.37
CA SER F 527 -3.65 -18.03 -15.85
C SER F 527 -3.12 -16.66 -15.44
N SER F 528 -3.84 -16.02 -14.52
CA SER F 528 -3.44 -14.72 -14.01
C SER F 528 -4.25 -14.40 -12.76
N GLU F 529 -3.58 -13.84 -11.76
CA GLU F 529 -4.25 -13.48 -10.51
C GLU F 529 -5.09 -12.22 -10.64
N GLU F 530 -4.66 -11.27 -11.46
CA GLU F 530 -5.39 -10.01 -11.59
C GLU F 530 -6.78 -10.23 -12.17
N ASP F 531 -6.90 -11.12 -13.16
CA ASP F 531 -8.21 -11.42 -13.74
C ASP F 531 -9.15 -12.01 -12.70
N VAL F 532 -8.66 -12.94 -11.89
CA VAL F 532 -9.50 -13.56 -10.86
C VAL F 532 -9.89 -12.52 -9.81
N LYS F 533 -8.95 -11.64 -9.43
CA LYS F 533 -9.26 -10.63 -8.43
C LYS F 533 -10.30 -9.64 -8.94
N VAL F 534 -10.19 -9.21 -10.20
CA VAL F 534 -11.16 -8.27 -10.73
C VAL F 534 -12.52 -8.96 -10.90
N LEU F 535 -12.52 -10.26 -11.22
CA LEU F 535 -13.78 -10.99 -11.27
C LEU F 535 -14.45 -11.03 -9.90
N LYS F 536 -13.66 -11.27 -8.85
CA LYS F 536 -14.22 -11.26 -7.50
C LYS F 536 -14.75 -9.88 -7.12
N ARG F 537 -14.03 -8.82 -7.52
CA ARG F 537 -14.47 -7.46 -7.22
C ARG F 537 -15.77 -7.12 -7.94
N ALA F 538 -15.90 -7.54 -9.20
CA ALA F 538 -17.07 -7.15 -9.99
C ALA F 538 -18.35 -7.76 -9.45
N LYS F 539 -18.33 -9.07 -9.16
CA LYS F 539 -19.49 -9.78 -8.64
C LYS F 539 -19.12 -10.46 -7.34
N ALA F 540 -19.93 -10.27 -6.31
CA ALA F 540 -19.67 -10.91 -5.02
C ALA F 540 -19.72 -12.43 -5.08
N PRO F 541 -20.72 -13.07 -5.69
CA PRO F 541 -20.76 -14.55 -5.65
C PRO F 541 -19.57 -15.22 -6.29
N PHE F 542 -18.79 -14.51 -7.08
CA PHE F 542 -17.57 -15.06 -7.67
C PHE F 542 -16.41 -15.13 -6.68
N ALA F 543 -16.67 -14.92 -5.39
CA ALA F 543 -15.63 -14.99 -4.38
C ALA F 543 -15.30 -16.42 -3.95
N PHE F 544 -16.12 -17.40 -4.31
CA PHE F 544 -15.95 -18.76 -3.83
C PHE F 544 -15.33 -19.70 -4.86
N VAL F 545 -14.98 -19.20 -6.05
CA VAL F 545 -14.46 -20.06 -7.11
C VAL F 545 -13.15 -19.51 -7.63
N ALA F 546 -12.50 -18.64 -6.84
CA ALA F 546 -11.27 -18.00 -7.28
C ALA F 546 -10.12 -18.99 -7.39
N ASP F 547 -9.91 -19.79 -6.33
CA ASP F 547 -8.77 -20.69 -6.30
C ASP F 547 -8.89 -21.78 -7.37
N PHE F 548 -10.10 -22.32 -7.55
CA PHE F 548 -10.30 -23.35 -8.56
C PHE F 548 -9.99 -22.81 -9.95
N LEU F 549 -10.43 -21.60 -10.25
CA LEU F 549 -10.11 -20.98 -11.53
C LEU F 549 -8.62 -20.76 -11.68
N LEU F 550 -7.95 -20.35 -10.60
CA LEU F 550 -6.53 -20.04 -10.70
C LEU F 550 -5.67 -21.29 -10.86
N SER F 551 -6.11 -22.44 -10.33
CA SER F 551 -5.23 -23.59 -10.24
C SER F 551 -5.63 -24.77 -11.12
N GLU F 552 -6.75 -24.72 -11.83
CA GLU F 552 -7.28 -25.89 -12.54
C GLU F 552 -7.52 -25.61 -14.02
N PRO F 553 -6.53 -25.89 -14.87
CA PRO F 553 -6.73 -25.87 -16.34
C PRO F 553 -7.48 -27.08 -16.88
N ILE F 554 -8.81 -27.01 -16.83
CA ILE F 554 -9.67 -28.08 -17.34
C ILE F 554 -10.43 -27.55 -18.57
N ILE F 555 -10.40 -28.31 -19.65
CA ILE F 555 -11.03 -27.89 -20.91
C ILE F 555 -12.52 -28.23 -20.86
N GLY F 556 -13.35 -27.25 -21.18
CA GLY F 556 -14.78 -27.45 -21.21
C GLY F 556 -15.49 -27.31 -19.89
N TYR F 557 -14.78 -26.88 -18.84
CA TYR F 557 -15.34 -26.73 -17.50
C TYR F 557 -15.44 -25.23 -17.21
N SER F 558 -16.67 -24.75 -16.98
CA SER F 558 -16.86 -23.31 -16.85
C SER F 558 -17.84 -23.00 -15.72
N TYR F 559 -17.65 -21.84 -15.12
CA TYR F 559 -18.53 -21.33 -14.08
C TYR F 559 -19.48 -20.30 -14.68
N VAL F 560 -20.78 -20.52 -14.50
CA VAL F 560 -21.80 -19.71 -15.13
C VAL F 560 -22.58 -18.94 -14.06
N TYR F 561 -23.02 -17.75 -14.44
CA TYR F 561 -23.79 -16.87 -13.56
C TYR F 561 -24.64 -15.94 -14.42
N PHE F 562 -25.96 -16.06 -14.31
CA PHE F 562 -26.88 -15.24 -15.08
C PHE F 562 -27.65 -14.33 -14.15
N GLU F 563 -27.57 -13.02 -14.39
CA GLU F 563 -28.20 -12.02 -13.55
C GLU F 563 -29.67 -11.87 -13.91
N PRO F 564 -30.50 -11.33 -12.99
CA PRO F 564 -30.18 -10.88 -11.63
C PRO F 564 -30.73 -11.78 -10.52
N TYR F 565 -31.30 -12.94 -10.86
CA TYR F 565 -32.01 -13.75 -9.88
C TYR F 565 -31.36 -15.12 -9.69
N GLN F 566 -30.07 -15.24 -9.99
CA GLN F 566 -29.41 -16.51 -9.73
C GLN F 566 -28.76 -16.49 -8.36
N PRO F 567 -29.03 -17.48 -7.51
CA PRO F 567 -28.48 -17.47 -6.14
C PRO F 567 -26.95 -17.45 -6.09
N PHE F 568 -26.31 -18.42 -6.74
CA PHE F 568 -24.86 -18.55 -6.68
C PHE F 568 -24.33 -19.01 -8.03
N VAL F 569 -23.01 -18.97 -8.16
CA VAL F 569 -22.33 -19.35 -9.40
C VAL F 569 -22.31 -20.86 -9.52
N VAL F 570 -22.62 -21.37 -10.70
CA VAL F 570 -22.81 -22.81 -10.91
C VAL F 570 -21.64 -23.33 -11.75
N PRO F 571 -20.92 -24.35 -11.29
CA PRO F 571 -19.89 -24.98 -12.13
C PRO F 571 -20.51 -26.04 -13.04
N LEU F 572 -20.19 -25.97 -14.32
CA LEU F 572 -20.84 -26.81 -15.33
C LEU F 572 -19.81 -27.40 -16.28
N ARG F 573 -20.03 -28.66 -16.64
CA ARG F 573 -19.45 -29.25 -17.83
C ARG F 573 -20.42 -28.98 -18.97
N VAL F 574 -19.94 -28.26 -19.99
CA VAL F 574 -20.79 -27.71 -21.04
C VAL F 574 -20.97 -28.74 -22.14
N LYS F 575 -22.18 -28.82 -22.69
CA LYS F 575 -22.47 -29.72 -23.78
C LYS F 575 -21.75 -29.28 -25.05
N LEU F 576 -21.35 -30.27 -25.86
CA LEU F 576 -20.74 -30.00 -27.15
C LEU F 576 -21.82 -29.61 -28.16
N LEU F 577 -21.38 -28.95 -29.23
CA LEU F 577 -22.32 -28.51 -30.26
C LEU F 577 -22.98 -29.68 -30.97
N GLU F 578 -22.23 -30.78 -31.16
CA GLU F 578 -22.80 -31.95 -31.81
C GLU F 578 -23.97 -32.52 -31.02
N HIS F 579 -23.82 -32.62 -29.69
CA HIS F 579 -24.89 -33.14 -28.86
C HIS F 579 -26.10 -32.21 -28.85
N VAL F 580 -25.85 -30.89 -28.84
CA VAL F 580 -26.96 -29.93 -28.89
C VAL F 580 -27.71 -30.07 -30.20
N LEU F 581 -26.98 -30.20 -31.32
CA LEU F 581 -27.63 -30.37 -32.61
C LEU F 581 -28.43 -31.67 -32.66
N LYS F 582 -27.88 -32.75 -32.08
CA LYS F 582 -28.60 -34.01 -32.06
C LYS F 582 -29.88 -33.90 -31.23
N SER F 583 -29.81 -33.22 -30.09
CA SER F 583 -31.00 -33.03 -29.26
C SER F 583 -32.05 -32.19 -29.98
N LEU F 584 -31.61 -31.13 -30.66
CA LEU F 584 -32.55 -30.30 -31.42
C LEU F 584 -33.11 -31.02 -32.64
N ASP F 585 -32.41 -32.04 -33.13
CA ASP F 585 -32.89 -32.81 -34.28
C ASP F 585 -34.00 -33.77 -33.88
N SER F 586 -33.91 -34.35 -32.68
CA SER F 586 -34.91 -35.30 -32.21
C SER F 586 -36.18 -34.59 -31.75
N GLU G 3 41.99 -24.76 13.86
CA GLU G 3 41.33 -25.71 12.98
C GLU G 3 40.24 -26.47 13.72
N SER G 4 39.39 -25.73 14.42
CA SER G 4 38.29 -26.30 15.19
C SER G 4 37.00 -25.58 14.86
N PRO G 5 35.86 -26.25 15.01
CA PRO G 5 34.57 -25.58 14.77
C PRO G 5 34.38 -24.39 15.69
N ILE G 6 33.78 -23.32 15.15
CA ILE G 6 33.62 -22.09 15.91
C ILE G 6 32.61 -22.30 17.05
N GLY G 7 31.48 -22.90 16.74
CA GLY G 7 30.44 -23.14 17.73
C GLY G 7 29.71 -24.42 17.46
N VAL G 8 28.44 -24.47 17.84
CA VAL G 8 27.57 -25.62 17.60
C VAL G 8 26.36 -25.15 16.80
N VAL G 9 26.05 -25.87 15.73
CA VAL G 9 24.92 -25.52 14.89
C VAL G 9 23.66 -26.09 15.51
N VAL G 10 22.66 -25.24 15.73
CA VAL G 10 21.45 -25.65 16.43
C VAL G 10 20.20 -25.58 15.56
N SER G 11 20.22 -24.88 14.42
CA SER G 11 19.03 -24.86 13.58
C SER G 11 19.43 -24.59 12.13
N SER G 12 18.52 -24.93 11.22
CA SER G 12 18.69 -24.62 9.80
C SER G 12 17.33 -24.56 9.14
N ARG G 13 17.23 -23.75 8.09
CA ARG G 13 15.99 -23.59 7.35
C ARG G 13 16.32 -22.86 6.04
N ARG G 14 15.26 -22.52 5.30
CA ARG G 14 15.35 -21.70 4.10
C ARG G 14 14.52 -20.44 4.28
N ASN G 15 15.13 -19.29 4.01
CA ASN G 15 14.45 -18.00 4.11
C ASN G 15 14.47 -17.36 2.71
N GLY G 16 13.43 -17.64 1.93
CA GLY G 16 13.33 -17.12 0.59
C GLY G 16 14.16 -17.94 -0.38
N PRO G 17 14.97 -17.26 -1.20
CA PRO G 17 15.86 -17.95 -2.14
C PRO G 17 17.19 -18.41 -1.55
N TRP G 18 17.36 -18.35 -0.23
CA TRP G 18 18.63 -18.68 0.40
C TRP G 18 18.41 -19.62 1.57
N ALA G 19 19.44 -20.39 1.90
CA ALA G 19 19.44 -21.28 3.05
C ALA G 19 20.22 -20.64 4.19
N GLU G 20 19.69 -20.77 5.41
CA GLU G 20 20.31 -20.17 6.58
C GLU G 20 20.41 -21.20 7.70
N LEU G 21 21.39 -21.00 8.57
CA LEU G 21 21.55 -21.83 9.75
C LEU G 21 21.85 -20.95 10.95
N THR G 22 21.38 -21.38 12.11
CA THR G 22 21.58 -20.69 13.38
C THR G 22 22.51 -21.51 14.25
N LEU G 23 23.59 -20.88 14.71
CA LEU G 23 24.55 -21.49 15.61
C LEU G 23 24.67 -20.68 16.89
N VAL G 24 25.25 -21.30 17.91
CA VAL G 24 25.33 -20.72 19.25
C VAL G 24 26.78 -20.75 19.71
N LEU G 25 27.25 -19.63 20.25
CA LEU G 25 28.55 -19.55 20.91
C LEU G 25 28.35 -19.76 22.41
N THR G 26 29.14 -20.66 22.98
CA THR G 26 29.00 -21.14 24.35
C THR G 26 29.89 -20.34 25.29
N PRO G 27 29.66 -20.43 26.61
CA PRO G 27 30.48 -19.63 27.55
C PRO G 27 31.97 -19.88 27.44
N GLN G 28 32.40 -21.12 27.22
CA GLN G 28 33.82 -21.41 27.13
C GLN G 28 34.45 -20.71 25.93
N GLU G 29 33.75 -20.72 24.79
CA GLU G 29 34.29 -20.10 23.58
C GLU G 29 34.34 -18.58 23.70
N LEU G 30 33.33 -17.99 24.35
CA LEU G 30 33.28 -16.54 24.50
C LEU G 30 34.31 -16.01 25.48
N ASP G 31 34.80 -16.85 26.40
CA ASP G 31 35.82 -16.42 27.34
C ASP G 31 37.21 -16.37 26.72
N GLN G 32 37.42 -17.06 25.60
CA GLN G 32 38.70 -17.04 24.91
C GLN G 32 38.78 -15.96 23.84
N GLY G 33 37.77 -15.12 23.72
CA GLY G 33 37.77 -14.06 22.73
C GLY G 33 37.31 -14.45 21.35
N LYS G 34 36.71 -15.63 21.19
CA LYS G 34 36.23 -16.06 19.88
C LYS G 34 34.93 -15.33 19.55
N ARG G 35 34.95 -14.54 18.49
CA ARG G 35 33.81 -13.75 18.06
C ARG G 35 33.61 -13.92 16.57
N LEU G 36 32.49 -13.39 16.08
CA LEU G 36 32.18 -13.38 14.64
C LEU G 36 31.72 -12.00 14.25
N LEU G 37 32.43 -11.37 13.32
CA LEU G 37 32.01 -10.09 12.79
C LEU G 37 30.82 -10.27 11.86
N LEU G 38 30.04 -9.20 11.71
CA LEU G 38 28.92 -9.20 10.78
C LEU G 38 29.42 -8.96 9.36
N GLY G 39 28.96 -9.78 8.43
CA GLY G 39 29.48 -9.77 7.07
C GLY G 39 30.71 -10.61 6.86
N GLU G 40 31.22 -11.25 7.90
CA GLU G 40 32.40 -12.10 7.79
C GLU G 40 32.09 -13.35 6.96
N LEU G 41 33.13 -13.89 6.31
CA LEU G 41 33.00 -15.08 5.49
C LEU G 41 33.59 -16.28 6.23
N VAL G 42 32.82 -17.37 6.26
CA VAL G 42 33.19 -18.58 6.98
C VAL G 42 32.97 -19.78 6.08
N ARG G 43 33.56 -20.91 6.46
CA ARG G 43 33.42 -22.14 5.72
C ARG G 43 32.47 -23.07 6.47
N VAL G 44 31.58 -23.72 5.74
CA VAL G 44 30.56 -24.58 6.34
C VAL G 44 30.73 -25.98 5.79
N SER G 45 31.05 -26.93 6.67
CA SER G 45 31.24 -28.31 6.27
C SER G 45 29.97 -29.10 6.58
N SER G 46 29.43 -29.78 5.57
CA SER G 46 28.22 -30.57 5.73
C SER G 46 28.21 -31.69 4.71
N GLY G 47 28.07 -32.92 5.19
CA GLY G 47 27.97 -34.07 4.29
C GLY G 47 29.20 -34.29 3.44
N GLY G 48 30.37 -33.81 3.88
CA GLY G 48 31.57 -33.89 3.09
C GLY G 48 31.72 -32.80 2.05
N LYS G 49 30.87 -31.78 2.07
CA LYS G 49 30.95 -30.67 1.14
C LYS G 49 31.20 -29.37 1.90
N ASP G 50 31.88 -28.45 1.23
CA ASP G 50 32.23 -27.15 1.81
C ASP G 50 31.42 -26.05 1.13
N TYR G 51 30.86 -25.16 1.93
CA TYR G 51 30.07 -24.04 1.47
C TYR G 51 30.66 -22.74 2.00
N VAL G 52 30.38 -21.66 1.29
CA VAL G 52 30.74 -20.32 1.73
C VAL G 52 29.54 -19.72 2.47
N GLY G 53 29.78 -19.20 3.66
CA GLY G 53 28.72 -18.60 4.44
C GLY G 53 29.10 -17.20 4.88
N MET G 54 28.07 -16.37 5.07
CA MET G 54 28.25 -14.99 5.49
C MET G 54 27.44 -14.74 6.74
N VAL G 55 28.07 -14.14 7.75
CA VAL G 55 27.40 -13.85 9.01
C VAL G 55 26.44 -12.67 8.79
N LEU G 56 25.16 -12.89 9.05
CA LEU G 56 24.13 -11.90 8.78
C LEU G 56 23.63 -11.21 10.04
N ASP G 57 23.31 -11.96 11.08
CA ASP G 57 22.66 -11.41 12.26
C ASP G 57 23.21 -12.08 13.51
N GLY G 58 23.17 -11.34 14.61
CA GLY G 58 23.52 -11.87 15.92
C GLY G 58 22.58 -11.35 16.98
N TYR G 59 22.25 -12.18 17.97
CA TYR G 59 21.33 -11.78 19.02
C TYR G 59 21.57 -12.63 20.26
N TYR G 60 20.80 -12.34 21.30
CA TYR G 60 20.88 -13.05 22.56
C TYR G 60 19.55 -13.74 22.84
N GLU G 61 19.61 -15.03 23.16
CA GLU G 61 18.43 -15.80 23.52
C GLU G 61 18.84 -16.74 24.65
N PRO G 62 18.04 -16.85 25.71
CA PRO G 62 18.37 -17.77 26.80
C PRO G 62 18.41 -19.21 26.31
N VAL G 63 19.33 -19.98 26.88
CA VAL G 63 19.49 -21.40 26.56
C VAL G 63 19.11 -22.20 27.80
N GLY G 64 18.13 -23.08 27.64
CA GLY G 64 17.63 -23.85 28.75
C GLY G 64 16.60 -23.08 29.56
N ARG G 65 16.19 -23.68 30.68
CA ARG G 65 15.20 -23.08 31.57
C ARG G 65 15.89 -22.15 32.57
N SER G 66 16.32 -21.00 32.05
CA SER G 66 17.02 -20.00 32.83
C SER G 66 16.34 -18.65 32.69
N ASP G 67 16.54 -17.80 33.70
CA ASP G 67 15.97 -16.46 33.75
C ASP G 67 17.13 -15.47 33.90
N PRO G 68 17.75 -15.09 32.79
CA PRO G 68 18.96 -14.25 32.89
C PRO G 68 18.74 -12.90 33.55
N THR G 69 17.55 -12.30 33.38
CA THR G 69 17.33 -10.96 33.91
C THR G 69 17.41 -10.95 35.44
N TYR G 70 16.69 -11.87 36.08
CA TYR G 70 16.70 -11.94 37.54
C TYR G 70 18.09 -12.26 38.08
N THR G 71 18.77 -13.23 37.45
CA THR G 71 20.10 -13.62 37.90
C THR G 71 21.09 -12.46 37.78
N LEU G 72 21.06 -11.78 36.64
CA LEU G 72 21.99 -10.67 36.43
C LEU G 72 21.68 -9.50 37.36
N ALA G 73 20.40 -9.21 37.60
CA ALA G 73 20.05 -8.14 38.53
C ALA G 73 20.50 -8.49 39.95
N LEU G 74 20.28 -9.73 40.38
CA LEU G 74 20.69 -10.13 41.72
C LEU G 74 22.21 -10.09 41.88
N ALA G 75 22.94 -10.46 40.83
CA ALA G 75 24.40 -10.34 40.87
C ALA G 75 24.82 -8.87 40.93
N HIS G 76 24.12 -8.01 40.17
CA HIS G 76 24.47 -6.60 40.11
C HIS G 76 24.28 -5.91 41.46
N ILE G 77 23.16 -6.17 42.13
CA ILE G 77 22.89 -5.51 43.40
C ILE G 77 23.80 -5.98 44.52
N ASN G 78 24.51 -7.09 44.33
CA ASN G 78 25.50 -7.58 45.27
C ASN G 78 26.92 -7.22 44.87
N GLN G 79 27.08 -6.45 43.79
CA GLN G 79 28.41 -6.06 43.28
C GLN G 79 29.27 -7.28 43.00
N VAL G 80 28.66 -8.32 42.45
CA VAL G 80 29.38 -9.55 42.13
C VAL G 80 30.05 -9.40 40.77
N ASP G 81 31.35 -9.66 40.73
CA ASP G 81 32.12 -9.62 39.49
C ASP G 81 32.10 -11.00 38.86
N LEU G 82 31.27 -11.16 37.83
CA LEU G 82 31.16 -12.46 37.17
C LEU G 82 32.42 -12.85 36.43
N GLU G 83 33.29 -11.90 36.12
CA GLU G 83 34.54 -12.22 35.43
C GLU G 83 35.47 -13.04 36.31
N LYS G 84 35.56 -12.69 37.60
CA LYS G 84 36.47 -13.36 38.52
C LYS G 84 35.75 -14.19 39.58
N GLU G 85 34.44 -14.07 39.72
CA GLU G 85 33.72 -14.76 40.78
C GLU G 85 32.44 -15.35 40.21
N ASP G 86 31.91 -16.35 40.91
CA ASP G 86 30.64 -17.00 40.59
C ASP G 86 30.69 -17.60 39.18
N PRO G 87 31.48 -18.65 38.95
CA PRO G 87 31.55 -19.24 37.61
C PRO G 87 30.32 -20.06 37.23
N TRP G 88 29.53 -20.50 38.21
CA TRP G 88 28.33 -21.27 37.88
C TRP G 88 27.24 -20.40 37.28
N ALA G 89 27.16 -19.14 37.69
CA ALA G 89 26.18 -18.22 37.12
C ALA G 89 26.59 -17.73 35.73
N ARG G 90 27.89 -17.56 35.50
CA ARG G 90 28.35 -17.06 34.21
C ARG G 90 28.24 -18.12 33.12
N LYS G 91 28.26 -19.39 33.50
CA LYS G 91 28.19 -20.48 32.53
C LYS G 91 26.77 -20.83 32.11
N GLU G 92 25.76 -20.15 32.66
CA GLU G 92 24.38 -20.39 32.28
C GLU G 92 23.76 -19.25 31.48
N VAL G 93 24.45 -18.13 31.30
CA VAL G 93 23.87 -16.97 30.65
C VAL G 93 24.74 -16.48 29.50
N ASN G 94 25.94 -17.04 29.36
CA ASN G 94 26.90 -16.54 28.39
C ASN G 94 26.84 -17.36 27.10
N PHE G 95 25.71 -17.24 26.41
CA PHE G 95 25.52 -17.81 25.09
C PHE G 95 25.20 -16.69 24.12
N TYR G 96 25.47 -16.90 22.83
CA TYR G 96 25.08 -15.89 21.86
C TYR G 96 24.75 -16.54 20.53
N HIS G 97 23.63 -16.14 19.92
CA HIS G 97 23.14 -16.79 18.70
C HIS G 97 23.54 -15.99 17.48
N HIS G 98 23.91 -16.70 16.40
CA HIS G 98 24.29 -16.10 15.13
C HIS G 98 23.60 -16.82 13.99
N ARG G 99 23.30 -16.05 12.94
CA ARG G 99 22.69 -16.57 11.71
C ARG G 99 23.69 -16.47 10.56
N ILE G 100 23.77 -17.53 9.77
CA ILE G 100 24.71 -17.60 8.65
C ILE G 100 23.94 -18.05 7.41
N VAL G 101 24.10 -17.32 6.31
CA VAL G 101 23.48 -17.65 5.04
C VAL G 101 24.49 -18.36 4.16
N LEU G 102 24.05 -19.39 3.44
CA LEU G 102 24.90 -20.17 2.55
C LEU G 102 24.83 -19.58 1.15
N LEU G 103 25.90 -18.91 0.74
CA LEU G 103 25.92 -18.25 -0.57
C LEU G 103 26.12 -19.24 -1.72
N GLY G 104 26.89 -20.29 -1.50
CA GLY G 104 27.17 -21.25 -2.55
C GLY G 104 28.37 -22.11 -2.16
N ARG G 105 28.99 -22.70 -3.17
CA ARG G 105 30.16 -23.54 -2.94
C ARG G 105 31.11 -23.41 -4.13
N VAL G 106 32.33 -23.90 -3.94
CA VAL G 106 33.37 -23.86 -4.95
C VAL G 106 33.70 -25.30 -5.36
N VAL G 107 33.64 -25.58 -6.66
CA VAL G 107 33.85 -26.91 -7.20
C VAL G 107 34.80 -26.81 -8.38
N GLN G 108 35.25 -27.99 -8.83
CA GLN G 108 36.09 -28.15 -10.04
C GLN G 108 37.40 -27.38 -9.80
N GLY G 109 37.80 -26.50 -10.71
CA GLY G 109 39.05 -25.78 -10.56
C GLY G 109 38.84 -24.30 -10.34
N GLY G 110 37.87 -23.96 -9.50
CA GLY G 110 37.50 -22.58 -9.25
C GLY G 110 36.10 -22.21 -9.68
N LEU G 111 35.32 -23.15 -10.20
CA LEU G 111 33.94 -22.86 -10.58
C LEU G 111 33.11 -22.61 -9.32
N PHE G 112 32.14 -21.71 -9.43
CA PHE G 112 31.26 -21.37 -8.33
C PHE G 112 29.86 -21.93 -8.61
N ALA G 113 29.37 -22.78 -7.71
CA ALA G 113 28.00 -23.24 -7.75
C ALA G 113 27.17 -22.38 -6.82
N PRO G 114 26.19 -21.63 -7.34
CA PRO G 114 25.49 -20.67 -6.50
C PRO G 114 24.39 -21.32 -5.67
N SER G 115 24.23 -20.82 -4.44
CA SER G 115 23.22 -21.29 -3.50
C SER G 115 23.29 -22.80 -3.32
N THR G 116 22.19 -23.42 -2.93
CA THR G 116 22.14 -24.86 -2.77
C THR G 116 20.69 -25.32 -2.78
N ARG G 117 20.48 -26.53 -3.30
CA ARG G 117 19.20 -27.21 -3.21
C ARG G 117 19.17 -28.21 -2.06
N LEU G 118 20.28 -28.38 -1.34
CA LEU G 118 20.39 -29.33 -0.25
C LEU G 118 20.52 -28.58 1.07
N LEU G 119 19.65 -28.90 2.01
CA LEU G 119 19.64 -28.25 3.31
C LEU G 119 20.36 -29.12 4.33
N PRO G 120 21.27 -28.56 5.12
CA PRO G 120 22.10 -29.39 6.00
C PRO G 120 21.38 -29.76 7.27
N PRO G 121 21.51 -31.01 7.72
CA PRO G 121 21.01 -31.37 9.05
C PRO G 121 21.84 -30.69 10.14
N VAL G 122 21.20 -30.47 11.29
CA VAL G 122 21.83 -29.69 12.35
C VAL G 122 22.88 -30.48 13.12
N VAL G 123 22.86 -31.81 13.03
CA VAL G 123 23.75 -32.61 13.87
C VAL G 123 25.11 -32.81 13.20
N GLU G 124 25.19 -32.65 11.88
CA GLU G 124 26.42 -32.93 11.14
C GLU G 124 27.14 -31.69 10.64
N ALA G 125 26.49 -30.54 10.58
CA ALA G 125 27.09 -29.34 10.03
C ALA G 125 28.08 -28.72 11.02
N ARG G 126 29.18 -28.19 10.49
CA ARG G 126 30.17 -27.47 11.28
C ARG G 126 30.56 -26.17 10.59
N VAL G 127 30.99 -25.20 11.38
CA VAL G 127 31.38 -23.88 10.89
C VAL G 127 32.82 -23.62 11.28
N TYR G 128 33.63 -23.19 10.31
CA TYR G 128 35.06 -22.96 10.51
C TYR G 128 35.42 -21.55 10.05
N ARG G 129 36.44 -21.00 10.69
CA ARG G 129 37.00 -19.71 10.29
C ARG G 129 37.90 -19.88 9.07
N MET G 130 37.83 -18.92 8.15
CA MET G 130 38.59 -19.00 6.92
C MET G 130 39.98 -18.40 7.09
N THR G 131 40.98 -19.07 6.53
CA THR G 131 42.34 -18.58 6.55
C THR G 131 42.60 -17.66 5.38
N GLU G 132 43.78 -17.02 5.38
CA GLU G 132 44.10 -16.06 4.34
C GLU G 132 44.20 -16.71 2.97
N GLU G 133 44.82 -17.89 2.89
CA GLU G 133 44.91 -18.59 1.61
C GLU G 133 43.53 -19.00 1.11
N GLU G 134 42.65 -19.46 2.01
CA GLU G 134 41.30 -19.81 1.63
C GLU G 134 40.56 -18.61 1.05
N LEU G 135 40.68 -17.44 1.70
CA LEU G 135 40.05 -16.23 1.18
C LEU G 135 40.63 -15.82 -0.16
N GLN G 136 41.96 -15.94 -0.31
CA GLN G 136 42.59 -15.59 -1.58
C GLN G 136 42.08 -16.48 -2.71
N ARG G 137 41.92 -17.78 -2.44
CA ARG G 137 41.39 -18.68 -3.45
C ARG G 137 39.89 -18.46 -3.67
N LEU G 138 39.17 -17.98 -2.65
CA LEU G 138 37.74 -17.76 -2.79
C LEU G 138 37.45 -16.54 -3.64
N LEU G 139 38.21 -15.45 -3.46
CA LEU G 139 38.01 -14.27 -4.30
C LEU G 139 38.40 -14.50 -5.75
N ALA G 140 39.09 -15.59 -6.07
CA ALA G 140 39.45 -15.90 -7.44
C ALA G 140 38.40 -16.77 -8.14
N ALA G 141 37.37 -17.21 -7.42
CA ALA G 141 36.34 -18.04 -8.02
C ALA G 141 35.44 -17.21 -8.93
N GLU G 142 34.88 -17.88 -9.95
CA GLU G 142 33.98 -17.22 -10.88
C GLU G 142 33.11 -18.28 -11.54
N VAL G 143 32.03 -17.82 -12.18
CA VAL G 143 31.05 -18.70 -12.80
C VAL G 143 31.51 -19.09 -14.20
N ARG G 144 31.56 -20.39 -14.47
CA ARG G 144 31.78 -20.90 -15.81
C ARG G 144 30.87 -22.10 -16.02
N THR G 145 30.83 -22.60 -17.26
CA THR G 145 29.76 -23.52 -17.66
C THR G 145 29.75 -24.83 -16.89
N SER G 146 30.72 -25.71 -17.16
CA SER G 146 30.90 -26.96 -16.43
C SER G 146 32.12 -27.69 -16.97
N GLY G 147 32.83 -28.41 -16.09
CA GLY G 147 33.93 -29.27 -16.48
C GLY G 147 34.91 -28.66 -17.47
N SER G 148 35.02 -27.33 -17.47
CA SER G 148 35.86 -26.60 -18.40
C SER G 148 37.11 -26.09 -17.67
N VAL G 149 37.97 -25.43 -18.44
CA VAL G 149 39.23 -24.93 -17.91
C VAL G 149 39.17 -23.41 -17.82
N LYS G 150 40.01 -22.86 -16.96
CA LYS G 150 40.05 -21.41 -16.76
C LYS G 150 40.54 -20.71 -18.02
N ALA G 151 40.11 -19.46 -18.18
CA ALA G 151 40.36 -18.73 -19.42
C ALA G 151 41.61 -17.86 -19.37
N GLU G 152 41.96 -17.32 -18.20
CA GLU G 152 43.10 -16.43 -17.98
C GLU G 152 43.21 -15.36 -19.07
N GLY G 153 44.42 -14.95 -19.43
CA GLY G 153 44.59 -13.98 -20.48
C GLY G 153 45.43 -12.77 -20.10
N LYS G 154 44.81 -11.60 -20.07
CA LYS G 154 45.52 -10.35 -19.86
C LYS G 154 46.04 -10.24 -18.43
N ARG G 155 46.80 -9.17 -18.19
CA ARG G 155 47.28 -8.88 -16.85
C ARG G 155 46.15 -8.37 -15.97
N ARG G 156 46.41 -8.37 -14.67
CA ARG G 156 45.46 -7.85 -13.69
C ARG G 156 46.21 -6.94 -12.71
N TYR G 157 45.51 -5.91 -12.24
CA TYR G 157 46.08 -4.92 -11.34
C TYR G 157 45.32 -4.93 -10.02
N ALA G 158 46.04 -4.70 -8.92
CA ALA G 158 45.41 -4.65 -7.62
C ALA G 158 44.49 -3.43 -7.53
N PHE G 159 43.31 -3.64 -6.96
CA PHE G 159 42.33 -2.58 -6.78
C PHE G 159 42.10 -2.20 -5.33
N GLY G 160 42.20 -3.16 -4.42
CA GLY G 160 41.97 -2.91 -3.01
C GLY G 160 42.13 -4.22 -2.26
N HIS G 161 41.88 -4.16 -0.96
CA HIS G 161 42.00 -5.36 -0.13
C HIS G 161 40.77 -5.52 0.76
N LEU G 162 40.53 -6.77 1.16
CA LEU G 162 39.34 -7.12 1.90
C LEU G 162 39.32 -6.46 3.28
N ALA G 163 38.15 -6.00 3.69
CA ALA G 163 37.98 -5.38 5.00
C ALA G 163 36.52 -5.54 5.43
N TYR G 164 36.32 -5.58 6.74
CA TYR G 164 35.01 -5.75 7.33
C TYR G 164 34.61 -4.53 8.14
N GLY G 165 34.88 -3.35 7.60
CA GLY G 165 34.61 -2.10 8.29
C GLY G 165 35.86 -1.53 8.93
N LEU G 166 35.68 -0.79 10.03
CA LEU G 166 36.79 -0.24 10.78
C LEU G 166 37.12 -1.06 12.03
N GLU G 167 36.51 -2.24 12.17
CA GLU G 167 36.78 -3.10 13.32
C GLU G 167 38.19 -3.65 13.26
N GLU G 168 38.85 -3.69 14.41
CA GLU G 168 40.18 -4.26 14.49
C GLU G 168 40.13 -5.77 14.26
N GLY G 169 41.08 -6.28 13.48
CA GLY G 169 41.12 -7.68 13.13
C GLY G 169 40.24 -8.07 11.96
N GLY G 170 39.49 -7.14 11.38
CA GLY G 170 38.67 -7.44 10.23
C GLY G 170 39.28 -6.94 8.94
N GLU G 171 40.57 -6.63 8.97
CA GLU G 171 41.28 -6.12 7.81
C GLU G 171 42.31 -7.15 7.35
N TYR G 172 42.35 -7.39 6.03
CA TYR G 172 43.23 -8.40 5.44
C TYR G 172 44.02 -7.75 4.30
N PRO G 173 45.13 -7.09 4.63
CA PRO G 173 45.92 -6.43 3.58
C PRO G 173 46.50 -7.38 2.55
N GLU G 174 46.64 -8.67 2.87
CA GLU G 174 47.22 -9.64 1.96
C GLU G 174 46.19 -10.30 1.05
N VAL G 175 44.90 -9.99 1.23
CA VAL G 175 43.86 -10.48 0.34
C VAL G 175 43.44 -9.35 -0.58
N VAL G 176 44.07 -9.26 -1.74
CA VAL G 176 43.82 -8.18 -2.68
C VAL G 176 42.92 -8.70 -3.79
N LYS G 177 42.24 -7.77 -4.46
CA LYS G 177 41.36 -8.10 -5.57
C LYS G 177 41.97 -7.57 -6.87
N GLU G 178 42.20 -8.47 -7.81
CA GLU G 178 42.82 -8.13 -9.08
C GLU G 178 41.75 -7.86 -10.13
N VAL G 179 41.87 -6.74 -10.83
CA VAL G 179 40.92 -6.33 -11.85
C VAL G 179 41.65 -6.21 -13.18
N ASP G 180 41.01 -6.71 -14.23
CA ASP G 180 41.46 -6.51 -15.60
C ASP G 180 40.84 -5.22 -16.15
N PRO G 181 41.64 -4.28 -16.64
CA PRO G 181 41.06 -3.00 -17.12
C PRO G 181 40.08 -3.16 -18.27
N ALA G 182 40.00 -4.33 -18.90
CA ALA G 182 39.03 -4.56 -19.96
C ALA G 182 37.59 -4.55 -19.46
N LEU G 183 37.38 -4.60 -18.14
CA LEU G 183 36.04 -4.54 -17.57
C LEU G 183 35.40 -3.16 -17.74
N PHE G 184 36.18 -2.14 -18.09
CA PHE G 184 35.67 -0.78 -18.22
C PHE G 184 35.68 -0.29 -19.67
N VAL G 185 36.05 -1.15 -20.61
CA VAL G 185 36.14 -0.77 -22.02
C VAL G 185 34.85 -1.21 -22.71
N GLY G 186 34.04 -0.22 -23.11
CA GLY G 186 32.82 -0.49 -23.84
C GLY G 186 31.62 -0.84 -22.99
N ARG G 187 31.77 -0.90 -21.67
CA ARG G 187 30.69 -1.27 -20.76
C ARG G 187 30.26 -0.06 -19.94
N ARG G 188 29.30 -0.28 -19.05
CA ARG G 188 28.73 0.77 -18.22
C ARG G 188 29.20 0.58 -16.78
N THR G 189 29.69 1.67 -16.18
CA THR G 189 30.16 1.67 -14.81
C THR G 189 29.42 2.74 -14.03
N ALA G 190 28.94 2.37 -12.83
CA ALA G 190 28.20 3.27 -11.97
C ALA G 190 28.99 3.50 -10.68
N ASN G 191 29.08 4.75 -10.26
CA ASN G 191 29.78 5.12 -9.02
C ASN G 191 28.77 5.79 -8.10
N PHE G 192 28.37 5.09 -7.04
CA PHE G 192 27.37 5.58 -6.12
C PHE G 192 27.99 5.89 -4.76
N GLY G 193 27.49 6.94 -4.13
CA GLY G 193 27.96 7.38 -2.83
C GLY G 193 27.83 8.88 -2.71
N LYS G 194 27.85 9.34 -1.46
CA LYS G 194 27.73 10.77 -1.21
C LYS G 194 29.09 11.46 -1.34
N THR G 195 29.05 12.78 -1.40
CA THR G 195 30.25 13.55 -1.68
C THR G 195 31.25 13.47 -0.54
N GLY G 196 32.52 13.31 -0.90
CA GLY G 196 33.59 13.29 0.08
C GLY G 196 33.92 11.94 0.67
N PHE G 197 33.49 10.84 0.03
CA PHE G 197 33.74 9.52 0.58
C PHE G 197 34.51 8.62 -0.37
N GLY G 198 35.13 9.16 -1.42
CA GLY G 198 36.06 8.37 -2.21
C GLY G 198 35.71 8.16 -3.66
N LYS G 199 34.81 8.99 -4.21
CA LYS G 199 34.44 8.84 -5.61
C LYS G 199 35.56 9.26 -6.54
N SER G 200 36.18 10.42 -6.27
CA SER G 200 37.19 10.95 -7.17
C SER G 200 38.41 10.05 -7.22
N ASN G 201 38.83 9.50 -6.08
CA ASN G 201 39.97 8.59 -6.06
C ASN G 201 39.72 7.35 -6.91
N GLU G 202 38.54 6.75 -6.77
CA GLU G 202 38.21 5.59 -7.57
C GLU G 202 38.17 5.91 -9.05
N ASN G 203 37.55 7.04 -9.42
CA ASN G 203 37.48 7.42 -10.82
C ASN G 203 38.88 7.65 -11.39
N LYS G 204 39.74 8.33 -10.64
CA LYS G 204 41.09 8.59 -11.12
C LYS G 204 41.91 7.30 -11.24
N VAL G 205 41.73 6.38 -10.30
CA VAL G 205 42.43 5.09 -10.40
C VAL G 205 41.98 4.33 -11.64
N ILE G 206 40.66 4.30 -11.89
CA ILE G 206 40.14 3.60 -13.06
C ILE G 206 40.69 4.22 -14.34
N LEU G 207 40.68 5.56 -14.41
CA LEU G 207 41.16 6.23 -15.63
C LEU G 207 42.65 6.02 -15.82
N THR G 208 43.44 6.05 -14.75
CA THR G 208 44.88 5.81 -14.87
C THR G 208 45.15 4.38 -15.34
N LEU G 209 44.43 3.40 -14.79
CA LEU G 209 44.60 2.02 -15.24
C LEU G 209 44.23 1.87 -16.71
N LEU G 210 43.12 2.49 -17.12
CA LEU G 210 42.70 2.40 -18.52
C LEU G 210 43.73 3.05 -19.45
N ALA G 211 44.27 4.20 -19.06
CA ALA G 211 45.28 4.86 -19.88
C ALA G 211 46.55 4.03 -19.98
N HIS G 212 46.98 3.42 -18.87
CA HIS G 212 48.19 2.62 -18.89
C HIS G 212 48.01 1.34 -19.71
N ALA G 213 46.86 0.69 -19.58
CA ALA G 213 46.66 -0.62 -20.18
C ALA G 213 46.13 -0.56 -21.61
N PHE G 214 45.35 0.46 -21.96
CA PHE G 214 44.71 0.55 -23.27
C PHE G 214 45.02 1.91 -23.89
N PRO G 215 46.20 2.05 -24.51
CA PRO G 215 46.56 3.33 -25.13
C PRO G 215 45.80 3.66 -26.40
N ARG G 216 44.99 2.73 -26.92
CA ARG G 216 44.24 2.96 -28.15
C ARG G 216 42.82 3.46 -27.90
N VAL G 217 42.43 3.68 -26.65
CA VAL G 217 41.08 4.08 -26.29
C VAL G 217 41.12 5.49 -25.74
N GLY G 218 40.25 6.36 -26.25
CA GLY G 218 40.18 7.73 -25.81
C GLY G 218 39.14 7.97 -24.73
N MET G 219 39.19 9.17 -24.16
CA MET G 219 38.28 9.55 -23.08
C MET G 219 37.71 10.94 -23.34
N LEU G 220 36.43 11.10 -23.02
CA LEU G 220 35.75 12.38 -23.01
C LEU G 220 35.22 12.59 -21.59
N ILE G 221 35.87 13.47 -20.83
CA ILE G 221 35.55 13.71 -19.44
C ILE G 221 34.75 15.01 -19.34
N LEU G 222 33.55 14.94 -18.78
CA LEU G 222 32.74 16.14 -18.57
C LEU G 222 32.94 16.58 -17.13
N ASP G 223 33.93 17.45 -16.92
CA ASP G 223 34.38 17.84 -15.59
C ASP G 223 33.56 19.05 -15.12
N GLN G 224 32.48 18.78 -14.38
CA GLN G 224 31.66 19.85 -13.85
C GLN G 224 32.26 20.50 -12.61
N ASN G 225 33.19 19.82 -11.94
CA ASN G 225 33.80 20.33 -10.72
C ASN G 225 35.25 20.74 -10.89
N ALA G 226 35.82 20.57 -12.08
CA ALA G 226 37.21 20.95 -12.37
C ALA G 226 38.17 20.30 -11.38
N GLU G 227 38.21 18.97 -11.41
CA GLU G 227 39.00 18.20 -10.46
C GLU G 227 39.85 17.11 -11.08
N TYR G 228 39.77 16.90 -12.39
CA TYR G 228 40.45 15.76 -13.01
C TYR G 228 41.81 16.10 -13.62
N LEU G 229 42.07 17.37 -13.93
CA LEU G 229 43.38 17.73 -14.49
C LEU G 229 44.42 17.91 -13.39
N LEU G 230 44.20 18.88 -12.51
CA LEU G 230 45.09 19.15 -11.38
C LEU G 230 44.27 19.07 -10.10
N GLN G 231 44.80 18.37 -9.10
CA GLN G 231 44.04 18.19 -7.86
C GLN G 231 44.92 18.33 -6.62
N THR G 232 45.97 19.15 -6.69
CA THR G 232 46.72 19.44 -5.47
C THR G 232 45.80 20.16 -4.50
N GLU G 233 45.39 21.38 -4.85
CA GLU G 233 44.29 22.12 -4.22
C GLU G 233 44.24 21.90 -2.70
N ALA G 234 45.40 22.07 -2.06
CA ALA G 234 45.63 21.91 -0.63
C ALA G 234 45.53 20.47 -0.16
N THR G 235 45.20 19.53 -1.05
CA THR G 235 45.20 18.11 -0.73
C THR G 235 46.44 17.47 -1.34
N THR G 236 46.50 16.13 -1.29
CA THR G 236 47.65 15.40 -1.81
C THR G 236 47.31 14.50 -2.99
N SER G 237 46.06 14.38 -3.37
CA SER G 237 45.68 13.48 -4.46
C SER G 237 46.04 14.10 -5.80
N PRO G 238 46.90 13.48 -6.60
CA PRO G 238 47.27 14.06 -7.90
C PRO G 238 46.14 13.93 -8.91
N GLY G 239 46.18 14.83 -9.89
CA GLY G 239 45.24 14.78 -11.01
C GLY G 239 45.73 13.86 -12.11
N LEU G 240 44.94 13.83 -13.19
CA LEU G 240 45.29 12.97 -14.32
C LEU G 240 46.56 13.45 -15.02
N ALA G 241 46.76 14.77 -15.09
CA ALA G 241 47.96 15.30 -15.72
C ALA G 241 49.21 14.89 -14.96
N GLN G 242 49.18 15.02 -13.63
CA GLN G 242 50.33 14.63 -12.83
C GLN G 242 50.56 13.13 -12.85
N ALA G 243 49.48 12.34 -12.85
CA ALA G 243 49.62 10.89 -12.96
C ALA G 243 50.24 10.51 -14.30
N PHE G 244 49.81 11.16 -15.38
CA PHE G 244 50.39 10.88 -16.70
C PHE G 244 51.86 11.27 -16.73
N LYS G 245 52.21 12.40 -16.12
CA LYS G 245 53.61 12.81 -16.07
C LYS G 245 54.44 11.80 -15.28
N ALA G 246 53.90 11.28 -14.18
CA ALA G 246 54.60 10.25 -13.42
C ALA G 246 54.78 8.99 -14.24
N LEU G 247 53.75 8.60 -15.00
CA LEU G 247 53.81 7.40 -15.82
C LEU G 247 54.56 7.60 -17.12
N GLY G 248 54.99 8.82 -17.42
CA GLY G 248 55.69 9.08 -18.67
C GLY G 248 54.82 8.95 -19.91
N ILE G 249 53.60 9.47 -19.86
CA ILE G 249 52.69 9.47 -21.00
C ILE G 249 52.67 10.88 -21.57
N ARG G 250 53.06 11.02 -22.84
CA ARG G 250 53.26 12.31 -23.47
C ARG G 250 52.23 12.55 -24.57
N GLY G 251 51.74 13.78 -24.64
CA GLY G 251 50.90 14.20 -25.76
C GLY G 251 49.59 13.47 -25.92
N ARG G 252 48.89 13.22 -24.81
CA ARG G 252 47.61 12.55 -24.86
C ARG G 252 46.46 13.35 -24.26
N ILE G 253 46.75 14.39 -23.47
CA ILE G 253 45.72 15.18 -22.81
C ILE G 253 45.51 16.45 -23.61
N ARG G 254 44.25 16.71 -24.00
CA ARG G 254 43.87 17.93 -24.69
C ARG G 254 42.82 18.63 -23.83
N PHE G 255 43.21 19.75 -23.23
CA PHE G 255 42.38 20.43 -22.24
C PHE G 255 41.74 21.66 -22.87
N TYR G 256 40.41 21.74 -22.77
CA TYR G 256 39.63 22.83 -23.35
C TYR G 256 39.10 23.71 -22.23
N THR G 257 39.38 25.01 -22.31
CA THR G 257 38.95 25.94 -21.27
C THR G 257 38.80 27.33 -21.87
N ALA G 258 38.03 28.16 -21.17
CA ALA G 258 37.86 29.56 -21.52
C ALA G 258 38.75 30.48 -20.68
N ARG G 259 39.63 29.90 -19.87
CA ARG G 259 40.53 30.62 -18.97
C ARG G 259 41.96 30.14 -19.19
N GLU G 260 42.39 30.13 -20.45
CA GLU G 260 43.65 29.50 -20.83
C GLU G 260 44.83 30.05 -20.04
N GLU G 261 44.83 31.35 -19.74
CA GLU G 261 45.97 31.96 -19.07
C GLU G 261 46.13 31.44 -17.65
N ALA G 262 45.05 31.44 -16.87
CA ALA G 262 45.12 30.97 -15.49
C ALA G 262 45.45 29.49 -15.41
N TRP G 263 44.86 28.68 -16.29
CA TRP G 263 45.15 27.25 -16.27
C TRP G 263 46.56 26.97 -16.73
N ALA G 264 47.09 27.76 -17.67
CA ALA G 264 48.49 27.63 -18.05
C ALA G 264 49.40 27.99 -16.88
N ARG G 265 49.04 29.01 -16.12
CA ARG G 265 49.80 29.37 -14.93
C ARG G 265 49.82 28.22 -13.93
N ARG G 266 48.65 27.63 -13.68
CA ARG G 266 48.57 26.50 -12.75
C ARG G 266 49.38 25.30 -13.23
N LEU G 267 49.30 25.00 -14.54
CA LEU G 267 50.05 23.89 -15.09
C LEU G 267 51.56 24.13 -15.01
N LYS G 268 51.99 25.37 -15.25
CA LYS G 268 53.40 25.70 -15.09
C LYS G 268 53.84 25.54 -13.64
N GLU G 269 52.99 25.95 -12.70
CA GLU G 269 53.32 25.81 -11.29
C GLU G 269 53.45 24.35 -10.89
N HIS G 270 52.56 23.49 -11.38
CA HIS G 270 52.52 22.11 -10.89
C HIS G 270 53.41 21.16 -11.68
N LEU G 271 53.28 21.13 -13.00
CA LEU G 271 54.01 20.17 -13.83
C LEU G 271 55.42 20.61 -14.20
N GLY G 272 55.76 21.87 -13.98
CA GLY G 272 57.08 22.36 -14.29
C GLY G 272 57.16 23.08 -15.62
N THR G 273 58.40 23.22 -16.10
CA THR G 273 58.64 23.96 -17.34
C THR G 273 58.22 23.16 -18.56
N GLU G 274 58.26 21.83 -18.49
CA GLU G 274 57.93 20.98 -19.62
C GLU G 274 56.48 20.50 -19.59
N TRP G 275 55.58 21.32 -19.04
CA TRP G 275 54.17 20.94 -18.97
C TRP G 275 53.52 20.86 -20.34
N ARG G 276 54.11 21.51 -21.36
CA ARG G 276 53.55 21.45 -22.71
C ARG G 276 53.76 20.11 -23.39
N GLU G 277 54.60 19.24 -22.83
CA GLU G 277 54.78 17.91 -23.38
C GLU G 277 53.69 16.94 -22.95
N TYR G 278 52.87 17.30 -21.97
CA TYR G 278 51.84 16.41 -21.44
C TYR G 278 50.43 16.94 -21.63
N VAL G 279 50.22 18.24 -21.48
CA VAL G 279 48.88 18.83 -21.53
C VAL G 279 48.88 19.90 -22.61
N GLU G 280 47.80 19.94 -23.39
CA GLU G 280 47.58 20.95 -24.42
C GLU G 280 46.35 21.75 -24.06
N VAL G 281 46.50 23.08 -23.99
CA VAL G 281 45.42 23.98 -23.61
C VAL G 281 44.85 24.62 -24.86
N LEU G 282 43.54 24.52 -25.05
CA LEU G 282 42.87 24.98 -26.25
C LEU G 282 41.67 25.85 -25.89
N PRO G 283 41.31 26.79 -26.75
CA PRO G 283 40.19 27.69 -26.44
C PRO G 283 38.85 26.97 -26.54
N LEU G 284 37.81 27.67 -26.09
CA LEU G 284 36.45 27.14 -26.00
C LEU G 284 35.45 28.16 -26.56
N LYS G 285 35.75 28.71 -27.73
CA LYS G 285 34.94 29.78 -28.31
C LYS G 285 34.52 29.41 -29.73
N VAL G 286 33.44 30.04 -30.19
CA VAL G 286 32.85 29.78 -31.48
C VAL G 286 32.61 31.10 -32.21
N ASP G 287 32.90 31.12 -33.50
CA ASP G 287 32.59 32.27 -34.36
C ASP G 287 31.16 32.12 -34.85
N PHE G 288 30.25 32.92 -34.29
CA PHE G 288 28.84 32.78 -34.62
C PHE G 288 28.48 33.37 -35.98
N TYR G 289 29.39 34.10 -36.62
CA TYR G 289 29.15 34.56 -37.98
C TYR G 289 29.34 33.46 -39.01
N HIS G 290 30.04 32.38 -38.64
CA HIS G 290 30.21 31.22 -39.51
C HIS G 290 29.34 30.05 -39.14
N PHE G 291 28.80 30.02 -37.91
CA PHE G 291 27.89 28.97 -37.46
C PHE G 291 26.67 29.61 -36.80
N PRO G 292 25.82 30.26 -37.60
CA PRO G 292 24.62 30.89 -37.02
C PRO G 292 23.64 29.91 -36.41
N GLU G 293 23.69 28.64 -36.79
CA GLU G 293 22.79 27.66 -36.20
C GLU G 293 23.08 27.46 -34.72
N LEU G 294 24.35 27.54 -34.32
CA LEU G 294 24.69 27.47 -32.91
C LEU G 294 24.08 28.64 -32.14
N ALA G 295 24.15 29.84 -32.72
CA ALA G 295 23.56 31.01 -32.08
C ALA G 295 22.04 30.86 -31.95
N VAL G 296 21.39 30.39 -33.02
CA VAL G 296 19.94 30.23 -32.99
C VAL G 296 19.53 29.18 -31.95
N ALA G 297 20.28 28.08 -31.89
CA ALA G 297 19.98 27.05 -30.90
C ALA G 297 20.19 27.54 -29.47
N LEU G 298 21.27 28.32 -29.26
CA LEU G 298 21.50 28.91 -27.94
C LEU G 298 20.37 29.85 -27.53
N ALA G 299 19.91 30.69 -28.45
CA ALA G 299 18.85 31.64 -28.12
C ALA G 299 17.52 30.91 -27.91
N TYR G 300 17.25 29.88 -28.70
CA TYR G 300 15.95 29.23 -28.66
C TYR G 300 15.74 28.45 -27.36
N GLN G 301 16.77 27.75 -26.90
CA GLN G 301 16.66 26.84 -25.75
C GLN G 301 17.16 27.48 -24.47
N ARG G 302 16.88 28.77 -24.26
CA ARG G 302 17.38 29.48 -23.09
C ARG G 302 16.53 29.14 -21.88
N ARG G 303 16.71 29.93 -20.80
CA ARG G 303 16.27 29.50 -19.48
C ARG G 303 14.75 29.36 -19.40
N ARG G 304 14.01 30.35 -19.89
CA ARG G 304 12.54 30.34 -19.91
C ARG G 304 11.97 30.18 -18.49
N LEU G 305 12.21 31.23 -17.70
CA LEU G 305 11.75 31.26 -16.32
C LEU G 305 10.24 31.03 -16.23
N GLN G 306 9.81 30.50 -15.09
CA GLN G 306 8.41 30.14 -14.83
C GLN G 306 7.98 29.14 -15.91
N GLY G 307 6.75 29.23 -16.42
CA GLY G 307 6.38 28.41 -17.54
C GLY G 307 7.07 28.87 -18.82
N ALA G 308 7.38 27.91 -19.68
CA ALA G 308 8.09 28.21 -20.91
C ALA G 308 7.22 29.08 -21.83
N GLU G 309 7.83 30.09 -22.43
CA GLU G 309 7.17 30.99 -23.38
C GLU G 309 8.06 31.16 -24.60
N PRO G 310 8.15 30.14 -25.45
CA PRO G 310 9.04 30.22 -26.62
C PRO G 310 8.45 31.13 -27.68
N PRO G 311 9.17 32.17 -28.08
CA PRO G 311 8.64 33.08 -29.10
C PRO G 311 8.53 32.41 -30.46
N GLN G 312 7.61 32.92 -31.28
CA GLN G 312 7.33 32.31 -32.58
C GLN G 312 8.48 32.51 -33.56
N TYR G 313 9.06 33.72 -33.58
CA TYR G 313 10.14 33.98 -34.54
C TYR G 313 11.37 33.13 -34.26
N LEU G 314 11.69 32.92 -32.98
CA LEU G 314 12.82 32.06 -32.63
C LEU G 314 12.59 30.64 -33.11
N GLU G 315 11.38 30.12 -32.92
CA GLU G 315 11.06 28.77 -33.40
C GLU G 315 11.15 28.70 -34.93
N ASN G 316 10.63 29.72 -35.62
CA ASN G 316 10.68 29.74 -37.07
C ASN G 316 12.13 29.72 -37.56
N ALA G 317 12.99 30.54 -36.94
CA ALA G 317 14.41 30.51 -37.30
C ALA G 317 15.03 29.16 -36.98
N PHE G 318 14.72 28.60 -35.82
CA PHE G 318 15.30 27.33 -35.41
C PHE G 318 14.93 26.19 -36.34
N TYR G 319 13.77 26.29 -36.98
CA TYR G 319 13.33 25.24 -37.89
C TYR G 319 13.57 25.55 -39.37
N ASN G 320 13.89 26.80 -39.73
CA ASN G 320 14.06 27.15 -41.13
C ASN G 320 15.37 27.85 -41.45
N LEU G 321 16.35 27.83 -40.54
CA LEU G 321 17.62 28.51 -40.83
C LEU G 321 18.37 27.81 -41.95
N GLU G 322 18.28 26.48 -42.03
CA GLU G 322 18.92 25.76 -43.12
C GLU G 322 18.34 26.17 -44.46
N ASP G 323 17.03 26.33 -44.55
CA ASP G 323 16.42 26.83 -45.77
C ASP G 323 16.84 28.27 -46.06
N TRP G 324 16.88 29.12 -45.02
CA TRP G 324 17.27 30.51 -45.21
C TRP G 324 18.71 30.65 -45.69
N LYS G 325 19.56 29.66 -45.39
CA LYS G 325 20.97 29.74 -45.75
C LYS G 325 21.18 29.84 -47.26
N HIS G 326 20.21 29.44 -48.07
CA HIS G 326 20.34 29.49 -49.52
C HIS G 326 19.70 30.73 -50.14
N ILE G 327 19.15 31.62 -49.32
CA ILE G 327 18.59 32.88 -49.78
C ILE G 327 19.39 34.01 -49.15
N PRO G 328 20.29 34.66 -49.91
CA PRO G 328 21.25 35.58 -49.29
C PRO G 328 20.63 36.77 -48.58
N ASP G 329 19.61 37.40 -49.14
CA ASP G 329 19.05 38.59 -48.50
C ASP G 329 18.23 38.24 -47.27
N ARG G 330 17.82 36.98 -47.11
CA ARG G 330 17.26 36.54 -45.84
C ARG G 330 18.35 36.30 -44.81
N MET G 331 19.52 35.83 -45.25
CA MET G 331 20.67 35.71 -44.36
C MET G 331 21.19 37.08 -43.92
N ALA G 332 20.94 38.11 -44.73
CA ALA G 332 21.36 39.46 -44.36
C ALA G 332 20.72 39.90 -43.04
N TYR G 333 19.44 39.54 -42.85
CA TYR G 333 18.77 39.89 -41.60
C TYR G 333 19.40 39.18 -40.40
N VAL G 334 19.75 37.90 -40.57
CA VAL G 334 20.39 37.16 -39.47
C VAL G 334 21.74 37.78 -39.13
N TYR G 335 22.54 38.10 -40.14
CA TYR G 335 23.84 38.72 -39.89
C TYR G 335 23.68 40.09 -39.26
N GLY G 336 22.67 40.85 -39.70
CA GLY G 336 22.43 42.16 -39.10
C GLY G 336 22.00 42.07 -37.66
N ALA G 337 21.16 41.08 -37.32
CA ALA G 337 20.78 40.87 -35.93
C ALA G 337 21.99 40.50 -35.09
N LEU G 338 22.86 39.62 -35.61
CA LEU G 338 24.07 39.27 -34.89
C LEU G 338 24.97 40.49 -34.69
N ARG G 339 25.03 41.38 -35.68
CA ARG G 339 25.85 42.57 -35.56
C ARG G 339 25.26 43.54 -34.54
N LYS G 340 23.93 43.73 -34.56
CA LYS G 340 23.27 44.61 -33.61
C LYS G 340 23.35 44.07 -32.18
N ALA G 341 23.49 42.75 -32.02
CA ALA G 341 23.68 42.19 -30.69
C ALA G 341 24.97 42.69 -30.05
N GLY G 342 26.03 42.79 -30.84
CA GLY G 342 27.30 43.27 -30.32
C GLY G 342 28.46 42.34 -30.64
N LEU G 343 28.22 41.37 -31.52
CA LEU G 343 29.25 40.41 -31.90
C LEU G 343 30.13 41.05 -32.96
N THR G 344 31.39 41.29 -32.61
CA THR G 344 32.32 41.88 -33.57
C THR G 344 32.64 40.88 -34.68
N PRO G 345 32.64 41.32 -35.93
CA PRO G 345 32.92 40.42 -37.05
C PRO G 345 34.40 40.44 -37.43
N ARG G 346 34.78 39.49 -38.27
CA ARG G 346 36.13 39.46 -38.81
C ARG G 346 36.26 40.48 -39.94
N LYS G 347 37.50 40.81 -40.27
CA LYS G 347 37.77 41.80 -41.30
C LYS G 347 37.52 41.21 -42.68
N GLY G 348 36.77 41.93 -43.50
CA GLY G 348 36.51 41.53 -44.87
C GLY G 348 35.22 40.78 -45.11
N LEU G 349 34.33 40.71 -44.12
CA LEU G 349 33.07 39.98 -44.30
C LEU G 349 32.12 40.79 -45.18
N LYS G 350 31.48 40.11 -46.12
CA LYS G 350 30.58 40.75 -47.08
C LYS G 350 29.26 39.98 -47.14
N ILE G 351 28.17 40.71 -47.34
CA ILE G 351 26.84 40.13 -47.47
C ILE G 351 26.17 40.72 -48.71
N LYS G 352 25.07 40.08 -49.12
CA LYS G 352 24.46 40.39 -50.40
C LYS G 352 23.02 40.88 -50.27
N TYR G 353 22.79 41.82 -49.36
CA TYR G 353 21.46 42.41 -49.24
C TYR G 353 21.05 43.06 -50.55
N LYS G 354 19.80 42.82 -50.96
CA LYS G 354 19.28 43.26 -52.25
C LYS G 354 20.22 42.79 -53.36
N ASN G 355 20.97 43.72 -53.95
CA ASN G 355 22.02 43.38 -54.89
C ASN G 355 23.31 44.16 -54.63
N GLU G 356 23.31 45.07 -53.65
CA GLU G 356 24.49 45.84 -53.31
C GLU G 356 25.31 45.11 -52.26
N ASN G 357 26.63 45.24 -52.34
CA ASN G 357 27.56 44.57 -51.44
C ASN G 357 28.10 45.56 -50.43
N TYR G 358 28.05 45.20 -49.15
CA TYR G 358 28.51 46.04 -48.06
C TYR G 358 29.61 45.33 -47.27
N ASP G 359 30.15 46.04 -46.28
CA ASP G 359 31.14 45.50 -45.36
C ASP G 359 30.68 45.83 -43.95
N ILE G 360 30.04 44.85 -43.28
CA ILE G 360 29.53 45.10 -41.93
C ILE G 360 30.66 45.35 -40.95
N SER G 361 31.87 44.91 -41.29
CA SER G 361 33.02 45.19 -40.43
C SER G 361 33.29 46.68 -40.34
N GLU G 362 33.21 47.38 -41.48
CA GLU G 362 33.44 48.83 -41.49
C GLU G 362 32.21 49.56 -41.00
N GLU G 363 32.43 50.65 -40.26
CA GLU G 363 31.33 51.36 -39.61
C GLU G 363 30.41 52.03 -40.63
N LYS G 364 30.99 52.73 -41.61
CA LYS G 364 30.16 53.46 -42.58
C LYS G 364 29.36 52.51 -43.46
N SER G 365 29.97 51.40 -43.87
CA SER G 365 29.24 50.42 -44.68
C SER G 365 28.14 49.76 -43.86
N TRP G 366 28.38 49.51 -42.58
CA TRP G 366 27.33 48.98 -41.71
C TRP G 366 26.19 49.98 -41.56
N GLY G 367 26.51 51.26 -41.44
CA GLY G 367 25.46 52.27 -41.39
C GLY G 367 24.67 52.34 -42.69
N ASN G 368 25.36 52.20 -43.83
CA ASN G 368 24.67 52.16 -45.11
C ASN G 368 23.76 50.95 -45.21
N LEU G 369 24.21 49.80 -44.69
CA LEU G 369 23.37 48.61 -44.67
C LEU G 369 22.13 48.84 -43.82
N GLN G 370 22.30 49.47 -42.65
CA GLN G 370 21.14 49.78 -41.81
C GLN G 370 20.18 50.72 -42.53
N GLU G 371 20.73 51.72 -43.22
CA GLU G 371 19.88 52.64 -43.98
C GLU G 371 19.09 51.89 -45.05
N ALA G 372 19.76 50.98 -45.76
CA ALA G 372 19.07 50.19 -46.77
C ALA G 372 17.98 49.32 -46.15
N MET G 373 18.26 48.73 -44.98
CA MET G 373 17.30 47.82 -44.36
C MET G 373 16.07 48.55 -43.85
N GLU G 374 16.25 49.65 -43.11
CA GLU G 374 15.12 50.33 -42.50
C GLU G 374 14.46 51.36 -43.42
N ASN G 375 15.14 51.83 -44.46
CA ASN G 375 14.53 52.84 -45.33
C ASN G 375 13.40 52.26 -46.16
N ASN G 376 13.59 51.06 -46.71
CA ASN G 376 12.58 50.44 -47.56
C ASN G 376 11.58 49.58 -46.79
N SER G 377 11.78 49.38 -45.49
CA SER G 377 10.94 48.51 -44.68
C SER G 377 9.83 49.28 -43.97
N GLN G 378 9.41 50.40 -44.52
CA GLN G 378 8.29 51.17 -43.94
C GLN G 378 6.96 50.73 -44.50
N ARG G 379 6.70 49.43 -44.47
CA ARG G 379 5.44 48.88 -44.94
C ARG G 379 4.76 47.98 -43.90
N GLY G 380 5.53 47.20 -43.15
CA GLY G 380 4.93 46.29 -42.19
C GLY G 380 4.03 45.25 -42.81
N ASP G 381 4.44 44.67 -43.93
CA ASP G 381 3.62 43.71 -44.67
C ASP G 381 4.13 42.31 -44.41
N ASN G 382 3.40 41.56 -43.57
CA ASN G 382 3.68 40.16 -43.29
C ASN G 382 5.09 39.97 -42.72
N LYS G 383 5.31 40.54 -41.53
CA LYS G 383 6.58 40.40 -40.84
C LYS G 383 6.90 38.93 -40.60
N GLY G 384 7.95 38.44 -41.25
CA GLY G 384 8.34 37.05 -41.15
C GLY G 384 9.38 36.81 -40.07
N GLY G 385 10.04 35.65 -40.17
CA GLY G 385 11.03 35.29 -39.16
C GLY G 385 12.25 36.19 -39.17
N ALA G 386 12.76 36.53 -40.35
CA ALA G 386 14.01 37.27 -40.44
C ALA G 386 13.84 38.70 -39.92
N ARG G 387 12.79 39.39 -40.35
CA ARG G 387 12.56 40.75 -39.90
C ARG G 387 12.25 40.79 -38.41
N GLU G 388 11.51 39.81 -37.91
CA GLU G 388 11.22 39.75 -36.48
C GLU G 388 12.48 39.50 -35.67
N LEU G 389 13.37 38.64 -36.16
CA LEU G 389 14.68 38.46 -35.52
C LEU G 389 15.47 39.76 -35.51
N TYR G 390 15.47 40.48 -36.63
CA TYR G 390 16.22 41.73 -36.70
C TYR G 390 15.67 42.76 -35.72
N SER G 391 14.34 42.81 -35.58
CA SER G 391 13.72 43.74 -34.64
C SER G 391 13.93 43.36 -33.19
N ARG G 392 14.40 42.14 -32.92
CA ARG G 392 14.63 41.65 -31.56
C ARG G 392 16.05 41.11 -31.43
N ALA G 393 17.03 41.90 -31.88
CA ALA G 393 18.41 41.42 -31.93
C ALA G 393 19.03 41.25 -30.55
N LYS G 394 18.55 42.01 -29.56
CA LYS G 394 19.20 42.00 -28.25
C LYS G 394 19.12 40.65 -27.57
N VAL G 395 18.24 39.75 -28.04
CA VAL G 395 18.15 38.41 -27.50
C VAL G 395 19.45 37.65 -27.71
N PHE G 396 20.30 38.10 -28.62
CA PHE G 396 21.60 37.47 -28.85
C PHE G 396 22.72 38.06 -28.00
N SER G 397 22.41 39.06 -27.16
CA SER G 397 23.45 39.79 -26.44
C SER G 397 24.28 38.86 -25.55
N PHE G 398 23.62 37.92 -24.89
CA PHE G 398 24.33 37.01 -23.99
C PHE G 398 25.35 36.14 -24.71
N LEU G 399 25.30 36.08 -26.04
CA LEU G 399 26.29 35.33 -26.80
C LEU G 399 27.63 36.04 -26.87
N ARG G 400 27.73 37.28 -26.37
CA ARG G 400 28.97 38.04 -26.49
C ARG G 400 30.12 37.39 -25.72
N ALA G 401 29.83 36.53 -24.74
CA ALA G 401 30.88 35.90 -23.95
C ALA G 401 31.60 34.80 -24.71
N PHE G 402 30.89 34.06 -25.55
CA PHE G 402 31.44 32.88 -26.21
C PHE G 402 31.89 33.13 -27.63
N HIS G 403 31.79 34.36 -28.12
CA HIS G 403 32.11 34.68 -29.50
C HIS G 403 33.59 34.99 -29.67
N ALA G 404 34.14 34.60 -30.83
CA ALA G 404 35.52 34.88 -31.17
C ALA G 404 35.68 34.93 -32.69
N PRO G 405 36.11 36.06 -33.25
CA PRO G 405 36.26 36.15 -34.70
C PRO G 405 37.27 35.16 -35.25
N GLY G 406 36.98 34.66 -36.44
CA GLY G 406 37.84 33.69 -37.10
C GLY G 406 37.03 32.85 -38.06
N LYS G 407 37.64 31.75 -38.51
CA LYS G 407 36.95 30.80 -39.36
C LYS G 407 36.92 29.39 -38.78
N GLU G 408 38.03 28.92 -38.23
CA GLU G 408 38.06 27.60 -37.57
C GLU G 408 37.78 27.71 -36.07
N ALA G 409 36.71 28.44 -35.74
CA ALA G 409 36.31 28.65 -34.35
C ALA G 409 35.10 27.77 -34.07
N ASN G 410 35.36 26.49 -33.79
CA ASN G 410 34.31 25.57 -33.36
C ASN G 410 35.00 24.44 -32.59
N PHE G 411 34.94 24.51 -31.26
CA PHE G 411 35.58 23.48 -30.45
C PHE G 411 34.87 22.14 -30.57
N LEU G 412 33.58 22.15 -30.92
CA LEU G 412 32.85 20.89 -31.12
C LEU G 412 33.45 20.09 -32.26
N GLU G 413 33.73 20.75 -33.38
CA GLU G 413 34.34 20.06 -34.52
C GLU G 413 35.75 19.59 -34.19
N THR G 414 36.50 20.39 -33.43
CA THR G 414 37.85 19.99 -33.03
C THR G 414 37.81 18.75 -32.14
N ILE G 415 36.86 18.69 -31.20
CA ILE G 415 36.72 17.52 -30.34
C ILE G 415 36.28 16.31 -31.16
N LYS G 416 35.39 16.52 -32.13
CA LYS G 416 34.97 15.42 -33.00
C LYS G 416 36.15 14.88 -33.79
N GLU G 417 37.01 15.77 -34.31
CA GLU G 417 38.20 15.33 -35.02
C GLU G 417 39.17 14.61 -34.09
N ASP G 418 39.29 15.07 -32.84
CA ASP G 418 40.18 14.43 -31.89
C ASP G 418 39.73 13.01 -31.56
N LEU G 419 38.43 12.82 -31.34
CA LEU G 419 37.94 11.54 -30.85
C LEU G 419 37.55 10.57 -31.96
N LEU G 420 37.20 11.06 -33.15
CA LEU G 420 36.73 10.17 -34.20
C LEU G 420 37.33 10.51 -35.57
N GLY G 421 38.38 11.32 -35.61
CA GLY G 421 38.98 11.66 -36.89
C GLY G 421 39.74 10.50 -37.50
N GLU G 422 39.75 10.48 -38.83
CA GLU G 422 40.47 9.42 -39.54
C GLU G 422 41.98 9.54 -39.34
N LYS G 423 42.49 10.78 -39.28
CA LYS G 423 43.91 10.98 -39.03
C LYS G 423 44.30 10.49 -37.65
N THR G 424 43.43 10.70 -36.65
CA THR G 424 43.71 10.33 -35.27
C THR G 424 43.15 8.95 -34.92
N GLU G 425 43.07 8.03 -35.87
CA GLU G 425 42.63 6.67 -35.56
C GLU G 425 43.66 6.00 -34.66
N GLY G 426 43.18 5.40 -33.58
CA GLY G 426 44.05 4.92 -32.53
C GLY G 426 44.36 6.02 -31.52
N GLU G 427 45.64 6.35 -31.36
CA GLU G 427 46.07 7.50 -30.57
C GLU G 427 45.65 7.38 -29.11
N GLY G 428 44.35 7.42 -28.86
CA GLY G 428 43.83 7.41 -27.50
C GLY G 428 43.94 8.77 -26.85
N LYS G 429 43.24 9.75 -27.42
CA LYS G 429 43.35 11.13 -26.96
C LYS G 429 42.35 11.38 -25.84
N VAL G 430 42.85 11.92 -24.73
CA VAL G 430 42.03 12.21 -23.57
C VAL G 430 41.59 13.67 -23.65
N VAL G 431 40.27 13.89 -23.65
CA VAL G 431 39.67 15.21 -23.79
C VAL G 431 38.98 15.57 -22.49
N ILE G 432 39.37 16.71 -21.91
CA ILE G 432 38.79 17.21 -20.68
C ILE G 432 38.22 18.60 -20.94
N LEU G 433 36.99 18.84 -20.47
CA LEU G 433 36.30 20.10 -20.70
C LEU G 433 36.19 20.86 -19.38
N ASP G 434 36.55 22.15 -19.41
CA ASP G 434 36.40 23.03 -18.26
C ASP G 434 34.98 23.61 -18.29
N LEU G 435 34.03 22.79 -17.86
CA LEU G 435 32.62 23.15 -17.94
C LEU G 435 32.25 24.41 -17.18
N PRO G 436 32.72 24.65 -15.94
CA PRO G 436 32.29 25.87 -15.23
C PRO G 436 32.60 27.16 -15.97
N SER G 437 33.67 27.19 -16.76
CA SER G 437 34.00 28.40 -17.50
C SER G 437 32.95 28.75 -18.55
N LEU G 438 32.05 27.82 -18.88
CA LEU G 438 30.95 28.09 -19.80
C LEU G 438 29.73 28.67 -19.10
N GLY G 439 29.83 28.93 -17.80
CA GLY G 439 28.76 29.62 -17.09
C GLY G 439 27.45 28.87 -17.17
N GLU G 440 26.41 29.57 -17.59
CA GLU G 440 25.08 29.01 -17.71
C GLU G 440 24.82 28.36 -19.06
N ALA G 441 25.80 28.37 -19.97
CA ALA G 441 25.63 27.78 -21.29
C ALA G 441 26.28 26.41 -21.41
N ALA G 442 26.75 25.84 -20.30
CA ALA G 442 27.43 24.55 -20.37
C ALA G 442 26.48 23.44 -20.81
N ASP G 443 25.34 23.32 -20.13
CA ASP G 443 24.42 22.22 -20.36
C ASP G 443 24.14 22.02 -21.84
N PHE G 444 23.54 23.04 -22.48
CA PHE G 444 23.31 23.02 -23.92
C PHE G 444 24.50 22.46 -24.67
N PHE G 445 25.65 23.12 -24.52
CA PHE G 445 26.84 22.72 -25.27
C PHE G 445 27.12 21.25 -25.05
N THR G 446 27.14 20.82 -23.79
CA THR G 446 27.41 19.43 -23.48
C THR G 446 26.48 18.52 -24.26
N LEU G 447 25.17 18.78 -24.15
CA LEU G 447 24.20 17.96 -24.88
C LEU G 447 24.54 17.94 -26.35
N ARG G 448 24.71 19.12 -26.95
CA ARG G 448 24.99 19.19 -28.37
C ARG G 448 26.21 18.35 -28.71
N LEU G 449 27.29 18.54 -27.94
CA LEU G 449 28.51 17.80 -28.21
C LEU G 449 28.23 16.31 -28.28
N MET G 450 27.55 15.79 -27.25
CA MET G 450 27.28 14.36 -27.22
C MET G 450 26.55 13.94 -28.48
N ASP G 451 25.49 14.66 -28.83
CA ASP G 451 24.70 14.28 -30.00
C ASP G 451 25.60 14.25 -31.23
N LEU G 452 26.41 15.30 -31.41
CA LEU G 452 27.31 15.35 -32.56
C LEU G 452 28.16 14.10 -32.59
N LEU G 453 28.83 13.79 -31.48
CA LEU G 453 29.70 12.63 -31.44
C LEU G 453 28.92 11.37 -31.78
N PHE G 454 27.74 11.22 -31.19
CA PHE G 454 26.95 10.01 -31.42
C PHE G 454 26.67 9.84 -32.90
N ASP G 455 26.35 10.94 -33.59
CA ASP G 455 26.04 10.84 -35.00
C ASP G 455 27.22 10.26 -35.76
N ARG G 456 28.43 10.75 -35.49
CA ARG G 456 29.59 10.23 -36.18
C ARG G 456 29.80 8.76 -35.86
N ALA G 457 29.51 8.37 -34.61
CA ALA G 457 29.64 6.97 -34.24
C ALA G 457 28.69 6.10 -35.07
N VAL G 458 27.52 6.62 -35.42
CA VAL G 458 26.62 5.87 -36.28
C VAL G 458 27.14 5.86 -37.71
N GLU G 459 27.79 6.95 -38.13
CA GLU G 459 28.23 7.06 -39.52
C GLU G 459 29.41 6.14 -39.81
N LEU G 460 30.20 5.81 -38.80
CA LEU G 460 31.37 4.95 -38.96
C LEU G 460 31.06 3.48 -38.70
N TYR G 461 29.81 3.14 -38.40
CA TYR G 461 29.46 1.75 -38.14
C TYR G 461 29.64 0.93 -39.41
N GLY G 462 30.30 -0.23 -39.26
CA GLY G 462 30.66 -1.06 -40.38
C GLY G 462 32.05 -0.80 -40.93
N LYS G 463 32.64 0.35 -40.62
CA LYS G 463 34.01 0.66 -41.00
C LYS G 463 34.97 0.44 -39.83
N ARG G 464 34.64 0.99 -38.67
CA ARG G 464 35.44 0.83 -37.46
C ARG G 464 34.53 1.11 -36.26
N GLN G 465 35.14 1.27 -35.09
CA GLN G 465 34.41 1.52 -33.86
C GLN G 465 34.85 2.84 -33.26
N ALA G 466 33.95 3.45 -32.47
CA ALA G 466 34.26 4.75 -31.86
C ALA G 466 35.41 4.62 -30.86
N ASN G 467 35.31 3.66 -29.94
CA ASN G 467 36.38 3.32 -29.00
C ASN G 467 36.77 4.50 -28.11
N PHE G 468 35.81 4.96 -27.30
CA PHE G 468 36.12 5.93 -26.28
C PHE G 468 35.14 5.82 -25.12
N LEU G 469 35.53 6.40 -23.99
CA LEU G 469 34.79 6.32 -22.73
C LEU G 469 34.34 7.71 -22.32
N VAL G 470 33.06 7.84 -21.99
CA VAL G 470 32.47 9.10 -21.56
C VAL G 470 32.36 9.09 -20.03
N VAL G 471 32.97 10.06 -19.38
CA VAL G 471 32.96 10.20 -17.93
C VAL G 471 31.98 11.30 -17.57
N LEU G 472 30.93 10.92 -16.83
CA LEU G 472 29.80 11.81 -16.54
C LEU G 472 29.56 11.89 -15.04
N GLU G 473 29.31 13.11 -14.57
CA GLU G 473 29.07 13.39 -13.16
C GLU G 473 27.66 13.94 -12.97
N GLU G 474 27.08 13.63 -11.81
CA GLU G 474 25.69 13.98 -11.51
C GLU G 474 24.76 13.47 -12.61
N ALA G 475 24.87 12.18 -12.89
CA ALA G 475 24.16 11.58 -14.02
C ALA G 475 22.65 11.62 -13.88
N HIS G 476 22.12 11.83 -12.67
CA HIS G 476 20.68 11.87 -12.49
C HIS G 476 20.05 13.08 -13.17
N ASN G 477 20.85 14.09 -13.52
CA ASN G 477 20.35 15.24 -14.27
C ASN G 477 20.29 14.98 -15.77
N PHE G 478 20.94 13.94 -16.27
CA PHE G 478 21.01 13.65 -17.70
C PHE G 478 20.32 12.35 -18.08
N LEU G 479 20.42 11.32 -17.25
CA LEU G 479 19.76 10.04 -17.53
C LEU G 479 18.29 10.04 -17.15
N GLU G 480 17.81 11.07 -16.46
CA GLU G 480 16.40 11.14 -16.10
C GLU G 480 15.52 11.23 -17.35
N ASP G 481 15.92 12.04 -18.32
CA ASP G 481 15.13 12.22 -19.54
C ASP G 481 15.25 10.98 -20.41
N LYS G 482 14.11 10.33 -20.69
CA LYS G 482 14.10 9.16 -21.54
C LYS G 482 14.18 9.50 -23.02
N ALA G 483 14.03 10.77 -23.39
CA ALA G 483 14.18 11.21 -24.76
C ALA G 483 15.51 11.92 -25.01
N GLY G 484 16.38 12.00 -24.00
CA GLY G 484 17.64 12.70 -24.13
C GLY G 484 18.70 11.88 -24.84
N ILE G 485 19.80 12.55 -25.18
CA ILE G 485 20.88 11.89 -25.91
C ILE G 485 21.67 10.97 -25.00
N PHE G 486 21.86 11.36 -23.72
CA PHE G 486 22.66 10.55 -22.81
C PHE G 486 21.97 9.24 -22.47
N TYR G 487 20.64 9.25 -22.37
CA TYR G 487 19.89 8.02 -22.20
C TYR G 487 20.11 7.07 -23.37
N ARG G 488 20.08 7.61 -24.59
CA ARG G 488 20.32 6.79 -25.77
C ARG G 488 21.75 6.27 -25.80
N VAL G 489 22.72 7.07 -25.36
CA VAL G 489 24.11 6.62 -25.31
C VAL G 489 24.26 5.49 -24.30
N ALA G 490 23.61 5.61 -23.14
CA ALA G 490 23.68 4.55 -22.15
C ALA G 490 23.03 3.27 -22.65
N LYS G 491 21.90 3.39 -23.36
CA LYS G 491 21.17 2.19 -23.78
C LYS G 491 21.77 1.55 -25.03
N GLU G 492 22.40 2.32 -25.91
CA GLU G 492 22.81 1.82 -27.22
C GLU G 492 24.27 2.07 -27.53
N GLY G 493 25.05 2.58 -26.59
CA GLY G 493 26.45 2.92 -26.87
C GLY G 493 27.36 1.72 -27.02
N ARG G 494 26.97 0.56 -26.48
CA ARG G 494 27.85 -0.61 -26.55
C ARG G 494 28.03 -1.10 -27.98
N LYS G 495 27.01 -0.94 -28.83
CA LYS G 495 27.12 -1.42 -30.20
C LYS G 495 28.21 -0.68 -30.97
N TYR G 496 28.45 0.58 -30.65
CA TYR G 496 29.41 1.41 -31.36
C TYR G 496 30.74 1.55 -30.63
N GLY G 497 30.95 0.78 -29.56
CA GLY G 497 32.19 0.86 -28.84
C GLY G 497 32.34 2.06 -27.94
N ILE G 498 31.24 2.60 -27.43
CA ILE G 498 31.24 3.76 -26.55
C ILE G 498 30.95 3.28 -25.13
N GLY G 499 31.89 3.53 -24.23
CA GLY G 499 31.69 3.19 -22.84
C GLY G 499 31.22 4.38 -22.03
N MET G 500 30.60 4.11 -20.89
CA MET G 500 30.09 5.17 -20.02
C MET G 500 30.47 4.86 -18.57
N LEU G 501 31.02 5.86 -17.88
CA LEU G 501 31.29 5.79 -16.45
C LEU G 501 30.60 6.99 -15.82
N TYR G 502 29.54 6.73 -15.05
CA TYR G 502 28.69 7.79 -14.53
C TYR G 502 28.62 7.72 -13.01
N SER G 503 28.64 8.90 -12.38
CA SER G 503 28.59 9.02 -10.93
C SER G 503 27.40 9.86 -10.50
N THR G 504 26.82 9.51 -9.35
CA THR G 504 25.71 10.26 -8.79
C THR G 504 25.59 9.94 -7.31
N GLN G 505 24.91 10.84 -6.59
CA GLN G 505 24.55 10.63 -5.20
C GLN G 505 23.13 10.12 -5.03
N SER G 506 22.35 10.03 -6.11
CA SER G 506 20.95 9.64 -6.05
C SER G 506 20.70 8.52 -7.04
N PRO G 507 21.05 7.28 -6.68
CA PRO G 507 20.75 6.14 -7.56
C PRO G 507 19.26 5.95 -7.82
N ALA G 508 18.40 6.39 -6.89
CA ALA G 508 16.97 6.21 -7.05
C ALA G 508 16.39 7.07 -8.17
N SER G 509 17.14 8.04 -8.69
CA SER G 509 16.68 8.85 -9.80
C SER G 509 17.01 8.26 -11.16
N ILE G 510 17.98 7.35 -11.22
CA ILE G 510 18.33 6.70 -12.49
C ILE G 510 17.21 5.74 -12.88
N PRO G 511 16.79 5.71 -14.15
CA PRO G 511 15.76 4.76 -14.56
C PRO G 511 16.20 3.31 -14.33
N MET G 512 15.23 2.46 -14.01
CA MET G 512 15.54 1.08 -13.65
C MET G 512 16.14 0.30 -14.81
N GLU G 513 15.85 0.69 -16.06
CA GLU G 513 16.46 0.02 -17.20
C GLU G 513 17.97 0.18 -17.20
N ILE G 514 18.44 1.42 -17.00
CA ILE G 514 19.88 1.67 -16.94
C ILE G 514 20.50 0.94 -15.76
N LEU G 515 19.83 0.98 -14.60
CA LEU G 515 20.37 0.36 -13.40
C LEU G 515 20.51 -1.15 -13.57
N SER G 516 19.50 -1.80 -14.16
CA SER G 516 19.55 -3.24 -14.34
C SER G 516 20.46 -3.66 -15.49
N GLN G 517 20.66 -2.81 -16.49
CA GLN G 517 21.52 -3.14 -17.62
C GLN G 517 22.98 -2.80 -17.37
N THR G 518 23.30 -2.15 -16.25
CA THR G 518 24.68 -1.77 -15.96
C THR G 518 25.50 -3.00 -15.58
N GLU G 519 26.79 -2.97 -15.90
CA GLU G 519 27.69 -4.11 -15.71
C GLU G 519 28.49 -4.02 -14.42
N ASN G 520 29.14 -2.88 -14.16
CA ASN G 520 30.02 -2.73 -13.01
C ASN G 520 29.40 -1.81 -11.98
N PHE G 521 29.53 -2.19 -10.70
CA PHE G 521 28.99 -1.40 -9.59
C PHE G 521 30.08 -1.18 -8.56
N LEU G 522 30.26 0.09 -8.17
CA LEU G 522 31.14 0.48 -7.07
C LEU G 522 30.32 1.40 -6.16
N VAL G 523 29.90 0.89 -5.02
CA VAL G 523 28.95 1.58 -4.15
C VAL G 523 29.65 1.99 -2.86
N LYS G 524 29.45 3.22 -2.43
CA LYS G 524 29.95 3.74 -1.18
C LYS G 524 28.78 4.11 -0.28
N HIS G 525 29.08 4.77 0.85
CA HIS G 525 28.06 5.11 1.83
C HIS G 525 26.97 5.99 1.20
N LEU G 526 25.72 5.63 1.44
CA LEU G 526 24.57 6.38 0.95
C LEU G 526 23.65 6.67 2.12
N SER G 527 23.36 7.94 2.35
CA SER G 527 22.54 8.36 3.50
C SER G 527 21.09 8.55 3.09
N SER G 528 20.49 7.47 2.58
CA SER G 528 19.10 7.49 2.17
C SER G 528 18.62 6.06 1.96
N GLU G 529 17.38 5.79 2.36
CA GLU G 529 16.84 4.43 2.25
C GLU G 529 16.44 4.09 0.82
N GLU G 530 15.91 5.07 0.08
CA GLU G 530 15.42 4.80 -1.27
C GLU G 530 16.55 4.35 -2.20
N ASP G 531 17.72 4.97 -2.08
CA ASP G 531 18.84 4.58 -2.92
C ASP G 531 19.26 3.14 -2.65
N VAL G 532 19.32 2.74 -1.38
CA VAL G 532 19.73 1.39 -1.04
C VAL G 532 18.68 0.38 -1.51
N LYS G 533 17.38 0.75 -1.38
CA LYS G 533 16.33 -0.13 -1.85
C LYS G 533 16.39 -0.33 -3.36
N VAL G 534 16.63 0.74 -4.11
CA VAL G 534 16.71 0.60 -5.56
C VAL G 534 17.97 -0.16 -5.95
N LEU G 535 19.05 -0.05 -5.16
CA LEU G 535 20.22 -0.89 -5.39
C LEU G 535 19.89 -2.37 -5.23
N LYS G 536 19.17 -2.72 -4.16
CA LYS G 536 18.79 -4.12 -3.98
C LYS G 536 17.88 -4.60 -5.10
N ARG G 537 16.91 -3.76 -5.51
CA ARG G 537 15.98 -4.17 -6.56
C ARG G 537 16.67 -4.30 -7.91
N ALA G 538 17.70 -3.51 -8.17
CA ALA G 538 18.37 -3.58 -9.46
C ALA G 538 19.15 -4.88 -9.63
N LYS G 539 19.88 -5.29 -8.60
CA LYS G 539 20.67 -6.51 -8.66
C LYS G 539 20.52 -7.28 -7.35
N ALA G 540 20.23 -8.57 -7.46
CA ALA G 540 19.97 -9.39 -6.27
C ALA G 540 21.13 -9.47 -5.29
N PRO G 541 22.38 -9.69 -5.71
CA PRO G 541 23.46 -9.90 -4.72
C PRO G 541 23.65 -8.73 -3.76
N PHE G 542 23.10 -7.55 -4.06
CA PHE G 542 23.21 -6.41 -3.16
C PHE G 542 22.20 -6.46 -2.02
N ALA G 543 21.56 -7.62 -1.79
CA ALA G 543 20.59 -7.71 -0.71
C ALA G 543 21.26 -7.79 0.66
N PHE G 544 22.50 -8.26 0.71
CA PHE G 544 23.15 -8.56 1.97
C PHE G 544 24.01 -7.42 2.52
N VAL G 545 24.11 -6.30 1.80
CA VAL G 545 24.97 -5.20 2.23
C VAL G 545 24.17 -3.90 2.38
N ALA G 546 22.85 -3.99 2.51
CA ALA G 546 22.02 -2.79 2.58
C ALA G 546 22.25 -2.03 3.88
N ASP G 547 22.18 -2.74 5.02
CA ASP G 547 22.27 -2.08 6.31
C ASP G 547 23.65 -1.46 6.55
N PHE G 548 24.70 -2.18 6.16
CA PHE G 548 26.05 -1.66 6.30
C PHE G 548 26.23 -0.38 5.49
N LEU G 549 25.70 -0.36 4.26
CA LEU G 549 25.77 0.85 3.44
C LEU G 549 24.98 1.98 4.09
N LEU G 550 23.84 1.67 4.70
CA LEU G 550 22.97 2.72 5.22
C LEU G 550 23.49 3.32 6.51
N SER G 551 24.18 2.55 7.36
CA SER G 551 24.50 3.01 8.70
C SER G 551 25.99 3.26 8.93
N GLU G 552 26.83 3.19 7.91
CA GLU G 552 28.28 3.30 8.09
C GLU G 552 28.91 4.29 7.13
N PRO G 553 29.09 5.55 7.54
CA PRO G 553 29.88 6.54 6.76
C PRO G 553 31.40 6.37 6.92
N ILE G 554 31.97 5.46 6.14
CA ILE G 554 33.41 5.20 6.14
C ILE G 554 34.00 5.71 4.84
N ILE G 555 35.09 6.46 4.94
CA ILE G 555 35.74 7.06 3.78
C ILE G 555 36.70 6.07 3.15
N GLY G 556 36.57 5.86 1.85
CA GLY G 556 37.45 4.96 1.13
C GLY G 556 37.07 3.49 1.18
N TYR G 557 35.86 3.18 1.66
CA TYR G 557 35.39 1.81 1.81
C TYR G 557 34.24 1.61 0.82
N SER G 558 34.37 0.65 -0.08
CA SER G 558 33.38 0.50 -1.14
C SER G 558 33.09 -0.97 -1.41
N TYR G 559 31.88 -1.23 -1.87
CA TYR G 559 31.46 -2.56 -2.29
C TYR G 559 31.49 -2.64 -3.80
N VAL G 560 32.20 -3.64 -4.34
CA VAL G 560 32.41 -3.77 -5.77
C VAL G 560 31.72 -5.03 -6.27
N TYR G 561 31.22 -4.95 -7.50
CA TYR G 561 30.56 -6.08 -8.15
C TYR G 561 30.71 -5.93 -9.66
N PHE G 562 31.41 -6.86 -10.30
CA PHE G 562 31.67 -6.81 -11.73
C PHE G 562 30.96 -7.98 -12.40
N GLU G 563 29.99 -7.67 -13.24
CA GLU G 563 29.21 -8.66 -13.96
C GLU G 563 30.02 -9.25 -15.11
N PRO G 564 29.62 -10.43 -15.63
CA PRO G 564 28.49 -11.27 -15.23
C PRO G 564 28.87 -12.52 -14.43
N TYR G 565 30.15 -12.72 -14.11
CA TYR G 565 30.61 -13.96 -13.50
C TYR G 565 31.19 -13.75 -12.11
N GLN G 566 30.71 -12.72 -11.39
CA GLN G 566 31.17 -12.58 -10.01
C GLN G 566 30.16 -13.20 -9.07
N PRO G 567 30.60 -14.05 -8.13
CA PRO G 567 29.64 -14.71 -7.23
C PRO G 567 28.89 -13.74 -6.32
N PHE G 568 29.61 -12.87 -5.60
CA PHE G 568 28.98 -12.01 -4.62
C PHE G 568 29.69 -10.66 -4.59
N VAL G 569 29.06 -9.70 -3.92
CA VAL G 569 29.63 -8.36 -3.78
C VAL G 569 30.79 -8.41 -2.79
N VAL G 570 31.87 -7.71 -3.12
CA VAL G 570 33.10 -7.77 -2.34
C VAL G 570 33.31 -6.42 -1.67
N PRO G 571 33.44 -6.37 -0.34
CA PRO G 571 33.80 -5.11 0.33
C PRO G 571 35.31 -4.91 0.32
N LEU G 572 35.74 -3.70 -0.03
CA LEU G 572 37.16 -3.41 -0.24
C LEU G 572 37.52 -2.06 0.34
N ARG G 573 38.72 -2.00 0.94
CA ARG G 573 39.42 -0.75 1.14
C ARG G 573 40.28 -0.52 -0.10
N VAL G 574 40.04 0.60 -0.79
CA VAL G 574 40.57 0.84 -2.12
C VAL G 574 41.92 1.51 -2.03
N LYS G 575 42.83 1.13 -2.92
CA LYS G 575 44.16 1.71 -2.97
C LYS G 575 44.08 3.18 -3.40
N LEU G 576 44.94 4.01 -2.81
CA LEU G 576 45.05 5.39 -3.22
C LEU G 576 45.85 5.49 -4.52
N LEU G 577 45.69 6.62 -5.21
CA LEU G 577 46.34 6.80 -6.50
C LEU G 577 47.86 6.83 -6.36
N GLU G 578 48.37 7.34 -5.24
CA GLU G 578 49.82 7.37 -5.04
C GLU G 578 50.42 5.97 -5.00
N HIS G 579 49.79 5.07 -4.24
CA HIS G 579 50.28 3.69 -4.18
C HIS G 579 50.10 2.99 -5.51
N VAL G 580 49.02 3.29 -6.23
CA VAL G 580 48.83 2.70 -7.55
C VAL G 580 49.94 3.13 -8.49
N LEU G 581 50.30 4.41 -8.47
CA LEU G 581 51.39 4.90 -9.32
C LEU G 581 52.72 4.26 -8.92
N LYS G 582 52.96 4.13 -7.61
CA LYS G 582 54.20 3.49 -7.16
C LYS G 582 54.29 2.04 -7.62
N SER G 583 53.16 1.32 -7.54
CA SER G 583 53.14 -0.07 -7.99
C SER G 583 53.34 -0.17 -9.50
N LEU G 584 52.70 0.74 -10.26
CA LEU G 584 52.82 0.71 -11.72
C LEU G 584 54.25 1.02 -12.17
N ASP G 585 54.90 1.98 -11.50
CA ASP G 585 56.27 2.33 -11.89
C ASP G 585 57.22 1.18 -11.63
N SER G 586 57.04 0.46 -10.53
CA SER G 586 57.91 -0.67 -10.19
C SER G 586 57.77 -1.81 -11.20
N GLU H 3 30.93 6.78 38.89
CA GLU H 3 31.94 5.79 38.48
C GLU H 3 31.36 4.38 38.52
N SER H 4 30.05 4.28 38.76
CA SER H 4 29.38 3.00 38.84
C SER H 4 28.43 2.81 37.66
N PRO H 5 28.21 1.57 37.24
CA PRO H 5 27.25 1.34 36.14
C PRO H 5 25.84 1.78 36.53
N ILE H 6 25.11 2.28 35.54
CA ILE H 6 23.75 2.77 35.80
C ILE H 6 22.82 1.62 36.15
N GLY H 7 22.86 0.55 35.38
CA GLY H 7 22.01 -0.60 35.60
C GLY H 7 22.74 -1.87 35.25
N VAL H 8 21.99 -2.87 34.78
CA VAL H 8 22.55 -4.14 34.35
C VAL H 8 22.03 -4.46 32.96
N VAL H 9 22.94 -4.83 32.06
CA VAL H 9 22.57 -5.19 30.70
C VAL H 9 22.08 -6.63 30.69
N VAL H 10 20.87 -6.85 30.18
CA VAL H 10 20.24 -8.17 30.21
C VAL H 10 20.05 -8.77 28.83
N SER H 11 20.19 -8.00 27.75
CA SER H 11 20.00 -8.53 26.42
C SER H 11 20.68 -7.63 25.41
N SER H 12 20.91 -8.17 24.22
CA SER H 12 21.46 -7.40 23.11
C SER H 12 21.08 -8.09 21.81
N ARG H 13 21.07 -7.32 20.73
CA ARG H 13 20.69 -7.80 19.42
C ARG H 13 21.02 -6.72 18.40
N ARG H 14 20.78 -7.02 17.13
CA ARG H 14 20.89 -6.05 16.06
C ARG H 14 19.50 -5.84 15.45
N ASN H 15 19.04 -4.59 15.43
CA ASN H 15 17.73 -4.24 14.91
C ASN H 15 17.95 -3.45 13.61
N GLY H 16 17.98 -4.17 12.50
CA GLY H 16 18.26 -3.57 11.23
C GLY H 16 19.71 -3.19 11.09
N PRO H 17 19.98 -1.93 10.75
CA PRO H 17 21.37 -1.46 10.62
C PRO H 17 22.01 -1.03 11.93
N TRP H 18 21.31 -1.13 13.06
CA TRP H 18 21.81 -0.63 14.33
C TRP H 18 21.81 -1.74 15.37
N ALA H 19 22.82 -1.73 16.23
CA ALA H 19 22.90 -2.66 17.35
C ALA H 19 22.31 -2.04 18.60
N GLU H 20 21.55 -2.83 19.34
CA GLU H 20 20.83 -2.34 20.51
C GLU H 20 21.04 -3.29 21.68
N LEU H 21 20.85 -2.76 22.89
CA LEU H 21 20.93 -3.54 24.11
C LEU H 21 19.84 -3.08 25.08
N THR H 22 19.48 -3.97 26.00
CA THR H 22 18.43 -3.72 26.97
C THR H 22 19.06 -3.51 28.34
N LEU H 23 18.62 -2.46 29.04
CA LEU H 23 19.13 -2.11 30.36
C LEU H 23 17.99 -2.08 31.36
N VAL H 24 18.25 -2.59 32.56
CA VAL H 24 17.25 -2.69 33.62
C VAL H 24 17.75 -1.93 34.83
N LEU H 25 16.85 -1.14 35.43
CA LEU H 25 17.15 -0.39 36.65
C LEU H 25 16.50 -1.09 37.84
N THR H 26 17.31 -1.37 38.86
CA THR H 26 16.86 -2.13 40.02
C THR H 26 16.12 -1.24 41.01
N PRO H 27 15.32 -1.84 41.91
CA PRO H 27 14.63 -1.02 42.92
C PRO H 27 15.57 -0.21 43.80
N GLN H 28 16.76 -0.73 44.10
CA GLN H 28 17.71 0.01 44.92
C GLN H 28 18.18 1.28 44.21
N GLU H 29 18.38 1.20 42.90
CA GLU H 29 18.86 2.35 42.14
C GLU H 29 17.75 3.38 41.92
N LEU H 30 16.52 2.92 41.72
CA LEU H 30 15.42 3.86 41.51
C LEU H 30 15.12 4.67 42.76
N ASP H 31 15.37 4.10 43.95
CA ASP H 31 15.16 4.84 45.19
C ASP H 31 16.18 5.97 45.33
N GLN H 32 17.41 5.75 44.87
CA GLN H 32 18.44 6.78 44.93
C GLN H 32 18.21 7.92 43.95
N GLY H 33 17.24 7.78 43.04
CA GLY H 33 16.96 8.81 42.07
C GLY H 33 17.67 8.67 40.74
N LYS H 34 18.24 7.49 40.45
CA LYS H 34 18.94 7.29 39.19
C LYS H 34 17.92 7.08 38.08
N ARG H 35 17.92 8.00 37.11
CA ARG H 35 16.98 7.97 36.00
C ARG H 35 17.73 8.23 34.70
N LEU H 36 17.15 7.78 33.60
CA LEU H 36 17.70 7.99 32.26
C LEU H 36 16.70 8.77 31.42
N LEU H 37 17.12 9.93 30.94
CA LEU H 37 16.30 10.71 30.02
C LEU H 37 16.41 10.15 28.61
N LEU H 38 15.36 10.36 27.82
CA LEU H 38 15.36 9.89 26.44
C LEU H 38 16.12 10.86 25.55
N GLY H 39 16.91 10.31 24.64
CA GLY H 39 17.84 11.09 23.85
C GLY H 39 19.17 11.35 24.51
N GLU H 40 19.34 10.92 25.76
CA GLU H 40 20.59 11.12 26.47
C GLU H 40 21.69 10.23 25.90
N LEU H 41 22.91 10.74 25.93
CA LEU H 41 24.08 10.01 25.47
C LEU H 41 24.77 9.37 26.66
N VAL H 42 25.09 8.08 26.55
CA VAL H 42 25.72 7.31 27.61
C VAL H 42 26.97 6.64 27.05
N ARG H 43 27.80 6.14 27.96
CA ARG H 43 29.02 5.42 27.61
C ARG H 43 28.81 3.93 27.85
N VAL H 44 29.17 3.12 26.85
CA VAL H 44 29.05 1.67 26.93
C VAL H 44 30.44 1.09 26.82
N SER H 45 30.84 0.30 27.81
CA SER H 45 32.15 -0.34 27.85
C SER H 45 31.98 -1.85 27.71
N SER H 46 32.67 -2.43 26.73
CA SER H 46 32.57 -3.87 26.49
C SER H 46 33.89 -4.36 25.93
N GLY H 47 34.57 -5.23 26.69
CA GLY H 47 35.81 -5.81 26.23
C GLY H 47 36.93 -4.81 26.02
N GLY H 48 37.06 -3.84 26.91
CA GLY H 48 38.12 -2.86 26.83
C GLY H 48 37.87 -1.72 25.86
N LYS H 49 36.73 -1.70 25.19
CA LYS H 49 36.40 -0.66 24.22
C LYS H 49 35.22 0.15 24.71
N ASP H 50 35.25 1.45 24.46
CA ASP H 50 34.18 2.36 24.85
C ASP H 50 33.34 2.73 23.63
N TYR H 51 32.03 2.60 23.76
CA TYR H 51 31.09 2.91 22.70
C TYR H 51 30.24 4.12 23.09
N VAL H 52 29.60 4.71 22.10
CA VAL H 52 28.70 5.84 22.29
C VAL H 52 27.27 5.33 22.19
N GLY H 53 26.45 5.63 23.20
CA GLY H 53 25.09 5.13 23.22
C GLY H 53 24.05 6.23 23.29
N MET H 54 22.80 5.88 23.03
CA MET H 54 21.69 6.82 23.11
C MET H 54 20.45 6.10 23.59
N VAL H 55 19.73 6.72 24.52
CA VAL H 55 18.50 6.14 25.06
C VAL H 55 17.37 6.38 24.07
N LEU H 56 16.68 5.31 23.68
CA LEU H 56 15.55 5.38 22.76
C LEU H 56 14.20 5.20 23.43
N ASP H 57 14.02 4.13 24.19
CA ASP H 57 12.71 3.78 24.72
C ASP H 57 12.81 3.43 26.19
N GLY H 58 11.68 3.51 26.87
CA GLY H 58 11.56 3.10 28.25
C GLY H 58 10.19 2.51 28.52
N TYR H 59 10.16 1.36 29.18
CA TYR H 59 8.92 0.64 29.39
C TYR H 59 9.02 -0.20 30.66
N TYR H 60 7.87 -0.64 31.14
CA TYR H 60 7.77 -1.41 32.38
C TYR H 60 7.48 -2.86 32.05
N GLU H 61 8.29 -3.76 32.61
CA GLU H 61 8.12 -5.20 32.43
C GLU H 61 8.25 -5.91 33.77
N PRO H 62 7.47 -6.96 34.00
CA PRO H 62 7.69 -7.77 35.20
C PRO H 62 9.03 -8.47 35.17
N VAL H 63 9.66 -8.57 36.33
CA VAL H 63 10.96 -9.22 36.48
C VAL H 63 10.81 -10.37 37.47
N GLY H 64 11.20 -11.57 37.05
CA GLY H 64 11.06 -12.73 37.89
C GLY H 64 9.61 -13.21 37.96
N ARG H 65 9.34 -14.00 38.99
CA ARG H 65 7.99 -14.55 39.21
C ARG H 65 7.22 -13.56 40.07
N SER H 66 6.66 -12.54 39.42
CA SER H 66 5.91 -11.51 40.09
C SER H 66 4.68 -11.15 39.27
N ASP H 67 3.66 -10.62 39.96
CA ASP H 67 2.42 -10.16 39.34
C ASP H 67 2.21 -8.72 39.79
N PRO H 68 2.82 -7.76 39.08
CA PRO H 68 2.74 -6.37 39.53
C PRO H 68 1.32 -5.82 39.63
N THR H 69 0.43 -6.21 38.72
CA THR H 69 -0.93 -5.70 38.76
C THR H 69 -1.68 -6.22 39.99
N TYR H 70 -1.55 -7.52 40.29
CA TYR H 70 -2.22 -8.07 41.46
C TYR H 70 -1.63 -7.52 42.75
N THR H 71 -0.31 -7.38 42.82
CA THR H 71 0.33 -6.89 44.04
C THR H 71 -0.04 -5.43 44.30
N LEU H 72 0.03 -4.58 43.27
CA LEU H 72 -0.26 -3.16 43.46
C LEU H 72 -1.73 -2.92 43.76
N ALA H 73 -2.62 -3.63 43.07
CA ALA H 73 -4.06 -3.43 43.27
C ALA H 73 -4.49 -3.90 44.65
N LEU H 74 -3.91 -4.99 45.14
CA LEU H 74 -4.27 -5.51 46.46
C LEU H 74 -3.88 -4.53 47.56
N ALA H 75 -2.72 -3.91 47.43
CA ALA H 75 -2.29 -2.92 48.43
C ALA H 75 -3.21 -1.71 48.45
N HIS H 76 -3.66 -1.27 47.26
CA HIS H 76 -4.56 -0.12 47.20
C HIS H 76 -5.90 -0.42 47.87
N ILE H 77 -6.40 -1.64 47.70
CA ILE H 77 -7.69 -2.01 48.29
C ILE H 77 -7.61 -1.99 49.81
N ASN H 78 -6.52 -2.51 50.36
CA ASN H 78 -6.35 -2.61 51.81
C ASN H 78 -5.80 -1.34 52.45
N GLN H 79 -5.64 -0.26 51.67
CA GLN H 79 -5.10 1.00 52.15
C GLN H 79 -3.71 0.80 52.78
N VAL H 80 -2.91 -0.04 52.16
CA VAL H 80 -1.55 -0.30 52.62
C VAL H 80 -0.60 0.67 51.93
N ASP H 81 0.22 1.35 52.72
CA ASP H 81 1.20 2.31 52.19
C ASP H 81 2.46 1.54 51.86
N LEU H 82 2.70 1.32 50.56
CA LEU H 82 3.86 0.54 50.13
C LEU H 82 5.16 1.26 50.48
N GLU H 83 5.16 2.59 50.40
CA GLU H 83 6.36 3.36 50.70
C GLU H 83 6.78 3.24 52.16
N LYS H 84 5.87 2.89 53.06
CA LYS H 84 6.17 2.92 54.48
C LYS H 84 5.87 1.61 55.19
N GLU H 85 4.82 0.90 54.80
CA GLU H 85 4.33 -0.25 55.55
C GLU H 85 4.80 -1.59 54.99
N ASP H 86 4.92 -1.73 53.67
CA ASP H 86 5.26 -3.00 53.04
C ASP H 86 6.47 -2.79 52.12
N PRO H 87 7.68 -2.78 52.68
CA PRO H 87 8.86 -2.56 51.84
C PRO H 87 9.25 -3.75 50.99
N TRP H 88 8.86 -4.97 51.36
CA TRP H 88 9.23 -6.14 50.57
C TRP H 88 8.41 -6.27 49.31
N ALA H 89 7.14 -5.87 49.33
CA ALA H 89 6.33 -5.86 48.13
C ALA H 89 6.75 -4.76 47.17
N ARG H 90 7.37 -3.70 47.69
CA ARG H 90 7.86 -2.62 46.85
C ARG H 90 9.14 -3.01 46.11
N LYS H 91 9.91 -3.97 46.66
CA LYS H 91 11.17 -4.36 46.05
C LYS H 91 11.01 -5.33 44.89
N GLU H 92 9.85 -5.95 44.74
CA GLU H 92 9.66 -6.96 43.70
C GLU H 92 8.99 -6.41 42.45
N VAL H 93 8.47 -5.18 42.48
CA VAL H 93 7.80 -4.59 41.34
C VAL H 93 8.45 -3.30 40.87
N ASN H 94 9.50 -2.83 41.53
CA ASN H 94 10.10 -1.54 41.22
C ASN H 94 11.30 -1.70 40.28
N PHE H 95 11.02 -2.23 39.08
CA PHE H 95 12.01 -2.35 38.03
C PHE H 95 11.61 -1.47 36.85
N TYR H 96 12.57 -1.17 35.99
CA TYR H 96 12.24 -0.40 34.79
C TYR H 96 13.25 -0.73 33.70
N HIS H 97 12.78 -0.76 32.46
CA HIS H 97 13.57 -1.19 31.32
C HIS H 97 13.85 -0.02 30.38
N HIS H 98 14.95 -0.12 29.63
CA HIS H 98 15.34 0.89 28.67
C HIS H 98 15.96 0.23 27.46
N ARG H 99 15.97 0.96 26.35
CA ARG H 99 16.62 0.53 25.11
C ARG H 99 17.70 1.52 24.74
N ILE H 100 18.88 1.01 24.41
CA ILE H 100 20.04 1.84 24.07
C ILE H 100 20.62 1.34 22.76
N VAL H 101 20.86 2.27 21.84
CA VAL H 101 21.49 1.96 20.56
C VAL H 101 22.96 2.30 20.65
N LEU H 102 23.78 1.61 19.87
CA LEU H 102 25.21 1.85 19.80
C LEU H 102 25.50 2.70 18.56
N LEU H 103 25.81 3.97 18.78
CA LEU H 103 26.02 4.89 17.68
C LEU H 103 27.38 4.69 17.02
N GLY H 104 28.41 4.39 17.80
CA GLY H 104 29.74 4.20 17.25
C GLY H 104 30.79 4.36 18.33
N ARG H 105 32.02 4.60 17.87
CA ARG H 105 33.17 4.73 18.75
C ARG H 105 34.00 5.94 18.36
N VAL H 106 34.76 6.45 19.32
CA VAL H 106 35.80 7.45 19.07
C VAL H 106 37.14 6.74 19.19
N VAL H 107 37.91 6.74 18.11
CA VAL H 107 39.15 5.98 18.03
C VAL H 107 40.28 6.90 17.61
N GLN H 108 41.50 6.47 17.92
CA GLN H 108 42.72 7.19 17.55
C GLN H 108 42.75 8.59 18.13
N GLY H 109 42.72 9.61 17.27
CA GLY H 109 42.83 10.98 17.72
C GLY H 109 41.60 11.81 17.47
N GLY H 110 40.42 11.23 17.74
CA GLY H 110 39.16 11.90 17.48
C GLY H 110 38.41 11.41 16.27
N LEU H 111 38.88 10.35 15.62
CA LEU H 111 38.16 9.76 14.51
C LEU H 111 36.94 9.00 15.04
N PHE H 112 35.83 9.12 14.34
CA PHE H 112 34.58 8.47 14.73
C PHE H 112 34.34 7.24 13.86
N ALA H 113 34.35 6.07 14.47
CA ALA H 113 34.03 4.84 13.76
C ALA H 113 32.55 4.55 13.92
N PRO H 114 31.76 4.57 12.84
CA PRO H 114 30.30 4.46 12.99
C PRO H 114 29.85 3.02 13.21
N SER H 115 28.82 2.88 14.06
CA SER H 115 28.16 1.61 14.34
C SER H 115 29.20 0.60 14.81
N THR H 116 28.91 -0.69 14.64
CA THR H 116 29.85 -1.74 15.03
C THR H 116 29.51 -3.02 14.29
N ARG H 117 30.51 -3.89 14.16
CA ARG H 117 30.30 -5.24 13.69
C ARG H 117 30.41 -6.28 14.80
N LEU H 118 30.86 -5.89 15.98
CA LEU H 118 30.93 -6.76 17.14
C LEU H 118 29.73 -6.53 18.03
N LEU H 119 29.01 -7.60 18.35
CA LEU H 119 27.86 -7.52 19.23
C LEU H 119 28.25 -7.98 20.62
N PRO H 120 28.10 -7.15 21.65
CA PRO H 120 28.66 -7.47 22.97
C PRO H 120 27.79 -8.49 23.70
N PRO H 121 28.41 -9.45 24.38
CA PRO H 121 27.64 -10.36 25.23
C PRO H 121 27.10 -9.64 26.46
N VAL H 122 26.07 -10.24 27.07
CA VAL H 122 25.36 -9.57 28.16
C VAL H 122 26.18 -9.53 29.45
N VAL H 123 27.23 -10.33 29.56
CA VAL H 123 28.08 -10.31 30.75
C VAL H 123 29.30 -9.41 30.60
N GLU H 124 29.55 -8.88 29.40
CA GLU H 124 30.70 -8.03 29.16
C GLU H 124 30.36 -6.55 29.04
N ALA H 125 29.10 -6.20 28.85
CA ALA H 125 28.69 -4.84 28.57
C ALA H 125 28.25 -4.12 29.84
N ARG H 126 28.72 -2.89 30.01
CA ARG H 126 28.32 -2.03 31.11
C ARG H 126 28.00 -0.64 30.56
N VAL H 127 27.09 0.05 31.25
CA VAL H 127 26.63 1.36 30.82
C VAL H 127 26.94 2.36 31.92
N TYR H 128 27.58 3.47 31.54
CA TYR H 128 27.97 4.52 32.47
C TYR H 128 27.37 5.85 32.04
N ARG H 129 27.17 6.74 33.01
CA ARG H 129 26.74 8.09 32.72
C ARG H 129 27.94 8.93 32.31
N MET H 130 27.81 9.63 31.18
CA MET H 130 28.91 10.43 30.67
C MET H 130 29.14 11.67 31.53
N THR H 131 30.39 12.06 31.65
CA THR H 131 30.78 13.25 32.38
C THR H 131 30.95 14.43 31.42
N GLU H 132 31.14 15.62 32.00
CA GLU H 132 31.26 16.83 31.19
C GLU H 132 32.51 16.79 30.31
N GLU H 133 33.62 16.29 30.85
CA GLU H 133 34.84 16.19 30.05
C GLU H 133 34.68 15.22 28.88
N GLU H 134 34.02 14.08 29.12
CA GLU H 134 33.81 13.12 28.04
C GLU H 134 32.85 13.68 26.99
N LEU H 135 31.83 14.42 27.42
CA LEU H 135 30.87 14.97 26.48
C LEU H 135 31.51 16.02 25.58
N GLN H 136 32.46 16.80 26.11
CA GLN H 136 33.14 17.79 25.31
C GLN H 136 33.96 17.14 24.20
N ARG H 137 34.67 16.06 24.52
CA ARG H 137 35.46 15.37 23.50
C ARG H 137 34.58 14.61 22.52
N LEU H 138 33.36 14.25 22.92
CA LEU H 138 32.46 13.54 22.02
C LEU H 138 31.91 14.48 20.95
N LEU H 139 31.58 15.71 21.33
CA LEU H 139 31.06 16.68 20.36
C LEU H 139 32.13 17.16 19.39
N ALA H 140 33.41 16.96 19.72
CA ALA H 140 34.50 17.30 18.82
C ALA H 140 34.91 16.16 17.91
N ALA H 141 34.37 14.96 18.12
CA ALA H 141 34.68 13.83 17.25
C ALA H 141 34.14 14.09 15.85
N GLU H 142 34.83 13.52 14.86
CA GLU H 142 34.52 13.79 13.47
C GLU H 142 35.03 12.63 12.62
N VAL H 143 34.50 12.52 11.41
CA VAL H 143 34.81 11.43 10.50
C VAL H 143 35.93 11.87 9.56
N ARG H 144 37.04 11.13 9.57
CA ARG H 144 38.11 11.28 8.59
C ARG H 144 38.53 9.89 8.13
N THR H 145 39.46 9.84 7.17
CA THR H 145 39.63 8.62 6.38
C THR H 145 40.03 7.40 7.20
N SER H 146 41.29 7.36 7.64
CA SER H 146 41.79 6.32 8.54
C SER H 146 43.24 6.59 8.89
N GLY H 147 43.66 6.24 10.09
CA GLY H 147 45.05 6.34 10.51
C GLY H 147 45.75 7.63 10.14
N SER H 148 44.99 8.72 10.04
CA SER H 148 45.52 10.01 9.62
C SER H 148 45.49 10.98 10.78
N VAL H 149 46.32 12.02 10.68
CA VAL H 149 46.46 13.00 11.74
C VAL H 149 45.36 14.05 11.64
N LYS H 150 44.87 14.50 12.79
CA LYS H 150 43.86 15.55 12.81
C LYS H 150 44.46 16.86 12.29
N ALA H 151 43.68 17.58 11.49
CA ALA H 151 44.21 18.76 10.80
C ALA H 151 44.42 19.93 11.75
N GLU H 152 43.46 20.17 12.65
CA GLU H 152 43.45 21.35 13.50
C GLU H 152 43.42 22.61 12.64
N GLY H 153 43.60 23.78 13.24
CA GLY H 153 43.63 24.99 12.45
C GLY H 153 42.80 26.15 12.97
N LYS H 154 41.77 26.53 12.19
CA LYS H 154 41.05 27.77 12.44
C LYS H 154 40.41 27.79 13.82
N ARG H 155 40.29 28.99 14.37
CA ARG H 155 39.65 29.19 15.66
C ARG H 155 38.17 28.83 15.60
N ARG H 156 37.66 28.30 16.71
CA ARG H 156 36.26 27.91 16.82
C ARG H 156 35.54 28.83 17.80
N TYR H 157 34.22 28.92 17.62
CA TYR H 157 33.38 29.81 18.43
C TYR H 157 32.21 29.01 18.99
N ALA H 158 31.82 29.34 20.22
CA ALA H 158 30.71 28.65 20.86
C ALA H 158 29.40 29.01 20.18
N PHE H 159 28.60 27.98 19.85
CA PHE H 159 27.33 28.18 19.17
C PHE H 159 26.13 27.85 20.03
N GLY H 160 26.29 27.02 21.06
CA GLY H 160 25.21 26.62 21.92
C GLY H 160 25.62 25.46 22.80
N HIS H 161 24.88 25.20 23.87
CA HIS H 161 25.22 24.13 24.79
C HIS H 161 24.20 23.01 24.74
N LEU H 162 24.65 21.81 25.10
CA LEU H 162 23.82 20.62 24.99
C LEU H 162 22.63 20.69 25.95
N ALA H 163 21.48 20.21 25.47
CA ALA H 163 20.26 20.18 26.26
C ALA H 163 19.40 19.03 25.80
N TYR H 164 18.57 18.52 26.71
CA TYR H 164 17.69 17.38 26.45
C TYR H 164 16.24 17.77 26.65
N GLY H 165 15.86 18.93 26.12
CA GLY H 165 14.50 19.43 26.28
C GLY H 165 14.39 20.46 27.38
N LEU H 166 13.22 20.54 28.01
CA LEU H 166 12.99 21.43 29.14
C LEU H 166 13.03 20.69 30.47
N GLU H 167 13.49 19.45 30.49
CA GLU H 167 13.51 18.66 31.71
C GLU H 167 14.58 19.18 32.66
N GLU H 168 14.28 19.13 33.95
CA GLU H 168 15.24 19.52 34.97
C GLU H 168 16.42 18.55 34.98
N GLY H 169 17.64 19.09 35.04
CA GLY H 169 18.83 18.29 35.05
C GLY H 169 19.33 17.84 33.70
N GLY H 170 18.62 18.16 32.62
CA GLY H 170 19.02 17.80 31.28
C GLY H 170 19.78 18.87 30.54
N GLU H 171 20.22 19.92 31.23
CA GLU H 171 20.93 21.04 30.60
C GLU H 171 22.39 21.03 31.04
N TYR H 172 23.30 21.23 30.09
CA TYR H 172 24.73 21.21 30.32
C TYR H 172 25.34 22.51 29.80
N PRO H 173 25.29 23.58 30.59
CA PRO H 173 25.85 24.86 30.12
C PRO H 173 27.33 24.81 29.81
N GLU H 174 28.08 23.90 30.43
CA GLU H 174 29.51 23.80 30.19
C GLU H 174 29.88 22.91 29.02
N VAL H 175 28.92 22.18 28.46
CA VAL H 175 29.16 21.33 27.29
C VAL H 175 28.66 22.12 26.09
N VAL H 176 29.56 22.87 25.47
CA VAL H 176 29.23 23.72 24.32
C VAL H 176 29.79 23.10 23.06
N LYS H 177 29.08 23.30 21.95
CA LYS H 177 29.54 22.86 20.64
C LYS H 177 30.20 24.04 19.94
N GLU H 178 31.48 23.89 19.61
CA GLU H 178 32.26 24.94 18.98
C GLU H 178 32.24 24.76 17.48
N VAL H 179 31.90 25.82 16.75
CA VAL H 179 31.67 25.77 15.31
C VAL H 179 32.70 26.64 14.63
N ASP H 180 33.38 26.08 13.63
CA ASP H 180 34.26 26.85 12.77
C ASP H 180 33.43 27.60 11.74
N PRO H 181 33.52 28.93 11.66
CA PRO H 181 32.67 29.67 10.70
C PRO H 181 32.97 29.36 9.24
N ALA H 182 33.99 28.55 8.95
CA ALA H 182 34.26 28.16 7.57
C ALA H 182 33.18 27.25 7.00
N LEU H 183 32.33 26.68 7.86
CA LEU H 183 31.24 25.84 7.37
C LEU H 183 30.17 26.64 6.65
N PHE H 184 30.06 27.94 6.92
CA PHE H 184 29.06 28.79 6.31
C PHE H 184 29.58 29.58 5.11
N VAL H 185 30.84 29.39 4.72
CA VAL H 185 31.44 30.11 3.61
C VAL H 185 31.41 29.22 2.38
N GLY H 186 30.69 29.67 1.35
CA GLY H 186 30.59 28.93 0.12
C GLY H 186 29.68 27.72 0.16
N ARG H 187 28.88 27.58 1.21
CA ARG H 187 28.02 26.41 1.38
C ARG H 187 26.60 26.85 1.68
N ARG H 188 25.65 25.95 1.42
CA ARG H 188 24.24 26.22 1.64
C ARG H 188 23.85 25.87 3.07
N THR H 189 23.01 26.73 3.66
CA THR H 189 22.51 26.53 5.02
C THR H 189 21.00 26.71 5.01
N ALA H 190 20.29 25.78 5.64
CA ALA H 190 18.84 25.80 5.70
C ALA H 190 18.38 25.99 7.14
N ASN H 191 17.36 26.83 7.32
CA ASN H 191 16.79 27.11 8.63
C ASN H 191 15.31 26.77 8.59
N PHE H 192 14.92 25.73 9.32
CA PHE H 192 13.56 25.24 9.33
C PHE H 192 12.95 25.37 10.72
N GLY H 193 11.66 25.63 10.77
CA GLY H 193 10.95 25.72 12.03
C GLY H 193 9.75 26.63 11.91
N LYS H 194 8.90 26.56 12.93
CA LYS H 194 7.71 27.40 12.97
C LYS H 194 8.09 28.85 13.29
N THR H 195 7.21 29.76 12.88
CA THR H 195 7.46 31.18 13.08
C THR H 195 7.43 31.52 14.56
N GLY H 196 8.41 32.32 15.00
CA GLY H 196 8.47 32.76 16.37
C GLY H 196 9.05 31.76 17.35
N PHE H 197 9.92 30.87 16.87
CA PHE H 197 10.56 29.87 17.72
C PHE H 197 12.07 30.01 17.76
N GLY H 198 12.60 31.16 17.35
CA GLY H 198 14.02 31.42 17.50
C GLY H 198 14.79 31.46 16.19
N LYS H 199 14.11 31.81 15.09
CA LYS H 199 14.77 31.85 13.79
C LYS H 199 15.73 33.03 13.68
N SER H 200 15.30 34.21 14.13
CA SER H 200 16.08 35.42 13.90
C SER H 200 17.33 35.46 14.76
N ASN H 201 17.25 34.96 15.99
CA ASN H 201 18.40 35.01 16.88
C ASN H 201 19.56 34.19 16.34
N GLU H 202 19.29 32.98 15.86
CA GLU H 202 20.35 32.12 15.34
C GLU H 202 20.81 32.54 13.96
N ASN H 203 20.02 33.33 13.23
CA ASN H 203 20.50 33.88 11.97
C ASN H 203 21.45 35.05 12.21
N LYS H 204 21.18 35.86 13.24
CA LYS H 204 22.06 36.98 13.56
C LYS H 204 23.32 36.51 14.25
N VAL H 205 23.26 35.40 14.99
CA VAL H 205 24.45 34.84 15.61
C VAL H 205 25.41 34.34 14.54
N ILE H 206 24.89 33.67 13.51
CA ILE H 206 25.74 33.18 12.43
C ILE H 206 26.42 34.35 11.71
N LEU H 207 25.67 35.41 11.41
CA LEU H 207 26.23 36.53 10.67
C LEU H 207 27.22 37.32 11.50
N THR H 208 27.08 37.32 12.83
CA THR H 208 28.04 38.01 13.68
C THR H 208 29.34 37.25 13.77
N LEU H 209 29.27 35.92 13.82
CA LEU H 209 30.50 35.11 13.86
C LEU H 209 31.25 35.19 12.54
N LEU H 210 30.53 35.19 11.41
CA LEU H 210 31.18 35.28 10.11
C LEU H 210 31.89 36.62 9.94
N ALA H 211 31.27 37.71 10.37
CA ALA H 211 31.90 39.02 10.25
C ALA H 211 33.15 39.12 11.13
N HIS H 212 33.09 38.56 12.33
CA HIS H 212 34.24 38.62 13.23
C HIS H 212 35.37 37.71 12.75
N ALA H 213 35.04 36.49 12.35
CA ALA H 213 36.07 35.53 11.96
C ALA H 213 36.63 35.82 10.58
N PHE H 214 35.79 36.22 9.63
CA PHE H 214 36.20 36.46 8.24
C PHE H 214 35.88 37.89 7.86
N PRO H 215 36.82 38.81 8.03
CA PRO H 215 36.59 40.22 7.66
C PRO H 215 36.70 40.50 6.17
N ARG H 216 36.85 39.48 5.32
CA ARG H 216 36.96 39.67 3.88
C ARG H 216 35.82 39.06 3.10
N VAL H 217 34.79 38.53 3.77
CA VAL H 217 33.66 37.89 3.12
C VAL H 217 32.46 38.82 3.24
N GLY H 218 31.89 39.19 2.10
CA GLY H 218 30.75 40.08 2.08
C GLY H 218 29.44 39.36 2.32
N MET H 219 28.37 40.15 2.42
CA MET H 219 27.03 39.63 2.62
C MET H 219 26.04 40.43 1.80
N LEU H 220 25.00 39.76 1.33
CA LEU H 220 23.88 40.40 0.64
C LEU H 220 22.60 39.94 1.36
N ILE H 221 22.08 40.81 2.21
CA ILE H 221 20.93 40.48 3.06
C ILE H 221 19.69 41.13 2.44
N LEU H 222 18.78 40.31 1.95
CA LEU H 222 17.51 40.78 1.41
C LEU H 222 16.49 40.79 2.55
N ASP H 223 16.43 41.92 3.24
CA ASP H 223 15.64 42.04 4.46
C ASP H 223 14.17 42.23 4.10
N GLN H 224 13.37 41.19 4.28
CA GLN H 224 11.94 41.26 4.02
C GLN H 224 11.15 41.69 5.26
N ASN H 225 11.57 41.25 6.44
CA ASN H 225 10.87 41.55 7.68
C ASN H 225 11.50 42.71 8.45
N ALA H 226 12.56 43.32 7.92
CA ALA H 226 13.23 44.45 8.56
C ALA H 226 13.64 44.12 9.99
N GLU H 227 14.53 43.13 10.11
CA GLU H 227 14.93 42.62 11.41
C GLU H 227 16.43 42.34 11.48
N TYR H 228 17.24 43.08 10.72
CA TYR H 228 18.66 42.76 10.68
C TYR H 228 19.54 43.97 10.99
N LEU H 229 19.08 45.17 10.63
CA LEU H 229 19.89 46.36 10.91
C LEU H 229 19.71 46.82 12.35
N LEU H 230 18.51 47.22 12.71
CA LEU H 230 18.18 47.62 14.09
C LEU H 230 16.99 46.76 14.49
N GLN H 231 17.28 45.55 14.98
CA GLN H 231 16.23 44.63 15.39
C GLN H 231 15.81 44.85 16.84
N THR H 232 16.17 46.00 17.42
CA THR H 232 15.64 46.34 18.73
C THR H 232 14.13 46.27 18.73
N GLU H 233 13.49 46.95 17.76
CA GLU H 233 12.11 46.66 17.37
C GLU H 233 11.16 46.69 18.56
N ALA H 234 11.45 47.56 19.54
CA ALA H 234 10.81 47.66 20.85
C ALA H 234 11.11 46.46 21.74
N THR H 235 11.80 45.44 21.24
CA THR H 235 12.28 44.33 22.05
C THR H 235 13.70 44.64 22.53
N THR H 236 14.38 43.64 23.07
CA THR H 236 15.73 43.83 23.59
C THR H 236 16.79 43.04 22.84
N SER H 237 16.48 42.51 21.66
CA SER H 237 17.44 41.74 20.89
C SER H 237 18.12 42.65 19.87
N PRO H 238 19.43 42.87 19.95
CA PRO H 238 20.08 43.81 19.05
C PRO H 238 20.18 43.29 17.62
N GLY H 239 20.33 44.23 16.70
CA GLY H 239 20.55 43.92 15.30
C GLY H 239 22.03 43.90 14.95
N LEU H 240 22.30 43.77 13.65
CA LEU H 240 23.68 43.70 13.19
C LEU H 240 24.40 45.03 13.36
N ALA H 241 23.70 46.15 13.18
CA ALA H 241 24.34 47.45 13.36
C ALA H 241 24.78 47.65 14.80
N GLN H 242 23.96 47.23 15.77
CA GLN H 242 24.33 47.34 17.17
C GLN H 242 25.37 46.29 17.55
N ALA H 243 25.33 45.12 16.92
CA ALA H 243 26.36 44.10 17.18
C ALA H 243 27.72 44.55 16.66
N PHE H 244 27.75 45.19 15.48
CA PHE H 244 29.01 45.67 14.94
C PHE H 244 29.59 46.79 15.79
N LYS H 245 28.73 47.65 16.34
CA LYS H 245 29.20 48.74 17.19
C LYS H 245 29.90 48.21 18.44
N ALA H 246 29.33 47.16 19.05
CA ALA H 246 29.95 46.58 20.24
C ALA H 246 31.30 45.95 19.89
N LEU H 247 31.39 45.29 18.75
CA LEU H 247 32.63 44.64 18.33
C LEU H 247 33.65 45.60 17.75
N GLY H 248 33.27 46.84 17.48
CA GLY H 248 34.20 47.81 16.95
C GLY H 248 34.49 47.68 15.48
N ILE H 249 33.57 47.13 14.70
CA ILE H 249 33.73 47.00 13.25
C ILE H 249 33.12 48.24 12.59
N ARG H 250 33.94 48.97 11.85
CA ARG H 250 33.54 50.26 11.30
C ARG H 250 33.64 50.27 9.79
N GLY H 251 32.70 50.95 9.15
CA GLY H 251 32.72 51.11 7.70
C GLY H 251 32.51 49.83 6.92
N ARG H 252 31.59 48.97 7.35
CA ARG H 252 31.31 47.72 6.66
C ARG H 252 29.85 47.52 6.31
N ILE H 253 28.93 48.31 6.85
CA ILE H 253 27.50 48.15 6.59
C ILE H 253 27.06 49.23 5.61
N ARG H 254 26.40 48.83 4.54
CA ARG H 254 25.81 49.73 3.57
C ARG H 254 24.32 49.46 3.51
N PHE H 255 23.52 50.43 3.93
CA PHE H 255 22.07 50.27 4.05
C PHE H 255 21.39 51.01 2.91
N TYR H 256 20.59 50.29 2.13
CA TYR H 256 19.85 50.85 1.00
C TYR H 256 18.38 50.89 1.36
N THR H 257 17.77 52.06 1.27
CA THR H 257 16.36 52.22 1.61
C THR H 257 15.80 53.42 0.88
N ALA H 258 14.47 53.44 0.76
CA ALA H 258 13.74 54.58 0.23
C ALA H 258 13.12 55.42 1.34
N ARG H 259 13.47 55.15 2.59
CA ARG H 259 12.97 55.85 3.77
C ARG H 259 14.13 56.36 4.60
N GLU H 260 15.07 57.06 3.94
CA GLU H 260 16.32 57.46 4.58
C GLU H 260 16.08 58.26 5.86
N GLU H 261 15.10 59.16 5.84
CA GLU H 261 14.87 60.01 7.00
C GLU H 261 14.37 59.21 8.19
N ALA H 262 13.48 58.24 7.96
CA ALA H 262 12.96 57.44 9.06
C ALA H 262 14.05 56.60 9.70
N TRP H 263 14.93 56.00 8.89
CA TRP H 263 15.96 55.12 9.44
C TRP H 263 17.07 55.92 10.10
N ALA H 264 17.39 57.10 9.57
CA ALA H 264 18.43 57.93 10.16
C ALA H 264 18.08 58.34 11.58
N ARG H 265 16.81 58.69 11.81
CA ARG H 265 16.37 59.02 13.16
C ARG H 265 16.47 57.82 14.09
N ARG H 266 16.07 56.63 13.61
CA ARG H 266 16.17 55.43 14.42
C ARG H 266 17.63 55.06 14.70
N LEU H 267 18.50 55.22 13.70
CA LEU H 267 19.91 54.90 13.89
C LEU H 267 20.55 55.83 14.93
N LYS H 268 20.17 57.11 14.92
CA LYS H 268 20.77 58.07 15.84
C LYS H 268 20.45 57.75 17.29
N GLU H 269 19.22 57.32 17.57
CA GLU H 269 18.81 57.09 18.95
C GLU H 269 19.31 55.76 19.50
N HIS H 270 19.81 54.87 18.66
CA HIS H 270 20.31 53.57 19.11
C HIS H 270 21.83 53.46 19.06
N LEU H 271 22.47 53.97 18.01
CA LEU H 271 23.92 53.94 17.91
C LEU H 271 24.59 55.22 18.38
N GLY H 272 23.82 56.24 18.73
CA GLY H 272 24.37 57.47 19.24
C GLY H 272 24.66 58.50 18.15
N THR H 273 25.43 59.50 18.54
CA THR H 273 25.76 60.59 17.62
C THR H 273 26.70 60.15 16.51
N GLU H 274 27.59 59.20 16.81
CA GLU H 274 28.62 58.75 15.86
C GLU H 274 28.16 57.58 15.00
N TRP H 275 26.85 57.45 14.75
CA TRP H 275 26.32 56.29 14.04
C TRP H 275 26.79 56.23 12.58
N ARG H 276 27.28 57.34 12.03
CA ARG H 276 27.73 57.34 10.65
C ARG H 276 29.06 56.61 10.46
N GLU H 277 29.74 56.24 11.53
CA GLU H 277 30.98 55.49 11.44
C GLU H 277 30.75 53.99 11.28
N TYR H 278 29.50 53.53 11.43
CA TYR H 278 29.17 52.12 11.33
C TYR H 278 28.19 51.79 10.22
N VAL H 279 27.25 52.68 9.91
CA VAL H 279 26.22 52.43 8.92
C VAL H 279 26.25 53.55 7.88
N GLU H 280 26.15 53.19 6.61
CA GLU H 280 26.05 54.14 5.51
C GLU H 280 24.71 53.95 4.83
N VAL H 281 23.91 55.02 4.77
CA VAL H 281 22.56 54.97 4.22
C VAL H 281 22.60 55.49 2.79
N LEU H 282 22.01 54.72 1.87
CA LEU H 282 22.00 55.07 0.46
C LEU H 282 20.60 54.92 -0.10
N PRO H 283 20.24 55.72 -1.10
CA PRO H 283 18.85 55.73 -1.58
C PRO H 283 18.56 54.63 -2.57
N LEU H 284 17.32 54.13 -2.52
CA LEU H 284 16.82 53.15 -3.46
C LEU H 284 16.00 53.76 -4.59
N LYS H 285 15.82 55.08 -4.59
CA LYS H 285 15.07 55.76 -5.63
C LYS H 285 15.98 56.11 -6.80
N VAL H 286 15.40 56.15 -8.00
CA VAL H 286 16.15 56.32 -9.23
C VAL H 286 15.48 57.39 -10.08
N ASP H 287 16.30 58.20 -10.76
CA ASP H 287 15.80 59.19 -11.70
C ASP H 287 15.55 58.50 -13.04
N PHE H 288 14.27 58.31 -13.38
CA PHE H 288 13.94 57.54 -14.57
C PHE H 288 14.26 58.28 -15.86
N TYR H 289 14.44 59.59 -15.81
CA TYR H 289 14.91 60.32 -16.98
C TYR H 289 16.33 59.92 -17.34
N HIS H 290 17.17 59.68 -16.32
CA HIS H 290 18.53 59.25 -16.57
C HIS H 290 18.60 57.81 -17.06
N PHE H 291 17.68 56.96 -16.59
CA PHE H 291 17.64 55.54 -16.94
C PHE H 291 16.26 55.18 -17.46
N PRO H 292 15.90 55.62 -18.66
CA PRO H 292 14.59 55.23 -19.22
C PRO H 292 14.46 53.74 -19.48
N GLU H 293 15.57 53.00 -19.59
CA GLU H 293 15.50 51.57 -19.81
C GLU H 293 14.97 50.81 -18.60
N LEU H 294 15.12 51.37 -17.39
CA LEU H 294 14.49 50.78 -16.22
C LEU H 294 12.99 51.04 -16.18
N ALA H 295 12.56 52.19 -16.69
CA ALA H 295 11.14 52.51 -16.70
C ALA H 295 10.36 51.58 -17.61
N VAL H 296 10.90 51.30 -18.80
CA VAL H 296 10.22 50.40 -19.73
C VAL H 296 10.23 48.97 -19.20
N ALA H 297 11.33 48.56 -18.57
CA ALA H 297 11.42 47.20 -18.04
C ALA H 297 10.42 46.99 -16.90
N LEU H 298 10.27 47.99 -16.03
CA LEU H 298 9.32 47.87 -14.93
C LEU H 298 7.89 47.76 -15.44
N ALA H 299 7.52 48.57 -16.44
CA ALA H 299 6.18 48.51 -16.99
C ALA H 299 5.94 47.24 -17.80
N TYR H 300 7.00 46.71 -18.42
CA TYR H 300 6.85 45.53 -19.27
C TYR H 300 6.51 44.29 -18.48
N GLN H 301 6.87 44.25 -17.20
CA GLN H 301 6.70 43.07 -16.36
C GLN H 301 5.79 43.37 -15.17
N ARG H 302 4.69 44.08 -15.41
CA ARG H 302 3.76 44.43 -14.35
C ARG H 302 2.78 43.29 -14.06
N ARG H 303 1.71 43.61 -13.34
CA ARG H 303 0.82 42.58 -12.80
C ARG H 303 0.23 41.69 -13.89
N ARG H 304 -0.33 42.29 -14.95
CA ARG H 304 -0.94 41.56 -16.07
C ARG H 304 -2.05 40.63 -15.56
N LEU H 305 -3.12 41.28 -15.10
CA LEU H 305 -4.26 40.62 -14.47
C LEU H 305 -4.66 39.34 -15.19
N GLN H 306 -4.62 38.22 -14.47
CA GLN H 306 -4.97 36.91 -15.01
C GLN H 306 -4.26 36.62 -16.33
N GLY H 307 -4.98 36.75 -17.43
CA GLY H 307 -4.40 36.53 -18.75
C GLY H 307 -3.26 37.48 -19.05
N ALA H 308 -2.09 36.92 -19.34
CA ALA H 308 -0.91 37.75 -19.61
C ALA H 308 -1.04 38.36 -21.00
N GLU H 309 -1.12 39.69 -21.06
CA GLU H 309 -1.29 40.42 -22.31
C GLU H 309 -0.25 41.54 -22.38
N PRO H 310 1.00 41.21 -22.67
CA PRO H 310 2.01 42.26 -22.90
C PRO H 310 1.70 43.01 -24.18
N PRO H 311 1.44 44.31 -24.08
CA PRO H 311 1.05 45.08 -25.26
C PRO H 311 2.17 45.15 -26.29
N GLN H 312 1.78 45.28 -27.55
CA GLN H 312 2.75 45.33 -28.64
C GLN H 312 3.63 46.58 -28.55
N TYR H 313 3.04 47.72 -28.16
CA TYR H 313 3.80 48.96 -28.14
C TYR H 313 4.87 48.94 -27.04
N LEU H 314 4.57 48.31 -25.91
CA LEU H 314 5.61 48.15 -24.88
C LEU H 314 6.70 47.20 -25.35
N GLU H 315 6.33 46.12 -26.04
CA GLU H 315 7.32 45.15 -26.50
C GLU H 315 8.27 45.77 -27.53
N ASN H 316 7.75 46.60 -28.43
CA ASN H 316 8.61 47.28 -29.39
C ASN H 316 9.56 48.24 -28.70
N ALA H 317 9.07 48.99 -27.72
CA ALA H 317 9.92 49.92 -26.98
C ALA H 317 10.91 49.19 -26.09
N PHE H 318 10.51 48.03 -25.54
CA PHE H 318 11.40 47.29 -24.65
C PHE H 318 12.64 46.80 -25.39
N TYR H 319 12.48 46.34 -26.64
CA TYR H 319 13.58 45.75 -27.39
C TYR H 319 14.41 46.77 -28.15
N ASN H 320 13.81 47.91 -28.54
CA ASN H 320 14.47 48.87 -29.42
C ASN H 320 14.76 50.20 -28.74
N LEU H 321 14.75 50.25 -27.41
CA LEU H 321 14.98 51.52 -26.73
C LEU H 321 16.41 52.01 -26.90
N GLU H 322 17.37 51.08 -26.92
CA GLU H 322 18.77 51.49 -27.10
C GLU H 322 19.01 52.08 -28.47
N ASP H 323 18.32 51.57 -29.50
CA ASP H 323 18.44 52.16 -30.83
C ASP H 323 17.91 53.59 -30.86
N TRP H 324 16.79 53.84 -30.16
CA TRP H 324 16.18 55.17 -30.16
C TRP H 324 17.08 56.23 -29.52
N LYS H 325 17.99 55.83 -28.64
CA LYS H 325 18.82 56.80 -27.94
C LYS H 325 19.74 57.57 -28.87
N HIS H 326 20.06 57.02 -30.05
CA HIS H 326 20.87 57.73 -31.01
C HIS H 326 20.08 58.73 -31.85
N ILE H 327 18.75 58.70 -31.76
CA ILE H 327 17.90 59.61 -32.53
C ILE H 327 17.19 60.56 -31.57
N PRO H 328 17.60 61.83 -31.50
CA PRO H 328 16.92 62.76 -30.58
C PRO H 328 15.45 62.96 -30.90
N ASP H 329 15.05 62.77 -32.16
CA ASP H 329 13.64 62.94 -32.52
C ASP H 329 12.75 61.92 -31.82
N ARG H 330 13.20 60.65 -31.77
CA ARG H 330 12.41 59.62 -31.12
C ARG H 330 12.49 59.68 -29.60
N MET H 331 13.63 60.11 -29.05
CA MET H 331 13.76 60.21 -27.61
C MET H 331 12.89 61.31 -27.02
N ALA H 332 12.41 62.24 -27.85
CA ALA H 332 11.48 63.25 -27.35
C ALA H 332 10.16 62.63 -26.89
N TYR H 333 9.69 61.62 -27.63
CA TYR H 333 8.46 60.93 -27.25
C TYR H 333 8.65 60.13 -25.97
N VAL H 334 9.83 59.56 -25.76
CA VAL H 334 10.10 58.80 -24.54
C VAL H 334 10.08 59.72 -23.33
N TYR H 335 10.79 60.85 -23.41
CA TYR H 335 10.78 61.81 -22.31
C TYR H 335 9.40 62.42 -22.14
N GLY H 336 8.70 62.71 -23.23
CA GLY H 336 7.36 63.24 -23.14
C GLY H 336 6.38 62.26 -22.50
N ALA H 337 6.57 60.96 -22.77
CA ALA H 337 5.71 59.96 -22.15
C ALA H 337 5.90 59.93 -20.64
N LEU H 338 7.14 60.03 -20.18
CA LEU H 338 7.39 60.09 -18.74
C LEU H 338 6.81 61.35 -18.12
N ARG H 339 6.96 62.49 -18.79
CA ARG H 339 6.44 63.75 -18.27
C ARG H 339 4.91 63.76 -18.28
N LYS H 340 4.31 63.15 -19.31
CA LYS H 340 2.85 63.09 -19.37
C LYS H 340 2.27 62.27 -18.23
N ALA H 341 2.95 61.18 -17.85
CA ALA H 341 2.46 60.34 -16.77
C ALA H 341 2.46 61.08 -15.43
N GLY H 342 3.37 62.03 -15.25
CA GLY H 342 3.40 62.82 -14.03
C GLY H 342 4.72 62.79 -13.30
N LEU H 343 5.73 62.19 -13.93
CA LEU H 343 7.06 62.12 -13.31
C LEU H 343 7.69 63.51 -13.32
N THR H 344 8.02 64.01 -12.13
CA THR H 344 8.60 65.34 -12.04
C THR H 344 10.06 65.34 -12.49
N PRO H 345 10.42 66.15 -13.48
CA PRO H 345 11.81 66.19 -13.94
C PRO H 345 12.64 67.19 -13.14
N ARG H 346 13.95 67.09 -13.31
CA ARG H 346 14.85 68.03 -12.66
C ARG H 346 14.81 69.39 -13.38
N LYS H 347 15.18 70.43 -12.64
CA LYS H 347 15.18 71.77 -13.20
C LYS H 347 16.24 71.90 -14.29
N GLY H 348 15.88 72.60 -15.37
CA GLY H 348 16.81 72.84 -16.45
C GLY H 348 16.92 71.72 -17.46
N LEU H 349 16.12 70.66 -17.34
CA LEU H 349 16.17 69.56 -18.29
C LEU H 349 15.63 70.00 -19.64
N LYS H 350 16.39 69.76 -20.71
CA LYS H 350 16.07 70.23 -22.04
C LYS H 350 16.11 69.08 -23.03
N ILE H 351 15.22 69.14 -24.03
CA ILE H 351 15.18 68.17 -25.11
C ILE H 351 15.31 68.92 -26.43
N LYS H 352 15.44 68.16 -27.52
CA LYS H 352 15.72 68.69 -28.84
C LYS H 352 14.69 68.21 -29.86
N TYR H 353 13.41 68.35 -29.52
CA TYR H 353 12.35 68.02 -30.47
C TYR H 353 12.49 68.88 -31.72
N LYS H 354 12.35 68.23 -32.88
CA LYS H 354 12.52 68.89 -34.18
C LYS H 354 13.88 69.58 -34.27
N ASN H 355 13.88 70.91 -34.24
CA ASN H 355 15.10 71.70 -34.28
C ASN H 355 15.14 72.78 -33.22
N GLU H 356 14.18 72.79 -32.30
CA GLU H 356 14.10 73.80 -31.25
C GLU H 356 14.25 73.14 -29.89
N ASN H 357 15.08 73.74 -29.04
CA ASN H 357 15.36 73.22 -27.71
C ASN H 357 14.27 73.69 -26.76
N TYR H 358 13.54 72.74 -26.18
CA TYR H 358 12.45 73.03 -25.26
C TYR H 358 12.87 72.70 -23.83
N ASP H 359 12.10 73.20 -22.87
CA ASP H 359 12.36 72.99 -21.44
C ASP H 359 11.17 72.27 -20.84
N ILE H 360 11.35 70.98 -20.54
CA ILE H 360 10.27 70.20 -19.96
C ILE H 360 9.97 70.67 -18.54
N SER H 361 11.01 71.02 -17.77
CA SER H 361 10.82 71.40 -16.38
C SER H 361 10.00 72.68 -16.24
N GLU H 362 9.95 73.52 -17.27
CA GLU H 362 9.19 74.75 -17.24
C GLU H 362 7.78 74.49 -17.79
N GLU H 363 6.77 75.00 -17.09
CA GLU H 363 5.39 74.65 -17.43
C GLU H 363 4.94 75.28 -18.74
N LYS H 364 5.40 76.50 -19.05
CA LYS H 364 5.01 77.13 -20.31
C LYS H 364 5.64 76.41 -21.50
N SER H 365 6.94 76.12 -21.42
CA SER H 365 7.61 75.43 -22.52
C SER H 365 7.11 74.01 -22.68
N TRP H 366 6.67 73.37 -21.59
CA TRP H 366 6.10 72.03 -21.70
C TRP H 366 4.80 72.06 -22.50
N GLY H 367 4.02 73.13 -22.37
CA GLY H 367 2.81 73.25 -23.17
C GLY H 367 3.11 73.42 -24.65
N ASN H 368 4.14 74.20 -24.97
CA ASN H 368 4.51 74.41 -26.38
C ASN H 368 5.00 73.11 -27.01
N LEU H 369 5.77 72.32 -26.26
CA LEU H 369 6.21 71.02 -26.76
C LEU H 369 5.02 70.10 -26.99
N GLN H 370 4.03 70.12 -26.09
CA GLN H 370 2.87 69.26 -26.23
C GLN H 370 2.08 69.58 -27.49
N GLU H 371 1.92 70.87 -27.80
CA GLU H 371 1.21 71.26 -29.02
C GLU H 371 2.01 70.89 -30.26
N ALA H 372 3.34 71.05 -30.21
CA ALA H 372 4.16 70.71 -31.36
C ALA H 372 4.13 69.22 -31.66
N MET H 373 3.91 68.38 -30.65
CA MET H 373 3.82 66.95 -30.87
C MET H 373 2.51 66.54 -31.52
N GLU H 374 1.52 67.44 -31.56
CA GLU H 374 0.28 67.17 -32.28
C GLU H 374 0.29 67.76 -33.69
N ASN H 375 1.03 68.85 -33.90
CA ASN H 375 1.14 69.41 -35.25
C ASN H 375 1.82 68.43 -36.20
N ASN H 376 2.89 67.76 -35.74
CA ASN H 376 3.52 66.73 -36.55
C ASN H 376 2.61 65.51 -36.68
N SER H 377 1.90 65.16 -35.62
CA SER H 377 1.06 63.97 -35.60
C SER H 377 -0.29 64.24 -36.27
N GLN H 378 -0.20 64.63 -37.55
CA GLN H 378 -1.38 64.86 -38.37
C GLN H 378 -1.40 64.01 -39.63
N ARG H 379 -0.41 63.15 -39.84
CA ARG H 379 -0.34 62.30 -41.02
C ARG H 379 0.33 60.99 -40.62
N GLY H 380 0.76 60.22 -41.62
CA GLY H 380 1.36 58.92 -41.33
C GLY H 380 2.62 59.03 -40.50
N ASP H 381 3.54 59.91 -40.92
CA ASP H 381 4.80 60.14 -40.22
C ASP H 381 5.49 58.84 -39.83
N ASN H 382 5.54 58.57 -38.52
CA ASN H 382 6.13 57.36 -37.97
C ASN H 382 5.21 56.76 -36.92
N LYS H 383 3.93 56.59 -37.27
CA LYS H 383 2.96 56.01 -36.36
C LYS H 383 3.44 54.66 -35.86
N GLY H 384 3.36 54.46 -34.55
CA GLY H 384 3.94 53.30 -33.91
C GLY H 384 5.31 53.61 -33.32
N GLY H 385 5.82 52.67 -32.54
CA GLY H 385 7.11 52.85 -31.90
C GLY H 385 7.09 53.90 -30.81
N ALA H 386 7.79 55.02 -31.04
CA ALA H 386 7.87 56.06 -30.04
C ALA H 386 6.54 56.79 -29.87
N ARG H 387 5.78 56.96 -30.95
CA ARG H 387 4.51 57.69 -30.85
C ARG H 387 3.49 56.93 -30.02
N GLU H 388 3.54 55.59 -30.05
CA GLU H 388 2.61 54.81 -29.23
C GLU H 388 2.85 55.04 -27.74
N LEU H 389 4.13 55.16 -27.35
CA LEU H 389 4.44 55.40 -25.94
C LEU H 389 3.88 56.75 -25.48
N TYR H 390 4.03 57.78 -26.30
CA TYR H 390 3.53 59.11 -25.92
C TYR H 390 2.01 59.11 -25.81
N SER H 391 1.32 58.46 -26.75
CA SER H 391 -0.14 58.41 -26.70
C SER H 391 -0.62 57.60 -25.50
N ARG H 392 -0.07 56.40 -25.32
CA ARG H 392 -0.41 55.54 -24.19
C ARG H 392 0.62 55.69 -23.07
N ALA H 393 0.69 56.90 -22.52
CA ALA H 393 1.66 57.23 -21.48
C ALA H 393 1.12 56.98 -20.08
N LYS H 394 -0.10 56.48 -19.94
CA LYS H 394 -0.66 56.20 -18.62
C LYS H 394 -0.07 54.93 -18.00
N VAL H 395 0.69 54.14 -18.77
CA VAL H 395 1.29 52.93 -18.24
C VAL H 395 2.42 53.24 -17.26
N PHE H 396 2.92 54.47 -17.26
CA PHE H 396 4.02 54.88 -16.38
C PHE H 396 3.53 55.59 -15.13
N SER H 397 2.23 55.53 -14.83
CA SER H 397 1.70 56.26 -13.69
C SER H 397 2.23 55.71 -12.37
N PHE H 398 2.40 54.40 -12.27
CA PHE H 398 2.82 53.78 -11.02
C PHE H 398 4.29 54.03 -10.70
N LEU H 399 5.05 54.60 -11.63
CA LEU H 399 6.47 54.87 -11.40
C LEU H 399 6.71 56.11 -10.54
N ARG H 400 5.66 56.85 -10.19
CA ARG H 400 5.85 58.07 -9.40
C ARG H 400 6.41 57.78 -8.02
N ALA H 401 6.06 56.62 -7.44
CA ALA H 401 6.55 56.29 -6.11
C ALA H 401 8.04 55.98 -6.11
N PHE H 402 8.59 55.56 -7.25
CA PHE H 402 9.97 55.13 -7.33
C PHE H 402 10.89 56.17 -7.94
N HIS H 403 10.35 57.33 -8.31
CA HIS H 403 11.10 58.34 -9.05
C HIS H 403 11.54 59.47 -8.12
N ALA H 404 12.80 59.84 -8.23
CA ALA H 404 13.34 60.98 -7.51
C ALA H 404 14.15 61.85 -8.46
N PRO H 405 13.72 63.06 -8.75
CA PRO H 405 14.43 63.90 -9.72
C PRO H 405 15.85 64.20 -9.28
N GLY H 406 16.77 64.19 -10.24
CA GLY H 406 18.16 64.50 -9.99
C GLY H 406 18.85 63.56 -9.02
N LYS H 407 18.98 62.29 -9.40
CA LYS H 407 19.66 61.30 -8.57
C LYS H 407 20.95 60.80 -9.21
N GLU H 408 20.88 60.23 -10.41
CA GLU H 408 22.03 59.63 -11.09
C GLU H 408 22.80 58.72 -10.14
N ALA H 409 22.10 57.67 -9.67
CA ALA H 409 22.68 56.74 -8.71
C ALA H 409 22.87 55.35 -9.30
N ASN H 410 21.80 54.72 -9.80
CA ASN H 410 21.85 53.36 -10.32
C ASN H 410 22.42 52.40 -9.28
N PHE H 411 21.65 52.25 -8.19
CA PHE H 411 22.08 51.44 -7.06
C PHE H 411 22.37 49.99 -7.44
N LEU H 412 21.83 49.52 -8.56
CA LEU H 412 22.16 48.18 -9.03
C LEU H 412 23.64 48.06 -9.37
N GLU H 413 24.20 49.08 -10.04
CA GLU H 413 25.63 49.06 -10.34
C GLU H 413 26.48 49.35 -9.11
N THR H 414 25.94 50.11 -8.16
CA THR H 414 26.69 50.41 -6.95
C THR H 414 26.87 49.16 -6.09
N ILE H 415 25.83 48.33 -5.99
CA ILE H 415 25.92 47.10 -5.19
C ILE H 415 26.90 46.13 -5.85
N LYS H 416 26.91 46.06 -7.18
CA LYS H 416 27.84 45.18 -7.88
C LYS H 416 29.28 45.58 -7.61
N GLU H 417 29.56 46.88 -7.59
CA GLU H 417 30.89 47.35 -7.23
C GLU H 417 31.21 47.10 -5.76
N ASP H 418 30.19 47.15 -4.90
CA ASP H 418 30.40 46.91 -3.47
C ASP H 418 30.84 45.48 -3.20
N LEU H 419 30.23 44.52 -3.89
CA LEU H 419 30.49 43.11 -3.61
C LEU H 419 31.56 42.51 -4.50
N LEU H 420 31.59 42.86 -5.79
CA LEU H 420 32.51 42.25 -6.74
C LEU H 420 33.34 43.29 -7.47
N GLY H 421 33.56 44.45 -6.85
CA GLY H 421 34.34 45.49 -7.49
C GLY H 421 35.82 45.19 -7.52
N GLU H 422 36.48 45.69 -8.57
CA GLU H 422 37.92 45.49 -8.70
C GLU H 422 38.69 46.24 -7.61
N LYS H 423 38.36 47.51 -7.39
CA LYS H 423 39.03 48.28 -6.36
C LYS H 423 38.55 47.90 -4.96
N THR H 424 37.32 47.42 -4.84
CA THR H 424 36.81 46.90 -3.57
C THR H 424 37.12 45.40 -3.47
N GLU H 425 38.42 45.10 -3.45
CA GLU H 425 38.90 43.73 -3.43
C GLU H 425 39.02 43.25 -1.99
N GLY H 426 38.30 42.20 -1.65
CA GLY H 426 38.31 41.71 -0.28
C GLY H 426 37.73 42.75 0.67
N GLU H 427 38.28 42.80 1.87
CA GLU H 427 38.03 43.81 2.90
C GLU H 427 36.59 43.76 3.43
N GLY H 428 35.75 42.89 2.86
CA GLY H 428 34.41 42.68 3.37
C GLY H 428 33.46 43.83 3.07
N LYS H 429 32.18 43.50 2.88
CA LYS H 429 31.16 44.54 2.69
C LYS H 429 29.80 43.92 2.94
N VAL H 430 29.11 44.38 3.98
CA VAL H 430 27.77 43.88 4.32
C VAL H 430 26.75 44.83 3.69
N VAL H 431 25.89 44.28 2.84
CA VAL H 431 24.87 45.05 2.14
C VAL H 431 23.51 44.56 2.63
N ILE H 432 22.72 45.49 3.18
CA ILE H 432 21.38 45.19 3.67
C ILE H 432 20.39 46.04 2.89
N LEU H 433 19.40 45.39 2.29
CA LEU H 433 18.42 46.05 1.43
C LEU H 433 17.07 46.10 2.14
N ASP H 434 16.47 47.29 2.17
CA ASP H 434 15.15 47.47 2.76
C ASP H 434 14.10 47.19 1.68
N LEU H 435 13.79 45.91 1.53
CA LEU H 435 12.82 45.49 0.50
C LEU H 435 11.43 46.09 0.68
N PRO H 436 10.84 46.18 1.88
CA PRO H 436 9.50 46.75 1.98
C PRO H 436 9.37 48.16 1.43
N SER H 437 10.42 48.97 1.54
CA SER H 437 10.37 50.33 1.01
C SER H 437 10.29 50.37 -0.52
N LEU H 438 10.60 49.26 -1.18
CA LEU H 438 10.52 49.18 -2.64
C LEU H 438 9.13 48.80 -3.14
N GLY H 439 8.16 48.63 -2.24
CA GLY H 439 6.78 48.45 -2.67
C GLY H 439 6.60 47.24 -3.57
N GLU H 440 5.95 47.47 -4.71
CA GLU H 440 5.67 46.40 -5.67
C GLU H 440 6.83 46.15 -6.63
N ALA H 441 7.88 46.96 -6.59
CA ALA H 441 9.05 46.77 -7.45
C ALA H 441 10.14 45.95 -6.79
N ALA H 442 9.91 45.44 -5.57
CA ALA H 442 10.93 44.67 -4.88
C ALA H 442 11.26 43.38 -5.63
N ASP H 443 10.24 42.73 -6.18
CA ASP H 443 10.47 41.47 -6.90
C ASP H 443 11.23 41.71 -8.20
N PHE H 444 10.96 42.81 -8.88
CA PHE H 444 11.66 43.11 -10.13
C PHE H 444 13.14 43.40 -9.88
N PHE H 445 13.44 44.23 -8.87
CA PHE H 445 14.82 44.65 -8.65
C PHE H 445 15.65 43.54 -8.01
N THR H 446 15.04 42.71 -7.16
CA THR H 446 15.78 41.62 -6.53
C THR H 446 16.23 40.59 -7.56
N LEU H 447 15.33 40.20 -8.48
CA LEU H 447 15.68 39.25 -9.51
C LEU H 447 16.70 39.82 -10.48
N ARG H 448 16.56 41.10 -10.84
CA ARG H 448 17.50 41.73 -11.75
C ARG H 448 18.88 41.88 -11.11
N LEU H 449 18.92 42.16 -9.81
CA LEU H 449 20.20 42.29 -9.12
C LEU H 449 20.94 40.95 -9.07
N MET H 450 20.23 39.86 -8.79
CA MET H 450 20.87 38.56 -8.69
C MET H 450 21.42 38.10 -10.03
N ASP H 451 20.70 38.39 -11.12
CA ASP H 451 21.22 38.08 -12.45
C ASP H 451 22.50 38.86 -12.72
N LEU H 452 22.54 40.13 -12.31
CA LEU H 452 23.73 40.95 -12.51
C LEU H 452 24.92 40.41 -11.73
N LEU H 453 24.68 39.98 -10.49
CA LEU H 453 25.78 39.52 -9.63
C LEU H 453 26.30 38.16 -10.07
N PHE H 454 25.41 37.27 -10.50
CA PHE H 454 25.84 35.92 -10.89
C PHE H 454 26.69 35.95 -12.15
N ASP H 455 26.33 36.80 -13.12
CA ASP H 455 27.08 36.88 -14.36
C ASP H 455 28.49 37.40 -14.12
N ARG H 456 28.64 38.38 -13.23
CA ARG H 456 29.96 38.89 -12.90
C ARG H 456 30.80 37.84 -12.17
N ALA H 457 30.17 37.00 -11.36
CA ALA H 457 30.90 35.95 -10.65
C ALA H 457 31.47 34.92 -11.62
N VAL H 458 30.76 34.65 -12.71
CA VAL H 458 31.27 33.71 -13.72
C VAL H 458 32.48 34.31 -14.43
N GLU H 459 32.45 35.61 -14.70
CA GLU H 459 33.57 36.26 -15.38
C GLU H 459 34.84 36.20 -14.54
N LEU H 460 34.70 36.18 -13.21
CA LEU H 460 35.86 36.12 -12.32
C LEU H 460 36.39 34.71 -12.11
N TYR H 461 35.73 33.70 -12.67
CA TYR H 461 36.19 32.33 -12.50
C TYR H 461 37.58 32.16 -13.10
N GLY H 462 38.45 31.48 -12.34
CA GLY H 462 39.83 31.33 -12.73
C GLY H 462 40.74 32.47 -12.31
N LYS H 463 40.18 33.56 -11.79
CA LYS H 463 40.94 34.69 -11.30
C LYS H 463 40.80 34.87 -9.79
N ARG H 464 39.56 34.96 -9.32
CA ARG H 464 39.29 35.07 -7.89
C ARG H 464 37.85 34.63 -7.64
N GLN H 465 37.55 34.33 -6.39
CA GLN H 465 36.22 33.90 -6.00
C GLN H 465 35.35 35.09 -5.61
N ALA H 466 34.03 34.90 -5.66
CA ALA H 466 33.11 35.96 -5.32
C ALA H 466 33.20 36.33 -3.85
N ASN H 467 33.16 35.33 -2.96
CA ASN H 467 33.31 35.51 -1.52
C ASN H 467 32.24 36.45 -0.96
N PHE H 468 30.99 36.05 -1.11
CA PHE H 468 29.90 36.72 -0.44
C PHE H 468 28.75 35.74 -0.24
N LEU H 469 27.92 36.03 0.75
CA LEU H 469 26.83 35.15 1.16
C LEU H 469 25.49 35.82 0.87
N VAL H 470 24.52 35.01 0.46
CA VAL H 470 23.17 35.48 0.17
C VAL H 470 22.25 35.01 1.28
N VAL H 471 21.58 35.94 1.94
CA VAL H 471 20.63 35.64 3.01
C VAL H 471 19.23 35.84 2.45
N LEU H 472 18.46 34.76 2.37
CA LEU H 472 17.15 34.75 1.75
C LEU H 472 16.10 34.34 2.76
N GLU H 473 15.01 35.10 2.83
CA GLU H 473 13.92 34.84 3.75
C GLU H 473 12.69 34.41 2.97
N GLU H 474 11.93 33.47 3.52
CA GLU H 474 10.79 32.85 2.85
C GLU H 474 11.21 32.27 1.50
N ALA H 475 12.20 31.38 1.56
CA ALA H 475 12.87 30.89 0.36
C ALA H 475 11.98 30.01 -0.51
N HIS H 476 10.83 29.55 -0.01
CA HIS H 476 9.97 28.70 -0.83
C HIS H 476 9.32 29.46 -1.97
N ASN H 477 9.26 30.79 -1.88
CA ASN H 477 8.70 31.61 -2.96
C ASN H 477 9.69 31.84 -4.09
N PHE H 478 10.98 31.56 -3.87
CA PHE H 478 12.00 31.79 -4.87
C PHE H 478 12.71 30.53 -5.36
N LEU H 479 12.69 29.45 -4.58
CA LEU H 479 13.41 28.23 -4.93
C LEU H 479 12.51 27.17 -5.56
N GLU H 480 11.23 27.46 -5.78
CA GLU H 480 10.32 26.46 -6.32
C GLU H 480 10.38 26.36 -7.84
N ASP H 481 11.03 27.31 -8.50
CA ASP H 481 11.10 27.35 -9.96
C ASP H 481 12.49 26.88 -10.40
N LYS H 482 12.53 25.84 -11.24
CA LYS H 482 13.79 25.30 -11.71
C LYS H 482 14.55 26.24 -12.64
N ALA H 483 13.89 27.28 -13.15
CA ALA H 483 14.53 28.23 -14.04
C ALA H 483 14.73 29.60 -13.40
N GLY H 484 14.48 29.72 -12.10
CA GLY H 484 14.72 30.98 -11.41
C GLY H 484 16.19 31.21 -11.15
N ILE H 485 16.54 32.48 -10.95
CA ILE H 485 17.94 32.82 -10.72
C ILE H 485 18.39 32.34 -9.35
N PHE H 486 17.52 32.41 -8.34
CA PHE H 486 17.90 31.94 -7.01
C PHE H 486 18.08 30.42 -7.00
N TYR H 487 17.29 29.70 -7.78
CA TYR H 487 17.47 28.26 -7.90
C TYR H 487 18.81 27.91 -8.51
N ARG H 488 19.23 28.65 -9.53
CA ARG H 488 20.52 28.40 -10.16
C ARG H 488 21.67 28.68 -9.20
N VAL H 489 21.55 29.74 -8.40
CA VAL H 489 22.60 30.07 -7.43
C VAL H 489 22.72 28.98 -6.38
N ALA H 490 21.58 28.48 -5.89
CA ALA H 490 21.59 27.41 -4.90
C ALA H 490 22.12 26.09 -5.44
N LYS H 491 22.27 25.97 -6.76
CA LYS H 491 22.74 24.74 -7.39
C LYS H 491 24.13 24.87 -8.00
N GLU H 492 24.45 26.02 -8.60
CA GLU H 492 25.74 26.23 -9.25
C GLU H 492 26.61 27.25 -8.53
N GLY H 493 26.15 27.80 -7.40
CA GLY H 493 26.90 28.85 -6.73
C GLY H 493 28.15 28.38 -6.01
N ARG H 494 28.23 27.09 -5.67
CA ARG H 494 29.40 26.57 -4.99
C ARG H 494 30.65 26.64 -5.86
N LYS H 495 30.48 26.62 -7.18
CA LYS H 495 31.60 26.65 -8.10
C LYS H 495 32.26 28.02 -8.20
N TYR H 496 31.56 29.08 -7.77
CA TYR H 496 32.08 30.44 -7.85
C TYR H 496 32.21 31.09 -6.47
N GLY H 497 32.20 30.29 -5.41
CA GLY H 497 32.34 30.81 -4.07
C GLY H 497 31.20 31.68 -3.58
N ILE H 498 29.96 31.24 -3.83
CA ILE H 498 28.77 31.96 -3.39
C ILE H 498 28.00 31.04 -2.45
N GLY H 499 27.75 31.52 -1.23
CA GLY H 499 26.98 30.77 -0.26
C GLY H 499 25.55 31.28 -0.12
N MET H 500 24.71 30.46 0.49
CA MET H 500 23.31 30.80 0.69
C MET H 500 22.87 30.38 2.08
N LEU H 501 22.18 31.29 2.77
CA LEU H 501 21.54 31.01 4.05
C LEU H 501 20.06 31.32 3.87
N TYR H 502 19.28 30.29 3.56
CA TYR H 502 17.86 30.45 3.25
C TYR H 502 17.02 29.85 4.37
N SER H 503 15.98 30.58 4.76
CA SER H 503 15.10 30.17 5.85
C SER H 503 13.67 30.04 5.32
N THR H 504 12.95 29.06 5.87
CA THR H 504 11.56 28.84 5.50
C THR H 504 10.88 28.10 6.64
N GLN H 505 9.55 28.14 6.63
CA GLN H 505 8.74 27.50 7.67
C GLN H 505 8.37 26.06 7.35
N SER H 506 8.66 25.59 6.13
CA SER H 506 8.24 24.25 5.74
C SER H 506 9.28 23.60 4.83
N PRO H 507 9.93 22.53 5.29
CA PRO H 507 10.85 21.80 4.40
C PRO H 507 10.17 21.14 3.22
N ALA H 508 8.85 20.91 3.30
CA ALA H 508 8.13 20.21 2.23
C ALA H 508 7.91 21.07 1.00
N SER H 509 8.08 22.38 1.09
CA SER H 509 7.90 23.28 -0.04
C SER H 509 9.19 23.54 -0.81
N ILE H 510 10.30 22.94 -0.38
CA ILE H 510 11.58 23.08 -1.06
C ILE H 510 11.77 21.87 -1.96
N PRO H 511 12.25 22.05 -3.20
CA PRO H 511 12.49 20.89 -4.07
C PRO H 511 13.48 19.92 -3.45
N MET H 512 13.26 18.63 -3.70
CA MET H 512 14.07 17.60 -3.07
C MET H 512 15.52 17.67 -3.53
N GLU H 513 15.76 18.10 -4.78
CA GLU H 513 17.13 18.19 -5.27
C GLU H 513 17.89 19.35 -4.62
N ILE H 514 17.18 20.42 -4.24
CA ILE H 514 17.81 21.49 -3.48
C ILE H 514 18.11 21.02 -2.06
N LEU H 515 17.18 20.30 -1.44
CA LEU H 515 17.38 19.82 -0.08
C LEU H 515 18.54 18.84 0.00
N SER H 516 18.66 17.96 -0.99
CA SER H 516 19.74 16.96 -0.98
C SER H 516 21.12 17.57 -1.16
N GLN H 517 21.20 18.84 -1.57
CA GLN H 517 22.48 19.51 -1.76
C GLN H 517 22.84 20.45 -0.62
N THR H 518 21.90 20.76 0.27
CA THR H 518 22.20 21.61 1.40
C THR H 518 23.14 20.90 2.37
N GLU H 519 24.08 21.66 2.93
CA GLU H 519 25.12 21.09 3.78
C GLU H 519 24.85 21.27 5.27
N ASN H 520 24.33 22.42 5.68
CA ASN H 520 24.08 22.71 7.09
C ASN H 520 22.58 22.78 7.34
N PHE H 521 22.12 22.11 8.39
CA PHE H 521 20.72 22.08 8.76
C PHE H 521 20.56 22.57 10.20
N LEU H 522 19.64 23.50 10.39
CA LEU H 522 19.25 23.98 11.71
C LEU H 522 17.73 23.89 11.81
N VAL H 523 17.23 22.92 12.56
CA VAL H 523 15.82 22.58 12.58
C VAL H 523 15.22 22.89 13.94
N LYS H 524 14.04 23.50 13.93
CA LYS H 524 13.26 23.80 15.11
C LYS H 524 11.92 23.05 15.02
N HIS H 525 11.00 23.37 15.93
CA HIS H 525 9.75 22.64 16.03
C HIS H 525 8.98 22.64 14.72
N LEU H 526 8.56 21.45 14.29
CA LEU H 526 7.71 21.27 13.12
C LEU H 526 6.52 20.43 13.53
N SER H 527 5.31 20.90 13.21
CA SER H 527 4.08 20.24 13.62
C SER H 527 3.42 19.46 12.49
N SER H 528 3.97 19.47 11.29
CA SER H 528 3.38 18.80 10.14
C SER H 528 4.07 17.47 9.88
N GLU H 529 3.27 16.45 9.58
CA GLU H 529 3.83 15.13 9.31
C GLU H 529 4.67 15.13 8.04
N GLU H 530 4.22 15.84 7.01
CA GLU H 530 4.95 15.86 5.75
C GLU H 530 6.27 16.61 5.87
N ASP H 531 6.32 17.63 6.72
CA ASP H 531 7.57 18.36 6.93
C ASP H 531 8.64 17.45 7.53
N VAL H 532 8.27 16.63 8.50
CA VAL H 532 9.22 15.72 9.13
C VAL H 532 9.62 14.60 8.17
N LYS H 533 8.67 14.08 7.40
CA LYS H 533 8.96 12.98 6.49
C LYS H 533 9.96 13.40 5.42
N VAL H 534 9.81 14.61 4.89
CA VAL H 534 10.75 15.10 3.88
C VAL H 534 12.13 15.28 4.49
N LEU H 535 12.20 15.72 5.74
CA LEU H 535 13.48 15.87 6.42
C LEU H 535 14.18 14.53 6.59
N LYS H 536 13.43 13.49 6.97
CA LYS H 536 14.02 12.16 7.10
C LYS H 536 14.42 11.58 5.75
N ARG H 537 13.66 11.89 4.70
CA ARG H 537 13.99 11.38 3.37
C ARG H 537 15.31 11.95 2.88
N ALA H 538 15.52 13.25 3.07
CA ALA H 538 16.75 13.89 2.60
C ALA H 538 17.96 13.46 3.42
N LYS H 539 17.83 13.47 4.75
CA LYS H 539 18.92 13.16 5.65
C LYS H 539 18.51 12.01 6.57
N ALA H 540 19.23 10.90 6.47
CA ALA H 540 18.95 9.75 7.32
C ALA H 540 19.13 10.02 8.82
N PRO H 541 20.17 10.72 9.29
CA PRO H 541 20.35 10.87 10.75
C PRO H 541 19.21 11.58 11.45
N PHE H 542 18.37 12.33 10.73
CA PHE H 542 17.27 13.02 11.37
C PHE H 542 16.12 12.09 11.76
N ALA H 543 16.27 10.78 11.63
CA ALA H 543 15.23 9.85 12.03
C ALA H 543 15.21 9.56 13.53
N PHE H 544 16.28 9.93 14.25
CA PHE H 544 16.34 9.72 15.69
C PHE H 544 15.72 10.84 16.49
N VAL H 545 15.36 11.95 15.85
CA VAL H 545 14.80 13.11 16.54
C VAL H 545 13.48 13.51 15.91
N ALA H 546 12.90 12.60 15.12
CA ALA H 546 11.66 12.93 14.42
C ALA H 546 10.49 13.06 15.38
N ASP H 547 10.40 12.17 16.37
CA ASP H 547 9.29 12.23 17.32
C ASP H 547 9.39 13.43 18.24
N PHE H 548 10.60 13.83 18.61
CA PHE H 548 10.78 15.00 19.45
C PHE H 548 10.31 16.28 18.76
N LEU H 549 10.59 16.40 17.46
CA LEU H 549 10.23 17.61 16.73
C LEU H 549 8.72 17.79 16.65
N LEU H 550 7.98 16.69 16.50
CA LEU H 550 6.54 16.77 16.31
C LEU H 550 5.81 17.21 17.58
N SER H 551 6.31 16.81 18.75
CA SER H 551 5.54 16.93 19.98
C SER H 551 6.15 17.88 21.01
N GLU H 552 7.20 18.63 20.65
CA GLU H 552 7.88 19.51 21.60
C GLU H 552 8.02 20.91 21.03
N PRO H 553 7.01 21.76 21.19
CA PRO H 553 7.15 23.20 20.87
C PRO H 553 7.95 23.97 21.92
N ILE H 554 9.28 23.93 21.78
CA ILE H 554 10.20 24.62 22.67
C ILE H 554 10.89 25.72 21.88
N ILE H 555 10.90 26.93 22.45
CA ILE H 555 11.48 28.09 21.79
C ILE H 555 12.96 28.16 22.12
N GLY H 556 13.79 28.37 21.09
CA GLY H 556 15.22 28.43 21.26
C GLY H 556 15.92 27.08 21.24
N TYR H 557 15.18 25.99 21.03
CA TYR H 557 15.74 24.65 21.00
C TYR H 557 15.87 24.22 19.55
N SER H 558 17.07 23.83 19.14
CA SER H 558 17.36 23.55 17.74
C SER H 558 18.21 22.30 17.62
N TYR H 559 18.00 21.57 16.52
CA TYR H 559 18.80 20.42 16.16
C TYR H 559 19.71 20.81 14.99
N VAL H 560 21.01 20.65 15.16
CA VAL H 560 21.99 21.10 14.18
C VAL H 560 22.66 19.88 13.55
N TYR H 561 23.09 20.05 12.31
CA TYR H 561 23.75 18.98 11.56
C TYR H 561 24.53 19.61 10.41
N PHE H 562 25.85 19.43 10.41
CA PHE H 562 26.72 19.99 9.39
C PHE H 562 27.35 18.87 8.59
N GLU H 563 27.12 18.87 7.28
CA GLU H 563 27.63 17.86 6.39
C GLU H 563 29.12 18.08 6.10
N PRO H 564 29.85 17.03 5.73
CA PRO H 564 29.45 15.62 5.65
C PRO H 564 30.06 14.74 6.73
N TYR H 565 30.85 15.29 7.65
CA TYR H 565 31.63 14.48 8.58
C TYR H 565 31.12 14.56 10.02
N GLN H 566 29.88 15.00 10.22
CA GLN H 566 29.32 15.02 11.57
C GLN H 566 28.73 13.66 11.91
N PRO H 567 29.10 13.08 13.05
CA PRO H 567 28.59 11.75 13.41
C PRO H 567 27.07 11.66 13.53
N PHE H 568 26.47 12.49 14.37
CA PHE H 568 25.04 12.42 14.60
C PHE H 568 24.49 13.82 14.84
N VAL H 569 23.17 13.91 14.97
CA VAL H 569 22.49 15.18 15.18
C VAL H 569 22.59 15.57 16.65
N VAL H 570 23.00 16.79 16.90
CA VAL H 570 23.24 17.31 18.25
C VAL H 570 22.12 18.27 18.61
N PRO H 571 21.37 18.02 19.68
CA PRO H 571 20.38 19.00 20.14
C PRO H 571 21.05 20.11 20.95
N LEU H 572 20.76 21.36 20.60
CA LEU H 572 21.43 22.50 21.19
C LEU H 572 20.43 23.55 21.62
N ARG H 573 20.78 24.27 22.68
CA ARG H 573 20.09 25.51 23.07
C ARG H 573 20.96 26.66 22.58
N VAL H 574 20.54 27.29 21.47
CA VAL H 574 21.36 28.26 20.79
C VAL H 574 21.58 29.48 21.67
N LYS H 575 22.82 29.96 21.71
CA LYS H 575 23.15 31.13 22.52
C LYS H 575 22.47 32.38 22.00
N LEU H 576 22.11 33.26 22.92
CA LEU H 576 21.57 34.56 22.55
C LEU H 576 22.68 35.47 22.04
N LEU H 577 22.32 36.39 21.15
CA LEU H 577 23.31 37.31 20.60
C LEU H 577 23.89 38.21 21.68
N GLU H 578 23.14 38.47 22.75
CA GLU H 578 23.66 39.29 23.83
C GLU H 578 24.85 38.63 24.53
N HIS H 579 24.78 37.32 24.74
CA HIS H 579 25.88 36.61 25.38
C HIS H 579 27.03 36.38 24.42
N VAL H 580 26.76 36.26 23.13
CA VAL H 580 27.83 36.12 22.15
C VAL H 580 28.68 37.38 22.10
N LEU H 581 28.04 38.55 22.15
CA LEU H 581 28.79 39.81 22.11
C LEU H 581 29.69 39.95 23.32
N LYS H 582 29.20 39.57 24.50
CA LYS H 582 30.02 39.66 25.70
C LYS H 582 31.21 38.72 25.63
N SER H 583 30.99 37.50 25.14
CA SER H 583 32.08 36.52 25.03
C SER H 583 33.11 36.97 23.99
N LEU H 584 32.65 37.50 22.86
CA LEU H 584 33.57 37.99 21.84
C LEU H 584 34.30 39.25 22.26
N ASP H 585 33.85 39.92 23.32
CA ASP H 585 34.52 41.11 23.82
C ASP H 585 35.82 40.79 24.55
N SER H 586 36.08 39.52 24.81
CA SER H 586 37.33 39.10 25.47
C SER H 586 38.39 38.75 24.42
#